data_2L74
#
_entry.id   2L74
#
loop_
_entity.id
_entity.type
_entity.pdbx_description
1 polymer 'Putative uncharacterized protein PA4608'
2 non-polymer "9,9'-[(2R,3R,3aS,5S,7aR,9R,10R,10aS,12S,14aR)-3,5,10,12-tetrahydroxy-5,12-dioxidooctahydro-2H,7H-difuro[3,2-d:3',2'-j][1,3,7,9,2,8]tetraoxadiphosphacyclododecine-2,9-diyl]bis(2-amino-1,9-dihydro-6H-purin-6-one)"
#
_entity_poly.entity_id   1
_entity_poly.type   'polypeptide(L)'
_entity_poly.pdbx_seq_one_letter_code
;MGSSHHHHHHSSGLVPRGSHMSDQHDERRRFHRIAFDADSEILQGERRWEVLLHDVSLHGILVGQPQDWNGDPQRPFEAR
LYLGLDVLIRMEISLAWARDGLLGFECQHIDLDSISHLRRLVELNLGDEELLERELALLVSAHDD
;
_entity_poly.pdbx_strand_id   A
#
loop_
_chem_comp.id
_chem_comp.type
_chem_comp.name
_chem_comp.formula
C2E non-polymer 9,9'-[(2R,3R,3aS,5S,7aR,9R,10R,10aS,12S,14aR)-3,5,10,12-tetrahydroxy-5,12-dioxidooctahydro-2H,7H-difuro[3,2-d:3',2'-j][1,3,7,9,2,8]tetraoxadiphosphacyclododecine-2,9-diyl]bis(2-amino-1,9-dihydro-6H-purin-6-one) 'C20 H24 N10 O14 P2'
#
# COMPACT_ATOMS: atom_id res chain seq x y z
N MET A 21 9.07 21.27 -6.60
CA MET A 21 8.41 21.95 -5.45
C MET A 21 7.06 22.50 -5.89
N SER A 22 6.74 22.32 -7.18
CA SER A 22 5.48 22.79 -7.72
C SER A 22 4.49 21.65 -7.87
N ASP A 23 4.05 21.40 -9.09
CA ASP A 23 3.11 20.33 -9.38
C ASP A 23 3.85 19.04 -9.77
N GLN A 24 5.07 18.89 -9.27
CA GLN A 24 5.85 17.69 -9.58
C GLN A 24 6.06 16.85 -8.32
N HIS A 25 5.86 17.47 -7.16
CA HIS A 25 6.03 16.78 -5.88
C HIS A 25 7.12 15.70 -5.99
N ASP A 26 8.06 15.92 -6.89
CA ASP A 26 9.14 14.97 -7.08
C ASP A 26 8.59 13.54 -7.09
N GLU A 27 7.94 13.16 -8.18
CA GLU A 27 7.36 11.81 -8.29
C GLU A 27 8.43 10.81 -8.71
N ARG A 28 8.52 9.72 -7.94
CA ARG A 28 9.52 8.68 -8.22
C ARG A 28 8.88 7.29 -8.38
N ARG A 29 7.57 7.18 -8.12
CA ARG A 29 6.89 5.90 -8.25
C ARG A 29 5.97 5.91 -9.46
N ARG A 30 6.55 5.52 -10.60
CA ARG A 30 5.81 5.47 -11.88
C ARG A 30 4.43 6.11 -11.76
N PHE A 31 3.52 5.44 -11.06
CA PHE A 31 2.17 5.96 -10.88
C PHE A 31 1.80 6.06 -9.41
N HIS A 32 0.82 6.92 -9.13
CA HIS A 32 0.35 7.11 -7.76
C HIS A 32 -0.03 5.77 -7.14
N ARG A 33 -0.61 5.83 -5.95
CA ARG A 33 -1.03 4.63 -5.25
C ARG A 33 -2.42 4.82 -4.66
N ILE A 34 -3.32 3.89 -4.97
CA ILE A 34 -4.69 3.98 -4.46
C ILE A 34 -4.66 4.27 -2.96
N ALA A 35 -4.88 5.54 -2.62
CA ALA A 35 -4.87 5.96 -1.23
C ALA A 35 -6.28 5.97 -0.65
N PHE A 36 -6.47 5.16 0.39
CA PHE A 36 -7.74 5.09 1.08
C PHE A 36 -7.47 4.72 2.53
N ASP A 37 -8.40 5.00 3.42
CA ASP A 37 -8.20 4.70 4.84
C ASP A 37 -8.82 3.36 5.20
N ALA A 38 -8.18 2.65 6.13
CA ALA A 38 -8.68 1.36 6.58
C ALA A 38 -7.76 0.80 7.66
N ASP A 39 -8.14 -0.35 8.21
CA ASP A 39 -7.33 -0.96 9.27
C ASP A 39 -6.41 -2.04 8.71
N SER A 40 -5.15 -2.00 9.12
CA SER A 40 -4.18 -3.00 8.67
C SER A 40 -3.41 -3.56 9.85
N GLU A 41 -3.00 -4.81 9.73
CA GLU A 41 -2.24 -5.48 10.77
C GLU A 41 -1.02 -6.14 10.15
N ILE A 42 0.11 -6.05 10.83
CA ILE A 42 1.34 -6.63 10.30
C ILE A 42 1.89 -7.68 11.26
N LEU A 43 2.32 -8.80 10.69
CA LEU A 43 2.85 -9.91 11.48
C LEU A 43 4.23 -10.31 10.98
N GLN A 44 5.18 -10.28 11.88
CA GLN A 44 6.55 -10.67 11.55
C GLN A 44 7.06 -11.68 12.58
N GLY A 45 7.07 -12.95 12.20
CA GLY A 45 7.51 -13.99 13.12
C GLY A 45 6.39 -14.35 14.08
N GLU A 46 6.70 -14.32 15.37
CA GLU A 46 5.72 -14.63 16.39
C GLU A 46 5.16 -13.35 17.00
N ARG A 47 5.46 -12.21 16.36
CA ARG A 47 5.02 -10.92 16.85
C ARG A 47 4.01 -10.26 15.92
N ARG A 48 2.94 -9.73 16.51
CA ARG A 48 1.89 -9.07 15.73
C ARG A 48 1.60 -7.69 16.31
N TRP A 49 1.21 -6.78 15.44
CA TRP A 49 0.90 -5.42 15.84
C TRP A 49 -0.22 -4.85 14.98
N GLU A 50 -0.92 -3.86 15.52
CA GLU A 50 -2.01 -3.22 14.80
C GLU A 50 -1.53 -1.89 14.22
N VAL A 51 -1.88 -1.62 12.97
CA VAL A 51 -1.46 -0.39 12.33
C VAL A 51 -2.52 0.13 11.37
N LEU A 52 -2.47 1.42 11.11
CA LEU A 52 -3.40 2.06 10.19
C LEU A 52 -2.75 2.16 8.82
N LEU A 53 -3.46 1.74 7.79
CA LEU A 53 -2.90 1.79 6.44
C LEU A 53 -3.29 3.10 5.78
N HIS A 54 -2.28 3.81 5.31
CA HIS A 54 -2.51 5.11 4.68
C HIS A 54 -2.68 4.97 3.16
N ASP A 55 -2.07 3.96 2.55
CA ASP A 55 -2.26 3.76 1.11
C ASP A 55 -1.63 2.46 0.64
N VAL A 56 -2.07 1.99 -0.52
CA VAL A 56 -1.56 0.74 -1.07
C VAL A 56 -1.48 0.80 -2.60
N SER A 57 -0.83 -0.21 -3.17
CA SER A 57 -0.69 -0.32 -4.62
C SER A 57 -0.80 -1.80 -4.99
N LEU A 58 -0.91 -2.10 -6.27
CA LEU A 58 -1.03 -3.50 -6.67
C LEU A 58 0.25 -4.27 -6.36
N HIS A 59 1.25 -3.57 -5.81
CA HIS A 59 2.51 -4.23 -5.49
C HIS A 59 3.31 -3.43 -4.45
N GLY A 60 2.61 -2.88 -3.46
CA GLY A 60 3.27 -2.10 -2.42
C GLY A 60 2.27 -1.58 -1.39
N ILE A 61 2.75 -1.27 -0.19
CA ILE A 61 1.88 -0.79 0.88
C ILE A 61 2.60 0.19 1.81
N LEU A 62 1.83 1.13 2.35
CA LEU A 62 2.35 2.13 3.29
C LEU A 62 1.57 2.02 4.59
N VAL A 63 2.27 2.10 5.72
CA VAL A 63 1.61 1.99 7.02
C VAL A 63 2.22 2.94 8.04
N GLY A 64 1.60 3.00 9.21
CA GLY A 64 2.10 3.83 10.31
C GLY A 64 2.95 2.99 11.26
N GLN A 65 4.00 3.57 11.85
CA GLN A 65 4.88 2.81 12.74
C GLN A 65 4.37 2.80 14.17
N PRO A 66 3.99 1.67 14.71
CA PRO A 66 3.50 1.61 16.11
C PRO A 66 4.67 1.48 17.10
N GLN A 67 4.43 1.81 18.36
CA GLN A 67 5.47 1.75 19.39
C GLN A 67 5.96 0.33 19.65
N ASP A 68 5.03 -0.64 19.66
CA ASP A 68 5.39 -2.03 19.94
C ASP A 68 6.11 -2.67 18.75
N TRP A 69 6.45 -1.86 17.75
CA TRP A 69 7.14 -2.38 16.57
C TRP A 69 8.47 -3.04 16.92
N ASN A 70 8.41 -4.19 17.58
CA ASN A 70 9.63 -4.91 17.93
C ASN A 70 9.98 -5.94 16.85
N GLY A 71 10.56 -5.45 15.75
CA GLY A 71 10.92 -6.33 14.65
C GLY A 71 12.24 -5.91 14.00
N ASP A 72 12.85 -6.83 13.27
CA ASP A 72 14.13 -6.56 12.60
C ASP A 72 13.89 -6.13 11.14
N PRO A 73 14.13 -4.88 10.83
CA PRO A 73 13.94 -4.34 9.44
C PRO A 73 14.52 -5.25 8.37
N GLN A 74 15.49 -6.07 8.75
CA GLN A 74 16.12 -6.95 7.80
C GLN A 74 15.27 -8.19 7.52
N ARG A 75 14.41 -8.56 8.46
CA ARG A 75 13.56 -9.73 8.27
C ARG A 75 12.22 -9.33 7.65
N PRO A 76 11.63 -10.21 6.88
CA PRO A 76 10.33 -9.94 6.18
C PRO A 76 9.17 -9.71 7.14
N PHE A 77 8.11 -9.08 6.61
CA PHE A 77 6.91 -8.79 7.38
C PHE A 77 5.69 -9.25 6.58
N GLU A 78 4.56 -9.51 7.24
CA GLU A 78 3.34 -9.91 6.53
C GLU A 78 2.23 -8.92 6.85
N ALA A 79 1.44 -8.53 5.86
CA ALA A 79 0.38 -7.55 6.09
C ALA A 79 -0.99 -8.12 5.78
N ARG A 80 -1.95 -7.82 6.65
CA ARG A 80 -3.33 -8.24 6.45
C ARG A 80 -4.22 -7.01 6.45
N LEU A 81 -5.05 -6.85 5.43
CA LEU A 81 -5.91 -5.68 5.34
C LEU A 81 -7.36 -6.08 5.57
N TYR A 82 -8.11 -5.20 6.22
CA TYR A 82 -9.52 -5.46 6.49
C TYR A 82 -10.39 -4.31 5.97
N LEU A 83 -11.14 -4.60 4.91
CA LEU A 83 -12.03 -3.62 4.29
C LEU A 83 -13.48 -3.96 4.64
N GLY A 84 -14.08 -4.83 3.84
CA GLY A 84 -15.45 -5.26 4.09
C GLY A 84 -15.46 -6.23 5.26
N LEU A 85 -16.65 -6.66 5.68
CA LEU A 85 -16.72 -7.58 6.81
C LEU A 85 -16.25 -8.96 6.38
N ASP A 86 -16.52 -9.32 5.14
CA ASP A 86 -16.13 -10.61 4.57
C ASP A 86 -14.90 -10.47 3.69
N VAL A 87 -14.27 -9.29 3.70
CA VAL A 87 -13.09 -9.05 2.87
C VAL A 87 -11.81 -9.03 3.69
N LEU A 88 -11.14 -10.17 3.71
CA LEU A 88 -9.88 -10.31 4.43
C LEU A 88 -8.78 -10.53 3.39
N ILE A 89 -7.83 -9.61 3.31
CA ILE A 89 -6.75 -9.71 2.32
C ILE A 89 -5.41 -9.99 3.02
N ARG A 90 -4.58 -10.82 2.38
CA ARG A 90 -3.27 -11.16 2.93
C ARG A 90 -2.17 -10.95 1.89
N MET A 91 -1.11 -10.25 2.30
CA MET A 91 0.02 -9.98 1.42
C MET A 91 1.32 -10.13 2.21
N GLU A 92 2.38 -10.58 1.54
CA GLU A 92 3.68 -10.71 2.19
C GLU A 92 4.55 -9.56 1.71
N ILE A 93 5.10 -8.78 2.62
CA ILE A 93 5.89 -7.63 2.21
C ILE A 93 7.20 -7.51 2.98
N SER A 94 8.12 -6.75 2.40
CA SER A 94 9.42 -6.50 3.02
C SER A 94 9.62 -5.00 3.21
N LEU A 95 10.41 -4.63 4.21
CA LEU A 95 10.64 -3.22 4.48
C LEU A 95 11.42 -2.59 3.33
N ALA A 96 10.83 -1.54 2.75
CA ALA A 96 11.47 -0.81 1.66
C ALA A 96 12.18 0.44 2.18
N TRP A 97 11.52 1.14 3.11
CA TRP A 97 12.07 2.37 3.69
C TRP A 97 11.21 2.84 4.87
N ALA A 98 11.76 3.76 5.67
CA ALA A 98 11.02 4.30 6.82
C ALA A 98 11.37 5.79 6.98
N ARG A 99 10.36 6.66 6.97
CA ARG A 99 10.64 8.08 7.13
C ARG A 99 9.48 8.85 7.78
N ASP A 100 9.81 9.70 8.76
CA ASP A 100 8.82 10.54 9.42
C ASP A 100 7.65 9.77 10.04
N GLY A 101 7.95 8.70 10.77
CA GLY A 101 6.89 7.95 11.44
C GLY A 101 6.20 6.94 10.53
N LEU A 102 6.19 7.19 9.23
CA LEU A 102 5.54 6.27 8.30
C LEU A 102 6.51 5.21 7.82
N LEU A 103 5.97 4.09 7.34
CA LEU A 103 6.80 2.98 6.88
C LEU A 103 6.34 2.49 5.52
N GLY A 104 7.28 2.25 4.62
CA GLY A 104 6.93 1.74 3.30
C GLY A 104 7.23 0.26 3.23
N PHE A 105 6.50 -0.43 2.37
CA PHE A 105 6.70 -1.87 2.21
C PHE A 105 6.49 -2.27 0.76
N GLU A 106 7.37 -3.13 0.25
CA GLU A 106 7.26 -3.60 -1.12
C GLU A 106 6.70 -5.02 -1.12
N CYS A 107 5.65 -5.25 -1.92
CA CYS A 107 5.02 -6.55 -1.98
C CYS A 107 5.90 -7.60 -2.64
N GLN A 108 6.21 -8.66 -1.89
CA GLN A 108 7.03 -9.74 -2.41
C GLN A 108 6.14 -10.86 -2.95
N HIS A 109 4.99 -11.07 -2.31
CA HIS A 109 4.06 -12.10 -2.74
C HIS A 109 2.68 -11.83 -2.14
N ILE A 110 1.63 -12.09 -2.93
CA ILE A 110 0.26 -11.84 -2.48
C ILE A 110 -0.67 -12.90 -3.06
N ASP A 111 -1.62 -13.33 -2.23
CA ASP A 111 -2.58 -14.36 -2.62
C ASP A 111 -3.35 -13.99 -3.89
N LEU A 112 -3.60 -15.00 -4.71
CA LEU A 112 -4.31 -14.82 -5.97
C LEU A 112 -5.65 -14.13 -5.71
N ASP A 113 -6.35 -14.54 -4.66
CA ASP A 113 -7.63 -13.95 -4.32
C ASP A 113 -7.44 -12.51 -3.85
N SER A 114 -6.41 -12.30 -3.03
CA SER A 114 -6.11 -10.97 -2.52
C SER A 114 -5.83 -10.02 -3.67
N ILE A 115 -5.14 -10.53 -4.68
CA ILE A 115 -4.80 -9.73 -5.85
C ILE A 115 -6.06 -9.20 -6.51
N SER A 116 -7.10 -10.03 -6.55
CA SER A 116 -8.36 -9.61 -7.18
C SER A 116 -9.07 -8.56 -6.35
N HIS A 117 -9.07 -8.71 -5.03
CA HIS A 117 -9.74 -7.73 -4.20
C HIS A 117 -9.05 -6.38 -4.40
N LEU A 118 -7.74 -6.41 -4.60
CA LEU A 118 -6.98 -5.19 -4.86
C LEU A 118 -7.40 -4.64 -6.22
N ARG A 119 -7.71 -5.54 -7.16
CA ARG A 119 -8.17 -5.10 -8.47
C ARG A 119 -9.52 -4.40 -8.32
N ARG A 120 -10.37 -4.97 -7.48
CA ARG A 120 -11.69 -4.41 -7.20
C ARG A 120 -11.56 -3.00 -6.63
N LEU A 121 -10.61 -2.83 -5.71
CA LEU A 121 -10.40 -1.53 -5.07
C LEU A 121 -9.93 -0.52 -6.12
N VAL A 122 -9.07 -0.97 -7.02
CA VAL A 122 -8.55 -0.10 -8.07
C VAL A 122 -9.65 0.28 -9.07
N GLU A 123 -10.45 -0.71 -9.45
CA GLU A 123 -11.53 -0.47 -10.41
C GLU A 123 -12.56 0.52 -9.87
N LEU A 124 -13.00 0.31 -8.63
CA LEU A 124 -14.00 1.20 -8.03
C LEU A 124 -13.42 2.59 -7.82
N ASN A 125 -12.15 2.65 -7.43
CA ASN A 125 -11.50 3.93 -7.20
C ASN A 125 -11.26 4.66 -8.52
N LEU A 126 -11.15 3.89 -9.60
CA LEU A 126 -10.92 4.47 -10.92
C LEU A 126 -12.12 5.33 -11.32
N GLY A 127 -13.32 4.81 -11.08
CA GLY A 127 -14.54 5.53 -11.42
C GLY A 127 -15.05 5.10 -12.78
N ASP A 128 -14.90 5.98 -13.77
CA ASP A 128 -15.35 5.68 -15.12
C ASP A 128 -14.72 6.63 -16.12
N GLU A 129 -15.09 6.49 -17.39
CA GLU A 129 -14.55 7.36 -18.43
C GLU A 129 -14.55 8.82 -17.96
N GLU A 130 -13.53 9.57 -18.35
CA GLU A 130 -13.42 10.97 -17.96
C GLU A 130 -12.78 11.78 -19.09
N LEU A 131 -12.42 13.03 -18.77
CA LEU A 131 -11.79 13.91 -19.76
C LEU A 131 -10.35 14.23 -19.37
N LEU A 132 -10.01 15.51 -19.39
CA LEU A 132 -8.66 15.95 -19.05
C LEU A 132 -7.62 15.31 -19.97
N GLU A 133 -8.10 14.47 -20.90
CA GLU A 133 -7.22 13.79 -21.84
C GLU A 133 -5.89 13.42 -21.20
N ARG A 134 -4.96 14.39 -21.15
CA ARG A 134 -3.64 14.16 -20.57
C ARG A 134 -3.66 13.01 -19.56
N GLU A 135 -4.32 13.24 -18.43
CA GLU A 135 -4.41 12.23 -17.38
C GLU A 135 -4.59 10.84 -17.98
N LEU A 136 -5.46 10.73 -18.98
CA LEU A 136 -5.71 9.44 -19.62
C LEU A 136 -4.48 8.98 -20.40
N ALA A 137 -3.84 9.90 -21.10
CA ALA A 137 -2.64 9.58 -21.87
C ALA A 137 -1.46 9.24 -20.96
N LEU A 138 -1.50 9.72 -19.72
CA LEU A 138 -0.41 9.47 -18.79
C LEU A 138 -0.12 7.98 -18.67
N LEU A 139 -1.15 7.15 -18.86
CA LEU A 139 -0.94 5.71 -18.79
C LEU A 139 0.11 5.30 -19.82
N VAL A 140 0.23 6.12 -20.85
CA VAL A 140 1.19 5.89 -21.93
C VAL A 140 2.62 5.80 -21.42
N SER A 141 2.97 6.71 -20.51
CA SER A 141 4.32 6.76 -19.98
C SER A 141 4.66 5.52 -19.14
N ALA A 142 3.66 4.69 -18.83
CA ALA A 142 3.90 3.51 -18.02
C ALA A 142 3.73 2.22 -18.83
N HIS A 143 2.49 1.72 -18.90
CA HIS A 143 2.22 0.49 -19.63
C HIS A 143 1.09 0.64 -20.65
N ASP A 144 0.44 -0.48 -20.95
CA ASP A 144 -0.67 -0.51 -21.90
C ASP A 144 -0.52 0.59 -22.95
N ASP A 145 0.67 0.64 -23.55
CA ASP A 145 0.96 1.63 -24.58
C ASP A 145 1.36 2.96 -23.95
P1 C2E B . 12.67 1.83 -3.32
O2P C2E B . 13.80 0.91 -3.56
O1P C2E B . 12.31 2.21 -1.94
O5' C2E B . 11.36 1.20 -4.02
C5' C2E B . 10.18 0.98 -3.27
C4' C2E B . 9.11 0.18 -4.04
O4' C2E B . 8.36 -0.60 -3.10
C3' C2E B . 8.10 1.04 -4.81
O3' C2E B . 8.41 1.09 -6.22
C2' C2E B . 6.80 0.29 -4.61
O2' C2E B . 6.63 -0.74 -5.58
C1' C2E B . 6.97 -0.27 -3.22
N9 C2E B . 6.65 0.69 -2.14
C8 C2E B . 7.49 1.29 -1.23
N7 C2E B . 6.90 2.11 -0.42
C5 C2E B . 5.57 2.07 -0.81
C6 C2E B . 4.45 2.77 -0.29
O6 C2E B . 4.42 3.59 0.62
N1 C2E B . 3.28 2.43 -0.96
C2 C2E B . 3.21 1.55 -2.02
N2 C2E B . 1.99 1.35 -2.53
N3 C2E B . 4.26 0.90 -2.50
C4 C2E B . 5.40 1.20 -1.86
P11 C2E B . 9.84 0.69 -6.83
O21 C2E B . 10.27 -0.60 -6.24
O11 C2E B . 9.79 0.83 -8.30
O5A C2E B . 10.81 1.84 -6.25
C5A C2E B . 10.39 3.20 -6.29
C4A C2E B . 11.53 4.13 -5.86
O4A C2E B . 11.20 5.50 -6.19
C3A C2E B . 11.86 4.10 -4.38
O3A C2E B . 12.93 3.17 -4.16
C2A C2E B . 12.34 5.51 -4.10
O2A C2E B . 13.73 5.65 -4.40
C1A C2E B . 11.48 6.33 -5.05
N91 C2E B . 10.16 6.75 -4.52
C81 C2E B . 8.93 6.30 -4.88
N71 C2E B . 7.94 6.90 -4.28
C51 C2E B . 8.57 7.81 -3.43
C61 C2E B . 8.00 8.74 -2.52
O61 C2E B . 6.82 8.95 -2.28
N11 C2E B . 8.99 9.47 -1.87
C21 C2E B . 10.35 9.33 -2.07
N21 C2E B . 11.14 10.12 -1.35
N31 C2E B . 10.89 8.45 -2.93
C41 C2E B . 9.94 7.73 -3.58
H5'1 C2E B . 9.76 1.94 -2.98
H5'2 C2E B . 10.44 0.43 -2.36
H4' C2E B . 9.62 -0.51 -4.72
H3' C2E B . 8.04 2.03 -4.38
H2' C2E B . 5.96 1.00 -4.63
HO2' C2E B . 5.73 -0.65 -5.93
H1' C2E B . 6.36 -1.16 -3.10
H8 C2E B . 8.55 1.10 -1.22
HN1 C2E B . 2.44 2.89 -0.64
HN21 C2E B . 1.19 1.85 -2.16
HN22 C2E B . 1.86 0.70 -3.30
H511 C2E B . 9.55 3.35 -5.62
H512 C2E B . 10.09 3.46 -7.30
H4A C2E B . 12.44 3.88 -6.40
H3A C2E B . 11.00 3.88 -3.74
H2A C2E B . 12.14 5.77 -3.06
HO2A C2E B . 14.07 4.78 -4.62
H1A C2E B . 12.04 7.21 -5.37
H81 C2E B . 8.77 5.49 -5.59
HN11 C2E B . 8.66 10.17 -1.22
HN24 C2E B . 12.14 10.05 -1.44
HN23 C2E B . 10.74 10.77 -0.70
P1 C2E C . 3.80 12.43 1.60
O2P C2E C . 4.96 13.25 2.03
O1P C2E C . 2.65 12.27 2.52
O5' C2E C . 4.34 10.97 1.20
C5' C2E C . 4.66 10.00 2.21
C4' C2E C . 6.18 9.93 2.46
O4' C2E C . 6.58 8.57 2.66
C3' C2E C . 7.01 10.47 1.31
O3' C2E C . 7.20 11.88 1.43
C2' C2E C . 8.32 9.75 1.55
O2' C2E C . 9.10 10.38 2.57
C1' C2E C . 7.84 8.37 1.98
N9 C2E C . 7.62 7.43 0.87
C8 C2E C . 6.47 7.14 0.19
N7 C2E C . 6.61 6.24 -0.76
C5 C2E C . 7.96 5.91 -0.69
C6 C2E C . 8.70 4.99 -1.46
O6 C2E C . 8.31 4.26 -2.38
N1 C2E C . 10.04 4.95 -1.09
C2 C2E C . 10.59 5.71 -0.08
N2 C2E C . 11.89 5.52 0.15
N3 C2E C . 9.89 6.59 0.65
C4 C2E C . 8.59 6.64 0.30
P11 C2E C . 8.01 12.70 0.32
O21 C2E C . 8.48 13.96 0.92
O11 C2E C . 8.97 11.78 -0.33
O5A C2E C . 6.86 13.06 -0.76
C5A C2E C . 6.14 14.30 -0.67
C4A C2E C . 4.75 14.20 -1.28
O4A C2E C . 4.84 14.30 -2.71
C3A C2E C . 4.03 12.89 -0.99
O3A C2E C . 3.26 13.01 0.21
C2A C2E C . 3.12 12.72 -2.20
O2A C2E C . 1.87 13.41 -2.00
C1A C2E C . 3.94 13.36 -3.32
N91 C2E C . 4.75 12.40 -4.07
C81 C2E C . 6.10 12.24 -4.09
N71 C2E C . 6.54 11.35 -4.93
C51 C2E C . 5.37 10.88 -5.53
C61 C2E C . 5.21 9.90 -6.54
O61 C2E C . 6.08 9.28 -7.14
N11 C2E C . 3.87 9.72 -6.86
C21 C2E C . 2.82 10.40 -6.29
N21 C2E C . 1.60 10.08 -6.72
N31 C2E C . 2.97 11.33 -5.34
C41 C2E C . 4.27 11.52 -5.01
H5'1 C2E C . 4.32 9.02 1.88
H5'2 C2E C . 4.15 10.27 3.13
H4' C2E C . 6.40 10.48 3.37
H3' C2E C . 6.57 10.19 0.37
H2' C2E C . 8.90 9.67 0.63
HO2' C2E C . 9.59 9.69 3.02
H1' C2E C . 8.57 7.93 2.66
H8 C2E C . 5.50 7.54 0.44
HN1 C2E C . 10.63 4.30 -1.58
HN21 C2E C . 12.40 4.86 -0.41
HN22 C2E C . 12.35 6.05 0.87
H511 C2E C . 6.71 15.07 -1.19
H512 C2E C . 6.04 14.57 0.38
H4A C2E C . 4.15 15.02 -0.93
H3A C2E C . 4.74 12.05 -0.93
H2A C2E C . 2.95 11.67 -2.40
HO2A C2E C . 1.58 13.71 -2.86
H1A C2E C . 3.28 13.88 -4.01
H81 C2E C . 6.76 12.78 -3.41
HN11 C2E C . 3.68 9.02 -7.57
HN24 C2E C . 1.48 9.39 -7.44
HN23 C2E C . 0.79 10.55 -6.34
N MET A 21 19.53 20.08 -1.87
CA MET A 21 18.45 21.07 -1.58
C MET A 21 17.54 21.18 -2.80
N SER A 22 16.53 20.32 -2.86
CA SER A 22 15.59 20.32 -3.98
C SER A 22 14.36 19.49 -3.66
N ASP A 23 13.85 19.65 -2.44
CA ASP A 23 12.64 18.92 -2.05
C ASP A 23 11.43 19.83 -2.18
N GLN A 24 10.63 19.56 -3.19
CA GLN A 24 9.40 20.32 -3.42
C GLN A 24 8.19 19.43 -3.21
N HIS A 25 8.43 18.12 -3.29
CA HIS A 25 7.39 17.09 -3.12
C HIS A 25 7.24 16.31 -4.42
N ASP A 26 8.14 16.57 -5.37
CA ASP A 26 8.12 15.89 -6.66
C ASP A 26 7.72 14.43 -6.49
N GLU A 27 7.23 13.82 -7.55
CA GLU A 27 6.79 12.44 -7.49
C GLU A 27 7.89 11.48 -7.95
N ARG A 28 8.08 10.41 -7.18
CA ARG A 28 9.10 9.40 -7.49
C ARG A 28 8.46 8.03 -7.69
N ARG A 29 7.15 7.93 -7.38
CA ARG A 29 6.44 6.66 -7.54
C ARG A 29 5.49 6.75 -8.72
N ARG A 30 5.97 6.32 -9.88
CA ARG A 30 5.20 6.35 -11.12
C ARG A 30 4.01 7.30 -11.03
N PHE A 31 2.97 6.90 -10.29
CA PHE A 31 1.79 7.75 -10.15
C PHE A 31 1.12 7.48 -8.79
N HIS A 32 0.18 8.35 -8.44
CA HIS A 32 -0.54 8.21 -7.18
C HIS A 32 -0.97 6.76 -6.94
N ARG A 33 -0.68 6.26 -5.74
CA ARG A 33 -1.03 4.89 -5.38
C ARG A 33 -2.44 4.86 -4.77
N ILE A 34 -3.14 3.74 -4.98
CA ILE A 34 -4.48 3.59 -4.44
C ILE A 34 -4.50 3.96 -2.96
N ALA A 35 -4.68 5.25 -2.67
CA ALA A 35 -4.69 5.69 -1.29
C ALA A 35 -6.11 5.75 -0.72
N PHE A 36 -6.31 4.98 0.34
CA PHE A 36 -7.60 4.94 1.02
C PHE A 36 -7.34 4.64 2.49
N ASP A 37 -8.26 5.00 3.36
CA ASP A 37 -8.04 4.74 4.79
C ASP A 37 -8.71 3.45 5.22
N ALA A 38 -8.09 2.76 6.16
CA ALA A 38 -8.63 1.50 6.67
C ALA A 38 -7.71 0.93 7.74
N ASP A 39 -8.12 -0.19 8.32
CA ASP A 39 -7.33 -0.82 9.37
C ASP A 39 -6.46 -1.94 8.79
N SER A 40 -5.20 -1.96 9.18
CA SER A 40 -4.29 -3.00 8.71
C SER A 40 -3.49 -3.58 9.87
N GLU A 41 -3.09 -4.84 9.73
CA GLU A 41 -2.31 -5.53 10.76
C GLU A 41 -1.09 -6.16 10.11
N ILE A 42 0.03 -6.16 10.83
CA ILE A 42 1.25 -6.75 10.28
C ILE A 42 1.83 -7.78 11.24
N LEU A 43 2.26 -8.91 10.67
CA LEU A 43 2.81 -9.99 11.46
C LEU A 43 4.19 -10.39 10.96
N GLN A 44 5.16 -10.34 11.86
CA GLN A 44 6.53 -10.72 11.51
C GLN A 44 7.06 -11.71 12.54
N GLY A 45 7.09 -12.99 12.18
CA GLY A 45 7.55 -14.02 13.10
C GLY A 45 6.45 -14.37 14.08
N GLU A 46 6.75 -14.30 15.37
CA GLU A 46 5.77 -14.60 16.40
C GLU A 46 5.20 -13.32 16.99
N ARG A 47 5.48 -12.20 16.34
CA ARG A 47 5.03 -10.90 16.83
C ARG A 47 4.02 -10.25 15.89
N ARG A 48 2.95 -9.72 16.47
CA ARG A 48 1.90 -9.05 15.70
C ARG A 48 1.62 -7.67 16.27
N TRP A 49 1.23 -6.76 15.40
CA TRP A 49 0.94 -5.39 15.80
C TRP A 49 -0.19 -4.82 14.94
N GLU A 50 -0.88 -3.83 15.49
CA GLU A 50 -1.97 -3.18 14.76
C GLU A 50 -1.49 -1.86 14.17
N VAL A 51 -1.84 -1.59 12.92
CA VAL A 51 -1.40 -0.36 12.27
C VAL A 51 -2.47 0.15 11.32
N LEU A 52 -2.44 1.44 11.05
CA LEU A 52 -3.39 2.04 10.11
C LEU A 52 -2.73 2.12 8.75
N LEU A 53 -3.43 1.64 7.72
CA LEU A 53 -2.88 1.66 6.38
C LEU A 53 -3.23 2.96 5.68
N HIS A 54 -2.22 3.65 5.19
CA HIS A 54 -2.39 4.92 4.52
C HIS A 54 -2.60 4.74 3.02
N ASP A 55 -2.01 3.71 2.41
CA ASP A 55 -2.22 3.49 0.97
C ASP A 55 -1.59 2.17 0.51
N VAL A 56 -2.02 1.70 -0.65
CA VAL A 56 -1.52 0.45 -1.21
C VAL A 56 -1.42 0.53 -2.73
N SER A 57 -0.77 -0.46 -3.31
CA SER A 57 -0.61 -0.57 -4.75
C SER A 57 -0.71 -2.05 -5.11
N LEU A 58 -0.84 -2.38 -6.38
CA LEU A 58 -0.95 -3.78 -6.75
C LEU A 58 0.32 -4.53 -6.37
N HIS A 59 1.28 -3.83 -5.77
CA HIS A 59 2.53 -4.47 -5.38
C HIS A 59 3.35 -3.56 -4.45
N GLY A 60 2.69 -2.95 -3.48
CA GLY A 60 3.36 -2.07 -2.53
C GLY A 60 2.38 -1.55 -1.48
N ILE A 61 2.86 -1.27 -0.27
CA ILE A 61 2.00 -0.79 0.80
C ILE A 61 2.72 0.18 1.73
N LEU A 62 1.96 1.13 2.27
CA LEU A 62 2.48 2.13 3.21
C LEU A 62 1.69 2.02 4.51
N VAL A 63 2.38 2.12 5.64
CA VAL A 63 1.70 2.00 6.93
C VAL A 63 2.26 2.95 7.97
N GLY A 64 1.63 2.95 9.14
CA GLY A 64 2.08 3.77 10.27
C GLY A 64 2.89 2.90 11.22
N GLN A 65 3.94 3.46 11.84
CA GLN A 65 4.79 2.66 12.74
C GLN A 65 4.23 2.63 14.16
N PRO A 66 3.93 1.48 14.69
CA PRO A 66 3.42 1.38 16.08
C PRO A 66 4.58 1.28 17.08
N GLN A 67 4.31 1.60 18.35
CA GLN A 67 5.36 1.56 19.38
C GLN A 67 5.88 0.14 19.62
N ASP A 68 4.99 -0.84 19.63
CA ASP A 68 5.38 -2.24 19.89
C ASP A 68 6.11 -2.84 18.70
N TRP A 69 6.44 -2.03 17.70
CA TRP A 69 7.12 -2.52 16.51
C TRP A 69 8.47 -3.17 16.85
N ASN A 70 8.43 -4.32 17.50
CA ASN A 70 9.68 -5.00 17.84
C ASN A 70 10.03 -6.02 16.75
N GLY A 71 10.58 -5.52 15.65
CA GLY A 71 10.95 -6.39 14.53
C GLY A 71 12.25 -5.94 13.86
N ASP A 72 12.87 -6.86 13.14
CA ASP A 72 14.13 -6.57 12.45
C ASP A 72 13.87 -6.15 10.99
N PRO A 73 14.10 -4.90 10.66
CA PRO A 73 13.88 -4.39 9.27
C PRO A 73 14.49 -5.31 8.21
N GLN A 74 15.48 -6.09 8.61
CA GLN A 74 16.15 -6.99 7.67
C GLN A 74 15.32 -8.24 7.41
N ARG A 75 14.43 -8.60 8.34
CA ARG A 75 13.60 -9.79 8.16
C ARG A 75 12.26 -9.40 7.57
N PRO A 76 11.66 -10.27 6.79
CA PRO A 76 10.35 -10.00 6.12
C PRO A 76 9.20 -9.79 7.09
N PHE A 77 8.14 -9.17 6.58
CA PHE A 77 6.95 -8.90 7.36
C PHE A 77 5.72 -9.37 6.57
N GLU A 78 4.60 -9.61 7.25
CA GLU A 78 3.38 -10.02 6.55
C GLU A 78 2.28 -9.03 6.85
N ALA A 79 1.53 -8.60 5.83
CA ALA A 79 0.49 -7.61 6.04
C ALA A 79 -0.89 -8.16 5.70
N ARG A 80 -1.85 -7.83 6.55
CA ARG A 80 -3.22 -8.25 6.34
C ARG A 80 -4.11 -7.02 6.32
N LEU A 81 -4.93 -6.86 5.30
CA LEU A 81 -5.79 -5.69 5.20
C LEU A 81 -7.24 -6.04 5.49
N TYR A 82 -7.94 -5.14 6.16
CA TYR A 82 -9.35 -5.36 6.48
C TYR A 82 -10.20 -4.19 5.99
N LEU A 83 -10.96 -4.45 4.93
CA LEU A 83 -11.83 -3.44 4.34
C LEU A 83 -13.27 -3.72 4.73
N GLY A 84 -13.94 -4.58 3.96
CA GLY A 84 -15.31 -4.95 4.27
C GLY A 84 -15.33 -5.88 5.46
N LEU A 85 -16.51 -6.30 5.91
CA LEU A 85 -16.58 -7.20 7.05
C LEU A 85 -16.16 -8.61 6.64
N ASP A 86 -16.44 -8.96 5.39
CA ASP A 86 -16.12 -10.27 4.84
C ASP A 86 -14.90 -10.18 3.92
N VAL A 87 -14.23 -9.03 3.92
CA VAL A 87 -13.05 -8.84 3.07
C VAL A 87 -11.75 -8.88 3.86
N LEU A 88 -11.14 -10.05 3.88
CA LEU A 88 -9.87 -10.24 4.57
C LEU A 88 -8.81 -10.53 3.52
N ILE A 89 -7.81 -9.65 3.43
CA ILE A 89 -6.75 -9.80 2.45
C ILE A 89 -5.41 -10.11 3.12
N ARG A 90 -4.61 -10.95 2.47
CA ARG A 90 -3.30 -11.31 3.00
C ARG A 90 -2.23 -11.10 1.94
N MET A 91 -1.17 -10.40 2.34
CA MET A 91 -0.06 -10.10 1.45
C MET A 91 1.25 -10.19 2.21
N GLU A 92 2.31 -10.60 1.53
CA GLU A 92 3.62 -10.69 2.18
C GLU A 92 4.44 -9.47 1.74
N ILE A 93 5.02 -8.75 2.70
CA ILE A 93 5.78 -7.55 2.34
C ILE A 93 7.10 -7.43 3.10
N SER A 94 8.01 -6.66 2.51
CA SER A 94 9.31 -6.40 3.12
C SER A 94 9.52 -4.91 3.30
N LEU A 95 10.36 -4.51 4.25
CA LEU A 95 10.61 -3.09 4.49
C LEU A 95 11.39 -2.48 3.33
N ALA A 96 10.82 -1.40 2.79
CA ALA A 96 11.45 -0.65 1.70
C ALA A 96 12.18 0.60 2.23
N TRP A 97 11.51 1.29 3.15
CA TRP A 97 12.06 2.53 3.75
C TRP A 97 11.23 2.94 4.97
N ALA A 98 11.71 3.95 5.70
CA ALA A 98 10.99 4.45 6.87
C ALA A 98 11.31 5.93 7.08
N ARG A 99 10.28 6.78 7.11
CA ARG A 99 10.50 8.20 7.31
C ARG A 99 9.32 8.91 7.98
N ASP A 100 9.61 9.74 8.99
CA ASP A 100 8.58 10.54 9.65
C ASP A 100 7.43 9.71 10.22
N GLY A 101 7.74 8.64 10.94
CA GLY A 101 6.68 7.85 11.57
C GLY A 101 6.06 6.83 10.63
N LEU A 102 6.07 7.09 9.33
CA LEU A 102 5.48 6.16 8.38
C LEU A 102 6.51 5.13 7.92
N LEU A 103 6.02 4.02 7.38
CA LEU A 103 6.91 2.96 6.91
C LEU A 103 6.50 2.46 5.54
N GLY A 104 7.46 2.28 4.64
CA GLY A 104 7.16 1.79 3.31
C GLY A 104 7.33 0.29 3.26
N PHE A 105 6.59 -0.35 2.38
CA PHE A 105 6.67 -1.79 2.24
C PHE A 105 6.48 -2.20 0.80
N GLU A 106 7.33 -3.09 0.31
CA GLU A 106 7.20 -3.56 -1.06
C GLU A 106 6.60 -4.95 -1.05
N CYS A 107 5.54 -5.14 -1.82
CA CYS A 107 4.86 -6.43 -1.86
C CYS A 107 5.74 -7.51 -2.49
N GLN A 108 6.03 -8.55 -1.71
CA GLN A 108 6.86 -9.66 -2.19
C GLN A 108 5.98 -10.72 -2.84
N HIS A 109 4.78 -10.92 -2.28
CA HIS A 109 3.84 -11.90 -2.82
C HIS A 109 2.46 -11.68 -2.21
N ILE A 110 1.42 -11.97 -2.98
CA ILE A 110 0.05 -11.78 -2.53
C ILE A 110 -0.85 -12.87 -3.10
N ASP A 111 -1.78 -13.33 -2.26
CA ASP A 111 -2.71 -14.41 -2.64
C ASP A 111 -3.49 -14.07 -3.91
N LEU A 112 -3.69 -15.09 -4.74
CA LEU A 112 -4.42 -14.92 -6.00
C LEU A 112 -5.79 -14.30 -5.74
N ASP A 113 -6.46 -14.78 -4.69
CA ASP A 113 -7.78 -14.27 -4.33
C ASP A 113 -7.65 -12.83 -3.83
N SER A 114 -6.64 -12.58 -3.00
CA SER A 114 -6.41 -11.25 -2.46
C SER A 114 -6.16 -10.27 -3.60
N ILE A 115 -5.47 -10.75 -4.63
CA ILE A 115 -5.16 -9.92 -5.79
C ILE A 115 -6.45 -9.43 -6.44
N SER A 116 -7.45 -10.31 -6.50
CA SER A 116 -8.72 -9.93 -7.12
C SER A 116 -9.46 -8.92 -6.28
N HIS A 117 -9.41 -9.07 -4.96
CA HIS A 117 -10.09 -8.11 -4.11
C HIS A 117 -9.43 -6.74 -4.23
N LEU A 118 -8.11 -6.70 -4.19
CA LEU A 118 -7.40 -5.44 -4.34
C LEU A 118 -7.72 -4.86 -5.72
N ARG A 119 -7.92 -5.71 -6.72
CA ARG A 119 -8.26 -5.22 -8.05
C ARG A 119 -9.53 -4.37 -7.95
N ARG A 120 -10.46 -4.79 -7.09
CA ARG A 120 -11.69 -4.04 -6.88
C ARG A 120 -11.37 -2.61 -6.49
N LEU A 121 -10.41 -2.46 -5.60
CA LEU A 121 -10.00 -1.14 -5.13
C LEU A 121 -9.42 -0.30 -6.26
N VAL A 122 -8.63 -0.94 -7.13
CA VAL A 122 -8.03 -0.22 -8.24
C VAL A 122 -9.09 0.23 -9.24
N GLU A 123 -9.99 -0.68 -9.60
CA GLU A 123 -11.05 -0.38 -10.56
C GLU A 123 -12.02 0.65 -9.99
N LEU A 124 -12.41 0.48 -8.73
CA LEU A 124 -13.38 1.41 -8.13
C LEU A 124 -12.79 2.80 -7.93
N ASN A 125 -11.54 2.88 -7.51
CA ASN A 125 -10.91 4.18 -7.29
C ASN A 125 -10.58 4.85 -8.62
N LEU A 126 -10.38 4.05 -9.66
CA LEU A 126 -10.06 4.59 -10.97
C LEU A 126 -11.25 5.33 -11.53
N GLY A 127 -12.44 4.76 -11.37
CA GLY A 127 -13.66 5.38 -11.86
C GLY A 127 -14.71 4.32 -12.21
N ASP A 128 -14.60 3.76 -13.42
CA ASP A 128 -15.54 2.74 -13.86
C ASP A 128 -15.04 2.10 -15.16
N GLU A 129 -14.89 0.78 -15.15
CA GLU A 129 -14.42 0.06 -16.33
C GLU A 129 -12.99 0.46 -16.64
N GLU A 130 -12.39 1.25 -15.76
CA GLU A 130 -11.02 1.71 -15.92
C GLU A 130 -10.85 2.45 -17.25
N LEU A 131 -10.83 1.70 -18.34
CA LEU A 131 -10.65 2.30 -19.66
C LEU A 131 -9.26 2.90 -19.77
N LEU A 132 -8.45 2.33 -20.65
CA LEU A 132 -7.08 2.82 -20.83
C LEU A 132 -6.30 2.71 -19.52
N GLU A 133 -5.12 2.10 -19.58
CA GLU A 133 -4.29 1.94 -18.40
C GLU A 133 -4.27 3.22 -17.57
N ARG A 134 -3.97 4.34 -18.22
CA ARG A 134 -3.91 5.62 -17.53
C ARG A 134 -2.80 5.61 -16.48
N GLU A 135 -2.54 6.76 -15.89
CA GLU A 135 -1.51 6.88 -14.87
C GLU A 135 -0.16 6.39 -15.40
N LEU A 136 0.12 5.11 -15.20
CA LEU A 136 1.38 4.53 -15.66
C LEU A 136 1.59 4.76 -17.15
N ALA A 137 0.52 4.74 -17.93
CA ALA A 137 0.67 4.97 -19.37
C ALA A 137 1.08 6.42 -19.63
N LEU A 138 0.55 7.33 -18.80
CA LEU A 138 0.81 8.76 -18.98
C LEU A 138 2.30 9.03 -19.04
N LEU A 139 3.07 8.52 -18.08
CA LEU A 139 4.51 8.76 -18.08
C LEU A 139 5.16 8.09 -19.30
N VAL A 140 4.81 6.83 -19.51
CA VAL A 140 5.41 6.05 -20.60
C VAL A 140 5.21 6.73 -21.95
N SER A 141 4.00 7.18 -22.27
CA SER A 141 3.78 7.83 -23.56
C SER A 141 4.46 9.20 -23.59
N ALA A 142 4.34 9.92 -22.47
CA ALA A 142 4.95 11.24 -22.36
C ALA A 142 5.35 11.51 -20.93
N HIS A 143 6.28 12.44 -20.68
CA HIS A 143 6.66 12.74 -19.31
C HIS A 143 5.44 13.29 -18.56
N ASP A 144 5.02 14.51 -18.90
CA ASP A 144 3.87 15.13 -18.27
C ASP A 144 4.15 15.43 -16.80
N ASP A 145 5.19 16.21 -16.54
CA ASP A 145 5.53 16.58 -15.17
C ASP A 145 4.30 17.05 -14.43
P1 C2E B . 11.84 2.44 -2.53
O2P C2E B . 13.03 1.55 -2.47
O1P C2E B . 11.35 3.11 -1.31
O5' C2E B . 10.63 1.61 -3.19
C5' C2E B . 10.68 0.18 -3.26
C4' C2E B . 9.44 -0.40 -3.96
O4' C2E B . 8.54 -0.94 -2.97
C3' C2E B . 8.64 0.63 -4.74
O3' C2E B . 9.05 0.63 -6.11
C2' C2E B . 7.22 0.13 -4.61
O2' C2E B . 6.92 -0.89 -5.57
C1' C2E B . 7.22 -0.42 -3.20
N9 C2E B . 6.97 0.60 -2.16
C8 C2E B . 7.86 1.20 -1.31
N7 C2E B . 7.34 2.09 -0.51
C5 C2E B . 5.99 2.08 -0.86
C6 C2E B . 4.91 2.84 -0.33
O6 C2E B . 4.95 3.70 0.55
N1 C2E B . 3.71 2.52 -0.96
C2 C2E B . 3.56 1.60 -1.96
N2 C2E B . 2.33 1.44 -2.45
N3 C2E B . 4.58 0.87 -2.46
C4 C2E B . 5.75 1.17 -1.86
P11 C2E B . 8.82 1.91 -7.04
O21 C2E B . 9.08 1.52 -8.44
O11 C2E B . 7.53 2.52 -6.68
O5A C2E B . 9.99 2.90 -6.56
C5A C2E B . 9.68 4.08 -5.84
C4A C2E B . 10.93 4.79 -5.35
O4A C2E B . 10.85 6.19 -5.64
C3A C2E B . 11.21 4.66 -3.84
O3A C2E B . 12.13 3.59 -3.63
C2A C2E B . 11.87 5.99 -3.52
O2A C2E B . 13.27 5.97 -3.81
C1A C2E B . 11.12 6.93 -4.44
N91 C2E B . 9.82 7.40 -3.91
C81 C2E B . 8.56 6.96 -4.23
N71 C2E B . 7.59 7.56 -3.61
C51 C2E B . 8.26 8.49 -2.80
C61 C2E B . 7.73 9.43 -1.89
O61 C2E B . 6.55 9.64 -1.61
N11 C2E B . 8.73 10.17 -1.28
C21 C2E B . 10.08 10.01 -1.51
N21 C2E B . 10.89 10.81 -0.83
N31 C2E B . 10.59 9.11 -2.38
C41 C2E B . 9.62 8.39 -2.98
H5'1 C2E B . 10.74 -0.23 -2.25
H5'2 C2E B . 11.57 -0.12 -3.82
H4' C2E B . 9.74 -1.20 -4.62
H3' C2E B . 8.74 1.62 -4.27
H2' C2E B . 6.51 0.96 -4.68
HO2' C2E B . 5.97 -0.98 -5.62
H1' C2E B . 6.49 -1.22 -3.10
H8 C2E B . 8.92 0.97 -1.31
HN1 C2E B . 2.90 3.03 -0.63
HN21 C2E B . 1.57 1.99 -2.07
HN22 C2E B . 2.15 0.78 -3.18
H511 C2E B . 9.05 3.81 -4.98
H512 C2E B . 9.12 4.75 -6.49
H4A C2E B . 11.80 4.40 -5.85
H3A C2E B . 10.31 4.55 -3.24
H2A C2E B . 11.69 6.26 -2.48
HO2A C2E B . 13.47 6.75 -4.34
H1A C2E B . 11.75 7.80 -4.68
H81 C2E B . 8.39 6.15 -4.94
HN11 C2E B . 8.42 10.88 -0.63
HN24 C2E B . 11.89 10.74 -0.95
HN23 C2E B . 10.50 11.49 -0.18
P1 C2E C . 3.31 12.67 2.54
O2P C2E C . 4.28 13.50 3.27
O1P C2E C . 2.07 12.19 3.21
O5' C2E C . 4.09 11.37 1.97
C5' C2E C . 4.50 10.32 2.86
C4' C2E C . 6.01 10.33 3.09
O4' C2E C . 6.50 8.99 3.27
C3' C2E C . 6.81 10.92 1.94
O3' C2E C . 6.90 12.34 2.10
C2' C2E C . 8.15 10.26 2.13
O2' C2E C . 8.92 10.93 3.14
C1' C2E C . 7.75 8.86 2.58
N9 C2E C . 7.57 7.90 1.48
C8 C2E C . 6.42 7.53 0.81
N7 C2E C . 6.59 6.63 -0.12
C5 C2E C . 7.95 6.36 -0.07
C6 C2E C . 8.72 5.46 -0.84
O6 C2E C . 8.34 4.70 -1.74
N1 C2E C . 10.06 5.48 -0.47
C2 C2E C . 10.59 6.28 0.52
N2 C2E C . 11.90 6.16 0.73
N3 C2E C . 9.86 7.14 1.24
C4 C2E C . 8.56 7.13 0.90
P11 C2E C . 7.75 13.25 1.07
O21 C2E C . 8.28 14.41 1.80
O11 C2E C . 8.68 12.37 0.33
O5A C2E C . 6.61 13.77 0.04
C5A C2E C . 5.75 14.84 0.42
C4A C2E C . 4.38 14.71 -0.23
O4A C2E C . 4.49 14.86 -1.65
C3A C2E C . 3.69 13.38 0.01
O3A C2E C . 2.88 13.44 1.19
C2A C2E C . 2.81 13.23 -1.21
O2A C2E C . 1.53 13.86 -1.02
C1A C2E C . 3.62 13.93 -2.29
N91 C2E C . 4.43 13.01 -3.10
C81 C2E C . 5.79 12.87 -3.14
N71 C2E C . 6.22 12.03 -4.03
C51 C2E C . 5.05 11.56 -4.62
C61 C2E C . 4.87 10.63 -5.68
O61 C2E C . 5.72 10.04 -6.32
N11 C2E C . 3.52 10.45 -5.99
C21 C2E C . 2.48 11.10 -5.36
N21 C2E C . 1.25 10.80 -5.78
N31 C2E C . 2.65 11.98 -4.37
C41 C2E C . 3.95 12.17 -4.06
H5'1 C2E C . 4.21 9.36 2.43
H5'2 C2E C . 3.99 10.44 3.82
H4' C2E C . 6.23 10.89 4.00
H3' C2E C . 6.34 10.63 0.99
H2' C2E C . 8.72 10.22 1.20
HO2' C2E C . 9.35 10.25 3.67
H1' C2E C . 8.52 8.47 3.24
H8 C2E C . 5.45 7.94 1.06
HN1 C2E C . 10.67 4.85 -0.97
HN21 C2E C . 12.44 5.51 0.18
HN22 C2E C . 12.35 6.72 1.44
H511 C2E C . 6.20 15.79 0.11
H512 C2E C . 5.63 14.85 1.50
H4A C2E C . 3.73 15.51 0.14
H3A C2E C . 4.42 12.56 0.07
H2A C2E C . 2.69 12.17 -1.46
HO2A C2E C . 1.63 14.48 -0.30
H1A C2E C . 2.95 14.46 -2.99
H81 C2E C . 6.46 13.40 -2.47
HN11 C2E C . 3.31 9.80 -6.72
HN24 C2E C . 1.13 10.13 -6.53
HN23 C2E C . 0.45 11.25 -5.37
N MET A 21 10.66 22.91 -10.06
CA MET A 21 10.30 21.61 -9.40
C MET A 21 8.82 21.63 -9.05
N SER A 22 8.49 22.19 -7.88
CA SER A 22 7.12 22.28 -7.38
C SER A 22 7.03 21.75 -5.96
N ASP A 23 6.04 22.24 -5.20
CA ASP A 23 5.86 21.79 -3.83
C ASP A 23 4.99 20.54 -3.80
N GLN A 24 5.06 19.77 -4.88
CA GLN A 24 4.29 18.54 -4.99
C GLN A 24 5.22 17.33 -4.98
N HIS A 25 6.52 17.60 -4.84
CA HIS A 25 7.51 16.54 -4.83
C HIS A 25 7.32 15.62 -6.02
N ASP A 26 8.17 15.76 -7.03
CA ASP A 26 8.06 14.93 -8.22
C ASP A 26 7.73 13.50 -7.85
N GLU A 27 6.92 12.86 -8.68
CA GLU A 27 6.52 11.48 -8.45
C GLU A 27 7.66 10.50 -8.77
N ARG A 28 7.84 9.54 -7.87
CA ARG A 28 8.87 8.52 -8.03
C ARG A 28 8.24 7.13 -8.10
N ARG A 29 6.95 7.05 -7.77
CA ARG A 29 6.23 5.77 -7.80
C ARG A 29 5.46 5.66 -9.10
N ARG A 30 6.19 5.34 -10.16
CA ARG A 30 5.59 5.19 -11.49
C ARG A 30 4.34 6.07 -11.62
N PHE A 31 3.20 5.56 -11.16
CA PHE A 31 1.96 6.31 -11.23
C PHE A 31 1.24 6.25 -9.87
N HIS A 32 0.53 7.32 -9.52
CA HIS A 32 -0.18 7.39 -8.26
C HIS A 32 -0.77 6.02 -7.87
N ARG A 33 -0.98 5.82 -6.57
CA ARG A 33 -1.54 4.56 -6.08
C ARG A 33 -2.94 4.79 -5.53
N ILE A 34 -3.52 3.72 -4.97
CA ILE A 34 -4.87 3.79 -4.41
C ILE A 34 -4.80 4.16 -2.94
N ALA A 35 -4.92 5.45 -2.64
CA ALA A 35 -4.87 5.90 -1.25
C ALA A 35 -6.26 5.95 -0.65
N PHE A 36 -6.43 5.18 0.41
CA PHE A 36 -7.70 5.14 1.14
C PHE A 36 -7.41 4.82 2.59
N ASP A 37 -8.32 5.15 3.48
CA ASP A 37 -8.09 4.88 4.90
C ASP A 37 -8.73 3.57 5.29
N ALA A 38 -8.09 2.84 6.20
CA ALA A 38 -8.62 1.56 6.65
C ALA A 38 -7.71 0.98 7.72
N ASP A 39 -8.13 -0.15 8.30
CA ASP A 39 -7.35 -0.78 9.33
C ASP A 39 -6.46 -1.88 8.76
N SER A 40 -5.19 -1.91 9.17
CA SER A 40 -4.28 -2.94 8.69
C SER A 40 -3.48 -3.52 9.86
N GLU A 41 -3.06 -4.77 9.71
CA GLU A 41 -2.28 -5.45 10.74
C GLU A 41 -1.03 -6.04 10.11
N ILE A 42 0.08 -6.00 10.82
CA ILE A 42 1.31 -6.56 10.29
C ILE A 42 1.86 -7.61 11.23
N LEU A 43 2.28 -8.73 10.64
CA LEU A 43 2.83 -9.85 11.40
C LEU A 43 4.19 -10.24 10.89
N GLN A 44 5.16 -10.22 11.79
CA GLN A 44 6.53 -10.60 11.45
C GLN A 44 7.04 -11.64 12.44
N GLY A 45 7.04 -12.91 12.03
CA GLY A 45 7.49 -13.97 12.92
C GLY A 45 6.39 -14.34 13.89
N GLU A 46 6.71 -14.33 15.18
CA GLU A 46 5.73 -14.67 16.21
C GLU A 46 5.16 -13.39 16.83
N ARG A 47 5.45 -12.25 16.20
CA ARG A 47 5.00 -10.97 16.72
C ARG A 47 3.99 -10.31 15.80
N ARG A 48 2.92 -9.77 16.40
CA ARG A 48 1.87 -9.10 15.64
C ARG A 48 1.57 -7.73 16.24
N TRP A 49 1.14 -6.82 15.39
CA TRP A 49 0.83 -5.46 15.82
C TRP A 49 -0.29 -4.86 14.97
N GLU A 50 -0.98 -3.87 15.53
CA GLU A 50 -2.06 -3.21 14.81
C GLU A 50 -1.57 -1.89 14.23
N VAL A 51 -1.91 -1.61 12.98
CA VAL A 51 -1.48 -0.38 12.34
C VAL A 51 -2.53 0.15 11.37
N LEU A 52 -2.46 1.44 11.10
CA LEU A 52 -3.38 2.07 10.15
C LEU A 52 -2.71 2.16 8.79
N LEU A 53 -3.40 1.71 7.75
CA LEU A 53 -2.83 1.76 6.41
C LEU A 53 -3.26 3.04 5.71
N HIS A 54 -2.27 3.78 5.22
CA HIS A 54 -2.53 5.05 4.57
C HIS A 54 -2.71 4.89 3.06
N ASP A 55 -2.12 3.86 2.46
CA ASP A 55 -2.30 3.65 1.03
C ASP A 55 -1.67 2.35 0.56
N VAL A 56 -2.13 1.85 -0.58
CA VAL A 56 -1.62 0.60 -1.13
C VAL A 56 -1.53 0.67 -2.66
N SER A 57 -0.86 -0.33 -3.23
CA SER A 57 -0.70 -0.43 -4.68
C SER A 57 -0.80 -1.90 -5.06
N LEU A 58 -0.90 -2.21 -6.35
CA LEU A 58 -1.01 -3.60 -6.75
C LEU A 58 0.28 -4.36 -6.43
N HIS A 59 1.27 -3.67 -5.88
CA HIS A 59 2.54 -4.32 -5.55
C HIS A 59 3.33 -3.48 -4.53
N GLY A 60 2.63 -2.88 -3.57
CA GLY A 60 3.29 -2.07 -2.55
C GLY A 60 2.28 -1.58 -1.50
N ILE A 61 2.77 -1.30 -0.30
CA ILE A 61 1.88 -0.85 0.78
C ILE A 61 2.59 0.11 1.73
N LEU A 62 1.81 1.03 2.30
CA LEU A 62 2.32 2.02 3.25
C LEU A 62 1.55 1.89 4.56
N VAL A 63 2.25 2.02 5.67
CA VAL A 63 1.60 1.90 6.98
C VAL A 63 2.21 2.85 8.01
N GLY A 64 1.61 2.87 9.19
CA GLY A 64 2.10 3.72 10.29
C GLY A 64 2.95 2.88 11.25
N GLN A 65 3.99 3.47 11.85
CA GLN A 65 4.87 2.72 12.75
C GLN A 65 4.36 2.74 14.19
N PRO A 66 3.95 1.62 14.74
CA PRO A 66 3.46 1.58 16.14
C PRO A 66 4.63 1.42 17.12
N GLN A 67 4.36 1.71 18.39
CA GLN A 67 5.40 1.61 19.42
C GLN A 67 5.87 0.17 19.62
N ASP A 68 4.93 -0.77 19.60
CA ASP A 68 5.26 -2.18 19.81
C ASP A 68 6.00 -2.78 18.61
N TRP A 69 6.40 -1.93 17.67
CA TRP A 69 7.11 -2.40 16.48
C TRP A 69 8.44 -3.06 16.84
N ASN A 70 8.37 -4.21 17.50
CA ASN A 70 9.60 -4.93 17.85
C ASN A 70 9.92 -5.94 16.76
N GLY A 71 10.49 -5.46 15.66
CA GLY A 71 10.84 -6.34 14.54
C GLY A 71 12.15 -5.90 13.89
N ASP A 72 12.77 -6.84 13.18
CA ASP A 72 14.03 -6.56 12.50
C ASP A 72 13.77 -6.12 11.05
N PRO A 73 14.22 -4.94 10.67
CA PRO A 73 14.01 -4.40 9.30
C PRO A 73 14.65 -5.28 8.23
N GLN A 74 15.64 -6.07 8.65
CA GLN A 74 16.33 -6.93 7.71
C GLN A 74 15.50 -8.17 7.40
N ARG A 75 14.55 -8.48 8.27
CA ARG A 75 13.69 -9.66 8.06
C ARG A 75 12.36 -9.24 7.42
N PRO A 76 11.70 -10.15 6.76
CA PRO A 76 10.40 -9.86 6.07
C PRO A 76 9.25 -9.62 7.04
N PHE A 77 8.20 -8.99 6.51
CA PHE A 77 7.00 -8.68 7.28
C PHE A 77 5.77 -9.13 6.50
N GLU A 78 4.66 -9.39 7.19
CA GLU A 78 3.43 -9.80 6.49
C GLU A 78 2.32 -8.82 6.83
N ALA A 79 1.53 -8.42 5.84
CA ALA A 79 0.47 -7.44 6.07
C ALA A 79 -0.90 -8.02 5.75
N ARG A 80 -1.87 -7.71 6.62
CA ARG A 80 -3.23 -8.15 6.41
C ARG A 80 -4.13 -6.91 6.42
N LEU A 81 -4.95 -6.76 5.39
CA LEU A 81 -5.82 -5.60 5.30
C LEU A 81 -7.27 -5.98 5.56
N TYR A 82 -8.03 -5.06 6.13
CA TYR A 82 -9.43 -5.31 6.44
C TYR A 82 -10.30 -4.14 6.00
N LEU A 83 -11.14 -4.38 4.99
CA LEU A 83 -12.03 -3.36 4.47
C LEU A 83 -13.46 -3.66 4.92
N GLY A 84 -14.14 -4.53 4.18
CA GLY A 84 -15.50 -4.91 4.53
C GLY A 84 -15.46 -5.89 5.70
N LEU A 85 -16.62 -6.39 6.11
CA LEU A 85 -16.65 -7.32 7.22
C LEU A 85 -16.17 -8.71 6.78
N ASP A 86 -16.45 -9.06 5.52
CA ASP A 86 -16.05 -10.34 4.96
C ASP A 86 -14.84 -10.19 4.05
N VAL A 87 -14.23 -9.01 4.06
CA VAL A 87 -13.06 -8.77 3.19
C VAL A 87 -11.76 -8.85 3.98
N LEU A 88 -11.16 -10.04 3.96
CA LEU A 88 -9.89 -10.27 4.64
C LEU A 88 -8.81 -10.51 3.58
N ILE A 89 -7.81 -9.65 3.53
CA ILE A 89 -6.74 -9.78 2.54
C ILE A 89 -5.40 -10.06 3.20
N ARG A 90 -4.58 -10.88 2.53
CA ARG A 90 -3.26 -11.22 3.05
C ARG A 90 -2.17 -10.98 2.01
N MET A 91 -1.08 -10.35 2.44
CA MET A 91 0.04 -10.06 1.56
C MET A 91 1.35 -10.20 2.34
N GLU A 92 2.40 -10.62 1.64
CA GLU A 92 3.72 -10.76 2.27
C GLU A 92 4.63 -9.69 1.71
N ILE A 93 5.18 -8.84 2.58
CA ILE A 93 6.00 -7.73 2.10
C ILE A 93 7.32 -7.59 2.85
N SER A 94 8.22 -6.81 2.25
CA SER A 94 9.53 -6.54 2.84
C SER A 94 9.68 -5.04 3.07
N LEU A 95 10.45 -4.67 4.11
CA LEU A 95 10.65 -3.26 4.44
C LEU A 95 11.43 -2.56 3.33
N ALA A 96 10.85 -1.48 2.82
CA ALA A 96 11.49 -0.69 1.78
C ALA A 96 12.17 0.57 2.37
N TRP A 97 11.45 1.26 3.27
CA TRP A 97 11.98 2.48 3.90
C TRP A 97 11.15 2.86 5.12
N ALA A 98 11.63 3.86 5.88
CA ALA A 98 10.91 4.35 7.05
C ALA A 98 11.22 5.82 7.28
N ARG A 99 10.19 6.68 7.33
CA ARG A 99 10.44 8.11 7.54
C ARG A 99 9.25 8.81 8.24
N ASP A 100 9.57 9.59 9.27
CA ASP A 100 8.57 10.38 9.99
C ASP A 100 7.39 9.55 10.49
N GLY A 101 7.66 8.41 11.12
CA GLY A 101 6.57 7.59 11.66
C GLY A 101 5.77 6.90 10.56
N LEU A 102 6.31 6.93 9.34
CA LEU A 102 5.66 6.28 8.21
C LEU A 102 6.55 5.16 7.70
N LEU A 103 5.95 4.04 7.34
CA LEU A 103 6.72 2.90 6.86
C LEU A 103 6.20 2.40 5.53
N GLY A 104 7.11 2.13 4.61
CA GLY A 104 6.72 1.60 3.32
C GLY A 104 7.17 0.16 3.20
N PHE A 105 6.50 -0.58 2.35
CA PHE A 105 6.82 -1.97 2.15
C PHE A 105 6.62 -2.36 0.70
N GLU A 106 7.47 -3.24 0.19
CA GLU A 106 7.35 -3.67 -1.19
C GLU A 106 6.76 -5.09 -1.20
N CYS A 107 5.73 -5.28 -2.01
CA CYS A 107 5.05 -6.57 -2.07
C CYS A 107 5.92 -7.65 -2.71
N GLN A 108 6.20 -8.69 -1.92
CA GLN A 108 7.00 -9.82 -2.41
C GLN A 108 6.08 -10.90 -2.97
N HIS A 109 4.93 -11.07 -2.31
CA HIS A 109 3.97 -12.08 -2.74
C HIS A 109 2.61 -11.80 -2.09
N ILE A 110 1.55 -12.05 -2.84
CA ILE A 110 0.20 -11.83 -2.34
C ILE A 110 -0.75 -12.89 -2.92
N ASP A 111 -1.68 -13.34 -2.07
CA ASP A 111 -2.63 -14.38 -2.45
C ASP A 111 -3.47 -13.99 -3.68
N LEU A 112 -3.70 -14.98 -4.54
CA LEU A 112 -4.47 -14.77 -5.77
C LEU A 112 -5.84 -14.16 -5.44
N ASP A 113 -6.47 -14.65 -4.39
CA ASP A 113 -7.77 -14.12 -3.99
C ASP A 113 -7.62 -12.70 -3.48
N SER A 114 -6.51 -12.45 -2.77
CA SER A 114 -6.24 -11.13 -2.24
C SER A 114 -5.96 -10.15 -3.36
N ILE A 115 -5.27 -10.63 -4.39
CA ILE A 115 -4.95 -9.81 -5.54
C ILE A 115 -6.22 -9.27 -6.19
N SER A 116 -7.25 -10.11 -6.22
CA SER A 116 -8.49 -9.69 -6.85
C SER A 116 -9.20 -8.62 -6.02
N HIS A 117 -9.20 -8.77 -4.70
CA HIS A 117 -9.86 -7.77 -3.88
C HIS A 117 -9.17 -6.42 -4.08
N LEU A 118 -7.86 -6.44 -4.25
CA LEU A 118 -7.13 -5.20 -4.51
C LEU A 118 -7.54 -4.65 -5.87
N ARG A 119 -7.83 -5.53 -6.82
CA ARG A 119 -8.28 -5.08 -8.13
C ARG A 119 -9.63 -4.39 -7.97
N ARG A 120 -10.47 -4.99 -7.13
CA ARG A 120 -11.80 -4.44 -6.84
C ARG A 120 -11.67 -3.04 -6.25
N LEU A 121 -10.76 -2.89 -5.30
CA LEU A 121 -10.55 -1.61 -4.64
C LEU A 121 -10.07 -0.58 -5.66
N VAL A 122 -9.26 -1.04 -6.60
CA VAL A 122 -8.73 -0.15 -7.64
C VAL A 122 -9.85 0.29 -8.58
N GLU A 123 -10.65 -0.66 -9.02
CA GLU A 123 -11.76 -0.37 -9.94
C GLU A 123 -12.82 0.51 -9.27
N LEU A 124 -13.11 0.24 -8.01
CA LEU A 124 -14.13 1.01 -7.29
C LEU A 124 -13.60 2.38 -6.89
N ASN A 125 -12.36 2.42 -6.40
CA ASN A 125 -11.77 3.68 -5.98
C ASN A 125 -11.67 4.65 -7.16
N LEU A 126 -11.44 4.11 -8.35
CA LEU A 126 -11.33 4.95 -9.54
C LEU A 126 -12.62 5.73 -9.76
N GLY A 127 -13.75 5.07 -9.51
CA GLY A 127 -15.05 5.71 -9.68
C GLY A 127 -15.50 5.66 -11.14
N ASP A 128 -15.09 4.62 -11.84
CA ASP A 128 -15.46 4.47 -13.24
C ASP A 128 -15.17 3.04 -13.72
N GLU A 129 -15.34 2.81 -15.02
CA GLU A 129 -15.09 1.49 -15.58
C GLU A 129 -14.85 1.60 -17.09
N GLU A 130 -14.86 0.46 -17.77
CA GLU A 130 -14.64 0.44 -19.21
C GLU A 130 -13.30 1.09 -19.54
N LEU A 131 -12.28 0.77 -18.74
CA LEU A 131 -10.95 1.32 -18.95
C LEU A 131 -9.90 0.24 -18.69
N LEU A 132 -9.30 -0.26 -19.77
CA LEU A 132 -8.28 -1.30 -19.66
C LEU A 132 -6.94 -0.70 -19.24
N GLU A 133 -5.96 -0.75 -20.13
CA GLU A 133 -4.63 -0.21 -19.84
C GLU A 133 -4.54 1.25 -20.26
N ARG A 134 -3.62 1.55 -21.19
CA ARG A 134 -3.44 2.91 -21.66
C ARG A 134 -3.17 3.85 -20.48
N GLU A 135 -1.95 4.35 -20.40
CA GLU A 135 -1.58 5.26 -19.31
C GLU A 135 -1.69 6.71 -19.75
N LEU A 136 -1.42 6.95 -21.04
CA LEU A 136 -1.49 8.30 -21.59
C LEU A 136 -2.91 8.84 -21.57
N ALA A 137 -3.87 7.96 -21.87
CA ALA A 137 -5.28 8.33 -21.87
C ALA A 137 -5.80 8.63 -20.46
N LEU A 138 -5.15 8.05 -19.46
CA LEU A 138 -5.62 8.24 -18.08
C LEU A 138 -5.73 9.73 -17.74
N LEU A 139 -4.81 10.54 -18.23
CA LEU A 139 -4.85 11.97 -17.90
C LEU A 139 -6.20 12.56 -18.30
N VAL A 140 -6.94 11.83 -19.12
CA VAL A 140 -8.25 12.28 -19.57
C VAL A 140 -9.16 12.56 -18.38
N SER A 141 -8.63 12.35 -17.18
CA SER A 141 -9.38 12.58 -15.96
C SER A 141 -8.96 13.91 -15.33
N ALA A 142 -7.69 14.27 -15.49
CA ALA A 142 -7.17 15.51 -14.94
C ALA A 142 -5.81 15.82 -15.55
N HIS A 143 -5.75 16.88 -16.35
CA HIS A 143 -4.49 17.27 -16.98
C HIS A 143 -3.47 17.75 -15.94
N ASP A 144 -3.86 18.76 -15.16
CA ASP A 144 -2.97 19.31 -14.14
C ASP A 144 -1.64 19.75 -14.75
N ASP A 145 -1.50 19.53 -16.05
CA ASP A 145 -0.26 19.90 -16.74
C ASP A 145 0.16 21.31 -16.36
P1 C2E B . 12.74 1.90 -3.20
O2P C2E B . 13.88 0.99 -3.44
O1P C2E B . 12.37 2.27 -1.81
O5' C2E B . 11.45 1.29 -3.93
C5' C2E B . 10.26 1.02 -3.18
C4' C2E B . 9.22 0.24 -3.99
O4' C2E B . 8.44 -0.56 -3.10
C3' C2E B . 8.24 1.14 -4.77
O3' C2E B . 8.57 1.18 -6.18
C2' C2E B . 6.90 0.42 -4.60
O2' C2E B . 6.69 -0.55 -5.62
C1' C2E B . 7.05 -0.21 -3.23
N9 C2E B . 6.70 0.68 -2.12
C8 C2E B . 7.51 1.23 -1.16
N7 C2E B . 6.90 1.99 -0.29
C5 C2E B . 5.58 1.96 -0.70
C6 C2E B . 4.44 2.59 -0.16
O6 C2E B . 4.37 3.33 0.81
N1 C2E B . 3.28 2.30 -0.88
C2 C2E B . 3.24 1.48 -1.99
N2 C2E B . 2.04 1.29 -2.55
N3 C2E B . 4.32 0.88 -2.51
C4 C2E B . 5.44 1.16 -1.82
P11 C2E B . 10.04 0.85 -6.75
O21 C2E B . 10.48 -0.45 -6.19
O11 C2E B . 10.02 1.05 -8.22
O5A C2E B . 10.94 2.01 -6.10
C5A C2E B . 10.51 3.36 -6.14
C4A C2E B . 11.62 4.32 -5.69
O4A C2E B . 11.25 5.67 -5.94
C3A C2E B . 11.97 4.22 -4.21
O3A C2E B . 13.02 3.26 -4.02
C2A C2E B . 12.47 5.61 -3.91
O2A C2E B . 13.87 5.75 -4.23
C1A C2E B . 11.59 6.48 -4.80
N91 C2E B . 10.33 6.91 -4.18
C81 C2E B . 9.08 6.42 -4.38
N71 C2E B . 8.13 6.98 -3.70
C51 C2E B . 8.81 7.95 -2.97
C61 C2E B . 8.30 8.90 -2.03
O61 C2E B . 7.13 9.07 -1.68
N11 C2E B . 9.31 9.70 -1.52
C21 C2E B . 10.65 9.60 -1.85
N21 C2E B . 11.46 10.45 -1.24
N31 C2E B . 11.13 8.70 -2.73
C41 C2E B . 10.16 7.92 -3.24
H5'1 C2E B . 9.83 1.96 -2.85
H5'2 C2E B . 10.53 0.42 -2.29
H4' C2E B . 9.73 -0.43 -4.68
H3' C2E B . 8.20 2.13 -4.33
H2' C2E B . 6.10 1.16 -4.60
HO2' C2E B . 6.76 -0.11 -6.47
H1' C2E B . 6.43 -1.11 -3.17
H8 C2E B . 8.59 1.06 -1.14
HN1 C2E B . 2.43 2.71 -0.55
HN21 C2E B . 1.23 1.74 -2.14
HN22 C2E B . 1.94 0.69 -3.35
H511 C2E B . 9.65 3.49 -5.49
H512 C2E B . 10.22 3.62 -7.16
H4A C2E B . 12.53 4.11 -6.25
H3A C2E B . 11.11 4.01 -3.57
H2A C2E B . 12.29 5.86 -2.85
HO2A C2E B . 14.28 4.90 -4.08
H1A C2E B . 12.16 7.36 -5.13
H81 C2E B . 8.87 5.61 -5.10
HN11 C2E B . 9.02 10.39 -0.85
HN24 C2E B . 12.46 10.43 -1.45
HN23 C2E B . 11.10 11.13 -0.58
P1 C2E C . 2.99 11.15 0.80
O2P C2E C . 1.77 11.45 1.60
O1P C2E C . 2.86 10.35 -0.44
O5' C2E C . 4.06 10.43 1.76
C5' C2E C . 4.96 9.43 1.27
C4' C2E C . 6.17 9.31 2.21
O4' C2E C . 6.51 7.93 2.39
C3' C2E C . 7.42 10.05 1.73
O3' C2E C . 7.68 11.12 2.64
C2' C2E C . 8.55 9.04 1.80
O2' C2E C . 9.43 9.32 2.90
C1' C2E C . 7.85 7.71 1.96
N9 C2E C . 7.82 6.90 0.72
C8 C2E C . 6.77 6.62 -0.11
N7 C2E C . 7.08 5.82 -1.10
C5 C2E C . 8.43 5.56 -0.90
C6 C2E C . 9.32 4.75 -1.65
O6 C2E C . 9.09 4.09 -2.67
N1 C2E C . 10.60 4.75 -1.10
C2 C2E C . 10.98 5.46 0.02
N2 C2E C . 12.25 5.33 0.40
N3 C2E C . 10.14 6.22 0.73
C4 C2E C . 8.89 6.22 0.21
P11 C2E C . 7.93 12.61 2.10
O21 C2E C . 7.89 13.53 3.25
O11 C2E C . 9.13 12.59 1.21
O5A C2E C . 6.63 12.88 1.18
C5A C2E C . 6.66 13.88 0.18
C4A C2E C . 5.39 13.89 -0.67
O4A C2E C . 5.75 14.11 -2.05
C3A C2E C . 4.62 12.59 -0.66
O3A C2E C . 3.71 12.54 0.44
C2A C2E C . 3.85 12.68 -1.97
O2A C2E C . 2.69 13.50 -1.85
C1A C2E C . 4.90 13.30 -2.88
N91 C2E C . 5.73 12.28 -3.53
C81 C2E C . 7.03 11.95 -3.31
N71 C2E C . 7.46 10.92 -3.97
C51 C2E C . 6.34 10.52 -4.69
C61 C2E C . 6.17 9.44 -5.59
O61 C2E C . 6.99 8.59 -5.91
N11 C2E C . 4.89 9.40 -6.11
C21 C2E C . 3.88 10.28 -5.80
N21 C2E C . 2.70 10.06 -6.38
N31 C2E C . 4.03 11.29 -4.93
C41 C2E C . 5.28 11.35 -4.43
H5'1 C2E C . 5.29 9.68 0.28
H5'2 C2E C . 4.43 8.46 1.24
H4' C2E C . 5.87 9.73 3.16
H3' C2E C . 7.30 10.45 0.71
H2' C2E C . 9.11 9.04 0.85
HO2' C2E C . 10.13 8.66 2.87
H1' C2E C . 8.38 7.10 2.69
H8 C2E C . 5.75 6.95 0.08
HN1 C2E C . 11.29 4.19 -1.57
HN21 C2E C . 12.88 4.76 -0.15
HN22 C2E C . 12.58 5.82 1.21
H511 C2E C . 7.53 13.71 -0.47
H512 C2E C . 6.78 14.87 0.65
H4A C2E C . 4.75 14.71 -0.36
H3A C2E C . 5.29 11.74 -0.66
H2A C2E C . 3.59 11.67 -2.32
HO2A C2E C . 2.61 13.99 -2.67
H1A C2E C . 4.42 13.91 -3.65
H81 C2E C . 7.67 12.52 -2.62
HN11 C2E C . 4.70 8.67 -6.77
HN24 C2E C . 2.59 9.29 -7.03
HN23 C2E C . 1.92 10.68 -6.19
N MET A 21 1.80 24.92 -10.07
CA MET A 21 1.50 24.41 -8.70
C MET A 21 2.59 23.44 -8.27
N SER A 22 2.63 23.13 -6.97
CA SER A 22 3.62 22.21 -6.45
C SER A 22 3.20 20.76 -6.74
N ASP A 23 2.57 20.55 -7.89
CA ASP A 23 2.14 19.22 -8.28
C ASP A 23 3.29 18.42 -8.85
N GLN A 24 4.51 18.83 -8.52
CA GLN A 24 5.71 18.16 -8.99
C GLN A 24 6.40 17.46 -7.83
N HIS A 25 5.97 17.79 -6.61
CA HIS A 25 6.54 17.20 -5.39
C HIS A 25 7.37 15.96 -5.70
N ASP A 26 8.55 16.18 -6.26
CA ASP A 26 9.47 15.08 -6.60
C ASP A 26 8.74 13.75 -6.71
N GLU A 27 8.29 13.41 -7.91
CA GLU A 27 7.57 12.16 -8.12
C GLU A 27 8.53 11.07 -8.61
N ARG A 28 8.56 9.95 -7.89
CA ARG A 28 9.46 8.85 -8.24
C ARG A 28 8.71 7.54 -8.43
N ARG A 29 7.40 7.54 -8.15
CA ARG A 29 6.60 6.32 -8.31
C ARG A 29 5.61 6.48 -9.45
N ARG A 30 6.11 6.21 -10.65
CA ARG A 30 5.30 6.32 -11.88
C ARG A 30 4.04 7.16 -11.66
N PHE A 31 2.94 6.51 -11.28
CA PHE A 31 1.68 7.22 -11.05
C PHE A 31 1.27 7.12 -9.59
N HIS A 32 0.27 7.89 -9.20
CA HIS A 32 -0.21 7.88 -7.82
C HIS A 32 -0.77 6.52 -7.45
N ARG A 33 -0.54 6.09 -6.22
CA ARG A 33 -1.03 4.79 -5.76
C ARG A 33 -2.45 4.93 -5.24
N ILE A 34 -3.13 3.80 -5.09
CA ILE A 34 -4.50 3.81 -4.59
C ILE A 34 -4.52 4.12 -3.10
N ALA A 35 -4.75 5.39 -2.77
CA ALA A 35 -4.77 5.80 -1.38
C ALA A 35 -6.18 5.81 -0.82
N PHE A 36 -6.37 5.01 0.23
CA PHE A 36 -7.64 4.92 0.91
C PHE A 36 -7.37 4.58 2.37
N ASP A 37 -8.29 4.93 3.26
CA ASP A 37 -8.08 4.65 4.68
C ASP A 37 -8.74 3.35 5.08
N ALA A 38 -8.12 2.65 6.04
CA ALA A 38 -8.66 1.39 6.52
C ALA A 38 -7.75 0.81 7.60
N ASP A 39 -8.15 -0.31 8.17
CA ASP A 39 -7.36 -0.94 9.22
C ASP A 39 -6.46 -2.03 8.65
N SER A 40 -5.21 -2.03 9.06
CA SER A 40 -4.27 -3.05 8.60
C SER A 40 -3.47 -3.61 9.77
N GLU A 41 -3.02 -4.85 9.63
CA GLU A 41 -2.23 -5.49 10.67
C GLU A 41 -0.98 -6.06 10.06
N ILE A 42 0.07 -6.24 10.87
CA ILE A 42 1.31 -6.78 10.34
C ILE A 42 1.92 -7.79 11.31
N LEU A 43 2.39 -8.91 10.75
CA LEU A 43 2.98 -9.97 11.54
C LEU A 43 4.38 -10.32 11.05
N GLN A 44 5.31 -10.32 11.98
CA GLN A 44 6.69 -10.66 11.67
C GLN A 44 7.21 -11.67 12.68
N GLY A 45 7.26 -12.94 12.30
CA GLY A 45 7.73 -13.97 13.21
C GLY A 45 6.61 -14.37 14.15
N GLU A 46 6.88 -14.33 15.45
CA GLU A 46 5.89 -14.68 16.46
C GLU A 46 5.28 -13.41 17.06
N ARG A 47 5.52 -12.28 16.40
CA ARG A 47 5.02 -11.00 16.88
C ARG A 47 3.99 -10.38 15.94
N ARG A 48 2.92 -9.85 16.53
CA ARG A 48 1.86 -9.22 15.75
C ARG A 48 1.55 -7.84 16.32
N TRP A 49 1.15 -6.92 15.45
CA TRP A 49 0.83 -5.56 15.85
C TRP A 49 -0.28 -4.99 14.98
N GLU A 50 -0.99 -4.01 15.51
CA GLU A 50 -2.07 -3.36 14.77
C GLU A 50 -1.57 -2.05 14.19
N VAL A 51 -1.95 -1.75 12.95
CA VAL A 51 -1.51 -0.51 12.31
C VAL A 51 -2.56 0.02 11.35
N LEU A 52 -2.49 1.32 11.07
CA LEU A 52 -3.41 1.96 10.14
C LEU A 52 -2.72 2.07 8.78
N LEU A 53 -3.40 1.64 7.73
CA LEU A 53 -2.81 1.71 6.40
C LEU A 53 -3.22 3.02 5.73
N HIS A 54 -2.21 3.76 5.28
CA HIS A 54 -2.44 5.04 4.65
C HIS A 54 -2.62 4.90 3.14
N ASP A 55 -2.01 3.89 2.53
CA ASP A 55 -2.21 3.71 1.08
C ASP A 55 -1.59 2.40 0.61
N VAL A 56 -2.01 1.95 -0.58
CA VAL A 56 -1.52 0.69 -1.14
C VAL A 56 -1.43 0.77 -2.65
N SER A 57 -0.79 -0.24 -3.24
CA SER A 57 -0.62 -0.34 -4.68
C SER A 57 -0.75 -1.82 -5.04
N LEU A 58 -0.87 -2.13 -6.33
CA LEU A 58 -1.01 -3.52 -6.72
C LEU A 58 0.25 -4.30 -6.38
N HIS A 59 1.24 -3.63 -5.80
CA HIS A 59 2.49 -4.30 -5.43
C HIS A 59 3.29 -3.47 -4.42
N GLY A 60 2.61 -2.91 -3.43
CA GLY A 60 3.28 -2.10 -2.41
C GLY A 60 2.29 -1.56 -1.39
N ILE A 61 2.77 -1.24 -0.19
CA ILE A 61 1.89 -0.74 0.88
C ILE A 61 2.63 0.24 1.80
N LEU A 62 1.87 1.20 2.33
CA LEU A 62 2.41 2.20 3.25
C LEU A 62 1.63 2.11 4.57
N VAL A 63 2.34 2.09 5.69
CA VAL A 63 1.67 1.99 6.98
C VAL A 63 2.26 2.94 8.02
N GLY A 64 1.63 2.97 9.19
CA GLY A 64 2.11 3.80 10.30
C GLY A 64 2.91 2.94 11.27
N GLN A 65 3.96 3.49 11.88
CA GLN A 65 4.79 2.70 12.79
C GLN A 65 4.24 2.72 14.22
N PRO A 66 3.86 1.60 14.78
CA PRO A 66 3.34 1.55 16.17
C PRO A 66 4.48 1.41 17.18
N GLN A 67 4.20 1.76 18.44
CA GLN A 67 5.20 1.71 19.50
C GLN A 67 5.65 0.27 19.79
N ASP A 68 4.80 -0.70 19.49
CA ASP A 68 5.13 -2.10 19.75
C ASP A 68 5.90 -2.73 18.59
N TRP A 69 6.30 -1.90 17.63
CA TRP A 69 7.03 -2.39 16.46
C TRP A 69 8.35 -3.07 16.85
N ASN A 70 8.27 -4.20 17.53
CA ASN A 70 9.49 -4.92 17.89
C ASN A 70 9.80 -5.95 16.82
N GLY A 71 10.37 -5.50 15.71
CA GLY A 71 10.69 -6.40 14.60
C GLY A 71 11.96 -5.97 13.88
N ASP A 72 12.71 -6.96 13.40
CA ASP A 72 13.96 -6.70 12.69
C ASP A 72 13.68 -6.26 11.24
N PRO A 73 14.16 -5.09 10.86
CA PRO A 73 13.94 -4.55 9.49
C PRO A 73 14.56 -5.43 8.42
N GLN A 74 15.54 -6.23 8.81
CA GLN A 74 16.22 -7.09 7.86
C GLN A 74 15.37 -8.33 7.53
N ARG A 75 14.47 -8.70 8.44
CA ARG A 75 13.61 -9.86 8.21
C ARG A 75 12.29 -9.43 7.56
N PRO A 76 11.65 -10.34 6.87
CA PRO A 76 10.36 -10.05 6.16
C PRO A 76 9.20 -9.80 7.11
N PHE A 77 8.15 -9.18 6.60
CA PHE A 77 6.95 -8.87 7.37
C PHE A 77 5.71 -9.32 6.60
N GLU A 78 4.60 -9.56 7.29
CA GLU A 78 3.36 -9.96 6.60
C GLU A 78 2.26 -8.96 6.95
N ALA A 79 1.44 -8.59 5.97
CA ALA A 79 0.38 -7.60 6.19
C ALA A 79 -0.99 -8.12 5.80
N ARG A 80 -1.99 -7.75 6.59
CA ARG A 80 -3.38 -8.11 6.33
C ARG A 80 -4.22 -6.84 6.29
N LEU A 81 -4.99 -6.66 5.23
CA LEU A 81 -5.82 -5.47 5.10
C LEU A 81 -7.29 -5.83 5.27
N TYR A 82 -7.98 -5.10 6.15
CA TYR A 82 -9.39 -5.35 6.41
C TYR A 82 -10.25 -4.22 5.87
N LEU A 83 -11.00 -4.50 4.79
CA LEU A 83 -11.87 -3.51 4.18
C LEU A 83 -13.32 -3.81 4.56
N GLY A 84 -13.96 -4.70 3.81
CA GLY A 84 -15.33 -5.07 4.09
C GLY A 84 -15.37 -6.03 5.29
N LEU A 85 -16.55 -6.42 5.72
CA LEU A 85 -16.64 -7.32 6.86
C LEU A 85 -16.18 -8.72 6.45
N ASP A 86 -16.53 -9.11 5.22
CA ASP A 86 -16.16 -10.40 4.67
C ASP A 86 -14.92 -10.30 3.77
N VAL A 87 -14.28 -9.13 3.79
CA VAL A 87 -13.10 -8.92 2.95
C VAL A 87 -11.81 -8.93 3.77
N LEU A 88 -11.17 -10.09 3.80
CA LEU A 88 -9.91 -10.24 4.51
C LEU A 88 -8.83 -10.52 3.48
N ILE A 89 -7.84 -9.63 3.39
CA ILE A 89 -6.76 -9.78 2.43
C ILE A 89 -5.44 -10.04 3.13
N ARG A 90 -4.60 -10.87 2.49
CA ARG A 90 -3.29 -11.21 3.05
C ARG A 90 -2.19 -10.98 2.02
N MET A 91 -1.14 -10.27 2.44
CA MET A 91 -0.01 -9.97 1.56
C MET A 91 1.30 -10.10 2.33
N GLU A 92 2.36 -10.50 1.64
CA GLU A 92 3.67 -10.62 2.27
C GLU A 92 4.50 -9.43 1.82
N ILE A 93 5.07 -8.68 2.76
CA ILE A 93 5.83 -7.50 2.37
C ILE A 93 7.16 -7.38 3.11
N SER A 94 8.08 -6.63 2.51
CA SER A 94 9.40 -6.39 3.10
C SER A 94 9.62 -4.89 3.27
N LEU A 95 10.47 -4.53 4.22
CA LEU A 95 10.77 -3.11 4.48
C LEU A 95 11.50 -2.49 3.28
N ALA A 96 10.88 -1.46 2.71
CA ALA A 96 11.48 -0.73 1.59
C ALA A 96 12.19 0.53 2.08
N TRP A 97 11.53 1.22 3.02
CA TRP A 97 12.08 2.45 3.59
C TRP A 97 11.25 2.89 4.80
N ALA A 98 11.74 3.86 5.56
CA ALA A 98 11.02 4.37 6.71
C ALA A 98 11.33 5.86 6.93
N ARG A 99 10.30 6.71 6.95
CA ARG A 99 10.54 8.13 7.15
C ARG A 99 9.36 8.86 7.80
N ASP A 100 9.67 9.69 8.81
CA ASP A 100 8.65 10.50 9.47
C ASP A 100 7.50 9.70 10.06
N GLY A 101 7.79 8.64 10.79
CA GLY A 101 6.73 7.87 11.43
C GLY A 101 6.08 6.84 10.50
N LEU A 102 6.07 7.11 9.20
CA LEU A 102 5.46 6.18 8.26
C LEU A 102 6.48 5.15 7.79
N LEU A 103 5.98 4.02 7.32
CA LEU A 103 6.86 2.95 6.85
C LEU A 103 6.44 2.47 5.47
N GLY A 104 7.41 2.28 4.58
CA GLY A 104 7.10 1.80 3.25
C GLY A 104 7.29 0.29 3.19
N PHE A 105 6.55 -0.35 2.30
CA PHE A 105 6.64 -1.79 2.17
C PHE A 105 6.45 -2.20 0.72
N GLU A 106 7.32 -3.07 0.23
CA GLU A 106 7.20 -3.55 -1.14
C GLU A 106 6.64 -4.97 -1.12
N CYS A 107 5.56 -5.19 -1.86
CA CYS A 107 4.92 -6.50 -1.88
C CYS A 107 5.78 -7.55 -2.56
N GLN A 108 6.09 -8.61 -1.84
CA GLN A 108 6.90 -9.70 -2.37
C GLN A 108 6.00 -10.82 -2.90
N HIS A 109 4.86 -11.01 -2.24
CA HIS A 109 3.92 -12.04 -2.67
C HIS A 109 2.54 -11.77 -2.07
N ILE A 110 1.51 -12.02 -2.85
CA ILE A 110 0.14 -11.78 -2.41
C ILE A 110 -0.78 -12.86 -2.96
N ASP A 111 -1.71 -13.32 -2.11
CA ASP A 111 -2.64 -14.38 -2.49
C ASP A 111 -3.43 -14.03 -3.74
N LEU A 112 -3.66 -15.04 -4.57
CA LEU A 112 -4.41 -14.85 -5.82
C LEU A 112 -5.76 -14.20 -5.54
N ASP A 113 -6.42 -14.64 -4.49
CA ASP A 113 -7.71 -14.09 -4.11
C ASP A 113 -7.53 -12.64 -3.66
N SER A 114 -6.44 -12.42 -2.93
CA SER A 114 -6.13 -11.08 -2.43
C SER A 114 -5.82 -10.15 -3.59
N ILE A 115 -5.15 -10.69 -4.60
CA ILE A 115 -4.79 -9.91 -5.77
C ILE A 115 -6.04 -9.34 -6.43
N SER A 116 -7.10 -10.13 -6.45
CA SER A 116 -8.34 -9.69 -7.07
C SER A 116 -9.01 -8.60 -6.24
N HIS A 117 -9.02 -8.75 -4.93
CA HIS A 117 -9.66 -7.73 -4.10
C HIS A 117 -8.92 -6.41 -4.29
N LEU A 118 -7.61 -6.48 -4.48
CA LEU A 118 -6.82 -5.28 -4.72
C LEU A 118 -7.20 -4.70 -6.09
N ARG A 119 -7.51 -5.56 -7.05
CA ARG A 119 -7.92 -5.09 -8.37
C ARG A 119 -9.22 -4.29 -8.24
N ARG A 120 -10.11 -4.77 -7.39
CA ARG A 120 -11.40 -4.11 -7.15
C ARG A 120 -11.18 -2.68 -6.68
N LEU A 121 -10.16 -2.48 -5.85
CA LEU A 121 -9.88 -1.14 -5.33
C LEU A 121 -9.35 -0.25 -6.45
N VAL A 122 -8.57 -0.82 -7.35
CA VAL A 122 -8.01 -0.07 -8.46
C VAL A 122 -9.11 0.35 -9.44
N GLU A 123 -10.05 -0.56 -9.70
CA GLU A 123 -11.13 -0.28 -10.63
C GLU A 123 -12.04 0.84 -10.11
N LEU A 124 -12.44 0.73 -8.85
CA LEU A 124 -13.32 1.74 -8.25
C LEU A 124 -12.59 3.07 -8.07
N ASN A 125 -11.36 3.02 -7.59
CA ASN A 125 -10.59 4.24 -7.39
C ASN A 125 -10.38 4.98 -8.71
N LEU A 126 -10.38 4.23 -9.80
CA LEU A 126 -10.19 4.84 -11.11
C LEU A 126 -11.23 5.94 -11.34
N GLY A 127 -12.31 5.90 -10.56
CA GLY A 127 -13.36 6.90 -10.67
C GLY A 127 -13.74 7.44 -9.30
N ASP A 128 -14.57 8.49 -9.29
CA ASP A 128 -15.01 9.09 -8.03
C ASP A 128 -16.51 9.37 -8.06
N GLU A 129 -16.96 10.10 -9.07
CA GLU A 129 -18.38 10.42 -9.20
C GLU A 129 -18.68 11.04 -10.56
N GLU A 130 -17.74 11.82 -11.08
CA GLU A 130 -17.93 12.46 -12.38
C GLU A 130 -16.61 12.53 -13.14
N LEU A 131 -16.33 13.68 -13.76
CA LEU A 131 -15.10 13.86 -14.52
C LEU A 131 -14.04 14.56 -13.69
N LEU A 132 -13.95 15.89 -13.84
CA LEU A 132 -12.97 16.66 -13.09
C LEU A 132 -11.56 16.33 -13.56
N GLU A 133 -10.76 17.35 -13.84
CA GLU A 133 -9.38 17.14 -14.29
C GLU A 133 -8.55 16.50 -13.18
N ARG A 134 -7.97 15.34 -13.50
CA ARG A 134 -7.15 14.63 -12.52
C ARG A 134 -6.50 13.40 -13.17
N GLU A 135 -5.97 13.59 -14.37
CA GLU A 135 -5.33 12.50 -15.10
C GLU A 135 -4.22 13.02 -16.00
N LEU A 136 -4.58 13.95 -16.88
CA LEU A 136 -3.59 14.53 -17.80
C LEU A 136 -2.56 15.35 -17.04
N ALA A 137 -3.00 16.05 -16.00
CA ALA A 137 -2.08 16.88 -15.23
C ALA A 137 -1.02 16.02 -14.55
N LEU A 138 -1.35 14.75 -14.37
CA LEU A 138 -0.42 13.80 -13.76
C LEU A 138 0.86 13.79 -14.60
N LEU A 139 0.66 13.94 -15.91
CA LEU A 139 1.79 13.97 -16.83
C LEU A 139 2.71 15.12 -16.42
N VAL A 140 2.13 16.29 -16.20
CA VAL A 140 2.88 17.46 -15.77
C VAL A 140 3.57 17.17 -14.44
N SER A 141 3.36 15.97 -13.91
CA SER A 141 4.03 15.56 -12.68
C SER A 141 5.04 14.47 -12.99
N ALA A 142 4.62 13.55 -13.87
CA ALA A 142 5.46 12.43 -14.29
C ALA A 142 5.49 12.37 -15.82
N HIS A 143 6.37 13.15 -16.43
CA HIS A 143 6.45 13.17 -17.88
C HIS A 143 7.33 12.02 -18.41
N ASP A 144 7.83 12.17 -19.63
CA ASP A 144 8.67 11.17 -20.26
C ASP A 144 8.65 11.36 -21.77
N ASP A 145 7.51 11.82 -22.28
CA ASP A 145 7.37 12.06 -23.72
C ASP A 145 7.84 13.46 -24.08
P1 C2E B . 12.63 1.86 -3.41
O2P C2E B . 13.79 0.96 -3.61
O1P C2E B . 12.24 2.27 -2.03
O5' C2E B . 11.33 1.19 -4.11
C5' C2E B . 10.14 0.99 -3.37
C4' C2E B . 9.08 0.19 -4.14
O4' C2E B . 8.34 -0.60 -3.19
C3' C2E B . 8.06 1.05 -4.90
O3' C2E B . 8.33 1.08 -6.32
C2' C2E B . 6.75 0.31 -4.67
O2' C2E B . 6.55 -0.72 -5.63
C1' C2E B . 6.96 -0.26 -3.28
N9 C2E B . 6.65 0.71 -2.20
C8 C2E B . 7.50 1.33 -1.32
N7 C2E B . 6.94 2.18 -0.52
C5 C2E B . 5.60 2.13 -0.89
C6 C2E B . 4.49 2.85 -0.38
O6 C2E B . 4.48 3.70 0.51
N1 C2E B . 3.31 2.50 -1.03
C2 C2E B . 3.22 1.59 -2.04
N2 C2E B . 2.00 1.35 -2.53
N3 C2E B . 4.26 0.91 -2.54
C4 C2E B . 5.42 1.23 -1.92
P11 C2E B . 9.78 0.73 -6.93
O21 C2E B . 10.21 -0.58 -6.40
O11 C2E B . 9.71 0.94 -8.40
O5A C2E B . 10.71 1.88 -6.31
C5A C2E B . 10.31 3.24 -6.38
C4A C2E B . 11.45 4.16 -5.97
O4A C2E B . 11.13 5.52 -6.30
C3A C2E B . 11.80 4.12 -4.49
O3A C2E B . 12.87 3.19 -4.27
C2A C2E B . 12.29 5.53 -4.22
O2A C2E B . 13.69 5.65 -4.52
C1A C2E B . 11.44 6.35 -5.17
N91 C2E B . 10.15 6.82 -4.62
C81 C2E B . 8.89 6.43 -4.97
N71 C2E B . 7.93 7.05 -4.35
C51 C2E B . 8.61 7.93 -3.51
C61 C2E B . 8.12 8.88 -2.58
O61 C2E B . 6.95 9.14 -2.31
N11 C2E B . 9.14 9.55 -1.94
C21 C2E B . 10.49 9.35 -2.16
N21 C2E B . 11.33 10.09 -1.44
N31 C2E B . 10.97 8.46 -3.03
C41 C2E B . 9.98 7.79 -3.67
H5'1 C2E B . 9.73 1.96 -3.10
H5'2 C2E B . 10.39 0.45 -2.45
H4' C2E B . 9.58 -0.49 -4.82
H3' C2E B . 8.00 2.05 -4.47
H2' C2E B . 5.91 1.02 -4.67
HO2' C2E B . 5.76 -1.21 -5.38
H1' C2E B . 6.34 -1.15 -3.15
H8 C2E B . 8.57 1.12 -1.30
HN1 C2E B . 2.48 2.97 -0.71
HN21 C2E B . 1.21 1.86 -2.16
HN22 C2E B . 1.86 0.67 -3.25
H511 C2E B . 9.47 3.40 -5.71
H512 C2E B . 10.01 3.48 -7.39
H4A C2E B . 12.36 3.89 -6.51
H3A C2E B . 10.95 3.92 -3.83
H2A C2E B . 12.10 5.80 -3.17
HO2A C2E B . 13.85 6.58 -4.72
H1A C2E B . 12.02 7.22 -5.51
H81 C2E B . 8.69 5.63 -5.68
HN11 C2E B . 8.86 10.26 -1.27
HN24 C2E B . 12.32 9.98 -1.55
HN23 C2E B . 10.96 10.76 -0.78
P1 C2E C . 2.94 11.96 1.30
O2P C2E C . 2.80 12.47 2.68
O1P C2E C . 1.90 11.10 0.71
O5' C2E C . 4.36 11.18 1.19
C5' C2E C . 4.68 10.14 2.12
C4' C2E C . 6.19 10.06 2.38
O4' C2E C . 6.59 8.69 2.56
C3' C2E C . 7.02 10.60 1.23
O3' C2E C . 7.21 12.01 1.36
C2' C2E C . 8.33 9.86 1.45
O2' C2E C . 9.12 10.49 2.48
C1' C2E C . 7.85 8.49 1.90
N9 C2E C . 7.62 7.55 0.78
C8 C2E C . 6.46 7.25 0.11
N7 C2E C . 6.59 6.35 -0.82
C5 C2E C . 7.93 6.01 -0.76
C6 C2E C . 8.66 5.07 -1.54
O6 C2E C . 8.26 4.34 -2.43
N1 C2E C . 9.99 5.03 -1.16
C2 C2E C . 10.56 5.79 -0.16
N2 C2E C . 11.87 5.60 0.04
N3 C2E C . 9.89 6.68 0.57
C4 C2E C . 8.58 6.74 0.21
P11 C2E C . 8.13 12.82 0.34
O21 C2E C . 8.79 13.92 1.08
O11 C2E C . 8.95 11.86 -0.42
O5A C2E C . 7.05 13.47 -0.67
C5A C2E C . 6.14 14.47 -0.21
C4A C2E C . 4.82 14.44 -0.97
O4A C2E C . 5.06 14.60 -2.37
C3A C2E C . 4.05 13.14 -0.81
O3A C2E C . 3.17 13.23 0.32
C2A C2E C . 3.23 13.09 -2.09
O2A C2E C . 2.00 13.81 -1.96
C1A C2E C . 4.16 13.75 -3.10
N91 C2E C . 4.97 12.79 -3.87
C81 C2E C . 6.32 12.60 -3.90
N71 C2E C . 6.73 11.73 -4.75
C51 C2E C . 5.55 11.29 -5.36
C61 C2E C . 5.35 10.33 -6.37
O61 C2E C . 6.20 9.68 -6.98
N11 C2E C . 4.01 10.17 -6.69
C21 C2E C . 2.98 10.86 -6.09
N21 C2E C . 1.75 10.59 -6.52
N31 C2E C . 3.17 11.77 -5.12
C41 C2E C . 4.47 11.92 -4.81
H5'1 C2E C . 4.34 9.19 1.73
H5'2 C2E C . 4.17 10.34 3.07
H4' C2E C . 6.43 10.61 3.28
H3' C2E C . 6.57 10.31 0.28
H2' C2E C . 8.89 9.78 0.53
HO2' C2E C . 9.48 9.80 3.02
H1' C2E C . 8.57 8.06 2.57
H8 C2E C . 5.49 7.68 0.36
HN1 C2E C . 10.58 4.36 -1.66
HN21 C2E C . 12.38 4.92 -0.51
HN22 C2E C . 12.35 6.12 0.76
H511 C2E C . 6.61 15.46 -0.34
H512 C2E C . 5.95 14.31 0.85
H4A C2E C . 4.21 15.27 -0.64
H3A C2E C . 4.71 12.28 -0.73
H2A C2E C . 3.05 12.05 -2.38
HO2A C2E C . 1.30 13.24 -2.32
H1A C2E C . 3.57 14.32 -3.82
H81 C2E C . 6.99 13.14 -3.22
HN11 C2E C . 3.80 9.51 -7.41
HN24 C2E C . 1.61 9.89 -7.24
HN23 C2E C . 0.96 11.06 -6.11
N MET A 21 3.98 24.30 -2.52
CA MET A 21 4.54 22.92 -2.66
C MET A 21 6.06 22.99 -2.65
N SER A 22 6.68 22.22 -3.54
CA SER A 22 8.14 22.20 -3.62
C SER A 22 8.60 21.58 -4.93
N ASP A 23 9.84 21.85 -5.32
CA ASP A 23 10.39 21.30 -6.55
C ASP A 23 11.25 20.07 -6.22
N GLN A 24 11.01 19.49 -5.05
CA GLN A 24 11.72 18.29 -4.63
C GLN A 24 10.76 17.11 -4.52
N HIS A 25 9.46 17.42 -4.49
CA HIS A 25 8.44 16.38 -4.41
C HIS A 25 8.30 15.68 -5.76
N ASP A 26 9.38 15.62 -6.51
CA ASP A 26 9.36 14.97 -7.81
C ASP A 26 8.73 13.59 -7.69
N GLU A 27 8.26 13.03 -8.80
CA GLU A 27 7.64 11.72 -8.78
C GLU A 27 8.65 10.65 -9.19
N ARG A 28 8.69 9.56 -8.41
CA ARG A 28 9.62 8.47 -8.66
C ARG A 28 8.88 7.14 -8.78
N ARG A 29 7.62 7.13 -8.36
CA ARG A 29 6.79 5.92 -8.44
C ARG A 29 5.78 6.03 -9.57
N ARG A 30 6.17 5.52 -10.73
CA ARG A 30 5.34 5.54 -11.93
C ARG A 30 4.17 6.54 -11.79
N PHE A 31 3.04 6.06 -11.27
CA PHE A 31 1.86 6.91 -11.10
C PHE A 31 1.39 6.90 -9.64
N HIS A 32 0.44 7.78 -9.33
CA HIS A 32 -0.10 7.87 -7.98
C HIS A 32 -0.82 6.58 -7.60
N ARG A 33 -0.53 6.08 -6.40
CA ARG A 33 -1.16 4.85 -5.94
C ARG A 33 -2.55 5.14 -5.38
N ILE A 34 -3.21 4.11 -4.87
CA ILE A 34 -4.55 4.27 -4.32
C ILE A 34 -4.49 4.55 -2.82
N ALA A 35 -4.73 5.81 -2.46
CA ALA A 35 -4.72 6.19 -1.06
C ALA A 35 -6.13 6.17 -0.49
N PHE A 36 -6.32 5.35 0.53
CA PHE A 36 -7.60 5.25 1.22
C PHE A 36 -7.34 4.88 2.66
N ASP A 37 -8.28 5.17 3.55
CA ASP A 37 -8.09 4.85 4.96
C ASP A 37 -8.74 3.51 5.29
N ALA A 38 -8.09 2.75 6.17
CA ALA A 38 -8.61 1.46 6.60
C ALA A 38 -7.71 0.87 7.68
N ASP A 39 -8.11 -0.26 8.23
CA ASP A 39 -7.32 -0.90 9.28
C ASP A 39 -6.42 -1.99 8.70
N SER A 40 -5.15 -1.99 9.11
CA SER A 40 -4.21 -3.00 8.65
C SER A 40 -3.43 -3.56 9.82
N GLU A 41 -2.99 -4.81 9.69
CA GLU A 41 -2.22 -5.47 10.74
C GLU A 41 -0.98 -6.10 10.14
N ILE A 42 0.14 -5.95 10.81
CA ILE A 42 1.38 -6.52 10.30
C ILE A 42 1.92 -7.56 11.27
N LEU A 43 2.35 -8.69 10.72
CA LEU A 43 2.87 -9.79 11.51
C LEU A 43 4.20 -10.28 10.95
N GLN A 44 5.20 -10.24 11.79
CA GLN A 44 6.53 -10.69 11.41
C GLN A 44 7.02 -11.75 12.38
N GLY A 45 6.94 -13.01 11.97
CA GLY A 45 7.37 -14.11 12.83
C GLY A 45 6.25 -14.48 13.79
N GLU A 46 6.55 -14.44 15.08
CA GLU A 46 5.56 -14.76 16.11
C GLU A 46 5.02 -13.48 16.73
N ARG A 47 5.34 -12.35 16.11
CA ARG A 47 4.91 -11.04 16.62
C ARG A 47 3.90 -10.36 15.71
N ARG A 48 2.84 -9.86 16.30
CA ARG A 48 1.79 -9.16 15.55
C ARG A 48 1.50 -7.80 16.17
N TRP A 49 1.04 -6.89 15.35
CA TRP A 49 0.75 -5.53 15.78
C TRP A 49 -0.37 -4.92 14.93
N GLU A 50 -1.04 -3.93 15.48
CA GLU A 50 -2.12 -3.26 14.76
C GLU A 50 -1.60 -1.94 14.18
N VAL A 51 -1.95 -1.65 12.93
CA VAL A 51 -1.49 -0.42 12.30
C VAL A 51 -2.55 0.13 11.35
N LEU A 52 -2.47 1.43 11.10
CA LEU A 52 -3.40 2.09 10.20
C LEU A 52 -2.74 2.20 8.83
N LEU A 53 -3.45 1.79 7.79
CA LEU A 53 -2.89 1.85 6.44
C LEU A 53 -3.24 3.18 5.80
N HIS A 54 -2.21 3.88 5.36
CA HIS A 54 -2.40 5.18 4.74
C HIS A 54 -2.57 5.07 3.23
N ASP A 55 -1.93 4.08 2.60
CA ASP A 55 -2.12 3.91 1.15
C ASP A 55 -1.50 2.60 0.68
N VAL A 56 -1.92 2.16 -0.50
CA VAL A 56 -1.42 0.91 -1.06
C VAL A 56 -1.34 0.98 -2.59
N SER A 57 -0.69 -0.02 -3.17
CA SER A 57 -0.55 -0.13 -4.61
C SER A 57 -0.72 -1.59 -4.99
N LEU A 58 -0.80 -1.89 -6.29
CA LEU A 58 -0.99 -3.27 -6.72
C LEU A 58 0.25 -4.11 -6.41
N HIS A 59 1.26 -3.50 -5.82
CA HIS A 59 2.49 -4.24 -5.49
C HIS A 59 3.30 -3.50 -4.42
N GLY A 60 2.60 -2.86 -3.49
CA GLY A 60 3.29 -2.13 -2.41
C GLY A 60 2.28 -1.60 -1.40
N ILE A 61 2.76 -1.30 -0.18
CA ILE A 61 1.89 -0.82 0.88
C ILE A 61 2.61 0.16 1.81
N LEU A 62 1.82 1.10 2.35
CA LEU A 62 2.34 2.10 3.29
C LEU A 62 1.55 1.98 4.60
N VAL A 63 2.25 2.01 5.72
CA VAL A 63 1.59 1.89 7.02
C VAL A 63 2.18 2.83 8.05
N GLY A 64 1.56 2.86 9.22
CA GLY A 64 2.05 3.68 10.34
C GLY A 64 2.83 2.78 11.29
N GLN A 65 3.91 3.31 11.90
CA GLN A 65 4.71 2.47 12.79
C GLN A 65 4.15 2.48 14.22
N PRO A 66 3.80 1.34 14.76
CA PRO A 66 3.28 1.26 16.15
C PRO A 66 4.43 1.16 17.16
N GLN A 67 4.14 1.46 18.43
CA GLN A 67 5.16 1.39 19.47
C GLN A 67 5.65 -0.03 19.71
N ASP A 68 4.74 -1.00 19.67
CA ASP A 68 5.09 -2.40 19.91
C ASP A 68 5.85 -3.00 18.73
N TRP A 69 6.25 -2.16 17.78
CA TRP A 69 6.97 -2.63 16.60
C TRP A 69 8.28 -3.30 16.96
N ASN A 70 8.23 -4.45 17.61
CA ASN A 70 9.45 -5.16 17.96
C ASN A 70 9.77 -6.17 16.85
N GLY A 71 10.32 -5.69 15.74
CA GLY A 71 10.66 -6.56 14.62
C GLY A 71 11.94 -6.11 13.92
N ASP A 72 12.71 -7.08 13.45
CA ASP A 72 13.97 -6.80 12.77
C ASP A 72 13.71 -6.37 11.32
N PRO A 73 14.16 -5.20 10.93
CA PRO A 73 13.94 -4.68 9.54
C PRO A 73 14.59 -5.57 8.48
N GLN A 74 15.58 -6.35 8.89
CA GLN A 74 16.26 -7.22 7.96
C GLN A 74 15.40 -8.44 7.62
N ARG A 75 14.49 -8.78 8.52
CA ARG A 75 13.62 -9.93 8.30
C ARG A 75 12.30 -9.48 7.67
N PRO A 76 11.67 -10.34 6.91
CA PRO A 76 10.39 -10.02 6.20
C PRO A 76 9.23 -9.75 7.14
N PHE A 77 8.21 -9.09 6.59
CA PHE A 77 7.00 -8.75 7.34
C PHE A 77 5.78 -9.17 6.54
N GLU A 78 4.64 -9.40 7.20
CA GLU A 78 3.42 -9.77 6.47
C GLU A 78 2.31 -8.78 6.80
N ALA A 79 1.56 -8.35 5.79
CA ALA A 79 0.49 -7.38 6.01
C ALA A 79 -0.89 -7.95 5.73
N ARG A 80 -1.82 -7.68 6.62
CA ARG A 80 -3.19 -8.13 6.44
C ARG A 80 -4.11 -6.92 6.46
N LEU A 81 -4.96 -6.78 5.44
CA LEU A 81 -5.86 -5.63 5.37
C LEU A 81 -7.29 -6.06 5.63
N TYR A 82 -8.08 -5.12 6.16
CA TYR A 82 -9.48 -5.41 6.46
C TYR A 82 -10.37 -4.25 5.98
N LEU A 83 -11.16 -4.53 4.95
CA LEU A 83 -12.07 -3.54 4.39
C LEU A 83 -13.51 -3.87 4.79
N GLY A 84 -14.12 -4.80 4.06
CA GLY A 84 -15.49 -5.22 4.36
C GLY A 84 -15.45 -6.22 5.51
N LEU A 85 -16.61 -6.74 5.90
CA LEU A 85 -16.65 -7.70 7.00
C LEU A 85 -16.13 -9.07 6.54
N ASP A 86 -16.40 -9.41 5.28
CA ASP A 86 -15.98 -10.67 4.70
C ASP A 86 -14.76 -10.49 3.82
N VAL A 87 -14.17 -9.28 3.86
CA VAL A 87 -13.00 -9.00 3.02
C VAL A 87 -11.71 -9.00 3.84
N LEU A 88 -11.06 -10.15 3.86
CA LEU A 88 -9.79 -10.31 4.56
C LEU A 88 -8.70 -10.56 3.52
N ILE A 89 -7.74 -9.65 3.43
CA ILE A 89 -6.65 -9.78 2.45
C ILE A 89 -5.32 -10.05 3.14
N ARG A 90 -4.49 -10.86 2.50
CA ARG A 90 -3.17 -11.20 3.02
C ARG A 90 -2.09 -10.94 1.97
N MET A 91 -1.04 -10.22 2.37
CA MET A 91 0.07 -9.92 1.48
C MET A 91 1.39 -10.06 2.22
N GLU A 92 2.43 -10.49 1.51
CA GLU A 92 3.75 -10.63 2.11
C GLU A 92 4.56 -9.42 1.73
N ILE A 93 5.25 -8.78 2.67
CA ILE A 93 6.00 -7.58 2.33
C ILE A 93 7.33 -7.45 3.07
N SER A 94 8.24 -6.68 2.48
CA SER A 94 9.55 -6.44 3.08
C SER A 94 9.77 -4.95 3.27
N LEU A 95 10.65 -4.58 4.21
CA LEU A 95 10.94 -3.18 4.49
C LEU A 95 11.59 -2.50 3.29
N ALA A 96 10.92 -1.49 2.74
CA ALA A 96 11.46 -0.74 1.62
C ALA A 96 12.14 0.54 2.13
N TRP A 97 11.47 1.21 3.06
CA TRP A 97 12.00 2.45 3.64
C TRP A 97 11.14 2.88 4.83
N ALA A 98 11.63 3.85 5.61
CA ALA A 98 10.88 4.35 6.76
C ALA A 98 11.18 5.84 6.97
N ARG A 99 10.14 6.68 6.96
CA ARG A 99 10.36 8.11 7.15
C ARG A 99 9.17 8.83 7.79
N ASP A 100 9.46 9.68 8.78
CA ASP A 100 8.41 10.48 9.42
C ASP A 100 7.27 9.66 10.00
N GLY A 101 7.59 8.60 10.75
CA GLY A 101 6.54 7.81 11.38
C GLY A 101 5.91 6.78 10.45
N LEU A 102 5.92 7.06 9.15
CA LEU A 102 5.32 6.14 8.20
C LEU A 102 6.35 5.12 7.72
N LEU A 103 5.86 3.96 7.30
CA LEU A 103 6.74 2.89 6.85
C LEU A 103 6.33 2.39 5.47
N GLY A 104 7.30 2.20 4.60
CA GLY A 104 7.00 1.70 3.27
C GLY A 104 7.25 0.20 3.22
N PHE A 105 6.51 -0.49 2.37
CA PHE A 105 6.66 -1.93 2.25
C PHE A 105 6.43 -2.37 0.82
N GLU A 106 7.31 -3.24 0.32
CA GLU A 106 7.18 -3.73 -1.05
C GLU A 106 6.63 -5.16 -1.02
N CYS A 107 5.54 -5.38 -1.74
CA CYS A 107 4.92 -6.70 -1.75
C CYS A 107 5.77 -7.72 -2.50
N GLN A 108 6.08 -8.82 -1.84
CA GLN A 108 6.88 -9.89 -2.44
C GLN A 108 5.98 -11.00 -2.95
N HIS A 109 4.85 -11.21 -2.29
CA HIS A 109 3.90 -12.24 -2.69
C HIS A 109 2.54 -11.95 -2.08
N ILE A 110 1.49 -12.20 -2.85
CA ILE A 110 0.12 -11.95 -2.39
C ILE A 110 -0.82 -13.00 -2.96
N ASP A 111 -1.77 -13.42 -2.11
CA ASP A 111 -2.72 -14.47 -2.49
C ASP A 111 -3.51 -14.08 -3.74
N LEU A 112 -3.76 -15.09 -4.58
CA LEU A 112 -4.48 -14.88 -5.83
C LEU A 112 -5.81 -14.18 -5.56
N ASP A 113 -6.50 -14.59 -4.50
CA ASP A 113 -7.78 -13.99 -4.15
C ASP A 113 -7.55 -12.55 -3.69
N SER A 114 -6.51 -12.35 -2.89
CA SER A 114 -6.19 -11.02 -2.40
C SER A 114 -5.88 -10.08 -3.56
N ILE A 115 -5.21 -10.61 -4.57
CA ILE A 115 -4.86 -9.83 -5.74
C ILE A 115 -6.12 -9.26 -6.39
N SER A 116 -7.19 -10.06 -6.40
CA SER A 116 -8.42 -9.61 -7.02
C SER A 116 -9.09 -8.52 -6.18
N HIS A 117 -9.10 -8.67 -4.86
CA HIS A 117 -9.73 -7.66 -4.03
C HIS A 117 -9.00 -6.33 -4.22
N LEU A 118 -7.69 -6.39 -4.36
CA LEU A 118 -6.89 -5.18 -4.59
C LEU A 118 -7.22 -4.59 -5.96
N ARG A 119 -7.52 -5.44 -6.93
CA ARG A 119 -7.88 -4.94 -8.25
C ARG A 119 -9.13 -4.07 -8.15
N ARG A 120 -10.04 -4.46 -7.26
CA ARG A 120 -11.28 -3.71 -7.04
C ARG A 120 -10.96 -2.28 -6.61
N LEU A 121 -10.03 -2.15 -5.68
CA LEU A 121 -9.63 -0.83 -5.18
C LEU A 121 -8.96 -0.02 -6.28
N VAL A 122 -8.21 -0.71 -7.14
CA VAL A 122 -7.53 -0.03 -8.24
C VAL A 122 -8.54 0.48 -9.26
N GLU A 123 -9.47 -0.39 -9.65
CA GLU A 123 -10.48 -0.03 -10.62
C GLU A 123 -11.42 1.06 -10.10
N LEU A 124 -11.82 0.93 -8.83
CA LEU A 124 -12.74 1.89 -8.23
C LEU A 124 -12.09 3.26 -8.06
N ASN A 125 -10.83 3.29 -7.62
CA ASN A 125 -10.14 4.56 -7.43
C ASN A 125 -9.86 5.24 -8.77
N LEU A 126 -9.48 4.45 -9.77
CA LEU A 126 -9.18 5.00 -11.08
C LEU A 126 -10.40 5.76 -11.62
N GLY A 127 -11.57 5.15 -11.51
CA GLY A 127 -12.79 5.78 -11.99
C GLY A 127 -12.74 5.97 -13.50
N ASP A 128 -13.31 5.01 -14.23
CA ASP A 128 -13.32 5.08 -15.69
C ASP A 128 -13.69 6.49 -16.16
N GLU A 129 -12.68 7.35 -16.26
CA GLU A 129 -12.91 8.73 -16.71
C GLU A 129 -12.54 8.88 -18.18
N GLU A 130 -11.25 9.03 -18.45
CA GLU A 130 -10.78 9.18 -19.82
C GLU A 130 -9.26 9.21 -19.86
N LEU A 131 -8.67 10.27 -19.29
CA LEU A 131 -7.22 10.41 -19.26
C LEU A 131 -6.61 10.03 -20.61
N LEU A 132 -7.17 10.58 -21.69
CA LEU A 132 -6.66 10.29 -23.03
C LEU A 132 -5.40 11.08 -23.30
N GLU A 133 -4.29 10.64 -22.70
CA GLU A 133 -3.01 11.33 -22.87
C GLU A 133 -3.13 12.80 -22.47
N ARG A 134 -2.54 13.16 -21.35
CA ARG A 134 -2.60 14.55 -20.87
C ARG A 134 -1.23 15.21 -20.99
N GLU A 135 -0.67 15.64 -19.86
CA GLU A 135 0.62 16.31 -19.86
C GLU A 135 1.71 15.37 -20.37
N LEU A 136 2.70 15.96 -21.04
CA LEU A 136 3.82 15.19 -21.57
C LEU A 136 4.67 14.60 -20.46
N ALA A 137 5.01 15.44 -19.48
CA ALA A 137 5.87 15.03 -18.38
C ALA A 137 5.27 13.87 -17.57
N LEU A 138 4.00 13.95 -17.21
CA LEU A 138 3.39 12.91 -16.40
C LEU A 138 3.53 11.54 -17.06
N LEU A 139 3.20 11.45 -18.34
CA LEU A 139 3.31 10.18 -19.04
C LEU A 139 4.78 9.85 -19.32
N VAL A 140 5.49 10.82 -19.89
CA VAL A 140 6.89 10.61 -20.25
C VAL A 140 7.81 10.55 -19.02
N SER A 141 7.36 11.08 -17.88
CA SER A 141 8.22 11.04 -16.70
C SER A 141 8.47 9.61 -16.27
N ALA A 142 7.43 8.77 -16.31
CA ALA A 142 7.57 7.38 -15.90
C ALA A 142 6.33 6.58 -16.26
N HIS A 143 6.48 5.26 -16.31
CA HIS A 143 5.36 4.38 -16.61
C HIS A 143 5.66 2.97 -16.13
N ASP A 144 4.62 2.18 -15.93
CA ASP A 144 4.80 0.82 -15.44
C ASP A 144 3.57 -0.05 -15.72
N ASP A 145 3.33 -0.36 -16.99
CA ASP A 145 2.17 -1.18 -17.34
C ASP A 145 2.48 -2.65 -17.14
P1 C2E B . 12.66 1.71 -3.50
O2P C2E B . 13.80 0.78 -3.72
O1P C2E B . 12.32 2.15 -2.12
O5' C2E B . 11.34 1.04 -4.16
C5' C2E B . 10.20 0.78 -3.34
C4' C2E B . 9.11 -0.01 -4.08
O4' C2E B . 8.36 -0.78 -3.12
C3' C2E B . 8.10 0.86 -4.84
O3' C2E B . 8.36 0.92 -6.25
C2' C2E B . 6.78 0.12 -4.61
O2' C2E B . 6.60 -0.92 -5.58
C1' C2E B . 6.98 -0.44 -3.22
N9 C2E B . 6.69 0.54 -2.15
C8 C2E B . 7.54 1.18 -1.30
N7 C2E B . 7.00 2.05 -0.52
C5 C2E B . 5.66 2.01 -0.87
C6 C2E B . 4.55 2.74 -0.36
O6 C2E B . 4.56 3.63 0.49
N1 C2E B . 3.37 2.39 -0.99
C2 C2E B . 3.26 1.45 -1.98
N2 C2E B . 2.02 1.22 -2.44
N3 C2E B . 4.28 0.75 -2.46
C4 C2E B . 5.45 1.08 -1.87
P11 C2E B . 9.80 0.53 -6.89
O21 C2E B . 10.26 -0.75 -6.29
O11 C2E B . 9.70 0.65 -8.36
O5A C2E B . 10.75 1.71 -6.35
C5A C2E B . 10.38 3.07 -6.53
C4A C2E B . 11.50 4.01 -6.10
O4A C2E B . 11.16 5.37 -6.41
C3A C2E B . 11.83 3.96 -4.61
O3A C2E B . 12.89 3.02 -4.41
C2A C2E B . 12.33 5.36 -4.33
O2A C2E B . 13.72 5.49 -4.63
C1A C2E B . 11.48 6.20 -5.28
N91 C2E B . 10.20 6.68 -4.73
C81 C2E B . 8.93 6.31 -5.10
N71 C2E B . 7.97 6.95 -4.50
C51 C2E B . 8.65 7.83 -3.66
C61 C2E B . 8.13 8.80 -2.76
O61 C2E B . 6.96 9.06 -2.52
N11 C2E B . 9.15 9.48 -2.11
C21 C2E B . 10.49 9.26 -2.30
N21 C2E B . 11.32 10.02 -1.57
N31 C2E B . 10.98 8.35 -3.14
C41 C2E B . 10.01 7.67 -3.79
H5'1 C2E B . 9.78 1.73 -3.01
H5'2 C2E B . 10.51 0.22 -2.47
H4' C2E B . 9.59 -0.70 -4.78
H3' C2E B . 8.04 1.85 -4.39
H2' C2E B . 5.94 0.83 -4.62
HO2' C2E B . 5.83 -1.43 -5.30
H1' C2E B . 6.37 -1.32 -3.08
H8 C2E B . 8.62 0.97 -1.28
HN1 C2E B . 2.54 2.87 -0.67
HN21 C2E B . 1.24 1.74 -2.07
HN22 C2E B . 1.87 0.52 -3.15
H511 C2E B . 9.49 3.28 -5.94
H512 C2E B . 10.16 3.25 -7.59
H4A C2E B . 12.40 3.76 -6.64
H3A C2E B . 10.97 3.74 -3.98
H2A C2E B . 12.13 5.62 -3.28
HO2A C2E B . 13.83 6.29 -5.14
H1A C2E B . 12.06 7.05 -5.62
H81 C2E B . 8.74 5.51 -5.81
HN11 C2E B . 8.85 10.19 -1.46
HN24 C2E B . 12.32 9.90 -1.67
HN23 C2E B . 10.95 10.70 -0.93
P1 C2E C . 3.48 11.96 1.06
O2P C2E C . 3.28 12.47 2.44
O1P C2E C . 2.42 11.17 0.41
O5' C2E C . 4.84 11.10 1.04
C5' C2E C . 5.09 10.10 2.03
C4' C2E C . 6.59 9.95 2.31
O4' C2E C . 6.92 8.56 2.49
C3' C2E C . 7.46 10.45 1.17
O3' C2E C . 7.69 11.86 1.30
C2' C2E C . 8.74 9.67 1.42
O2' C2E C . 9.52 10.26 2.45
C1' C2E C . 8.18 8.32 1.84
N9 C2E C . 7.94 7.40 0.71
C8 C2E C . 6.78 7.13 0.03
N7 C2E C . 6.90 6.25 -0.93
C5 C2E C . 8.24 5.89 -0.87
C6 C2E C . 8.97 4.97 -1.67
O6 C2E C . 8.56 4.27 -2.59
N1 C2E C . 10.30 4.90 -1.29
C2 C2E C . 10.87 5.64 -0.27
N2 C2E C . 12.17 5.43 -0.06
N3 C2E C . 10.19 6.51 0.48
C4 C2E C . 8.88 6.59 0.12
P11 C2E C . 8.56 12.65 0.20
O21 C2E C . 9.08 13.88 0.83
O11 C2E C . 9.49 11.69 -0.43
O5A C2E C . 7.44 13.07 -0.88
C5A C2E C . 6.80 14.34 -0.79
C4A C2E C . 5.40 14.30 -1.38
O4A C2E C . 5.47 14.41 -2.81
C3A C2E C . 4.62 13.03 -1.08
O3A C2E C . 3.83 13.21 0.10
C2A C2E C . 3.70 12.89 -2.29
O2A C2E C . 2.47 13.59 -2.11
C1A C2E C . 4.53 13.50 -3.41
N91 C2E C . 5.31 12.51 -4.18
C81 C2E C . 6.64 12.27 -4.18
N71 C2E C . 7.04 11.37 -5.04
C51 C2E C . 5.84 10.99 -5.66
C61 C2E C . 5.62 10.04 -6.69
O61 C2E C . 6.44 9.36 -7.28
N11 C2E C . 4.27 9.96 -7.02
C21 C2E C . 3.27 10.70 -6.44
N21 C2E C . 2.03 10.47 -6.89
N31 C2E C . 3.48 11.59 -5.47
C41 C2E C . 4.79 11.68 -5.14
H5'1 C2E C . 4.70 9.14 1.68
H5'2 C2E C . 4.58 10.37 2.96
H4' C2E C . 6.85 10.48 3.22
H3' C2E C . 7.01 10.16 0.22
H2' C2E C . 9.31 9.57 0.50
HO2' C2E C . 10.21 10.78 2.03
H1' C2E C . 8.87 7.83 2.52
H8 C2E C . 5.81 7.56 0.28
HN1 C2E C . 10.88 4.25 -1.80
HN21 C2E C . 12.68 4.77 -0.63
HN22 C2E C . 12.64 5.95 0.67
H511 C2E C . 7.39 15.08 -1.34
H512 C2E C . 6.73 14.64 0.25
H4A C2E C . 4.83 15.16 -1.01
H3A C2E C . 5.29 12.17 -0.99
H2A C2E C . 3.52 11.83 -2.49
HO2A C2E C . 1.76 13.01 -2.39
H1A C2E C . 3.90 14.03 -4.11
H81 C2E C . 7.34 12.77 -3.51
HN11 C2E C . 4.03 9.30 -7.75
HN24 C2E C . 1.88 9.80 -7.63
HN23 C2E C . 1.26 10.98 -6.50
N MET A 21 8.87 26.84 -3.03
CA MET A 21 7.75 25.86 -3.14
C MET A 21 8.28 24.46 -2.88
N SER A 22 7.46 23.45 -3.18
CA SER A 22 7.86 22.06 -2.98
C SER A 22 8.35 21.44 -4.27
N ASP A 23 9.61 21.74 -4.64
CA ASP A 23 10.19 21.17 -5.84
C ASP A 23 11.09 20.00 -5.48
N GLN A 24 11.67 20.07 -4.29
CA GLN A 24 12.55 19.01 -3.82
C GLN A 24 11.73 17.77 -3.48
N HIS A 25 10.44 17.83 -3.82
CA HIS A 25 9.53 16.71 -3.57
C HIS A 25 9.32 15.91 -4.85
N ASP A 26 10.32 15.94 -5.72
CA ASP A 26 10.23 15.22 -6.99
C ASP A 26 9.58 13.86 -6.81
N GLU A 27 8.79 13.45 -7.80
CA GLU A 27 8.11 12.16 -7.73
C GLU A 27 9.05 11.03 -8.13
N ARG A 28 9.03 9.97 -7.34
CA ARG A 28 9.87 8.80 -7.59
C ARG A 28 9.01 7.53 -7.75
N ARG A 29 7.73 7.64 -7.36
CA ARG A 29 6.81 6.49 -7.47
C ARG A 29 6.01 6.61 -8.77
N ARG A 30 6.70 6.42 -9.90
CA ARG A 30 6.05 6.51 -11.22
C ARG A 30 4.82 7.43 -11.17
N PHE A 31 3.71 6.90 -10.67
CA PHE A 31 2.48 7.68 -10.56
C PHE A 31 1.78 7.36 -9.24
N HIS A 32 1.17 8.37 -8.63
CA HIS A 32 0.48 8.21 -7.35
C HIS A 32 -0.16 6.82 -7.24
N ARG A 33 -0.29 6.33 -6.00
CA ARG A 33 -0.87 5.01 -5.76
C ARG A 33 -2.30 5.15 -5.25
N ILE A 34 -2.99 4.02 -5.10
CA ILE A 34 -4.36 4.02 -4.62
C ILE A 34 -4.41 4.33 -3.14
N ALA A 35 -4.69 5.58 -2.80
CA ALA A 35 -4.75 5.99 -1.40
C ALA A 35 -6.17 5.95 -0.86
N PHE A 36 -6.36 5.12 0.15
CA PHE A 36 -7.65 4.99 0.83
C PHE A 36 -7.40 4.63 2.28
N ASP A 37 -8.34 4.96 3.17
CA ASP A 37 -8.13 4.67 4.58
C ASP A 37 -8.79 3.34 4.98
N ALA A 38 -8.16 2.65 5.93
CA ALA A 38 -8.68 1.39 6.42
C ALA A 38 -7.77 0.84 7.51
N ASP A 39 -8.15 -0.29 8.10
CA ASP A 39 -7.36 -0.88 9.16
C ASP A 39 -6.45 -1.97 8.61
N SER A 40 -5.19 -1.94 9.03
CA SER A 40 -4.22 -2.94 8.59
C SER A 40 -3.42 -3.47 9.78
N GLU A 41 -2.93 -4.69 9.65
CA GLU A 41 -2.13 -5.31 10.70
C GLU A 41 -0.92 -5.97 10.09
N ILE A 42 0.21 -5.91 10.77
CA ILE A 42 1.43 -6.51 10.24
C ILE A 42 2.00 -7.54 11.20
N LEU A 43 2.41 -8.67 10.63
CA LEU A 43 2.96 -9.77 11.41
C LEU A 43 4.35 -10.14 10.91
N GLN A 44 5.31 -10.10 11.82
CA GLN A 44 6.69 -10.45 11.49
C GLN A 44 7.22 -11.43 12.53
N GLY A 45 7.28 -12.70 12.16
CA GLY A 45 7.76 -13.71 13.10
C GLY A 45 6.66 -14.07 14.08
N GLU A 46 6.98 -14.02 15.37
CA GLU A 46 6.00 -14.33 16.41
C GLU A 46 5.41 -13.05 16.99
N ARG A 47 5.70 -11.92 16.34
CA ARG A 47 5.21 -10.63 16.81
C ARG A 47 4.16 -10.04 15.88
N ARG A 48 3.06 -9.58 16.46
CA ARG A 48 1.99 -8.96 15.69
C ARG A 48 1.66 -7.60 16.27
N TRP A 49 1.26 -6.70 15.39
CA TRP A 49 0.93 -5.35 15.78
C TRP A 49 -0.20 -4.80 14.93
N GLU A 50 -0.92 -3.83 15.48
CA GLU A 50 -2.03 -3.20 14.76
C GLU A 50 -1.54 -1.88 14.17
N VAL A 51 -1.94 -1.59 12.94
CA VAL A 51 -1.51 -0.34 12.30
C VAL A 51 -2.57 0.17 11.34
N LEU A 52 -2.51 1.46 11.06
CA LEU A 52 -3.44 2.08 10.13
C LEU A 52 -2.74 2.19 8.77
N LEU A 53 -3.41 1.73 7.72
CA LEU A 53 -2.80 1.80 6.40
C LEU A 53 -3.22 3.09 5.72
N HIS A 54 -2.23 3.83 5.26
CA HIS A 54 -2.49 5.12 4.62
C HIS A 54 -2.67 4.96 3.10
N ASP A 55 -2.06 3.96 2.50
CA ASP A 55 -2.25 3.75 1.06
C ASP A 55 -1.62 2.44 0.60
N VAL A 56 -2.05 1.97 -0.57
CA VAL A 56 -1.54 0.72 -1.11
C VAL A 56 -1.45 0.79 -2.63
N SER A 57 -0.78 -0.21 -3.21
CA SER A 57 -0.62 -0.32 -4.66
C SER A 57 -0.74 -1.79 -5.03
N LEU A 58 -0.81 -2.09 -6.31
CA LEU A 58 -0.94 -3.48 -6.72
C LEU A 58 0.35 -4.26 -6.39
N HIS A 59 1.33 -3.57 -5.82
CA HIS A 59 2.58 -4.23 -5.47
C HIS A 59 3.37 -3.43 -4.43
N GLY A 60 2.65 -2.78 -3.50
CA GLY A 60 3.30 -2.00 -2.46
C GLY A 60 2.30 -1.52 -1.41
N ILE A 61 2.77 -1.25 -0.20
CA ILE A 61 1.89 -0.81 0.88
C ILE A 61 2.58 0.16 1.84
N LEU A 62 1.78 1.07 2.41
CA LEU A 62 2.28 2.06 3.36
C LEU A 62 1.52 1.93 4.68
N VAL A 63 2.21 2.05 5.80
CA VAL A 63 1.55 1.92 7.10
C VAL A 63 2.16 2.87 8.13
N GLY A 64 1.54 2.88 9.31
CA GLY A 64 2.03 3.72 10.42
C GLY A 64 2.90 2.88 11.36
N GLN A 65 3.94 3.47 11.95
CA GLN A 65 4.84 2.73 12.84
C GLN A 65 4.35 2.71 14.28
N PRO A 66 3.98 1.58 14.83
CA PRO A 66 3.52 1.51 16.23
C PRO A 66 4.71 1.38 17.20
N GLN A 67 4.48 1.68 18.47
CA GLN A 67 5.55 1.62 19.47
C GLN A 67 6.08 0.21 19.69
N ASP A 68 5.17 -0.76 19.71
CA ASP A 68 5.56 -2.16 19.96
C ASP A 68 6.24 -2.78 18.73
N TRP A 69 6.57 -1.96 17.75
CA TRP A 69 7.23 -2.45 16.53
C TRP A 69 8.56 -3.11 16.85
N ASN A 70 8.53 -4.27 17.49
CA ASN A 70 9.78 -4.97 17.80
C ASN A 70 10.10 -5.97 16.70
N GLY A 71 10.64 -5.48 15.58
CA GLY A 71 10.99 -6.34 14.45
C GLY A 71 12.28 -5.88 13.79
N ASP A 72 12.90 -6.79 13.06
CA ASP A 72 14.16 -6.50 12.37
C ASP A 72 13.90 -6.10 10.91
N PRO A 73 14.10 -4.84 10.57
CA PRO A 73 13.88 -4.35 9.17
C PRO A 73 14.53 -5.25 8.15
N GLN A 74 15.54 -6.00 8.59
CA GLN A 74 16.25 -6.89 7.68
C GLN A 74 15.42 -8.15 7.38
N ARG A 75 14.50 -8.50 8.28
CA ARG A 75 13.67 -9.68 8.08
C ARG A 75 12.34 -9.28 7.44
N PRO A 76 11.69 -10.19 6.75
CA PRO A 76 10.40 -9.91 6.06
C PRO A 76 9.25 -9.64 7.03
N PHE A 77 8.21 -9.00 6.50
CA PHE A 77 7.01 -8.67 7.26
C PHE A 77 5.78 -9.13 6.48
N GLU A 78 4.66 -9.39 7.16
CA GLU A 78 3.43 -9.79 6.46
C GLU A 78 2.32 -8.80 6.80
N ALA A 79 1.51 -8.43 5.83
CA ALA A 79 0.45 -7.46 6.06
C ALA A 79 -0.94 -8.03 5.77
N ARG A 80 -1.88 -7.72 6.65
CA ARG A 80 -3.25 -8.17 6.46
C ARG A 80 -4.15 -6.94 6.46
N LEU A 81 -4.98 -6.80 5.44
CA LEU A 81 -5.87 -5.65 5.35
C LEU A 81 -7.32 -6.05 5.58
N TYR A 82 -8.10 -5.13 6.10
CA TYR A 82 -9.51 -5.39 6.38
C TYR A 82 -10.38 -4.25 5.84
N LEU A 83 -11.13 -4.54 4.78
CA LEU A 83 -12.02 -3.56 4.18
C LEU A 83 -13.46 -3.87 4.56
N GLY A 84 -14.08 -4.80 3.83
CA GLY A 84 -15.45 -5.20 4.13
C GLY A 84 -15.44 -6.16 5.32
N LEU A 85 -16.61 -6.61 5.75
CA LEU A 85 -16.67 -7.52 6.89
C LEU A 85 -16.19 -8.91 6.47
N ASP A 86 -16.46 -9.28 5.22
CA ASP A 86 -16.08 -10.57 4.68
C ASP A 86 -14.84 -10.44 3.78
N VAL A 87 -14.22 -9.26 3.80
CA VAL A 87 -13.04 -9.03 2.95
C VAL A 87 -11.76 -9.01 3.78
N LEU A 88 -11.09 -10.15 3.81
CA LEU A 88 -9.83 -10.29 4.51
C LEU A 88 -8.74 -10.54 3.48
N ILE A 89 -7.78 -9.62 3.39
CA ILE A 89 -6.69 -9.76 2.42
C ILE A 89 -5.36 -10.04 3.12
N ARG A 90 -4.55 -10.89 2.49
CA ARG A 90 -3.24 -11.24 3.04
C ARG A 90 -2.14 -11.04 1.99
N MET A 91 -1.07 -10.35 2.40
CA MET A 91 0.04 -10.08 1.51
C MET A 91 1.36 -10.25 2.27
N GLU A 92 2.39 -10.70 1.58
CA GLU A 92 3.70 -10.85 2.20
C GLU A 92 4.59 -9.74 1.67
N ILE A 93 5.16 -8.94 2.57
CA ILE A 93 5.96 -7.80 2.12
C ILE A 93 7.29 -7.67 2.87
N SER A 94 8.19 -6.91 2.26
CA SER A 94 9.49 -6.64 2.85
C SER A 94 9.63 -5.14 3.08
N LEU A 95 10.37 -4.76 4.11
CA LEU A 95 10.53 -3.34 4.41
C LEU A 95 11.33 -2.66 3.30
N ALA A 96 10.75 -1.58 2.78
CA ALA A 96 11.40 -0.80 1.73
C ALA A 96 12.09 0.43 2.32
N TRP A 97 11.41 1.08 3.28
CA TRP A 97 11.96 2.29 3.91
C TRP A 97 11.13 2.69 5.14
N ALA A 98 11.64 3.67 5.88
CA ALA A 98 10.93 4.19 7.06
C ALA A 98 11.27 5.67 7.24
N ARG A 99 10.27 6.55 7.26
CA ARG A 99 10.54 7.97 7.42
C ARG A 99 9.38 8.74 8.06
N ASP A 100 9.71 9.60 9.03
CA ASP A 100 8.70 10.43 9.67
C ASP A 100 7.55 9.64 10.28
N GLY A 101 7.85 8.58 11.03
CA GLY A 101 6.81 7.82 11.68
C GLY A 101 6.12 6.82 10.75
N LEU A 102 6.12 7.08 9.45
CA LEU A 102 5.46 6.20 8.51
C LEU A 102 6.42 5.11 8.03
N LEU A 103 5.87 4.03 7.49
CA LEU A 103 6.66 2.92 7.00
C LEU A 103 6.16 2.41 5.66
N GLY A 104 7.07 2.15 4.74
CA GLY A 104 6.68 1.63 3.44
C GLY A 104 7.12 0.19 3.33
N PHE A 105 6.46 -0.55 2.47
CA PHE A 105 6.79 -1.96 2.29
C PHE A 105 6.58 -2.35 0.84
N GLU A 106 7.45 -3.23 0.35
CA GLU A 106 7.34 -3.68 -1.03
C GLU A 106 6.77 -5.10 -1.02
N CYS A 107 5.72 -5.32 -1.81
CA CYS A 107 5.06 -6.62 -1.85
C CYS A 107 5.84 -7.63 -2.69
N GLN A 108 6.13 -8.79 -2.09
CA GLN A 108 6.85 -9.85 -2.78
C GLN A 108 5.89 -10.95 -3.22
N HIS A 109 4.78 -11.11 -2.49
CA HIS A 109 3.80 -12.13 -2.84
C HIS A 109 2.45 -11.82 -2.20
N ILE A 110 1.38 -12.07 -2.94
CA ILE A 110 0.03 -11.82 -2.46
C ILE A 110 -0.93 -12.88 -3.03
N ASP A 111 -1.87 -13.30 -2.19
CA ASP A 111 -2.83 -14.33 -2.57
C ASP A 111 -3.59 -13.98 -3.85
N LEU A 112 -3.82 -15.01 -4.66
CA LEU A 112 -4.53 -14.82 -5.92
C LEU A 112 -5.87 -14.13 -5.68
N ASP A 113 -6.56 -14.54 -4.63
CA ASP A 113 -7.85 -13.94 -4.29
C ASP A 113 -7.62 -12.50 -3.82
N SER A 114 -6.58 -12.32 -3.01
CA SER A 114 -6.25 -10.98 -2.50
C SER A 114 -5.94 -10.05 -3.65
N ILE A 115 -5.28 -10.59 -4.67
CA ILE A 115 -4.91 -9.81 -5.84
C ILE A 115 -6.17 -9.23 -6.49
N SER A 116 -7.24 -10.03 -6.50
CA SER A 116 -8.47 -9.57 -7.11
C SER A 116 -9.12 -8.48 -6.26
N HIS A 117 -9.04 -8.61 -4.95
CA HIS A 117 -9.63 -7.58 -4.09
C HIS A 117 -8.86 -6.28 -4.26
N LEU A 118 -7.54 -6.38 -4.41
CA LEU A 118 -6.72 -5.19 -4.63
C LEU A 118 -7.05 -4.60 -6.00
N ARG A 119 -7.35 -5.45 -6.97
CA ARG A 119 -7.70 -4.97 -8.30
C ARG A 119 -9.00 -4.17 -8.22
N ARG A 120 -9.91 -4.65 -7.37
CA ARG A 120 -11.19 -3.98 -7.16
C ARG A 120 -10.98 -2.54 -6.70
N LEU A 121 -9.97 -2.33 -5.86
CA LEU A 121 -9.68 -1.00 -5.36
C LEU A 121 -9.17 -0.10 -6.48
N VAL A 122 -8.37 -0.67 -7.38
CA VAL A 122 -7.82 0.09 -8.49
C VAL A 122 -8.92 0.50 -9.47
N GLU A 123 -9.76 -0.46 -9.84
CA GLU A 123 -10.83 -0.21 -10.80
C GLU A 123 -11.86 0.78 -10.23
N LEU A 124 -12.24 0.58 -8.98
CA LEU A 124 -13.22 1.45 -8.33
C LEU A 124 -12.64 2.83 -8.06
N ASN A 125 -11.41 2.87 -7.56
CA ASN A 125 -10.78 4.15 -7.25
C ASN A 125 -10.35 4.88 -8.54
N LEU A 126 -9.94 4.10 -9.54
CA LEU A 126 -9.52 4.69 -10.80
C LEU A 126 -10.67 5.44 -11.45
N GLY A 127 -11.90 5.07 -11.08
CA GLY A 127 -13.08 5.71 -11.63
C GLY A 127 -13.00 7.22 -11.47
N ASP A 128 -13.52 7.72 -10.36
CA ASP A 128 -13.50 9.16 -10.11
C ASP A 128 -14.29 9.50 -8.84
N GLU A 129 -14.19 8.63 -7.84
CA GLU A 129 -14.89 8.85 -6.58
C GLU A 129 -14.32 10.07 -5.86
N GLU A 130 -13.15 9.90 -5.25
CA GLU A 130 -12.51 11.00 -4.53
C GLU A 130 -12.43 12.23 -5.42
N LEU A 131 -12.55 12.01 -6.73
CA LEU A 131 -12.49 13.11 -7.70
C LEU A 131 -11.08 13.71 -7.75
N LEU A 132 -10.58 14.15 -6.59
CA LEU A 132 -9.25 14.74 -6.52
C LEU A 132 -9.26 16.13 -7.15
N GLU A 133 -10.30 16.42 -7.94
CA GLU A 133 -10.42 17.71 -8.59
C GLU A 133 -9.10 18.11 -9.25
N ARG A 134 -8.40 17.13 -9.81
CA ARG A 134 -7.14 17.38 -10.47
C ARG A 134 -6.61 16.10 -11.14
N GLU A 135 -5.78 16.28 -12.16
CA GLU A 135 -5.21 15.14 -12.87
C GLU A 135 -4.08 15.59 -13.78
N LEU A 136 -4.37 16.59 -14.61
CA LEU A 136 -3.38 17.12 -15.54
C LEU A 136 -2.23 17.80 -14.80
N ALA A 137 -2.56 18.45 -13.68
CA ALA A 137 -1.53 19.14 -12.92
C ALA A 137 -0.56 18.12 -12.31
N LEU A 138 -1.07 16.90 -12.14
CA LEU A 138 -0.28 15.79 -11.62
C LEU A 138 0.86 15.46 -12.58
N LEU A 139 0.62 15.70 -13.87
CA LEU A 139 1.62 15.41 -14.88
C LEU A 139 2.91 16.16 -14.52
N VAL A 140 2.80 17.06 -13.55
CA VAL A 140 3.94 17.78 -13.02
C VAL A 140 4.90 16.80 -12.33
N SER A 141 4.46 15.55 -12.18
CA SER A 141 5.26 14.53 -11.53
C SER A 141 6.10 13.76 -12.54
N ALA A 142 5.67 13.77 -13.79
CA ALA A 142 6.38 13.07 -14.85
C ALA A 142 7.43 13.98 -15.48
N HIS A 143 7.11 14.51 -16.66
CA HIS A 143 8.00 15.40 -17.38
C HIS A 143 7.35 15.82 -18.69
N ASP A 144 7.67 17.02 -19.17
CA ASP A 144 7.10 17.52 -20.41
C ASP A 144 8.15 18.25 -21.23
N ASP A 145 9.39 17.78 -21.16
CA ASP A 145 10.48 18.40 -21.90
C ASP A 145 10.58 19.88 -21.53
P1 C2E B . 12.04 1.73 -2.44
O2P C2E B . 12.98 0.59 -2.41
O1P C2E B . 11.59 2.36 -1.18
O5' C2E B . 10.73 1.28 -3.28
C5' C2E B . 10.69 0.01 -3.92
C4' C2E B . 9.28 -0.41 -4.31
O4' C2E B . 8.57 -0.88 -3.16
C3' C2E B . 8.42 0.69 -4.90
O3' C2E B . 8.60 0.76 -6.32
C2' C2E B . 7.01 0.23 -4.58
O2' C2E B . 6.54 -0.72 -5.54
C1' C2E B . 7.20 -0.41 -3.21
N9 C2E B . 7.03 0.55 -2.11
C8 C2E B . 7.97 1.10 -1.28
N7 C2E B . 7.51 1.96 -0.41
C5 C2E B . 6.14 1.97 -0.68
C6 C2E B . 5.11 2.72 -0.06
O6 C2E B . 5.20 3.53 0.86
N1 C2E B . 3.86 2.44 -0.63
C2 C2E B . 3.65 1.56 -1.67
N2 C2E B . 2.39 1.41 -2.07
N3 C2E B . 4.63 0.87 -2.26
C4 C2E B . 5.84 1.12 -1.71
P11 C2E B . 10.03 1.11 -6.96
O21 C2E B . 10.81 -0.14 -7.09
O11 C2E B . 9.83 1.98 -8.13
O5A C2E B . 10.72 2.00 -5.79
C5A C2E B . 10.52 3.42 -5.74
C4A C2E B . 11.75 4.13 -5.21
O4A C2E B . 11.69 5.53 -5.53
C3A C2E B . 11.93 4.05 -3.70
O3A C2E B . 12.68 2.88 -3.37
C2A C2E B . 12.73 5.30 -3.42
O2A C2E B . 14.11 5.11 -3.71
C1A C2E B . 12.08 6.28 -4.37
N91 C2E B . 10.86 6.94 -3.84
C81 C2E B . 9.56 6.64 -4.13
N71 C2E B . 8.68 7.36 -3.49
C51 C2E B . 9.46 8.20 -2.70
C61 C2E B . 9.05 9.20 -1.78
O61 C2E B . 7.91 9.54 -1.49
N11 C2E B . 10.14 9.81 -1.19
C21 C2E B . 11.47 9.50 -1.44
N21 C2E B . 12.37 10.21 -0.77
N31 C2E B . 11.85 8.56 -2.31
C41 C2E B . 10.80 7.94 -2.90
H5'1 C2E B . 11.11 -0.74 -3.25
H5'2 C2E B . 11.30 0.05 -4.82
H4' C2E B . 9.33 -1.24 -5.03
H3' C2E B . 8.63 1.66 -4.42
H2' C2E B . 6.34 1.08 -4.50
HO2' C2E B . 6.39 -1.55 -5.07
H1' C2E B . 6.51 -1.24 -3.08
H8 C2E B . 9.02 0.85 -1.34
HN1 C2E B . 3.08 2.94 -0.25
HN21 C2E B . 1.66 1.95 -1.62
HN22 C2E B . 2.16 0.77 -2.81
H511 C2E B . 9.67 3.62 -5.10
H512 C2E B . 10.29 3.78 -6.75
H4A C2E B . 12.64 3.72 -5.68
H3A C2E B . 10.98 4.09 -3.18
H2A C2E B . 12.58 5.61 -2.38
HO2A C2E B . 14.18 4.39 -4.34
H1A C2E B . 12.80 7.05 -4.66
H81 C2E B . 9.28 5.85 -4.83
HN11 C2E B . 9.92 10.55 -0.51
HN24 C2E B . 13.36 10.03 -0.90
HN23 C2E B . 12.07 10.92 -0.11
P1 C2E C . 3.85 12.19 1.17
O2P C2E C . 2.68 12.61 1.96
O1P C2E C . 3.66 11.44 -0.09
O5' C2E C . 4.83 11.33 2.12
C5' C2E C . 5.68 10.30 1.59
C4' C2E C . 6.87 10.07 2.52
O4' C2E C . 7.01 8.67 2.75
C3' C2E C . 8.21 10.61 2.02
O3' C2E C . 8.62 11.67 2.88
C2' C2E C . 9.19 9.46 2.15
O2' C2E C . 10.07 9.65 3.26
C1' C2E C . 8.32 8.23 2.35
N9 C2E C . 8.18 7.40 1.14
C8 C2E C . 7.10 7.21 0.32
N7 C2E C . 7.30 6.36 -0.65
C5 C2E C . 8.62 5.96 -0.46
C6 C2E C . 9.41 5.03 -1.21
O6 C2E C . 9.09 4.39 -2.20
N1 C2E C . 10.68 4.92 -0.67
C2 C2E C . 11.15 5.59 0.43
N2 C2E C . 12.40 5.33 0.79
N3 C2E C . 10.41 6.46 1.14
C4 C2E C . 9.17 6.59 0.63
P11 C2E C . 9.09 13.09 2.28
O21 C2E C . 9.42 13.98 3.40
O11 C2E C . 10.10 12.83 1.22
O5A C2E C . 7.74 13.63 1.58
C5A C2E C . 7.80 14.66 0.59
C4A C2E C . 6.53 14.72 -0.25
O4A C2E C . 6.86 14.93 -1.62
C3A C2E C . 5.70 13.45 -0.21
O3A C2E C . 4.74 13.50 0.84
C2A C2E C . 4.99 13.47 -1.54
O2A C2E C . 3.80 14.27 -1.49
C1A C2E C . 6.03 14.09 -2.45
N91 C2E C . 6.90 13.07 -3.06
C81 C2E C . 8.21 12.79 -2.83
N71 C2E C . 8.67 11.73 -3.43
C51 C2E C . 7.56 11.26 -4.12
C61 C2E C . 7.42 10.14 -4.95
O61 C2E C . 8.28 9.30 -5.22
N11 C2E C . 6.15 10.02 -5.47
C21 C2E C . 5.11 10.88 -5.21
N21 C2E C . 3.95 10.61 -5.80
N31 C2E C . 5.23 11.96 -4.43
C41 C2E C . 6.47 12.09 -3.92
H5'1 C2E C . 6.04 10.60 0.60
H5'2 C2E C . 5.11 9.39 1.50
H4' C2E C . 6.64 10.56 3.46
H3' C2E C . 8.15 10.97 0.99
H2' C2E C . 9.77 9.34 1.23
HO2' C2E C . 9.99 10.57 3.53
H1' C2E C . 8.75 7.61 3.13
H8 C2E C . 6.12 7.63 0.51
HN1 C2E C . 11.30 4.26 -1.13
HN21 C2E C . 12.96 4.67 0.26
HN22 C2E C . 12.80 5.79 1.59
H511 C2E C . 8.65 14.47 -0.08
H512 C2E C . 7.95 15.61 1.08
H4A C2E C . 5.91 15.55 0.09
H3A C2E C . 6.36 12.58 -0.12
H2A C2E C . 4.76 12.46 -1.88
HO2A C2E C . 3.82 14.75 -0.66
H1A C2E C . 5.56 14.69 -3.22
H81 C2E C . 8.82 13.37 -2.15
HN11 C2E C . 5.98 9.22 -6.08
HN24 C2E C . 3.86 9.81 -6.41
HN23 C2E C . 3.15 11.21 -5.66
N MET A 21 14.09 24.37 -0.23
CA MET A 21 13.94 23.21 -1.16
C MET A 21 12.53 23.20 -1.73
N SER A 22 11.78 22.12 -1.49
CA SER A 22 10.42 21.98 -2.00
C SER A 22 10.44 21.28 -3.34
N ASP A 23 11.64 21.04 -3.86
CA ASP A 23 11.80 20.33 -5.13
C ASP A 23 12.16 18.87 -4.86
N GLN A 24 11.57 18.31 -3.80
CA GLN A 24 11.79 16.91 -3.46
C GLN A 24 10.50 16.11 -3.60
N HIS A 25 9.36 16.80 -3.54
CA HIS A 25 8.07 16.14 -3.68
C HIS A 25 7.98 15.44 -5.03
N ASP A 26 9.01 15.65 -5.86
CA ASP A 26 9.04 15.03 -7.19
C ASP A 26 8.42 13.64 -7.16
N GLU A 27 7.73 13.30 -8.24
CA GLU A 27 7.08 11.98 -8.32
C GLU A 27 8.09 10.92 -8.78
N ARG A 28 8.13 9.81 -8.04
CA ARG A 28 9.04 8.72 -8.35
C ARG A 28 8.26 7.41 -8.53
N ARG A 29 6.97 7.44 -8.22
CA ARG A 29 6.13 6.25 -8.35
C ARG A 29 5.34 6.31 -9.65
N ARG A 30 6.03 6.04 -10.75
CA ARG A 30 5.42 6.07 -12.10
C ARG A 30 4.10 6.82 -12.09
N PHE A 31 3.09 6.23 -11.44
CA PHE A 31 1.77 6.86 -11.35
C PHE A 31 1.24 6.73 -9.93
N HIS A 32 0.57 7.78 -9.45
CA HIS A 32 0.02 7.79 -8.09
C HIS A 32 -0.58 6.43 -7.74
N ARG A 33 -0.57 6.09 -6.46
CA ARG A 33 -1.12 4.81 -6.00
C ARG A 33 -2.55 5.00 -5.49
N ILE A 34 -3.11 3.95 -4.89
CA ILE A 34 -4.46 4.00 -4.36
C ILE A 34 -4.45 4.34 -2.88
N ALA A 35 -4.68 5.62 -2.57
CA ALA A 35 -4.70 6.05 -1.17
C ALA A 35 -6.11 6.04 -0.60
N PHE A 36 -6.29 5.25 0.44
CA PHE A 36 -7.56 5.15 1.13
C PHE A 36 -7.31 4.83 2.59
N ASP A 37 -8.26 5.14 3.46
CA ASP A 37 -8.06 4.87 4.89
C ASP A 37 -8.70 3.54 5.27
N ALA A 38 -8.08 2.86 6.22
CA ALA A 38 -8.59 1.56 6.67
C ALA A 38 -7.68 0.98 7.75
N ASP A 39 -8.11 -0.14 8.33
CA ASP A 39 -7.34 -0.80 9.37
C ASP A 39 -6.48 -1.91 8.80
N SER A 40 -5.21 -1.95 9.19
CA SER A 40 -4.30 -2.98 8.71
C SER A 40 -3.50 -3.56 9.88
N GLU A 41 -3.05 -4.80 9.73
CA GLU A 41 -2.26 -5.47 10.75
C GLU A 41 -1.05 -6.12 10.12
N ILE A 42 0.07 -6.11 10.82
CA ILE A 42 1.29 -6.70 10.27
C ILE A 42 1.86 -7.76 11.19
N LEU A 43 2.26 -8.88 10.62
CA LEU A 43 2.81 -9.99 11.39
C LEU A 43 4.22 -10.31 10.93
N GLN A 44 5.14 -10.26 11.86
CA GLN A 44 6.54 -10.56 11.57
C GLN A 44 7.07 -11.56 12.59
N GLY A 45 7.16 -12.82 12.21
CA GLY A 45 7.64 -13.84 13.13
C GLY A 45 6.52 -14.24 14.08
N GLU A 46 6.81 -14.23 15.38
CA GLU A 46 5.81 -14.58 16.38
C GLU A 46 5.21 -13.31 16.97
N ARG A 47 5.49 -12.17 16.35
CA ARG A 47 4.99 -10.89 16.83
C ARG A 47 3.98 -10.27 15.89
N ARG A 48 2.87 -9.79 16.45
CA ARG A 48 1.82 -9.16 15.66
C ARG A 48 1.51 -7.80 16.24
N TRP A 49 1.10 -6.88 15.38
CA TRP A 49 0.79 -5.54 15.79
C TRP A 49 -0.33 -4.96 14.94
N GLU A 50 -1.03 -3.97 15.49
CA GLU A 50 -2.10 -3.31 14.77
C GLU A 50 -1.58 -2.00 14.19
N VAL A 51 -1.84 -1.76 12.92
CA VAL A 51 -1.38 -0.53 12.27
C VAL A 51 -2.45 0.06 11.39
N LEU A 52 -2.36 1.37 11.19
CA LEU A 52 -3.32 2.08 10.35
C LEU A 52 -2.72 2.19 8.94
N LEU A 53 -3.47 1.76 7.95
CA LEU A 53 -3.00 1.83 6.58
C LEU A 53 -3.28 3.22 6.04
N HIS A 54 -2.44 3.66 5.11
CA HIS A 54 -2.61 4.98 4.52
C HIS A 54 -2.74 4.86 2.99
N ASP A 55 -2.15 3.83 2.41
CA ASP A 55 -2.30 3.63 0.97
C ASP A 55 -1.66 2.32 0.53
N VAL A 56 -2.07 1.84 -0.63
CA VAL A 56 -1.56 0.59 -1.17
C VAL A 56 -1.44 0.65 -2.69
N SER A 57 -0.79 -0.36 -3.25
CA SER A 57 -0.61 -0.48 -4.70
C SER A 57 -0.72 -1.95 -5.07
N LEU A 58 -0.83 -2.25 -6.34
CA LEU A 58 -0.97 -3.65 -6.75
C LEU A 58 0.29 -4.45 -6.38
N HIS A 59 1.27 -3.78 -5.77
CA HIS A 59 2.50 -4.46 -5.37
C HIS A 59 3.32 -3.60 -4.40
N GLY A 60 2.64 -2.99 -3.43
CA GLY A 60 3.32 -2.16 -2.44
C GLY A 60 2.32 -1.60 -1.42
N ILE A 61 2.80 -1.28 -0.21
CA ILE A 61 1.91 -0.77 0.83
C ILE A 61 2.64 0.22 1.75
N LEU A 62 1.87 1.18 2.27
CA LEU A 62 2.37 2.20 3.19
C LEU A 62 1.58 2.09 4.49
N VAL A 63 2.28 2.07 5.62
CA VAL A 63 1.59 1.95 6.90
C VAL A 63 2.20 2.86 7.96
N GLY A 64 1.58 2.85 9.13
CA GLY A 64 2.07 3.64 10.27
C GLY A 64 2.89 2.76 11.20
N GLN A 65 3.96 3.30 11.80
CA GLN A 65 4.81 2.50 12.69
C GLN A 65 4.27 2.49 14.12
N PRO A 66 3.90 1.35 14.66
CA PRO A 66 3.40 1.27 16.05
C PRO A 66 4.56 1.11 17.05
N GLN A 67 4.30 1.40 18.32
CA GLN A 67 5.35 1.31 19.35
C GLN A 67 5.83 -0.12 19.57
N ASP A 68 4.89 -1.07 19.56
CA ASP A 68 5.23 -2.48 19.80
C ASP A 68 5.97 -3.09 18.61
N TRP A 69 6.35 -2.26 17.66
CA TRP A 69 7.05 -2.74 16.46
C TRP A 69 8.37 -3.41 16.82
N ASN A 70 8.31 -4.57 17.47
CA ASN A 70 9.54 -5.28 17.81
C ASN A 70 9.88 -6.28 16.71
N GLY A 71 10.45 -5.78 15.62
CA GLY A 71 10.83 -6.63 14.49
C GLY A 71 12.13 -6.14 13.86
N ASP A 72 12.88 -7.07 13.27
CA ASP A 72 14.15 -6.73 12.62
C ASP A 72 13.94 -6.33 11.16
N PRO A 73 14.19 -5.09 10.80
CA PRO A 73 14.03 -4.60 9.40
C PRO A 73 14.65 -5.54 8.38
N GLN A 74 15.59 -6.36 8.82
CA GLN A 74 16.26 -7.27 7.91
C GLN A 74 15.40 -8.50 7.60
N ARG A 75 14.47 -8.84 8.50
CA ARG A 75 13.61 -9.99 8.28
C ARG A 75 12.30 -9.56 7.61
N PRO A 76 11.68 -10.44 6.87
CA PRO A 76 10.41 -10.13 6.15
C PRO A 76 9.25 -9.85 7.09
N PHE A 77 8.23 -9.19 6.54
CA PHE A 77 7.02 -8.84 7.29
C PHE A 77 5.79 -9.27 6.50
N GLU A 78 4.66 -9.49 7.18
CA GLU A 78 3.44 -9.87 6.46
C GLU A 78 2.34 -8.86 6.78
N ALA A 79 1.59 -8.44 5.77
CA ALA A 79 0.53 -7.45 5.98
C ALA A 79 -0.84 -8.02 5.68
N ARG A 80 -1.79 -7.71 6.56
CA ARG A 80 -3.16 -8.15 6.36
C ARG A 80 -4.06 -6.93 6.37
N LEU A 81 -4.90 -6.78 5.34
CA LEU A 81 -5.77 -5.61 5.25
C LEU A 81 -7.21 -5.98 5.56
N TYR A 82 -7.95 -5.01 6.08
CA TYR A 82 -9.35 -5.22 6.42
C TYR A 82 -10.18 -4.03 5.95
N LEU A 83 -10.98 -4.25 4.91
CA LEU A 83 -11.83 -3.21 4.35
C LEU A 83 -13.29 -3.46 4.76
N GLY A 84 -13.96 -4.35 4.04
CA GLY A 84 -15.34 -4.70 4.37
C GLY A 84 -15.35 -5.67 5.54
N LEU A 85 -16.53 -6.15 5.93
CA LEU A 85 -16.60 -7.08 7.05
C LEU A 85 -16.14 -8.47 6.63
N ASP A 86 -16.41 -8.83 5.37
CA ASP A 86 -16.04 -10.13 4.83
C ASP A 86 -14.81 -10.03 3.93
N VAL A 87 -14.17 -8.86 3.93
CA VAL A 87 -13.00 -8.64 3.08
C VAL A 87 -11.71 -8.69 3.88
N LEU A 88 -11.09 -9.88 3.89
CA LEU A 88 -9.83 -10.09 4.58
C LEU A 88 -8.75 -10.39 3.54
N ILE A 89 -7.74 -9.53 3.47
CA ILE A 89 -6.68 -9.70 2.49
C ILE A 89 -5.34 -10.03 3.16
N ARG A 90 -4.54 -10.86 2.49
CA ARG A 90 -3.23 -11.24 3.00
C ARG A 90 -2.14 -11.03 1.94
N MET A 91 -1.05 -10.40 2.37
CA MET A 91 0.07 -10.12 1.49
C MET A 91 1.39 -10.22 2.25
N GLU A 92 2.46 -10.59 1.56
CA GLU A 92 3.77 -10.67 2.19
C GLU A 92 4.58 -9.46 1.75
N ILE A 93 5.15 -8.72 2.71
CA ILE A 93 5.89 -7.52 2.34
C ILE A 93 7.21 -7.39 3.09
N SER A 94 8.11 -6.62 2.50
CA SER A 94 9.44 -6.38 3.08
C SER A 94 9.65 -4.88 3.27
N LEU A 95 10.45 -4.51 4.26
CA LEU A 95 10.73 -3.10 4.53
C LEU A 95 11.50 -2.48 3.37
N ALA A 96 10.91 -1.44 2.77
CA ALA A 96 11.54 -0.71 1.68
C ALA A 96 12.24 0.55 2.20
N TRP A 97 11.55 1.25 3.10
CA TRP A 97 12.07 2.49 3.68
C TRP A 97 11.20 2.91 4.87
N ALA A 98 11.69 3.87 5.66
CA ALA A 98 10.93 4.37 6.80
C ALA A 98 11.23 5.85 7.03
N ARG A 99 10.20 6.69 7.04
CA ARG A 99 10.43 8.12 7.25
C ARG A 99 9.23 8.84 7.89
N ASP A 100 9.51 9.66 8.90
CA ASP A 100 8.46 10.46 9.54
C ASP A 100 7.31 9.62 10.12
N GLY A 101 7.62 8.56 10.84
CA GLY A 101 6.56 7.76 11.47
C GLY A 101 5.94 6.75 10.52
N LEU A 102 5.96 7.03 9.22
CA LEU A 102 5.35 6.09 8.28
C LEU A 102 6.39 5.08 7.81
N LEU A 103 5.91 3.94 7.30
CA LEU A 103 6.80 2.88 6.85
C LEU A 103 6.42 2.40 5.46
N GLY A 104 7.39 2.23 4.59
CA GLY A 104 7.10 1.74 3.26
C GLY A 104 7.26 0.23 3.23
N PHE A 105 6.52 -0.41 2.35
CA PHE A 105 6.59 -1.85 2.25
C PHE A 105 6.41 -2.29 0.80
N GLU A 106 7.29 -3.17 0.34
CA GLU A 106 7.19 -3.66 -1.03
C GLU A 106 6.63 -5.08 -1.02
N CYS A 107 5.59 -5.31 -1.79
CA CYS A 107 4.94 -6.61 -1.84
C CYS A 107 5.82 -7.65 -2.53
N GLN A 108 6.12 -8.74 -1.81
CA GLN A 108 6.93 -9.81 -2.36
C GLN A 108 6.03 -10.91 -2.94
N HIS A 109 4.87 -11.07 -2.32
CA HIS A 109 3.91 -12.07 -2.76
C HIS A 109 2.53 -11.78 -2.16
N ILE A 110 1.49 -12.04 -2.94
CA ILE A 110 0.13 -11.80 -2.48
C ILE A 110 -0.80 -12.87 -3.05
N ASP A 111 -1.75 -13.30 -2.22
CA ASP A 111 -2.68 -14.35 -2.61
C ASP A 111 -3.45 -14.00 -3.89
N LEU A 112 -3.66 -15.01 -4.71
CA LEU A 112 -4.38 -14.82 -5.97
C LEU A 112 -5.73 -14.17 -5.72
N ASP A 113 -6.41 -14.61 -4.66
CA ASP A 113 -7.70 -14.06 -4.31
C ASP A 113 -7.54 -12.65 -3.78
N SER A 114 -6.47 -12.42 -3.02
CA SER A 114 -6.21 -11.09 -2.45
C SER A 114 -5.99 -10.10 -3.59
N ILE A 115 -5.35 -10.55 -4.65
CA ILE A 115 -5.09 -9.69 -5.80
C ILE A 115 -6.41 -9.21 -6.41
N SER A 116 -7.39 -10.10 -6.45
CA SER A 116 -8.67 -9.73 -7.06
C SER A 116 -9.44 -8.74 -6.19
N HIS A 117 -9.46 -8.94 -4.88
CA HIS A 117 -10.20 -8.02 -4.03
C HIS A 117 -9.56 -6.63 -4.15
N LEU A 118 -8.24 -6.59 -4.18
CA LEU A 118 -7.53 -5.32 -4.34
C LEU A 118 -7.83 -4.73 -5.71
N ARG A 119 -7.99 -5.57 -6.72
CA ARG A 119 -8.32 -5.05 -8.05
C ARG A 119 -9.60 -4.22 -7.98
N ARG A 120 -10.53 -4.65 -7.13
CA ARG A 120 -11.80 -3.94 -6.95
C ARG A 120 -11.54 -2.50 -6.50
N LEU A 121 -10.68 -2.36 -5.50
CA LEU A 121 -10.35 -1.04 -4.97
C LEU A 121 -9.60 -0.21 -6.01
N VAL A 122 -8.78 -0.89 -6.81
CA VAL A 122 -8.02 -0.21 -7.86
C VAL A 122 -8.96 0.30 -8.95
N GLU A 123 -9.85 -0.57 -9.40
CA GLU A 123 -10.80 -0.21 -10.46
C GLU A 123 -11.76 0.87 -10.00
N LEU A 124 -12.26 0.76 -8.77
CA LEU A 124 -13.20 1.75 -8.24
C LEU A 124 -12.51 3.11 -8.11
N ASN A 125 -11.28 3.10 -7.62
CA ASN A 125 -10.53 4.33 -7.45
C ASN A 125 -10.04 4.84 -8.81
N LEU A 126 -9.40 3.95 -9.56
CA LEU A 126 -8.91 4.31 -10.88
C LEU A 126 -10.06 4.81 -11.75
N GLY A 127 -11.27 4.47 -11.33
CA GLY A 127 -12.48 4.88 -12.05
C GLY A 127 -13.00 6.20 -11.51
N ASP A 128 -13.47 7.05 -12.41
CA ASP A 128 -14.00 8.35 -12.01
C ASP A 128 -15.51 8.27 -11.81
N GLU A 129 -16.03 9.09 -10.91
CA GLU A 129 -17.46 9.10 -10.64
C GLU A 129 -18.17 10.10 -11.55
N GLU A 130 -19.17 10.80 -11.01
CA GLU A 130 -19.91 11.78 -11.79
C GLU A 130 -19.01 12.95 -12.17
N LEU A 131 -18.09 13.30 -11.27
CA LEU A 131 -17.17 14.40 -11.51
C LEU A 131 -16.54 14.27 -12.89
N LEU A 132 -16.47 15.39 -13.62
CA LEU A 132 -15.89 15.40 -14.95
C LEU A 132 -14.67 14.49 -15.02
N GLU A 133 -14.65 13.62 -16.02
CA GLU A 133 -13.54 12.69 -16.20
C GLU A 133 -12.34 13.42 -16.80
N ARG A 134 -11.15 13.18 -16.24
CA ARG A 134 -9.95 13.83 -16.75
C ARG A 134 -8.74 12.90 -16.61
N GLU A 135 -8.22 12.77 -15.39
CA GLU A 135 -7.08 11.91 -15.15
C GLU A 135 -5.85 12.42 -15.92
N LEU A 136 -6.08 13.41 -16.77
CA LEU A 136 -5.01 13.99 -17.58
C LEU A 136 -3.99 14.75 -16.73
N ALA A 137 -4.45 15.42 -15.68
CA ALA A 137 -3.54 16.23 -14.87
C ALA A 137 -2.48 15.34 -14.20
N LEU A 138 -2.82 14.05 -14.07
CA LEU A 138 -1.91 13.07 -13.48
C LEU A 138 -0.62 13.02 -14.30
N LEU A 139 -0.76 13.26 -15.59
CA LEU A 139 0.41 13.24 -16.49
C LEU A 139 1.41 14.28 -15.95
N VAL A 140 0.90 15.45 -15.58
CA VAL A 140 1.75 16.50 -15.02
C VAL A 140 2.48 15.96 -13.79
N SER A 141 2.09 14.78 -13.33
CA SER A 141 2.74 14.14 -12.19
C SER A 141 3.93 13.33 -12.69
N ALA A 142 4.42 13.70 -13.88
CA ALA A 142 5.56 13.02 -14.50
C ALA A 142 5.64 13.40 -15.97
N HIS A 143 6.38 12.61 -16.76
CA HIS A 143 6.55 12.91 -18.18
C HIS A 143 7.55 14.05 -18.35
N ASP A 144 7.30 15.15 -17.63
CA ASP A 144 8.17 16.32 -17.69
C ASP A 144 9.32 16.14 -18.68
N ASP A 145 9.05 16.43 -19.96
CA ASP A 145 10.09 16.30 -20.98
C ASP A 145 9.91 17.37 -22.06
P1 C2E B . 12.73 1.67 -3.45
O2P C2E B . 13.82 0.71 -3.70
O1P C2E B . 12.42 2.11 -2.07
O5' C2E B . 11.37 1.08 -4.11
C5' C2E B . 10.19 0.93 -3.33
C4' C2E B . 9.11 0.14 -4.07
O4' C2E B . 8.38 -0.65 -3.12
C3' C2E B . 8.08 0.99 -4.82
O3' C2E B . 8.39 1.05 -6.21
C2' C2E B . 6.78 0.23 -4.61
O2' C2E B . 6.62 -0.81 -5.59
C1' C2E B . 6.98 -0.33 -3.22
N9 C2E B . 6.67 0.64 -2.15
C8 C2E B . 7.51 1.24 -1.27
N7 C2E B . 6.94 2.10 -0.47
C5 C2E B . 5.61 2.08 -0.87
C6 C2E B . 4.50 2.80 -0.38
O6 C2E B . 4.48 3.65 0.51
N1 C2E B . 3.34 2.47 -1.05
C2 C2E B . 3.25 1.56 -2.07
N2 C2E B . 2.03 1.35 -2.58
N3 C2E B . 4.28 0.87 -2.54
C4 C2E B . 5.43 1.18 -1.89
P11 C2E B . 8.05 2.38 -7.06
O21 C2E B . 8.16 2.05 -8.50
O11 C2E B . 6.80 2.96 -6.53
O5A C2E B . 9.27 3.35 -6.67
C5A C2E B . 10.58 2.80 -6.50
C4A C2E B . 11.60 3.86 -6.10
O4A C2E B . 11.12 5.17 -6.42
C3A C2E B . 11.94 3.89 -4.62
O3A C2E B . 13.01 2.98 -4.34
C2A C2E B . 12.39 5.31 -4.40
O2A C2E B . 13.77 5.48 -4.74
C1A C2E B . 11.48 6.08 -5.37
N91 C2E B . 10.23 6.57 -4.76
C81 C2E B . 8.94 6.18 -5.02
N71 C2E B . 8.04 6.79 -4.32
C51 C2E B . 8.77 7.66 -3.52
C61 C2E B . 8.32 8.59 -2.56
O61 C2E B . 7.17 8.83 -2.20
N11 C2E B . 9.38 9.28 -1.98
C21 C2E B . 10.71 9.09 -2.29
N21 C2E B . 11.59 9.84 -1.62
N31 C2E B . 11.13 8.22 -3.21
C41 C2E B . 10.11 7.54 -3.78
H5'1 C2E B . 9.80 1.93 -3.08
H5'2 C2E B . 10.44 0.41 -2.41
H4' C2E B . 9.58 -0.53 -4.78
H3' C2E B . 8.00 2.00 -4.38
H2' C2E B . 5.93 0.92 -4.63
HO2' C2E B . 6.00 -0.48 -6.25
H1' C2E B . 6.38 -1.23 -3.09
H8 C2E B . 8.59 1.05 -1.24
HN1 C2E B . 2.50 2.95 -0.75
HN21 C2E B . 1.24 1.88 -2.24
HN22 C2E B . 1.90 0.69 -3.33
H511 C2E B . 10.89 2.34 -7.44
H512 C2E B . 10.54 2.02 -5.73
H4A C2E B . 12.52 3.69 -6.66
H3A C2E B . 11.07 3.68 -3.99
H2A C2E B . 12.20 5.61 -3.36
HO2A C2E B . 14.18 4.61 -4.69
H1A C2E B . 12.03 6.92 -5.78
H81 C2E B . 8.69 5.39 -5.73
HN11 C2E B . 9.13 9.97 -1.28
HN24 C2E B . 12.57 9.75 -1.80
HN23 C2E B . 11.26 10.50 -0.93
P1 C2E C . 3.03 11.57 1.16
O2P C2E C . 2.26 12.01 2.34
O1P C2E C . 2.53 10.44 0.34
O5' C2E C . 4.54 11.25 1.62
C5' C2E C . 4.90 9.93 2.07
C4' C2E C . 6.40 9.82 2.32
O4' C2E C . 6.78 8.46 2.50
C3' C2E C . 7.25 10.36 1.20
O3' C2E C . 7.44 11.77 1.34
C2' C2E C . 8.55 9.62 1.45
O2' C2E C . 9.32 10.24 2.49
C1' C2E C . 8.05 8.25 1.86
N9 C2E C . 7.86 7.31 0.73
C8 C2E C . 6.72 7.01 0.03
N7 C2E C . 6.88 6.14 -0.91
C5 C2E C . 8.22 5.83 -0.85
C6 C2E C . 8.98 4.91 -1.64
O6 C2E C . 8.59 4.21 -2.57
N1 C2E C . 10.31 4.89 -1.25
C2 C2E C . 10.85 5.64 -0.23
N2 C2E C . 12.15 5.46 -0.01
N3 C2E C . 10.14 6.50 0.52
C4 C2E C . 8.84 6.53 0.16
P11 C2E C . 8.41 12.59 0.35
O21 C2E C . 9.26 13.47 1.17
O11 C2E C . 9.03 11.63 -0.59
O5A C2E C . 7.39 13.51 -0.48
C5A C2E C . 6.25 14.09 0.17
C4A C2E C . 5.03 14.13 -0.76
O4A C2E C . 5.47 14.40 -2.10
C3A C2E C . 4.25 12.83 -0.82
O3A C2E C . 3.22 12.84 0.19
C2A C2E C . 3.62 12.90 -2.21
O2A C2E C . 2.42 13.68 -2.21
C1A C2E C . 4.73 13.58 -3.01
N91 C2E C . 5.67 12.62 -3.60
C81 C2E C . 7.00 12.43 -3.34
N71 C2E C . 7.55 11.44 -3.97
C51 C2E C . 6.51 10.92 -4.72
C61 C2E C . 6.50 9.82 -5.60
O61 C2E C . 7.42 9.07 -5.88
N11 C2E C . 5.24 9.63 -6.15
C21 C2E C . 4.13 10.39 -5.89
N21 C2E C . 3.01 10.05 -6.53
N31 C2E C . 4.13 11.43 -5.05
C41 C2E C . 5.35 11.64 -4.50
H5'1 C2E C . 4.61 9.21 1.32
H5'2 C2E C . 4.36 9.72 3.00
H4' C2E C . 6.64 10.36 3.24
H3' C2E C . 6.82 10.08 0.23
H2' C2E C . 9.14 9.55 0.53
HO2' C2E C . 9.93 9.58 2.83
H1' C2E C . 8.76 7.80 2.56
H8 C2E C . 5.74 7.41 0.28
HN1 C2E C . 10.91 4.27 -1.76
HN21 C2E C . 12.68 4.81 -0.57
HN22 C2E C . 12.62 5.98 0.73
H511 C2E C . 6.49 15.11 0.49
H512 C2E C . 6.00 13.49 1.05
H4A C2E C . 4.38 14.94 -0.45
H3A C2E C . 4.91 11.97 -0.72
H2A C2E C . 3.44 11.88 -2.58
HO2A C2E C . 1.95 13.47 -3.02
H1A C2E C . 4.29 14.18 -3.79
H81 C2E C . 7.54 13.05 -2.63
HN11 C2E C . 5.15 8.86 -6.81
HN24 C2E C . 3.00 9.27 -7.16
HN23 C2E C . 2.15 10.58 -6.37
N MET A 21 11.38 26.13 -5.64
CA MET A 21 11.10 25.48 -4.32
C MET A 21 10.10 24.35 -4.51
N SER A 22 10.49 23.16 -4.07
CA SER A 22 9.63 21.97 -4.20
C SER A 22 9.93 21.22 -5.49
N ASP A 23 11.21 21.25 -5.89
CA ASP A 23 11.64 20.54 -7.09
C ASP A 23 12.29 19.22 -6.69
N GLN A 24 11.95 18.76 -5.48
CA GLN A 24 12.48 17.49 -4.99
C GLN A 24 11.34 16.48 -4.85
N HIS A 25 10.13 16.99 -4.74
CA HIS A 25 8.95 16.12 -4.61
C HIS A 25 8.75 15.32 -5.90
N ASP A 26 9.68 15.48 -6.84
CA ASP A 26 9.60 14.78 -8.12
C ASP A 26 9.06 13.37 -7.89
N GLU A 27 8.32 12.86 -8.87
CA GLU A 27 7.75 11.53 -8.75
C GLU A 27 8.79 10.46 -9.09
N ARG A 28 8.85 9.43 -8.25
CA ARG A 28 9.80 8.33 -8.45
C ARG A 28 9.06 7.00 -8.57
N ARG A 29 7.77 6.99 -8.21
CA ARG A 29 6.97 5.77 -8.29
C ARG A 29 5.94 5.90 -9.40
N ARG A 30 6.43 5.90 -10.63
CA ARG A 30 5.58 6.03 -11.82
C ARG A 30 4.43 7.01 -11.60
N PHE A 31 3.43 6.61 -10.81
CA PHE A 31 2.28 7.46 -10.54
C PHE A 31 1.73 7.22 -9.13
N HIS A 32 0.82 8.07 -8.70
CA HIS A 32 0.22 7.93 -7.38
C HIS A 32 -0.53 6.60 -7.28
N ARG A 33 -0.44 5.96 -6.12
CA ARG A 33 -1.11 4.68 -5.91
C ARG A 33 -2.53 4.90 -5.40
N ILE A 34 -3.20 3.80 -5.06
CA ILE A 34 -4.57 3.87 -4.56
C ILE A 34 -4.58 4.22 -3.09
N ALA A 35 -4.77 5.50 -2.78
CA ALA A 35 -4.78 5.94 -1.39
C ALA A 35 -6.19 5.95 -0.82
N PHE A 36 -6.37 5.17 0.24
CA PHE A 36 -7.64 5.09 0.93
C PHE A 36 -7.37 4.78 2.40
N ASP A 37 -8.31 5.12 3.27
CA ASP A 37 -8.11 4.87 4.70
C ASP A 37 -8.76 3.55 5.11
N ALA A 38 -8.14 2.87 6.07
CA ALA A 38 -8.66 1.61 6.56
C ALA A 38 -7.76 1.04 7.65
N ASP A 39 -8.16 -0.08 8.22
CA ASP A 39 -7.39 -0.71 9.28
C ASP A 39 -6.50 -1.81 8.72
N SER A 40 -5.25 -1.83 9.16
CA SER A 40 -4.30 -2.84 8.72
C SER A 40 -3.49 -3.35 9.90
N GLU A 41 -2.90 -4.53 9.76
CA GLU A 41 -2.08 -5.10 10.83
C GLU A 41 -0.97 -5.93 10.20
N ILE A 42 0.21 -5.94 10.82
CA ILE A 42 1.34 -6.67 10.26
C ILE A 42 1.85 -7.75 11.21
N LEU A 43 2.14 -8.92 10.64
CA LEU A 43 2.63 -10.04 11.42
C LEU A 43 4.02 -10.43 10.95
N GLN A 44 4.95 -10.43 11.87
CA GLN A 44 6.33 -10.80 11.56
C GLN A 44 6.83 -11.85 12.55
N GLY A 45 6.84 -13.11 12.16
CA GLY A 45 7.27 -14.17 13.05
C GLY A 45 6.15 -14.50 14.03
N GLU A 46 6.48 -14.47 15.32
CA GLU A 46 5.49 -14.76 16.36
C GLU A 46 4.96 -13.46 16.96
N ARG A 47 5.32 -12.34 16.33
CA ARG A 47 4.90 -11.04 16.82
C ARG A 47 3.92 -10.36 15.88
N ARG A 48 2.86 -9.80 16.45
CA ARG A 48 1.84 -9.12 15.66
C ARG A 48 1.57 -7.73 16.24
N TRP A 49 1.19 -6.82 15.36
CA TRP A 49 0.90 -5.45 15.77
C TRP A 49 -0.20 -4.87 14.90
N GLU A 50 -0.91 -3.88 15.43
CA GLU A 50 -1.98 -3.23 14.69
C GLU A 50 -1.49 -1.90 14.12
N VAL A 51 -1.88 -1.58 12.89
CA VAL A 51 -1.44 -0.34 12.27
C VAL A 51 -2.50 0.20 11.32
N LEU A 52 -2.45 1.50 11.07
CA LEU A 52 -3.38 2.12 10.14
C LEU A 52 -2.73 2.21 8.77
N LEU A 53 -3.42 1.76 7.74
CA LEU A 53 -2.86 1.79 6.40
C LEU A 53 -3.27 3.07 5.69
N HIS A 54 -2.28 3.78 5.19
CA HIS A 54 -2.51 5.04 4.51
C HIS A 54 -2.70 4.85 3.01
N ASP A 55 -2.14 3.79 2.44
CA ASP A 55 -2.34 3.55 1.00
C ASP A 55 -1.73 2.23 0.57
N VAL A 56 -2.16 1.74 -0.59
CA VAL A 56 -1.66 0.47 -1.12
C VAL A 56 -1.53 0.53 -2.64
N SER A 57 -0.87 -0.48 -3.19
CA SER A 57 -0.69 -0.59 -4.62
C SER A 57 -0.77 -2.07 -4.98
N LEU A 58 -0.89 -2.39 -6.26
CA LEU A 58 -0.98 -3.79 -6.64
C LEU A 58 0.31 -4.53 -6.27
N HIS A 59 1.28 -3.79 -5.71
CA HIS A 59 2.54 -4.40 -5.32
C HIS A 59 3.31 -3.51 -4.35
N GLY A 60 2.62 -2.99 -3.33
CA GLY A 60 3.27 -2.12 -2.33
C GLY A 60 2.26 -1.60 -1.33
N ILE A 61 2.74 -1.28 -0.12
CA ILE A 61 1.85 -0.78 0.94
C ILE A 61 2.59 0.18 1.88
N LEU A 62 1.82 1.13 2.41
CA LEU A 62 2.35 2.14 3.36
C LEU A 62 1.58 2.02 4.66
N VAL A 63 2.29 2.06 5.79
CA VAL A 63 1.61 1.95 7.07
C VAL A 63 2.21 2.89 8.11
N GLY A 64 1.59 2.91 9.28
CA GLY A 64 2.07 3.73 10.40
C GLY A 64 2.91 2.87 11.34
N GLN A 65 3.97 3.44 11.93
CA GLN A 65 4.84 2.67 12.81
C GLN A 65 4.32 2.66 14.25
N PRO A 66 3.92 1.53 14.78
CA PRO A 66 3.44 1.45 16.18
C PRO A 66 4.59 1.29 17.18
N GLN A 67 4.31 1.56 18.45
CA GLN A 67 5.33 1.46 19.50
C GLN A 67 5.82 0.02 19.71
N ASP A 68 4.91 -0.94 19.66
CA ASP A 68 5.26 -2.34 19.89
C ASP A 68 5.99 -2.93 18.68
N TRP A 69 6.35 -2.09 17.73
CA TRP A 69 7.04 -2.56 16.52
C TRP A 69 8.37 -3.21 16.86
N ASN A 70 8.35 -4.38 17.49
CA ASN A 70 9.59 -5.07 17.80
C ASN A 70 9.92 -6.05 16.67
N GLY A 71 10.49 -5.53 15.59
CA GLY A 71 10.84 -6.35 14.44
C GLY A 71 12.14 -5.89 13.80
N ASP A 72 12.90 -6.84 13.28
CA ASP A 72 14.17 -6.52 12.63
C ASP A 72 13.95 -6.13 11.16
N PRO A 73 14.22 -4.90 10.80
CA PRO A 73 14.04 -4.42 9.40
C PRO A 73 14.66 -5.37 8.38
N GLN A 74 15.61 -6.18 8.83
CA GLN A 74 16.28 -7.10 7.94
C GLN A 74 15.43 -8.33 7.64
N ARG A 75 14.49 -8.66 8.53
CA ARG A 75 13.64 -9.83 8.33
C ARG A 75 12.32 -9.41 7.66
N PRO A 76 11.71 -10.31 6.91
CA PRO A 76 10.44 -10.05 6.19
C PRO A 76 9.25 -9.81 7.12
N PHE A 77 8.21 -9.19 6.58
CA PHE A 77 7.00 -8.90 7.34
C PHE A 77 5.78 -9.34 6.53
N GLU A 78 4.65 -9.62 7.21
CA GLU A 78 3.42 -10.00 6.49
C GLU A 78 2.33 -9.00 6.80
N ALA A 79 1.61 -8.55 5.79
CA ALA A 79 0.56 -7.55 6.00
C ALA A 79 -0.82 -8.10 5.70
N ARG A 80 -1.76 -7.79 6.57
CA ARG A 80 -3.14 -8.21 6.38
C ARG A 80 -4.03 -6.97 6.39
N LEU A 81 -4.86 -6.82 5.37
CA LEU A 81 -5.73 -5.65 5.31
C LEU A 81 -7.18 -6.02 5.58
N TYR A 82 -7.91 -5.11 6.19
CA TYR A 82 -9.32 -5.36 6.52
C TYR A 82 -10.18 -4.18 6.06
N LEU A 83 -10.99 -4.42 5.04
CA LEU A 83 -11.87 -3.38 4.50
C LEU A 83 -13.31 -3.66 4.91
N GLY A 84 -13.95 -4.59 4.20
CA GLY A 84 -15.32 -4.97 4.53
C GLY A 84 -15.33 -5.95 5.68
N LEU A 85 -16.49 -6.44 6.07
CA LEU A 85 -16.55 -7.38 7.18
C LEU A 85 -16.08 -8.76 6.74
N ASP A 86 -16.33 -9.10 5.48
CA ASP A 86 -15.95 -10.39 4.92
C ASP A 86 -14.72 -10.26 4.01
N VAL A 87 -14.10 -9.08 4.00
CA VAL A 87 -12.94 -8.85 3.14
C VAL A 87 -11.64 -8.84 3.95
N LEU A 88 -10.99 -10.00 3.96
CA LEU A 88 -9.73 -10.17 4.65
C LEU A 88 -8.66 -10.49 3.60
N ILE A 89 -7.68 -9.61 3.48
CA ILE A 89 -6.62 -9.80 2.49
C ILE A 89 -5.27 -10.10 3.15
N ARG A 90 -4.47 -10.92 2.47
CA ARG A 90 -3.14 -11.28 2.99
C ARG A 90 -2.07 -11.04 1.92
N MET A 91 -1.01 -10.34 2.33
CA MET A 91 0.10 -10.05 1.43
C MET A 91 1.42 -10.17 2.18
N GLU A 92 2.48 -10.58 1.47
CA GLU A 92 3.79 -10.71 2.08
C GLU A 92 4.61 -9.48 1.67
N ILE A 93 5.21 -8.78 2.62
CA ILE A 93 5.96 -7.57 2.28
C ILE A 93 7.27 -7.43 3.03
N SER A 94 8.17 -6.66 2.44
CA SER A 94 9.48 -6.41 3.04
C SER A 94 9.67 -4.90 3.24
N LEU A 95 10.45 -4.52 4.25
CA LEU A 95 10.69 -3.11 4.53
C LEU A 95 11.47 -2.46 3.39
N ALA A 96 10.88 -1.41 2.83
CA ALA A 96 11.52 -0.65 1.75
C ALA A 96 12.20 0.61 2.30
N TRP A 97 11.51 1.31 3.20
CA TRP A 97 12.03 2.55 3.80
C TRP A 97 11.19 2.96 5.00
N ALA A 98 11.66 3.97 5.74
CA ALA A 98 10.92 4.47 6.91
C ALA A 98 11.22 5.94 7.13
N ARG A 99 10.18 6.78 7.16
CA ARG A 99 10.40 8.22 7.38
C ARG A 99 9.20 8.91 8.04
N ASP A 100 9.46 9.72 9.07
CA ASP A 100 8.41 10.49 9.73
C ASP A 100 7.27 9.64 10.27
N GLY A 101 7.59 8.55 10.96
CA GLY A 101 6.53 7.72 11.54
C GLY A 101 5.75 6.97 10.46
N LEU A 102 6.28 6.97 9.25
CA LEU A 102 5.64 6.26 8.15
C LEU A 102 6.58 5.17 7.65
N LEU A 103 6.02 4.01 7.34
CA LEU A 103 6.84 2.91 6.87
C LEU A 103 6.40 2.42 5.50
N GLY A 104 7.34 2.19 4.62
CA GLY A 104 7.01 1.71 3.29
C GLY A 104 7.20 0.21 3.24
N PHE A 105 6.46 -0.43 2.36
CA PHE A 105 6.54 -1.87 2.24
C PHE A 105 6.36 -2.29 0.78
N GLU A 106 7.24 -3.16 0.31
CA GLU A 106 7.15 -3.63 -1.07
C GLU A 106 6.58 -5.05 -1.07
N CYS A 107 5.54 -5.27 -1.86
CA CYS A 107 4.91 -6.58 -1.91
C CYS A 107 5.73 -7.57 -2.73
N GLN A 108 6.04 -8.71 -2.13
CA GLN A 108 6.83 -9.74 -2.80
C GLN A 108 5.91 -10.89 -3.24
N HIS A 109 4.82 -11.10 -2.50
CA HIS A 109 3.89 -12.16 -2.84
C HIS A 109 2.53 -11.91 -2.19
N ILE A 110 1.46 -12.20 -2.92
CA ILE A 110 0.10 -12.01 -2.44
C ILE A 110 -0.82 -13.09 -2.98
N ASP A 111 -1.73 -13.55 -2.12
CA ASP A 111 -2.67 -14.61 -2.49
C ASP A 111 -3.48 -14.26 -3.74
N LEU A 112 -3.64 -15.26 -4.60
CA LEU A 112 -4.40 -15.07 -5.84
C LEU A 112 -5.79 -14.51 -5.54
N ASP A 113 -6.41 -15.03 -4.49
CA ASP A 113 -7.73 -14.57 -4.10
C ASP A 113 -7.65 -13.12 -3.59
N SER A 114 -6.54 -12.83 -2.91
CA SER A 114 -6.32 -11.49 -2.37
C SER A 114 -6.09 -10.50 -3.51
N ILE A 115 -5.38 -10.98 -4.54
CA ILE A 115 -5.08 -10.14 -5.69
C ILE A 115 -6.37 -9.66 -6.34
N SER A 116 -7.38 -10.51 -6.40
CA SER A 116 -8.63 -10.14 -7.04
C SER A 116 -9.39 -9.11 -6.22
N HIS A 117 -9.42 -9.28 -4.90
CA HIS A 117 -10.13 -8.32 -4.08
C HIS A 117 -9.48 -6.94 -4.24
N LEU A 118 -8.17 -6.92 -4.35
CA LEU A 118 -7.46 -5.66 -4.55
C LEU A 118 -7.78 -5.08 -5.92
N ARG A 119 -7.98 -5.95 -6.92
CA ARG A 119 -8.33 -5.46 -8.26
C ARG A 119 -9.62 -4.65 -8.19
N ARG A 120 -10.55 -5.12 -7.35
CA ARG A 120 -11.83 -4.42 -7.16
C ARG A 120 -11.60 -3.00 -6.69
N LEU A 121 -10.71 -2.84 -5.72
CA LEU A 121 -10.41 -1.53 -5.16
C LEU A 121 -9.76 -0.64 -6.21
N VAL A 122 -8.91 -1.22 -7.04
CA VAL A 122 -8.23 -0.46 -8.08
C VAL A 122 -9.24 0.04 -9.10
N GLU A 123 -10.11 -0.86 -9.55
CA GLU A 123 -11.13 -0.52 -10.54
C GLU A 123 -12.15 0.47 -9.96
N LEU A 124 -12.51 0.28 -8.69
CA LEU A 124 -13.51 1.14 -8.06
C LEU A 124 -12.95 2.53 -7.73
N ASN A 125 -11.72 2.59 -7.22
CA ASN A 125 -11.12 3.88 -6.87
C ASN A 125 -10.77 4.69 -8.12
N LEU A 126 -10.32 3.99 -9.17
CA LEU A 126 -9.95 4.66 -10.40
C LEU A 126 -11.13 5.47 -10.94
N GLY A 127 -12.34 5.04 -10.63
CA GLY A 127 -13.53 5.73 -11.09
C GLY A 127 -13.48 5.93 -12.60
N ASP A 128 -13.28 4.83 -13.32
CA ASP A 128 -13.20 4.88 -14.78
C ASP A 128 -14.13 5.93 -15.35
N GLU A 129 -15.43 5.66 -15.25
CA GLU A 129 -16.44 6.59 -15.77
C GLU A 129 -16.53 7.83 -14.89
N GLU A 130 -15.92 8.93 -15.35
CA GLU A 130 -15.94 10.18 -14.61
C GLU A 130 -15.33 10.00 -13.22
N LEU A 131 -16.04 10.48 -12.20
CA LEU A 131 -15.56 10.37 -10.83
C LEU A 131 -14.22 11.08 -10.68
N LEU A 132 -14.27 12.34 -10.25
CA LEU A 132 -13.07 13.15 -10.04
C LEU A 132 -11.90 12.67 -10.91
N GLU A 133 -10.86 12.16 -10.26
CA GLU A 133 -9.67 11.67 -10.97
C GLU A 133 -8.91 12.84 -11.58
N ARG A 134 -9.44 13.42 -12.65
CA ARG A 134 -8.81 14.54 -13.32
C ARG A 134 -7.29 14.39 -13.31
N GLU A 135 -6.74 13.93 -14.44
CA GLU A 135 -5.29 13.74 -14.56
C GLU A 135 -4.54 14.99 -14.12
N LEU A 136 -5.25 16.11 -14.01
CA LEU A 136 -4.62 17.37 -13.61
C LEU A 136 -3.87 17.19 -12.29
N ALA A 137 -4.53 16.53 -11.35
CA ALA A 137 -3.93 16.28 -10.03
C ALA A 137 -2.63 15.49 -10.17
N LEU A 138 -2.70 14.38 -10.89
CA LEU A 138 -1.53 13.53 -11.05
C LEU A 138 -0.38 14.25 -11.74
N LEU A 139 -0.65 14.93 -12.84
CA LEU A 139 0.41 15.63 -13.55
C LEU A 139 0.86 16.88 -12.78
N VAL A 140 -0.10 17.72 -12.40
CA VAL A 140 0.25 18.97 -11.74
C VAL A 140 1.10 18.74 -10.50
N SER A 141 1.25 17.48 -10.10
CA SER A 141 2.08 17.16 -8.95
C SER A 141 3.54 17.07 -9.38
N ALA A 142 3.73 16.48 -10.56
CA ALA A 142 5.07 16.34 -11.13
C ALA A 142 5.08 16.81 -12.58
N HIS A 143 5.86 16.14 -13.42
CA HIS A 143 5.95 16.48 -14.85
C HIS A 143 7.20 15.86 -15.45
N ASP A 144 7.71 16.47 -16.52
CA ASP A 144 8.92 15.96 -17.19
C ASP A 144 10.06 16.97 -17.10
N ASP A 145 10.08 17.74 -16.02
CA ASP A 145 11.11 18.74 -15.82
C ASP A 145 11.60 18.75 -14.37
P1 C2E B . 12.80 1.55 -3.25
O2P C2E B . 13.91 0.58 -3.43
O1P C2E B . 12.44 2.00 -1.89
O5' C2E B . 11.48 0.93 -3.95
C5' C2E B . 10.28 0.79 -3.20
C4' C2E B . 9.20 0.00 -3.96
O4' C2E B . 8.41 -0.74 -3.01
C3' C2E B . 8.23 0.88 -4.76
O3' C2E B . 8.55 0.92 -6.16
C2' C2E B . 6.90 0.17 -4.57
O2' C2E B . 6.73 -0.89 -5.52
C1' C2E B . 7.03 -0.35 -3.16
N9 C2E B . 6.74 0.65 -2.12
C8 C2E B . 7.58 1.25 -1.23
N7 C2E B . 7.03 2.14 -0.46
C5 C2E B . 5.70 2.13 -0.86
C6 C2E B . 4.60 2.89 -0.39
O6 C2E B . 4.60 3.76 0.48
N1 C2E B . 3.43 2.58 -1.06
C2 C2E B . 3.33 1.65 -2.07
N2 C2E B . 2.11 1.48 -2.59
N3 C2E B . 4.35 0.93 -2.53
C4 C2E B . 5.51 1.22 -1.88
P11 C2E B . 9.98 0.41 -6.74
O21 C2E B . 10.34 -0.85 -6.07
O11 C2E B . 9.94 0.47 -8.22
O5A C2E B . 10.99 1.56 -6.22
C5A C2E B . 10.64 2.94 -6.34
C4A C2E B . 11.79 3.84 -5.89
O4A C2E B . 11.51 5.21 -6.24
C3A C2E B . 12.09 3.81 -4.40
O3A C2E B . 13.12 2.84 -4.15
C2A C2E B . 12.62 5.20 -4.14
O2A C2E B . 14.03 5.28 -4.43
C1A C2E B . 11.81 6.05 -5.11
N91 C2E B . 10.52 6.54 -4.59
C81 C2E B . 9.25 6.16 -4.95
N71 C2E B . 8.29 6.79 -4.37
C51 C2E B . 8.95 7.69 -3.53
C61 C2E B . 8.44 8.65 -2.63
O61 C2E B . 7.26 8.91 -2.39
N11 C2E B . 9.45 9.35 -1.99
C21 C2E B . 10.79 9.14 -2.18
N21 C2E B . 11.61 9.91 -1.46
N31 C2E B . 11.30 8.23 -3.02
C41 C2E B . 10.32 7.54 -3.66
H5'1 C2E B . 9.90 1.78 -2.95
H5'2 C2E B . 10.51 0.26 -2.28
H4' C2E B . 9.68 -0.70 -4.62
H3' C2E B . 8.16 1.89 -4.32
H2' C2E B . 6.07 0.89 -4.63
HO2' C2E B . 6.44 -1.67 -5.04
H1' C2E B . 6.38 -1.23 -3.02
H8 C2E B . 8.65 1.04 -1.21
HN1 C2E B . 2.60 3.09 -0.78
HN21 C2E B . 1.33 2.02 -2.26
HN22 C2E B . 1.97 0.80 -3.33
H511 C2E B . 9.78 3.14 -5.70
H512 C2E B . 10.39 3.16 -7.38
H4A C2E B . 12.71 3.55 -6.42
H3A C2E B . 11.21 3.64 -3.78
H2A C2E B . 12.43 5.48 -3.10
HO2A C2E B . 14.21 4.68 -5.15
H1A C2E B . 12.41 6.89 -5.44
H81 C2E B . 9.06 5.34 -5.67
HN11 C2E B . 9.15 10.06 -1.34
HN24 C2E B . 12.62 9.81 -1.56
HN23 C2E B . 11.23 10.60 -0.83
P1 C2E C . 3.91 12.16 0.82
O2P C2E C . 2.85 12.65 1.73
O1P C2E C . 3.63 11.05 -0.11
O5' C2E C . 5.19 11.76 1.72
C5' C2E C . 5.38 10.41 2.16
C4' C2E C . 6.86 10.11 2.43
O4' C2E C . 7.05 8.70 2.62
C3' C2E C . 7.78 10.50 1.29
O3' C2E C . 8.14 11.88 1.39
C2' C2E C . 8.97 9.61 1.57
O2' C2E C . 9.78 10.16 2.62
C1' C2E C . 8.29 8.33 2.01
N9 C2E C . 8.01 7.42 0.89
C8 C2E C . 6.85 7.16 0.22
N7 C2E C . 6.93 6.27 -0.72
C5 C2E C . 8.27 5.89 -0.68
C6 C2E C . 8.97 4.93 -1.47
O6 C2E C . 8.54 4.23 -2.38
N1 C2E C . 10.31 4.85 -1.10
C2 C2E C . 10.90 5.59 -0.10
N2 C2E C . 12.19 5.37 0.11
N3 C2E C . 10.24 6.49 0.65
C4 C2E C . 8.93 6.58 0.30
P11 C2E C . 8.61 12.70 0.10
O21 C2E C . 9.92 13.34 0.40
O11 C2E C . 8.49 11.82 -1.09
O5A C2E C . 7.49 13.85 -0.01
C5A C2E C . 7.30 14.58 -1.22
C4A C2E C . 5.85 14.47 -1.71
O4A C2E C . 5.82 14.48 -3.15
C3A C2E C . 5.14 13.19 -1.27
O3A C2E C . 4.46 13.41 -0.03
C2A C2E C . 4.13 12.97 -2.39
O2A C2E C . 2.91 13.70 -2.15
C1A C2E C . 4.87 13.51 -3.61
N91 C2E C . 5.60 12.48 -4.35
C81 C2E C . 6.93 12.18 -4.37
N71 C2E C . 7.27 11.24 -5.19
C51 C2E C . 6.05 10.85 -5.76
C61 C2E C . 5.77 9.86 -6.73
O61 C2E C . 6.56 9.13 -7.32
N11 C2E C . 4.42 9.79 -7.01
C21 C2E C . 3.45 10.58 -6.45
N21 C2E C . 2.19 10.38 -6.85
N31 C2E C . 3.71 11.53 -5.54
C41 C2E C . 5.03 11.61 -5.24
H5'1 C2E C . 5.01 9.74 1.40
H5'2 C2E C . 4.81 10.26 3.08
H4' C2E C . 7.16 10.63 3.33
H3' C2E C . 7.31 10.25 0.35
H2' C2E C . 9.56 9.45 0.66
HO2' C2E C . 9.82 11.11 2.49
H1' C2E C . 8.92 7.81 2.72
H8 C2E C . 5.89 7.62 0.46
HN1 C2E C . 10.87 4.19 -1.61
HN21 C2E C . 12.69 4.68 -0.46
HN22 C2E C . 12.69 5.87 0.82
H511 C2E C . 7.96 14.18 -1.99
H512 C2E C . 7.54 15.62 -1.06
H4A C2E C . 5.29 15.32 -1.35
H3A C2E C . 5.84 12.35 -1.20
H2A C2E C . 3.93 11.90 -2.52
HO2A C2E C . 2.25 13.35 -2.76
H1A C2E C . 4.17 13.99 -4.30
H81 C2E C . 7.64 12.68 -3.70
HN11 C2E C . 4.14 9.08 -7.68
HN24 C2E C . 1.99 9.67 -7.54
HN23 C2E C . 1.43 10.93 -6.47
N MET A 21 1.16 24.38 -10.54
CA MET A 21 0.80 23.90 -9.18
C MET A 21 1.83 22.87 -8.72
N SER A 22 1.87 22.63 -7.41
CA SER A 22 2.82 21.67 -6.84
C SER A 22 2.37 20.25 -7.13
N ASP A 23 1.87 20.02 -8.33
CA ASP A 23 1.41 18.68 -8.72
C ASP A 23 2.59 17.86 -9.24
N GLN A 24 3.79 18.27 -8.85
CA GLN A 24 5.01 17.57 -9.27
C GLN A 24 5.67 16.90 -8.07
N HIS A 25 5.38 17.43 -6.88
CA HIS A 25 5.92 16.90 -5.62
C HIS A 25 6.88 15.74 -5.88
N ASP A 26 8.00 16.03 -6.54
CA ASP A 26 9.00 15.01 -6.83
C ASP A 26 8.37 13.63 -6.89
N GLU A 27 7.97 13.20 -8.09
CA GLU A 27 7.35 11.89 -8.24
C GLU A 27 8.37 10.86 -8.71
N ARG A 28 8.46 9.75 -7.99
CA ARG A 28 9.42 8.69 -8.32
C ARG A 28 8.75 7.34 -8.51
N ARG A 29 7.44 7.26 -8.26
CA ARG A 29 6.72 6.00 -8.42
C ARG A 29 5.80 6.06 -9.64
N ARG A 30 6.39 5.77 -10.79
CA ARG A 30 5.67 5.78 -12.08
C ARG A 30 4.36 6.58 -11.98
N PHE A 31 3.28 5.89 -11.59
CA PHE A 31 1.98 6.55 -11.46
C PHE A 31 1.48 6.46 -10.01
N HIS A 32 0.63 7.40 -9.63
CA HIS A 32 0.09 7.42 -8.27
C HIS A 32 -0.40 6.04 -7.85
N ARG A 33 -0.76 5.90 -6.58
CA ARG A 33 -1.25 4.63 -6.03
C ARG A 33 -2.68 4.77 -5.54
N ILE A 34 -3.23 3.68 -5.03
CA ILE A 34 -4.60 3.68 -4.51
C ILE A 34 -4.58 4.02 -3.03
N ALA A 35 -4.77 5.29 -2.72
CA ALA A 35 -4.78 5.72 -1.33
C ALA A 35 -6.19 5.74 -0.75
N PHE A 36 -6.39 4.95 0.29
CA PHE A 36 -7.65 4.89 0.99
C PHE A 36 -7.39 4.56 2.45
N ASP A 37 -8.31 4.92 3.34
CA ASP A 37 -8.10 4.65 4.75
C ASP A 37 -8.77 3.35 5.16
N ALA A 38 -8.18 2.67 6.14
CA ALA A 38 -8.72 1.42 6.63
C ALA A 38 -7.81 0.85 7.71
N ASP A 39 -8.19 -0.28 8.28
CA ASP A 39 -7.39 -0.90 9.33
C ASP A 39 -6.48 -1.98 8.75
N SER A 40 -5.22 -1.97 9.16
CA SER A 40 -4.27 -2.97 8.69
C SER A 40 -3.46 -3.51 9.87
N GLU A 41 -2.97 -4.74 9.71
CA GLU A 41 -2.17 -5.37 10.76
C GLU A 41 -0.97 -6.04 10.12
N ILE A 42 0.15 -6.03 10.83
CA ILE A 42 1.36 -6.63 10.30
C ILE A 42 1.91 -7.69 11.26
N LEU A 43 2.32 -8.81 10.68
CA LEU A 43 2.86 -9.93 11.45
C LEU A 43 4.26 -10.29 10.98
N GLN A 44 5.20 -10.27 11.91
CA GLN A 44 6.58 -10.63 11.59
C GLN A 44 7.10 -11.62 12.61
N GLY A 45 7.15 -12.90 12.23
CA GLY A 45 7.59 -13.93 13.15
C GLY A 45 6.47 -14.30 14.12
N GLU A 46 6.77 -14.26 15.41
CA GLU A 46 5.78 -14.59 16.43
C GLU A 46 5.20 -13.30 17.03
N ARG A 47 5.48 -12.18 16.39
CA ARG A 47 5.01 -10.88 16.88
C ARG A 47 3.98 -10.26 15.95
N ARG A 48 2.90 -9.77 16.53
CA ARG A 48 1.84 -9.12 15.75
C ARG A 48 1.54 -7.76 16.33
N TRP A 49 1.16 -6.83 15.45
CA TRP A 49 0.86 -5.47 15.85
C TRP A 49 -0.25 -4.90 14.98
N GLU A 50 -0.95 -3.91 15.51
CA GLU A 50 -2.03 -3.27 14.78
C GLU A 50 -1.54 -1.94 14.20
N VAL A 51 -1.90 -1.66 12.95
CA VAL A 51 -1.46 -0.42 12.32
C VAL A 51 -2.52 0.12 11.36
N LEU A 52 -2.46 1.42 11.11
CA LEU A 52 -3.39 2.07 10.20
C LEU A 52 -2.73 2.15 8.83
N LEU A 53 -3.43 1.71 7.80
CA LEU A 53 -2.86 1.75 6.46
C LEU A 53 -3.24 3.06 5.77
N HIS A 54 -2.23 3.77 5.31
CA HIS A 54 -2.44 5.05 4.66
C HIS A 54 -2.63 4.90 3.16
N ASP A 55 -2.04 3.87 2.54
CA ASP A 55 -2.24 3.68 1.11
C ASP A 55 -1.64 2.36 0.64
N VAL A 56 -2.07 1.91 -0.53
CA VAL A 56 -1.60 0.64 -1.09
C VAL A 56 -1.50 0.72 -2.61
N SER A 57 -0.85 -0.30 -3.18
CA SER A 57 -0.68 -0.39 -4.62
C SER A 57 -0.83 -1.86 -5.00
N LEU A 58 -0.94 -2.16 -6.29
CA LEU A 58 -1.09 -3.54 -6.70
C LEU A 58 0.17 -4.34 -6.35
N HIS A 59 1.17 -3.66 -5.79
CA HIS A 59 2.41 -4.33 -5.42
C HIS A 59 3.22 -3.52 -4.40
N GLY A 60 2.54 -2.93 -3.42
CA GLY A 60 3.22 -2.14 -2.40
C GLY A 60 2.24 -1.60 -1.37
N ILE A 61 2.73 -1.30 -0.16
CA ILE A 61 1.87 -0.79 0.91
C ILE A 61 2.61 0.19 1.83
N LEU A 62 1.86 1.15 2.35
CA LEU A 62 2.39 2.15 3.29
C LEU A 62 1.61 2.06 4.59
N VAL A 63 2.31 2.06 5.72
CA VAL A 63 1.63 1.96 7.01
C VAL A 63 2.26 2.88 8.05
N GLY A 64 1.64 2.92 9.23
CA GLY A 64 2.14 3.74 10.34
C GLY A 64 2.95 2.86 11.28
N GLN A 65 4.03 3.38 11.86
CA GLN A 65 4.86 2.57 12.75
C GLN A 65 4.35 2.58 14.19
N PRO A 66 3.97 1.46 14.75
CA PRO A 66 3.51 1.40 16.16
C PRO A 66 4.67 1.25 17.13
N GLN A 67 4.44 1.54 18.40
CA GLN A 67 5.49 1.45 19.42
C GLN A 67 5.96 0.01 19.64
N ASP A 68 5.02 -0.93 19.64
CA ASP A 68 5.35 -2.33 19.88
C ASP A 68 6.08 -2.96 18.69
N TRP A 69 6.46 -2.13 17.72
CA TRP A 69 7.15 -2.62 16.53
C TRP A 69 8.47 -3.31 16.88
N ASN A 70 8.40 -4.47 17.53
CA ASN A 70 9.62 -5.20 17.86
C ASN A 70 9.91 -6.22 16.77
N GLY A 71 10.47 -5.74 15.65
CA GLY A 71 10.77 -6.61 14.53
C GLY A 71 12.06 -6.19 13.81
N ASP A 72 12.80 -7.18 13.31
CA ASP A 72 14.04 -6.93 12.61
C ASP A 72 13.78 -6.47 11.17
N PRO A 73 14.26 -5.31 10.79
CA PRO A 73 14.06 -4.75 9.41
C PRO A 73 14.64 -5.65 8.34
N GLN A 74 15.60 -6.48 8.72
CA GLN A 74 16.23 -7.37 7.77
C GLN A 74 15.36 -8.59 7.47
N ARG A 75 14.47 -8.92 8.39
CA ARG A 75 13.58 -10.07 8.20
C ARG A 75 12.25 -9.63 7.59
N PRO A 76 11.65 -10.47 6.77
CA PRO A 76 10.37 -10.16 6.08
C PRO A 76 9.21 -9.89 7.05
N PHE A 77 8.18 -9.23 6.51
CA PHE A 77 6.99 -8.89 7.29
C PHE A 77 5.74 -9.33 6.51
N GLU A 78 4.62 -9.55 7.19
CA GLU A 78 3.38 -9.94 6.49
C GLU A 78 2.27 -8.95 6.83
N ALA A 79 1.49 -8.55 5.84
CA ALA A 79 0.42 -7.58 6.06
C ALA A 79 -0.96 -8.14 5.75
N ARG A 80 -1.91 -7.84 6.63
CA ARG A 80 -3.29 -8.25 6.44
C ARG A 80 -4.15 -7.00 6.42
N LEU A 81 -4.96 -6.83 5.39
CA LEU A 81 -5.81 -5.64 5.29
C LEU A 81 -7.28 -6.00 5.49
N TYR A 82 -8.04 -5.04 6.01
CA TYR A 82 -9.46 -5.24 6.25
C TYR A 82 -10.28 -4.08 5.70
N LEU A 83 -11.00 -4.35 4.61
CA LEU A 83 -11.85 -3.33 3.98
C LEU A 83 -13.31 -3.61 4.33
N GLY A 84 -13.93 -4.51 3.58
CA GLY A 84 -15.31 -4.88 3.84
C GLY A 84 -15.36 -5.82 5.03
N LEU A 85 -16.55 -6.20 5.46
CA LEU A 85 -16.65 -7.11 6.60
C LEU A 85 -16.21 -8.51 6.19
N ASP A 86 -16.54 -8.89 4.96
CA ASP A 86 -16.18 -10.19 4.40
C ASP A 86 -14.92 -10.11 3.55
N VAL A 87 -14.24 -8.97 3.58
CA VAL A 87 -13.05 -8.78 2.76
C VAL A 87 -11.78 -8.80 3.60
N LEU A 88 -11.15 -9.97 3.65
CA LEU A 88 -9.91 -10.15 4.37
C LEU A 88 -8.81 -10.43 3.36
N ILE A 89 -7.80 -9.55 3.31
CA ILE A 89 -6.71 -9.71 2.34
C ILE A 89 -5.39 -10.00 3.05
N ARG A 90 -4.57 -10.85 2.42
CA ARG A 90 -3.27 -11.22 2.96
C ARG A 90 -2.16 -11.01 1.92
N MET A 91 -1.09 -10.35 2.35
CA MET A 91 0.03 -10.06 1.48
C MET A 91 1.34 -10.16 2.27
N GLU A 92 2.42 -10.54 1.58
CA GLU A 92 3.72 -10.64 2.21
C GLU A 92 4.55 -9.45 1.77
N ILE A 93 5.12 -8.70 2.70
CA ILE A 93 5.88 -7.51 2.32
C ILE A 93 7.20 -7.39 3.07
N SER A 94 8.12 -6.64 2.47
CA SER A 94 9.43 -6.40 3.06
C SER A 94 9.67 -4.91 3.25
N LEU A 95 10.55 -4.55 4.17
CA LEU A 95 10.85 -3.15 4.45
C LEU A 95 11.52 -2.48 3.26
N ALA A 96 10.87 -1.46 2.71
CA ALA A 96 11.43 -0.71 1.60
C ALA A 96 12.13 0.57 2.10
N TRP A 97 11.48 1.24 3.05
CA TRP A 97 12.02 2.48 3.61
C TRP A 97 11.18 2.91 4.83
N ALA A 98 11.67 3.90 5.57
CA ALA A 98 10.93 4.40 6.74
C ALA A 98 11.27 5.87 6.97
N ARG A 99 10.25 6.74 7.01
CA ARG A 99 10.51 8.16 7.24
C ARG A 99 9.34 8.87 7.91
N ASP A 100 9.65 9.67 8.93
CA ASP A 100 8.63 10.48 9.62
C ASP A 100 7.47 9.68 10.18
N GLY A 101 7.75 8.58 10.88
CA GLY A 101 6.68 7.81 11.50
C GLY A 101 6.04 6.79 10.55
N LEU A 102 6.05 7.06 9.26
CA LEU A 102 5.44 6.14 8.31
C LEU A 102 6.46 5.11 7.83
N LEU A 103 5.95 3.99 7.34
CA LEU A 103 6.82 2.91 6.87
C LEU A 103 6.41 2.43 5.48
N GLY A 104 7.38 2.24 4.60
CA GLY A 104 7.06 1.76 3.27
C GLY A 104 7.27 0.26 3.22
N PHE A 105 6.53 -0.40 2.34
CA PHE A 105 6.62 -1.84 2.22
C PHE A 105 6.42 -2.27 0.78
N GLU A 106 7.30 -3.14 0.29
CA GLU A 106 7.20 -3.62 -1.07
C GLU A 106 6.64 -5.05 -1.06
N CYS A 107 5.57 -5.28 -1.81
CA CYS A 107 4.95 -6.59 -1.85
C CYS A 107 5.82 -7.62 -2.56
N GLN A 108 6.15 -8.70 -1.84
CA GLN A 108 6.96 -9.77 -2.40
C GLN A 108 6.07 -10.88 -2.94
N HIS A 109 4.93 -11.09 -2.29
CA HIS A 109 3.98 -12.12 -2.70
C HIS A 109 2.62 -11.85 -2.09
N ILE A 110 1.57 -12.11 -2.87
CA ILE A 110 0.20 -11.90 -2.42
C ILE A 110 -0.73 -12.96 -2.99
N ASP A 111 -1.67 -13.41 -2.16
CA ASP A 111 -2.60 -14.46 -2.57
C ASP A 111 -3.42 -14.08 -3.79
N LEU A 112 -3.64 -15.07 -4.66
CA LEU A 112 -4.40 -14.86 -5.89
C LEU A 112 -5.77 -14.26 -5.58
N ASP A 113 -6.41 -14.74 -4.53
CA ASP A 113 -7.71 -14.23 -4.15
C ASP A 113 -7.58 -12.78 -3.69
N SER A 114 -6.50 -12.51 -2.96
CA SER A 114 -6.24 -11.16 -2.48
C SER A 114 -5.88 -10.24 -3.65
N ILE A 115 -5.19 -10.80 -4.62
CA ILE A 115 -4.77 -10.04 -5.79
C ILE A 115 -6.00 -9.46 -6.48
N SER A 116 -7.07 -10.24 -6.52
CA SER A 116 -8.29 -9.79 -7.18
C SER A 116 -8.97 -8.69 -6.38
N HIS A 117 -8.95 -8.80 -5.06
CA HIS A 117 -9.58 -7.77 -4.25
C HIS A 117 -8.85 -6.44 -4.46
N LEU A 118 -7.54 -6.52 -4.63
CA LEU A 118 -6.74 -5.33 -4.89
C LEU A 118 -7.09 -4.77 -6.26
N ARG A 119 -7.42 -5.64 -7.20
CA ARG A 119 -7.80 -5.19 -8.54
C ARG A 119 -9.05 -4.32 -8.44
N ARG A 120 -9.97 -4.73 -7.56
CA ARG A 120 -11.22 -4.00 -7.34
C ARG A 120 -10.92 -2.56 -6.91
N LEU A 121 -9.99 -2.43 -5.97
CA LEU A 121 -9.61 -1.11 -5.46
C LEU A 121 -8.99 -0.29 -6.58
N VAL A 122 -8.25 -0.97 -7.46
CA VAL A 122 -7.62 -0.30 -8.60
C VAL A 122 -8.69 0.17 -9.59
N GLU A 123 -9.70 -0.66 -9.79
CA GLU A 123 -10.78 -0.34 -10.72
C GLU A 123 -11.59 0.86 -10.24
N LEU A 124 -12.00 0.83 -8.98
CA LEU A 124 -12.81 1.92 -8.43
C LEU A 124 -12.00 3.20 -8.33
N ASN A 125 -10.76 3.11 -7.87
CA ASN A 125 -9.91 4.29 -7.73
C ASN A 125 -9.62 4.91 -9.09
N LEU A 126 -9.51 4.07 -10.12
CA LEU A 126 -9.23 4.58 -11.46
C LEU A 126 -10.31 5.59 -11.86
N GLY A 127 -11.44 5.54 -11.17
CA GLY A 127 -12.55 6.44 -11.44
C GLY A 127 -12.63 7.54 -10.38
N ASP A 128 -11.92 7.33 -9.28
CA ASP A 128 -11.91 8.30 -8.20
C ASP A 128 -13.34 8.60 -7.73
N GLU A 129 -13.47 9.64 -6.91
CA GLU A 129 -14.79 10.02 -6.41
C GLU A 129 -15.64 10.57 -7.55
N GLU A 130 -16.13 11.79 -7.38
CA GLU A 130 -16.96 12.42 -8.41
C GLU A 130 -16.30 12.27 -9.77
N LEU A 131 -15.57 13.30 -10.19
CA LEU A 131 -14.89 13.27 -11.49
C LEU A 131 -14.00 14.50 -11.63
N LEU A 132 -14.57 15.57 -12.20
CA LEU A 132 -13.83 16.81 -12.38
C LEU A 132 -12.58 16.57 -13.24
N GLU A 133 -12.33 17.50 -14.16
CA GLU A 133 -11.17 17.38 -15.04
C GLU A 133 -9.93 17.04 -14.23
N ARG A 134 -9.52 15.77 -14.27
CA ARG A 134 -8.33 15.34 -13.54
C ARG A 134 -7.83 14.01 -14.09
N GLU A 135 -6.59 14.03 -14.59
CA GLU A 135 -5.98 12.82 -15.16
C GLU A 135 -4.80 13.23 -16.04
N LEU A 136 -5.05 14.20 -16.91
CA LEU A 136 -4.02 14.70 -17.82
C LEU A 136 -2.91 15.42 -17.06
N ALA A 137 -3.29 16.11 -15.99
CA ALA A 137 -2.33 16.87 -15.19
C ALA A 137 -1.33 15.94 -14.51
N LEU A 138 -1.75 14.68 -14.33
CA LEU A 138 -0.89 13.68 -13.71
C LEU A 138 0.41 13.59 -14.53
N LEU A 139 0.24 13.64 -15.85
CA LEU A 139 1.40 13.58 -16.73
C LEU A 139 2.34 14.72 -16.36
N VAL A 140 1.76 15.92 -16.21
CA VAL A 140 2.53 17.08 -15.80
C VAL A 140 3.19 16.82 -14.44
N SER A 141 2.98 15.62 -13.90
CA SER A 141 3.63 15.25 -12.64
C SER A 141 4.86 14.41 -12.96
N ALA A 142 4.70 13.50 -13.91
CA ALA A 142 5.79 12.63 -14.33
C ALA A 142 5.92 12.63 -15.86
N HIS A 143 6.26 13.78 -16.42
CA HIS A 143 6.39 13.89 -17.87
C HIS A 143 7.39 12.86 -18.42
N ASP A 144 7.92 13.14 -19.61
CA ASP A 144 8.88 12.27 -20.25
C ASP A 144 8.89 12.51 -21.76
N ASP A 145 7.77 13.02 -22.26
CA ASP A 145 7.63 13.30 -23.69
C ASP A 145 8.36 14.58 -24.05
P1 C2E B . 12.59 1.80 -3.46
O2P C2E B . 13.73 0.90 -3.70
O1P C2E B . 12.26 2.20 -2.07
O5' C2E B . 11.28 1.16 -4.14
C5' C2E B . 10.11 0.93 -3.34
C4' C2E B . 9.05 0.09 -4.08
O4' C2E B . 8.32 -0.69 -3.12
C3' C2E B . 8.01 0.94 -4.86
O3' C2E B . 8.28 0.98 -6.28
C2' C2E B . 6.72 0.19 -4.61
O2' C2E B . 6.53 -0.87 -5.55
C1' C2E B . 6.94 -0.35 -3.21
N9 C2E B . 6.64 0.63 -2.15
C8 C2E B . 7.49 1.24 -1.29
N7 C2E B . 6.94 2.12 -0.49
C5 C2E B . 5.60 2.08 -0.86
C6 C2E B . 4.50 2.81 -0.33
O6 C2E B . 4.50 3.65 0.55
N1 C2E B . 3.32 2.46 -0.98
C2 C2E B . 3.20 1.53 -1.99
N2 C2E B . 1.99 1.33 -2.46
N3 C2E B . 4.24 0.85 -2.48
C4 C2E B . 5.41 1.17 -1.86
P11 C2E B . 9.71 0.59 -6.91
O21 C2E B . 10.16 -0.70 -6.32
O11 C2E B . 9.62 0.73 -8.38
O5A C2E B . 10.66 1.75 -6.36
C5A C2E B . 10.24 3.12 -6.41
C4A C2E B . 11.38 4.06 -6.02
O4A C2E B . 11.05 5.41 -6.36
C3A C2E B . 11.73 4.04 -4.54
O3A C2E B . 12.81 3.14 -4.32
C2A C2E B . 12.19 5.46 -4.28
O2A C2E B . 13.57 5.63 -4.60
C1A C2E B . 11.31 6.27 -5.23
N91 C2E B . 9.99 6.66 -4.69
C81 C2E B . 8.75 6.19 -5.03
N71 C2E B . 7.76 6.75 -4.42
C51 C2E B . 8.39 7.68 -3.59
C61 C2E B . 7.81 8.61 -2.68
O61 C2E B . 6.62 8.77 -2.41
N11 C2E B . 8.79 9.37 -2.05
C21 C2E B . 10.14 9.26 -2.27
N21 C2E B . 10.92 10.08 -1.57
N31 C2E B . 10.69 8.39 -3.13
C41 C2E B . 9.75 7.64 -3.75
H5'1 C2E B . 9.68 1.89 -3.06
H5'2 C2E B . 10.40 0.40 -2.45
H4' C2E B . 9.55 -0.58 -4.77
H3' C2E B . 7.94 1.94 -4.42
H2' C2E B . 5.87 0.87 -4.62
HO2' C2E B . 6.11 -1.60 -5.09
H1' C2E B . 6.32 -1.25 -3.06
H8 C2E B . 8.57 1.04 -1.26
HN1 C2E B . 2.49 2.94 -0.66
HN21 C2E B . 1.20 1.85 -2.10
HN22 C2E B . 1.84 0.65 -3.20
H511 C2E B . 9.41 3.27 -5.72
H512 C2E B . 9.92 3.36 -7.42
H4A C2E B . 12.28 3.79 -6.57
H3A C2E B . 10.88 3.83 -3.88
H2A C2E B . 12.00 5.74 -3.24
HO2A C2E B . 14.08 5.38 -3.81
H1A C2E B . 11.85 7.15 -5.55
H81 C2E B . 8.62 5.38 -5.74
HN11 C2E B . 8.44 10.06 -1.41
HN24 C2E B . 11.93 10.05 -1.68
HN23 C2E B . 10.51 10.73 -0.92
P1 C2E C . 2.64 11.46 1.15
O2P C2E C . 2.37 11.93 2.53
O1P C2E C . 1.74 10.49 0.50
O5' C2E C . 4.13 10.84 1.12
C5' C2E C . 4.52 9.81 2.04
C4' C2E C . 6.02 9.80 2.28
O4' C2E C . 6.48 8.46 2.46
C3' C2E C . 6.83 10.38 1.14
O3' C2E C . 6.96 11.80 1.28
C2' C2E C . 8.17 9.71 1.34
O2' C2E C . 8.93 10.36 2.37
C1' C2E C . 7.74 8.32 1.79
N9 C2E C . 7.55 7.36 0.67
C8 C2E C . 6.41 7.04 -0.02
N7 C2E C . 6.56 6.14 -0.94
C5 C2E C . 7.92 5.84 -0.87
C6 C2E C . 8.68 4.91 -1.64
O6 C2E C . 8.30 4.18 -2.55
N1 C2E C . 10.01 4.90 -1.25
C2 C2E C . 10.55 5.69 -0.25
N2 C2E C . 11.86 5.53 -0.02
N3 C2E C . 9.84 6.56 0.47
C4 C2E C . 8.53 6.58 0.10
P11 C2E C . 7.81 12.66 0.21
O21 C2E C . 8.44 13.79 0.94
O11 C2E C . 8.66 11.73 -0.56
O5A C2E C . 6.67 13.25 -0.76
C5A C2E C . 5.68 14.15 -0.25
C4A C2E C . 4.38 14.06 -1.04
O4A C2E C . 4.64 14.27 -2.44
C3A C2E C . 3.66 12.73 -0.93
O3A C2E C . 2.78 12.75 0.19
C2A C2E C . 2.86 12.69 -2.22
O2A C2E C . 1.61 13.37 -2.09
C1A C2E C . 3.78 13.41 -3.20
N91 C2E C . 4.65 12.49 -3.97
C81 C2E C . 6.00 12.35 -3.96
N71 C2E C . 6.47 11.49 -4.81
C51 C2E C . 5.32 11.01 -5.44
C61 C2E C . 5.20 10.05 -6.47
O61 C2E C . 6.09 9.44 -7.05
N11 C2E C . 3.86 9.86 -6.83
C21 C2E C . 2.79 10.51 -6.25
N21 C2E C . 1.59 10.18 -6.73
N31 C2E C . 2.91 11.42 -5.29
C41 C2E C . 4.20 11.61 -4.93
H5'1 C2E C . 4.21 8.85 1.62
H5'2 C2E C . 3.99 9.97 2.98
H4' C2E C . 6.24 10.35 3.19
H3' C2E C . 6.39 10.08 0.18
H2' C2E C . 8.73 9.66 0.42
HO2' C2E C . 9.12 11.25 2.06
H1' C2E C . 8.50 7.90 2.46
H8 C2E C . 5.43 7.45 0.22
HN1 C2E C . 10.61 4.26 -1.74
HN21 C2E C . 12.38 4.86 -0.58
HN22 C2E C . 12.31 6.07 0.70
H511 C2E C . 6.07 15.16 -0.30
H512 C2E C . 5.48 13.90 0.79
H4A C2E C . 3.72 14.87 -0.71
H3A C2E C . 4.36 11.90 -0.89
H2A C2E C . 2.71 11.66 -2.53
HO2A C2E C . 0.97 12.88 -2.61
H1A C2E C . 3.20 13.97 -3.92
H81 C2E C . 6.64 12.91 -3.28
HN11 C2E C . 3.69 9.19 -7.56
HN24 C2E C . 1.50 9.50 -7.46
HN23 C2E C . 0.76 10.63 -6.35
N MET A 21 20.69 20.38 -5.62
CA MET A 21 21.17 19.17 -4.90
C MET A 21 20.23 18.87 -3.74
N SER A 22 19.17 19.66 -3.62
CA SER A 22 18.20 19.49 -2.54
C SER A 22 16.91 18.87 -3.09
N ASP A 23 16.89 17.54 -3.15
CA ASP A 23 15.69 16.84 -3.61
C ASP A 23 14.92 16.32 -2.39
N GLN A 24 13.83 17.01 -2.07
CA GLN A 24 13.01 16.64 -0.93
C GLN A 24 11.67 16.03 -1.37
N HIS A 25 11.15 16.52 -2.49
CA HIS A 25 9.88 16.03 -3.01
C HIS A 25 10.08 15.26 -4.31
N ASP A 26 9.70 15.87 -5.43
CA ASP A 26 9.83 15.22 -6.73
C ASP A 26 9.13 13.85 -6.72
N GLU A 27 8.87 13.30 -7.89
CA GLU A 27 8.19 12.00 -7.97
C GLU A 27 9.17 10.88 -8.32
N ARG A 28 9.16 9.82 -7.50
CA ARG A 28 10.05 8.67 -7.72
C ARG A 28 9.27 7.36 -7.83
N ARG A 29 7.98 7.39 -7.48
CA ARG A 29 7.13 6.19 -7.57
C ARG A 29 6.02 6.40 -8.58
N ARG A 30 6.35 6.17 -9.84
CA ARG A 30 5.38 6.33 -10.93
C ARG A 30 4.20 7.19 -10.52
N PHE A 31 3.22 6.59 -9.85
CA PHE A 31 2.03 7.33 -9.41
C PHE A 31 1.93 7.30 -7.88
N HIS A 32 0.99 8.10 -7.35
CA HIS A 32 0.80 8.18 -5.90
C HIS A 32 0.11 6.92 -5.36
N ARG A 33 -0.19 5.99 -6.25
CA ARG A 33 -0.86 4.75 -5.84
C ARG A 33 -2.27 5.03 -5.37
N ILE A 34 -3.00 3.99 -5.02
CA ILE A 34 -4.38 4.14 -4.55
C ILE A 34 -4.40 4.47 -3.07
N ALA A 35 -4.70 5.72 -2.74
CA ALA A 35 -4.75 6.13 -1.35
C ALA A 35 -6.17 6.09 -0.80
N PHE A 36 -6.34 5.28 0.23
CA PHE A 36 -7.62 5.14 0.91
C PHE A 36 -7.35 4.78 2.36
N ASP A 37 -8.28 5.10 3.25
CA ASP A 37 -8.07 4.81 4.66
C ASP A 37 -8.70 3.48 5.05
N ALA A 38 -8.06 2.78 5.98
CA ALA A 38 -8.57 1.50 6.46
C ALA A 38 -7.66 0.93 7.54
N ASP A 39 -8.06 -0.18 8.13
CA ASP A 39 -7.27 -0.80 9.19
C ASP A 39 -6.38 -1.90 8.63
N SER A 40 -5.11 -1.91 9.05
CA SER A 40 -4.19 -2.93 8.59
C SER A 40 -3.39 -3.48 9.77
N GLU A 41 -2.95 -4.72 9.64
CA GLU A 41 -2.17 -5.38 10.69
C GLU A 41 -0.95 -6.02 10.06
N ILE A 42 0.13 -6.14 10.83
CA ILE A 42 1.34 -6.74 10.29
C ILE A 42 1.94 -7.76 11.26
N LEU A 43 2.35 -8.89 10.71
CA LEU A 43 2.93 -9.97 11.50
C LEU A 43 4.30 -10.34 11.01
N GLN A 44 5.27 -10.27 11.89
CA GLN A 44 6.65 -10.64 11.56
C GLN A 44 7.18 -11.65 12.57
N GLY A 45 7.20 -12.92 12.19
CA GLY A 45 7.68 -13.96 13.09
C GLY A 45 6.56 -14.35 14.05
N GLU A 46 6.86 -14.29 15.35
CA GLU A 46 5.88 -14.63 16.37
C GLU A 46 5.28 -13.36 16.96
N ARG A 47 5.54 -12.23 16.30
CA ARG A 47 5.06 -10.94 16.78
C ARG A 47 4.03 -10.30 15.84
N ARG A 48 2.97 -9.77 16.43
CA ARG A 48 1.92 -9.10 15.66
C ARG A 48 1.64 -7.72 16.24
N TRP A 49 1.21 -6.82 15.38
CA TRP A 49 0.91 -5.46 15.79
C TRP A 49 -0.21 -4.88 14.93
N GLU A 50 -0.89 -3.87 15.48
CA GLU A 50 -1.98 -3.22 14.76
C GLU A 50 -1.49 -1.90 14.16
N VAL A 51 -1.90 -1.59 12.95
CA VAL A 51 -1.45 -0.35 12.30
C VAL A 51 -2.51 0.19 11.36
N LEU A 52 -2.42 1.48 11.08
CA LEU A 52 -3.34 2.13 10.16
C LEU A 52 -2.68 2.25 8.80
N LEU A 53 -3.37 1.82 7.75
CA LEU A 53 -2.80 1.88 6.41
C LEU A 53 -3.24 3.16 5.72
N HIS A 54 -2.28 3.93 5.25
CA HIS A 54 -2.57 5.19 4.61
C HIS A 54 -2.75 5.02 3.10
N ASP A 55 -2.13 4.01 2.50
CA ASP A 55 -2.32 3.78 1.06
C ASP A 55 -1.69 2.47 0.62
N VAL A 56 -2.14 1.99 -0.54
CA VAL A 56 -1.65 0.73 -1.08
C VAL A 56 -1.56 0.79 -2.60
N SER A 57 -0.91 -0.22 -3.17
CA SER A 57 -0.76 -0.35 -4.62
C SER A 57 -0.88 -1.81 -4.98
N LEU A 58 -0.99 -2.11 -6.26
CA LEU A 58 -1.12 -3.51 -6.67
C LEU A 58 0.16 -4.29 -6.39
N HIS A 59 1.17 -3.59 -5.87
CA HIS A 59 2.44 -4.25 -5.56
C HIS A 59 3.22 -3.48 -4.49
N GLY A 60 2.52 -2.88 -3.54
CA GLY A 60 3.18 -2.12 -2.48
C GLY A 60 2.18 -1.62 -1.45
N ILE A 61 2.66 -1.31 -0.24
CA ILE A 61 1.79 -0.83 0.83
C ILE A 61 2.51 0.14 1.77
N LEU A 62 1.74 1.08 2.34
CA LEU A 62 2.29 2.05 3.29
C LEU A 62 1.54 1.93 4.62
N VAL A 63 2.25 2.07 5.72
CA VAL A 63 1.60 1.97 7.02
C VAL A 63 2.23 2.92 8.04
N GLY A 64 1.63 2.95 9.23
CA GLY A 64 2.13 3.79 10.33
C GLY A 64 2.97 2.94 11.28
N GLN A 65 4.01 3.53 11.88
CA GLN A 65 4.88 2.78 12.79
C GLN A 65 4.35 2.81 14.22
N PRO A 66 3.92 1.70 14.76
CA PRO A 66 3.42 1.68 16.17
C PRO A 66 4.57 1.54 17.17
N GLN A 67 4.30 1.89 18.43
CA GLN A 67 5.31 1.82 19.47
C GLN A 67 5.77 0.39 19.76
N ASP A 68 4.92 -0.59 19.48
CA ASP A 68 5.25 -1.99 19.74
C ASP A 68 6.00 -2.63 18.57
N TRP A 69 6.39 -1.83 17.59
CA TRP A 69 7.10 -2.33 16.42
C TRP A 69 8.41 -3.00 16.81
N ASN A 70 8.35 -4.13 17.49
CA ASN A 70 9.57 -4.83 17.87
C ASN A 70 9.93 -5.87 16.80
N GLY A 71 10.51 -5.40 15.70
CA GLY A 71 10.89 -6.29 14.61
C GLY A 71 12.18 -5.82 13.94
N ASP A 72 12.83 -6.74 13.22
CA ASP A 72 14.08 -6.41 12.55
C ASP A 72 13.83 -6.04 11.08
N PRO A 73 14.01 -4.79 10.71
CA PRO A 73 13.80 -4.33 9.31
C PRO A 73 14.47 -5.24 8.29
N GLN A 74 15.48 -5.98 8.74
CA GLN A 74 16.19 -6.88 7.84
C GLN A 74 15.38 -8.14 7.56
N ARG A 75 14.47 -8.48 8.47
CA ARG A 75 13.64 -9.68 8.30
C ARG A 75 12.31 -9.30 7.66
N PRO A 76 11.70 -10.21 6.94
CA PRO A 76 10.41 -9.97 6.23
C PRO A 76 9.24 -9.71 7.19
N PHE A 77 8.19 -9.10 6.64
CA PHE A 77 6.98 -8.79 7.41
C PHE A 77 5.75 -9.29 6.63
N GLU A 78 4.66 -9.56 7.32
CA GLU A 78 3.43 -10.02 6.64
C GLU A 78 2.31 -9.01 6.93
N ALA A 79 1.54 -8.64 5.92
CA ALA A 79 0.48 -7.65 6.12
C ALA A 79 -0.90 -8.19 5.77
N ARG A 80 -1.87 -7.83 6.61
CA ARG A 80 -3.25 -8.23 6.37
C ARG A 80 -4.11 -6.98 6.33
N LEU A 81 -4.90 -6.82 5.27
CA LEU A 81 -5.75 -5.63 5.14
C LEU A 81 -7.21 -5.99 5.41
N TYR A 82 -7.96 -5.02 5.92
CA TYR A 82 -9.37 -5.24 6.23
C TYR A 82 -10.21 -4.08 5.70
N LEU A 83 -10.97 -4.35 4.65
CA LEU A 83 -11.85 -3.35 4.04
C LEU A 83 -13.30 -3.64 4.44
N GLY A 84 -13.95 -4.52 3.69
CA GLY A 84 -15.32 -4.90 3.99
C GLY A 84 -15.33 -5.84 5.18
N LEU A 85 -16.51 -6.26 5.62
CA LEU A 85 -16.59 -7.15 6.77
C LEU A 85 -16.14 -8.55 6.38
N ASP A 86 -16.42 -8.94 5.13
CA ASP A 86 -16.06 -10.25 4.62
C ASP A 86 -14.81 -10.15 3.73
N VAL A 87 -14.16 -8.99 3.75
CA VAL A 87 -12.97 -8.79 2.92
C VAL A 87 -11.70 -8.81 3.75
N LEU A 88 -11.08 -9.99 3.80
CA LEU A 88 -9.83 -10.17 4.52
C LEU A 88 -8.74 -10.46 3.48
N ILE A 89 -7.75 -9.59 3.39
CA ILE A 89 -6.67 -9.77 2.43
C ILE A 89 -5.34 -10.06 3.12
N ARG A 90 -4.53 -10.91 2.49
CA ARG A 90 -3.22 -11.27 3.04
C ARG A 90 -2.13 -11.07 1.99
N MET A 91 -1.06 -10.40 2.41
CA MET A 91 0.07 -10.13 1.53
C MET A 91 1.39 -10.22 2.29
N GLU A 92 2.44 -10.64 1.59
CA GLU A 92 3.76 -10.73 2.21
C GLU A 92 4.56 -9.50 1.80
N ILE A 93 5.25 -8.84 2.73
CA ILE A 93 5.96 -7.63 2.35
C ILE A 93 7.29 -7.46 3.10
N SER A 94 8.18 -6.68 2.49
CA SER A 94 9.49 -6.39 3.07
C SER A 94 9.67 -4.89 3.25
N LEU A 95 10.48 -4.49 4.22
CA LEU A 95 10.72 -3.07 4.50
C LEU A 95 11.43 -2.41 3.32
N ALA A 96 10.77 -1.39 2.76
CA ALA A 96 11.36 -0.64 1.65
C ALA A 96 12.02 0.65 2.18
N TRP A 97 11.38 1.26 3.18
CA TRP A 97 11.91 2.50 3.79
C TRP A 97 11.11 2.88 5.04
N ALA A 98 11.62 3.86 5.79
CA ALA A 98 10.93 4.33 6.99
C ALA A 98 11.26 5.80 7.24
N ARG A 99 10.24 6.65 7.34
CA ARG A 99 10.48 8.07 7.59
C ARG A 99 9.32 8.75 8.32
N ASP A 100 9.62 9.50 9.39
CA ASP A 100 8.59 10.25 10.11
C ASP A 100 7.44 9.39 10.61
N GLY A 101 7.73 8.26 11.23
CA GLY A 101 6.66 7.41 11.76
C GLY A 101 5.85 6.78 10.64
N LEU A 102 6.36 6.86 9.41
CA LEU A 102 5.70 6.26 8.27
C LEU A 102 6.59 5.15 7.74
N LEU A 103 5.99 4.03 7.34
CA LEU A 103 6.77 2.91 6.85
C LEU A 103 6.26 2.42 5.50
N GLY A 104 7.17 2.18 4.58
CA GLY A 104 6.80 1.68 3.28
C GLY A 104 7.10 0.20 3.20
N PHE A 105 6.39 -0.48 2.34
CA PHE A 105 6.58 -1.91 2.19
C PHE A 105 6.38 -2.32 0.74
N GLU A 106 7.26 -3.18 0.24
CA GLU A 106 7.14 -3.66 -1.13
C GLU A 106 6.59 -5.08 -1.11
N CYS A 107 5.53 -5.32 -1.87
CA CYS A 107 4.90 -6.64 -1.89
C CYS A 107 5.73 -7.63 -2.69
N GLN A 108 6.05 -8.77 -2.06
CA GLN A 108 6.81 -9.82 -2.73
C GLN A 108 5.90 -10.96 -3.16
N HIS A 109 4.80 -11.15 -2.43
CA HIS A 109 3.84 -12.20 -2.78
C HIS A 109 2.50 -11.93 -2.13
N ILE A 110 1.43 -12.22 -2.86
CA ILE A 110 0.07 -12.00 -2.37
C ILE A 110 -0.86 -13.08 -2.92
N ASP A 111 -1.79 -13.52 -2.06
CA ASP A 111 -2.73 -14.58 -2.43
C ASP A 111 -3.50 -14.25 -3.70
N LEU A 112 -3.75 -15.28 -4.50
CA LEU A 112 -4.47 -15.11 -5.75
C LEU A 112 -5.80 -14.42 -5.49
N ASP A 113 -6.48 -14.83 -4.42
CA ASP A 113 -7.74 -14.23 -4.06
C ASP A 113 -7.52 -12.78 -3.61
N SER A 114 -6.42 -12.55 -2.91
CA SER A 114 -6.09 -11.21 -2.44
C SER A 114 -5.73 -10.33 -3.63
N ILE A 115 -5.09 -10.93 -4.63
CA ILE A 115 -4.70 -10.20 -5.82
C ILE A 115 -5.93 -9.60 -6.48
N SER A 116 -7.02 -10.35 -6.46
CA SER A 116 -8.26 -9.87 -7.07
C SER A 116 -8.88 -8.75 -6.24
N HIS A 117 -8.88 -8.90 -4.93
CA HIS A 117 -9.46 -7.86 -4.08
C HIS A 117 -8.68 -6.55 -4.27
N LEU A 118 -7.37 -6.65 -4.44
CA LEU A 118 -6.56 -5.48 -4.68
C LEU A 118 -6.89 -4.91 -6.05
N ARG A 119 -7.22 -5.77 -7.00
CA ARG A 119 -7.62 -5.29 -8.32
C ARG A 119 -8.93 -4.54 -8.20
N ARG A 120 -9.80 -5.05 -7.32
CA ARG A 120 -11.10 -4.44 -7.06
C ARG A 120 -10.94 -3.02 -6.50
N LEU A 121 -10.01 -2.85 -5.56
CA LEU A 121 -9.80 -1.55 -4.95
C LEU A 121 -9.34 -0.56 -6.03
N VAL A 122 -8.49 -1.03 -6.92
CA VAL A 122 -7.98 -0.19 -8.00
C VAL A 122 -9.09 0.16 -8.99
N GLU A 123 -9.90 -0.84 -9.33
CA GLU A 123 -11.00 -0.63 -10.26
C GLU A 123 -11.96 0.43 -9.76
N LEU A 124 -12.38 0.31 -8.50
CA LEU A 124 -13.31 1.27 -7.92
C LEU A 124 -12.64 2.63 -7.78
N ASN A 125 -11.39 2.64 -7.34
CA ASN A 125 -10.66 3.88 -7.16
C ASN A 125 -10.28 4.48 -8.52
N LEU A 126 -10.10 3.60 -9.51
CA LEU A 126 -9.74 4.05 -10.85
C LEU A 126 -10.88 4.90 -11.42
N GLY A 127 -12.07 4.71 -10.88
CA GLY A 127 -13.24 5.45 -11.34
C GLY A 127 -14.45 5.18 -10.45
N ASP A 128 -15.20 6.25 -10.14
CA ASP A 128 -16.38 6.12 -9.29
C ASP A 128 -17.60 6.71 -9.99
N GLU A 129 -17.55 8.01 -10.27
CA GLU A 129 -18.66 8.68 -10.95
C GLU A 129 -18.13 9.79 -11.86
N GLU A 130 -18.54 9.76 -13.12
CA GLU A 130 -18.10 10.75 -14.09
C GLU A 130 -18.02 12.14 -13.45
N LEU A 131 -16.85 12.48 -12.92
CA LEU A 131 -16.66 13.77 -12.28
C LEU A 131 -16.11 14.78 -13.29
N LEU A 132 -15.56 15.88 -12.79
CA LEU A 132 -15.01 16.91 -13.66
C LEU A 132 -13.54 16.61 -13.95
N GLU A 133 -12.67 16.92 -13.00
CA GLU A 133 -11.25 16.69 -13.15
C GLU A 133 -10.98 15.22 -13.45
N ARG A 134 -9.71 14.83 -13.43
CA ARG A 134 -9.33 13.45 -13.69
C ARG A 134 -7.93 13.16 -13.15
N GLU A 135 -7.68 13.60 -11.91
CA GLU A 135 -6.38 13.38 -11.30
C GLU A 135 -5.26 13.96 -12.17
N LEU A 136 -5.62 14.89 -13.04
CA LEU A 136 -4.63 15.50 -13.93
C LEU A 136 -3.64 16.37 -13.15
N ALA A 137 -4.13 17.10 -12.15
CA ALA A 137 -3.25 17.98 -11.38
C ALA A 137 -2.13 17.17 -10.73
N LEU A 138 -2.39 15.87 -10.58
CA LEU A 138 -1.41 14.94 -10.03
C LEU A 138 -0.15 14.98 -10.90
N LEU A 139 -0.36 15.24 -12.20
CA LEU A 139 0.76 15.29 -13.14
C LEU A 139 1.76 16.33 -12.62
N VAL A 140 1.25 17.49 -12.22
CA VAL A 140 2.10 18.55 -11.68
C VAL A 140 2.89 18.03 -10.48
N SER A 141 2.54 16.83 -10.02
CA SER A 141 3.26 16.21 -8.90
C SER A 141 4.08 15.04 -9.43
N ALA A 142 3.48 14.33 -10.39
CA ALA A 142 4.12 13.16 -11.02
C ALA A 142 5.57 13.47 -11.41
N HIS A 143 5.99 12.92 -12.55
CA HIS A 143 7.36 13.10 -13.05
C HIS A 143 7.97 14.41 -12.53
N ASP A 144 7.15 15.46 -12.53
CA ASP A 144 7.60 16.78 -12.08
C ASP A 144 8.75 17.28 -12.95
N ASP A 145 9.90 16.61 -12.85
CA ASP A 145 11.07 16.97 -13.63
C ASP A 145 10.69 17.69 -14.92
P1 C2E B . 11.85 1.75 -2.43
O2P C2E B . 12.78 0.60 -2.38
O1P C2E B . 11.40 2.39 -1.17
O5' C2E B . 10.54 1.30 -3.27
C5' C2E B . 10.48 0.01 -3.87
C4' C2E B . 9.05 -0.39 -4.26
O4' C2E B . 8.31 -0.79 -3.09
C3' C2E B . 8.24 0.74 -4.89
O3' C2E B . 8.45 0.77 -6.31
C2' C2E B . 6.82 0.32 -4.59
O2' C2E B . 6.33 -0.60 -5.56
C1' C2E B . 6.96 -0.32 -3.21
N9 C2E B . 6.69 0.60 -2.10
C8 C2E B . 7.57 1.16 -1.22
N7 C2E B . 7.03 1.98 -0.35
C5 C2E B . 5.68 1.96 -0.69
C6 C2E B . 4.59 2.65 -0.12
O6 C2E B . 4.59 3.43 0.84
N1 C2E B . 3.39 2.35 -0.76
C2 C2E B . 3.27 1.49 -1.83
N2 C2E B . 2.04 1.31 -2.31
N3 C2E B . 4.30 0.84 -2.38
C4 C2E B . 5.47 1.11 -1.77
P11 C2E B . 9.91 1.06 -6.92
O21 C2E B . 10.65 -0.23 -6.97
O11 C2E B . 9.75 1.86 -8.15
O5A C2E B . 10.59 1.98 -5.79
C5A C2E B . 10.39 3.40 -5.80
C4A C2E B . 11.60 4.13 -5.23
O4A C2E B . 11.54 5.53 -5.56
C3A C2E B . 11.73 4.05 -3.72
O3A C2E B . 12.49 2.88 -3.37
C2A C2E B . 12.53 5.30 -3.42
O2A C2E B . 13.91 5.13 -3.68
C1A C2E B . 11.88 6.29 -4.38
N91 C2E B . 10.62 6.90 -3.90
C81 C2E B . 9.35 6.60 -4.28
N71 C2E B . 8.42 7.31 -3.71
C51 C2E B . 9.13 8.16 -2.87
C61 C2E B . 8.65 9.16 -1.98
O61 C2E B . 7.49 9.49 -1.78
N11 C2E B . 9.68 9.79 -1.32
C21 C2E B . 11.02 9.49 -1.48
N21 C2E B . 11.87 10.23 -0.74
N31 C2E B . 11.48 8.55 -2.31
C41 C2E B . 10.48 7.92 -2.97
H5'1 C2E B . 10.87 -0.73 -3.18
H5'2 C2E B . 11.10 0.01 -4.77
H4' C2E B . 9.08 -1.23 -4.96
H3' C2E B . 8.48 1.69 -4.41
H2' C2E B . 6.17 1.20 -4.52
HO2' C2E B . 6.78 -0.43 -6.38
H1' C2E B . 6.27 -1.18 -3.14
H8 C2E B . 8.64 0.96 -1.24
HN1 C2E B . 2.57 2.81 -0.42
HN21 C2E B . 1.26 1.81 -1.90
HN22 C2E B . 1.88 0.69 -3.09
H511 C2E B . 9.52 3.63 -5.20
H512 C2E B . 10.22 3.73 -6.82
H4A C2E B . 12.51 3.72 -5.68
H3A C2E B . 10.79 4.09 -3.21
H2A C2E B . 12.35 5.61 -2.37
HO2A C2E B . 14.09 4.19 -3.69
H1A C2E B . 12.59 7.07 -4.64
H81 C2E B . 9.12 5.79 -4.98
HN11 C2E B . 9.41 10.53 -0.68
HN24 C2E B . 12.86 10.06 -0.81
HN23 C2E B . 11.51 10.93 -0.12
P1 C2E C . 3.19 12.43 0.85
O2P C2E C . 2.06 12.95 1.67
O1P C2E C . 2.91 11.60 -0.34
O5' C2E C . 4.19 11.63 1.81
C5' C2E C . 5.01 10.56 1.31
C4' C2E C . 6.19 10.31 2.26
O4' C2E C . 6.29 8.91 2.52
C3' C2E C . 7.55 10.81 1.75
O3' C2E C . 7.97 11.90 2.57
C2' C2E C . 8.51 9.64 1.95
O2' C2E C . 9.37 9.86 3.08
C1' C2E C . 7.59 8.45 2.18
N9 C2E C . 7.48 7.59 0.98
C8 C2E C . 6.40 7.35 0.17
N7 C2E C . 6.63 6.50 -0.79
C5 C2E C . 7.96 6.13 -0.59
C6 C2E C . 8.78 5.22 -1.32
O6 C2E C . 8.48 4.55 -2.31
N1 C2E C . 10.05 5.15 -0.78
C2 C2E C . 10.50 5.85 0.30
N2 C2E C . 11.76 5.64 0.67
N3 C2E C . 9.74 6.71 0.99
C4 C2E C . 8.48 6.80 0.49
P11 C2E C . 8.41 13.30 1.87
O21 C2E C . 8.51 14.32 2.93
O11 C2E C . 9.55 13.02 0.98
O5A C2E C . 7.12 13.65 0.96
C5A C2E C . 7.19 14.67 -0.06
C4A C2E C . 5.87 14.77 -0.85
O4A C2E C . 6.15 14.90 -2.26
C3A C2E C . 4.99 13.53 -0.72
O3A C2E C . 4.08 13.69 0.38
C2A C2E C . 4.21 13.52 -2.01
O2A C2E C . 3.06 14.36 -1.94
C1A C2E C . 5.23 14.07 -3.00
N91 C2E C . 5.98 13.00 -3.66
C81 C2E C . 7.30 12.66 -3.55
N71 C2E C . 7.66 11.64 -4.29
C51 C2E C . 6.47 11.27 -4.92
C61 C2E C . 6.22 10.23 -5.85
O61 C2E C . 7.02 9.42 -6.31
N11 C2E C . 4.89 10.21 -6.25
C21 C2E C . 3.92 11.09 -5.82
N21 C2E C . 2.70 10.91 -6.32
N31 C2E C . 4.15 12.07 -4.96
C41 C2E C . 5.45 12.10 -4.56
H5'1 C2E C . 5.37 10.81 0.33
H5'2 C2E C . 4.41 9.65 1.25
H4' C2E C . 5.97 10.83 3.18
H3' C2E C . 7.52 11.13 0.70
H2' C2E C . 9.09 9.49 1.05
HO2' C2E C . 8.82 10.06 3.82
H1' C2E C . 7.99 7.83 2.97
H8 C2E C . 5.40 7.73 0.37
HN1 C2E C . 10.69 4.50 -1.24
HN21 C2E C . 12.33 4.99 0.14
HN22 C2E C . 12.15 6.12 1.46
H511 C2E C . 7.99 14.44 -0.74
H512 C2E C . 7.38 15.62 0.42
H4A C2E C . 5.32 15.64 -0.52
H3A C2E C . 5.61 12.65 -0.60
H2A C2E C . 3.95 12.50 -2.28
HO2A C2E C . 3.33 15.21 -1.57
H1A C2E C . 4.73 14.66 -3.76
H81 C2E C . 7.99 13.17 -2.90
HN11 C2E C . 4.64 9.49 -6.91
HN24 C2E C . 2.53 10.16 -6.98
HN23 C2E C . 1.94 11.52 -6.05
N MET A 21 16.93 25.37 -5.32
CA MET A 21 15.64 24.64 -5.24
C MET A 21 15.87 23.24 -4.69
N SER A 22 14.83 22.41 -4.70
CA SER A 22 14.94 21.05 -4.20
C SER A 22 13.58 20.35 -4.24
N ASP A 23 12.94 20.38 -5.41
CA ASP A 23 11.63 19.77 -5.57
C ASP A 23 11.69 18.28 -5.23
N GLN A 24 12.03 17.99 -3.98
CA GLN A 24 12.15 16.61 -3.54
C GLN A 24 10.78 15.96 -3.43
N HIS A 25 9.73 16.74 -3.70
CA HIS A 25 8.37 16.21 -3.67
C HIS A 25 8.11 15.48 -4.98
N ASP A 26 8.94 15.77 -5.97
CA ASP A 26 8.83 15.15 -7.29
C ASP A 26 8.28 13.73 -7.18
N GLU A 27 7.54 13.32 -8.20
CA GLU A 27 6.96 11.99 -8.20
C GLU A 27 8.00 10.96 -8.65
N ARG A 28 8.08 9.87 -7.91
CA ARG A 28 9.04 8.79 -8.20
C ARG A 28 8.30 7.46 -8.37
N ARG A 29 7.01 7.45 -8.03
CA ARG A 29 6.20 6.25 -8.15
C ARG A 29 5.41 6.28 -9.44
N ARG A 30 6.11 6.04 -10.55
CA ARG A 30 5.48 6.05 -11.89
C ARG A 30 4.21 6.88 -11.88
N PHE A 31 3.13 6.30 -11.35
CA PHE A 31 1.85 7.00 -11.26
C PHE A 31 1.31 6.88 -9.82
N HIS A 32 0.52 7.86 -9.42
CA HIS A 32 -0.05 7.85 -8.06
C HIS A 32 -0.63 6.48 -7.73
N ARG A 33 -0.74 6.19 -6.43
CA ARG A 33 -1.28 4.91 -5.97
C ARG A 33 -2.70 5.08 -5.47
N ILE A 34 -3.19 4.07 -4.76
CA ILE A 34 -4.54 4.10 -4.22
C ILE A 34 -4.52 4.42 -2.73
N ALA A 35 -4.71 5.69 -2.38
CA ALA A 35 -4.70 6.08 -0.98
C ALA A 35 -6.10 6.09 -0.42
N PHE A 36 -6.31 5.28 0.61
CA PHE A 36 -7.59 5.20 1.29
C PHE A 36 -7.35 4.82 2.74
N ASP A 37 -8.29 5.12 3.62
CA ASP A 37 -8.10 4.80 5.03
C ASP A 37 -8.75 3.47 5.38
N ALA A 38 -8.13 2.74 6.30
CA ALA A 38 -8.66 1.45 6.72
C ALA A 38 -7.77 0.85 7.80
N ASP A 39 -8.16 -0.30 8.33
CA ASP A 39 -7.38 -0.94 9.37
C ASP A 39 -6.47 -2.01 8.78
N SER A 40 -5.20 -2.00 9.20
CA SER A 40 -4.25 -2.99 8.72
C SER A 40 -3.47 -3.57 9.88
N GLU A 41 -3.04 -4.82 9.72
CA GLU A 41 -2.28 -5.52 10.75
C GLU A 41 -1.04 -6.11 10.13
N ILE A 42 0.09 -5.96 10.79
CA ILE A 42 1.34 -6.51 10.25
C ILE A 42 1.90 -7.57 11.19
N LEU A 43 2.36 -8.67 10.60
CA LEU A 43 2.91 -9.78 11.35
C LEU A 43 4.30 -10.13 10.87
N GLN A 44 5.26 -10.10 11.78
CA GLN A 44 6.64 -10.45 11.47
C GLN A 44 7.15 -11.46 12.48
N GLY A 45 7.21 -12.72 12.08
CA GLY A 45 7.66 -13.77 12.99
C GLY A 45 6.54 -14.13 13.96
N GLU A 46 6.84 -14.11 15.25
CA GLU A 46 5.84 -14.43 16.26
C GLU A 46 5.27 -13.15 16.87
N ARG A 47 5.59 -12.01 16.25
CA ARG A 47 5.11 -10.72 16.75
C ARG A 47 4.08 -10.10 15.82
N ARG A 48 2.98 -9.65 16.41
CA ARG A 48 1.91 -9.02 15.64
C ARG A 48 1.57 -7.66 16.23
N TRP A 49 1.20 -6.73 15.38
CA TRP A 49 0.87 -5.39 15.80
C TRP A 49 -0.26 -4.82 14.95
N GLU A 50 -0.99 -3.87 15.52
CA GLU A 50 -2.10 -3.23 14.82
C GLU A 50 -1.65 -1.89 14.26
N VAL A 51 -1.89 -1.65 12.97
CA VAL A 51 -1.50 -0.39 12.36
C VAL A 51 -2.55 0.09 11.37
N LEU A 52 -2.56 1.40 11.13
CA LEU A 52 -3.50 2.00 10.18
C LEU A 52 -2.81 2.11 8.83
N LEU A 53 -3.48 1.66 7.78
CA LEU A 53 -2.88 1.72 6.45
C LEU A 53 -3.25 3.04 5.79
N HIS A 54 -2.23 3.74 5.32
CA HIS A 54 -2.42 5.03 4.69
C HIS A 54 -2.59 4.90 3.17
N ASP A 55 -2.01 3.87 2.56
CA ASP A 55 -2.19 3.69 1.12
C ASP A 55 -1.56 2.38 0.64
N VAL A 56 -1.97 1.95 -0.56
CA VAL A 56 -1.48 0.72 -1.13
C VAL A 56 -1.37 0.82 -2.65
N SER A 57 -0.70 -0.16 -3.25
CA SER A 57 -0.52 -0.22 -4.70
C SER A 57 -0.63 -1.69 -5.10
N LEU A 58 -0.71 -1.97 -6.39
CA LEU A 58 -0.83 -3.36 -6.83
C LEU A 58 0.45 -4.13 -6.51
N HIS A 59 1.43 -3.46 -5.92
CA HIS A 59 2.68 -4.13 -5.57
C HIS A 59 3.44 -3.36 -4.49
N GLY A 60 2.72 -2.80 -3.51
CA GLY A 60 3.36 -2.06 -2.43
C GLY A 60 2.34 -1.58 -1.40
N ILE A 61 2.81 -1.29 -0.18
CA ILE A 61 1.92 -0.84 0.89
C ILE A 61 2.62 0.11 1.86
N LEU A 62 1.84 1.03 2.42
CA LEU A 62 2.34 2.01 3.39
C LEU A 62 1.55 1.88 4.69
N VAL A 63 2.24 1.95 5.82
CA VAL A 63 1.55 1.83 7.10
C VAL A 63 2.16 2.76 8.15
N GLY A 64 1.52 2.78 9.33
CA GLY A 64 2.02 3.62 10.44
C GLY A 64 2.89 2.75 11.36
N GLN A 65 3.94 3.34 11.94
CA GLN A 65 4.84 2.57 12.81
C GLN A 65 4.35 2.54 14.26
N PRO A 66 3.99 1.41 14.80
CA PRO A 66 3.54 1.33 16.21
C PRO A 66 4.73 1.16 17.16
N GLN A 67 4.51 1.44 18.45
CA GLN A 67 5.58 1.34 19.45
C GLN A 67 6.08 -0.09 19.64
N ASP A 68 5.16 -1.04 19.65
CA ASP A 68 5.52 -2.45 19.86
C ASP A 68 6.23 -3.04 18.63
N TRP A 69 6.56 -2.20 17.67
CA TRP A 69 7.24 -2.67 16.45
C TRP A 69 8.56 -3.35 16.78
N ASN A 70 8.49 -4.53 17.41
CA ASN A 70 9.72 -5.26 17.73
C ASN A 70 10.04 -6.24 16.60
N GLY A 71 10.60 -5.72 15.51
CA GLY A 71 10.94 -6.56 14.36
C GLY A 71 12.24 -6.11 13.73
N ASP A 72 12.84 -7.01 12.96
CA ASP A 72 14.10 -6.74 12.29
C ASP A 72 13.85 -6.26 10.85
N PRO A 73 14.32 -5.10 10.49
CA PRO A 73 14.12 -4.55 9.12
C PRO A 73 14.75 -5.45 8.06
N GLN A 74 15.71 -6.25 8.49
CA GLN A 74 16.37 -7.16 7.57
C GLN A 74 15.49 -8.37 7.29
N ARG A 75 14.56 -8.65 8.19
CA ARG A 75 13.66 -9.78 8.02
C ARG A 75 12.32 -9.31 7.42
N PRO A 76 11.68 -10.17 6.67
CA PRO A 76 10.38 -9.84 6.00
C PRO A 76 9.23 -9.60 6.99
N PHE A 77 8.19 -8.93 6.49
CA PHE A 77 7.00 -8.62 7.28
C PHE A 77 5.77 -9.06 6.48
N GLU A 78 4.66 -9.32 7.16
CA GLU A 78 3.43 -9.71 6.44
C GLU A 78 2.32 -8.73 6.79
N ALA A 79 1.50 -8.36 5.80
CA ALA A 79 0.44 -7.40 6.04
C ALA A 79 -0.92 -7.98 5.70
N ARG A 80 -1.89 -7.71 6.56
CA ARG A 80 -3.25 -8.15 6.33
C ARG A 80 -4.16 -6.93 6.35
N LEU A 81 -4.98 -6.77 5.32
CA LEU A 81 -5.86 -5.60 5.24
C LEU A 81 -7.31 -6.01 5.48
N TYR A 82 -8.08 -5.06 6.02
CA TYR A 82 -9.50 -5.30 6.29
C TYR A 82 -10.33 -4.12 5.80
N LEU A 83 -11.09 -4.36 4.74
CA LEU A 83 -11.97 -3.32 4.17
C LEU A 83 -13.42 -3.61 4.56
N GLY A 84 -14.06 -4.48 3.81
CA GLY A 84 -15.44 -4.85 4.11
C GLY A 84 -15.47 -5.84 5.26
N LEU A 85 -16.65 -6.27 5.68
CA LEU A 85 -16.74 -7.20 6.79
C LEU A 85 -16.29 -8.60 6.34
N ASP A 86 -16.54 -8.92 5.07
CA ASP A 86 -16.17 -10.21 4.49
C ASP A 86 -14.93 -10.09 3.62
N VAL A 87 -14.27 -8.93 3.65
CA VAL A 87 -13.08 -8.72 2.82
C VAL A 87 -11.81 -8.78 3.64
N LEU A 88 -11.17 -9.94 3.65
CA LEU A 88 -9.92 -10.15 4.37
C LEU A 88 -8.82 -10.44 3.35
N ILE A 89 -7.81 -9.56 3.32
CA ILE A 89 -6.71 -9.72 2.36
C ILE A 89 -5.40 -10.02 3.08
N ARG A 90 -4.56 -10.84 2.45
CA ARG A 90 -3.26 -11.21 3.00
C ARG A 90 -2.14 -10.98 1.99
N MET A 91 -1.09 -10.30 2.44
CA MET A 91 0.06 -10.02 1.58
C MET A 91 1.35 -10.20 2.37
N GLU A 92 2.40 -10.62 1.68
CA GLU A 92 3.71 -10.79 2.32
C GLU A 92 4.64 -9.75 1.73
N ILE A 93 5.16 -8.85 2.58
CA ILE A 93 6.00 -7.76 2.09
C ILE A 93 7.31 -7.63 2.85
N SER A 94 8.20 -6.82 2.27
CA SER A 94 9.51 -6.56 2.88
C SER A 94 9.68 -5.06 3.12
N LEU A 95 10.45 -4.70 4.13
CA LEU A 95 10.68 -3.28 4.44
C LEU A 95 11.47 -2.61 3.33
N ALA A 96 10.88 -1.54 2.78
CA ALA A 96 11.52 -0.77 1.71
C ALA A 96 12.22 0.47 2.27
N TRP A 97 11.52 1.18 3.15
CA TRP A 97 12.05 2.42 3.75
C TRP A 97 11.17 2.85 4.93
N ALA A 98 11.68 3.79 5.73
CA ALA A 98 10.92 4.31 6.87
C ALA A 98 11.23 5.78 7.08
N ARG A 99 10.21 6.65 7.07
CA ARG A 99 10.45 8.08 7.27
C ARG A 99 9.26 8.80 7.90
N ASP A 100 9.54 9.62 8.91
CA ASP A 100 8.51 10.44 9.57
C ASP A 100 7.35 9.62 10.14
N GLY A 101 7.65 8.54 10.85
CA GLY A 101 6.58 7.76 11.48
C GLY A 101 5.95 6.75 10.52
N LEU A 102 5.98 7.03 9.22
CA LEU A 102 5.38 6.13 8.26
C LEU A 102 6.38 5.09 7.79
N LEU A 103 5.88 3.94 7.38
CA LEU A 103 6.73 2.84 6.93
C LEU A 103 6.29 2.37 5.55
N GLY A 104 7.25 2.15 4.66
CA GLY A 104 6.93 1.66 3.33
C GLY A 104 7.31 0.19 3.21
N PHE A 105 6.57 -0.54 2.40
CA PHE A 105 6.84 -1.95 2.21
C PHE A 105 6.63 -2.34 0.77
N GLU A 106 7.46 -3.24 0.27
CA GLU A 106 7.33 -3.71 -1.11
C GLU A 106 6.71 -5.10 -1.11
N CYS A 107 5.65 -5.28 -1.89
CA CYS A 107 4.96 -6.56 -1.94
C CYS A 107 5.81 -7.64 -2.60
N GLN A 108 6.07 -8.70 -1.84
CA GLN A 108 6.86 -9.82 -2.34
C GLN A 108 5.95 -10.92 -2.89
N HIS A 109 4.82 -11.13 -2.22
CA HIS A 109 3.87 -12.15 -2.64
C HIS A 109 2.49 -11.88 -2.03
N ILE A 110 1.45 -12.13 -2.80
CA ILE A 110 0.08 -11.90 -2.36
C ILE A 110 -0.85 -12.96 -2.94
N ASP A 111 -1.79 -13.41 -2.12
CA ASP A 111 -2.73 -14.45 -2.54
C ASP A 111 -3.48 -14.07 -3.81
N LEU A 112 -3.72 -15.09 -4.65
CA LEU A 112 -4.42 -14.87 -5.92
C LEU A 112 -5.76 -14.18 -5.66
N ASP A 113 -6.46 -14.61 -4.61
CA ASP A 113 -7.74 -14.01 -4.27
C ASP A 113 -7.52 -12.59 -3.76
N SER A 114 -6.45 -12.41 -3.00
CA SER A 114 -6.11 -11.10 -2.46
C SER A 114 -5.77 -10.16 -3.60
N ILE A 115 -5.13 -10.70 -4.62
CA ILE A 115 -4.75 -9.91 -5.79
C ILE A 115 -5.98 -9.30 -6.43
N SER A 116 -7.07 -10.07 -6.45
CA SER A 116 -8.30 -9.59 -7.06
C SER A 116 -8.95 -8.50 -6.21
N HIS A 117 -8.98 -8.69 -4.90
CA HIS A 117 -9.59 -7.68 -4.04
C HIS A 117 -8.83 -6.37 -4.18
N LEU A 118 -7.51 -6.45 -4.28
CA LEU A 118 -6.71 -5.26 -4.46
C LEU A 118 -7.01 -4.64 -5.82
N ARG A 119 -7.28 -5.48 -6.81
CA ARG A 119 -7.63 -4.97 -8.14
C ARG A 119 -8.95 -4.22 -8.03
N ARG A 120 -9.85 -4.77 -7.21
CA ARG A 120 -11.16 -4.16 -6.95
C ARG A 120 -11.00 -2.79 -6.32
N LEU A 121 -10.13 -2.69 -5.33
CA LEU A 121 -9.91 -1.42 -4.65
C LEU A 121 -9.44 -0.37 -5.66
N VAL A 122 -8.61 -0.81 -6.60
CA VAL A 122 -8.09 0.08 -7.63
C VAL A 122 -9.18 0.52 -8.59
N GLU A 123 -9.97 -0.44 -9.07
CA GLU A 123 -11.04 -0.14 -10.02
C GLU A 123 -12.13 0.72 -9.39
N LEU A 124 -12.50 0.41 -8.15
CA LEU A 124 -13.54 1.16 -7.45
C LEU A 124 -13.02 2.54 -7.02
N ASN A 125 -11.79 2.60 -6.54
CA ASN A 125 -11.22 3.87 -6.10
C ASN A 125 -10.98 4.79 -7.29
N LEU A 126 -10.36 4.25 -8.34
CA LEU A 126 -10.07 5.03 -9.53
C LEU A 126 -11.36 5.65 -10.09
N GLY A 127 -12.47 4.96 -9.87
CA GLY A 127 -13.77 5.45 -10.35
C GLY A 127 -14.45 4.40 -11.22
N ASP A 128 -15.75 4.19 -10.96
CA ASP A 128 -16.52 3.21 -11.72
C ASP A 128 -16.76 3.73 -13.14
N GLU A 129 -16.50 5.02 -13.36
CA GLU A 129 -16.70 5.61 -14.67
C GLU A 129 -15.40 5.60 -15.48
N GLU A 130 -14.40 4.87 -14.97
CA GLU A 130 -13.12 4.78 -15.66
C GLU A 130 -12.56 3.36 -15.57
N LEU A 131 -13.23 2.42 -16.24
CA LEU A 131 -12.79 1.03 -16.22
C LEU A 131 -11.72 0.81 -17.29
N LEU A 132 -11.59 1.77 -18.19
CA LEU A 132 -10.60 1.67 -19.26
C LEU A 132 -9.22 1.36 -18.69
N GLU A 133 -8.85 0.08 -18.73
CA GLU A 133 -7.55 -0.34 -18.22
C GLU A 133 -6.43 0.19 -19.13
N ARG A 134 -5.19 0.03 -18.68
CA ARG A 134 -4.03 0.50 -19.46
C ARG A 134 -3.77 1.98 -19.19
N GLU A 135 -2.82 2.55 -19.92
CA GLU A 135 -2.48 3.97 -19.75
C GLU A 135 -3.73 4.84 -19.91
N LEU A 136 -4.83 4.22 -20.32
CA LEU A 136 -6.08 4.95 -20.51
C LEU A 136 -6.58 5.51 -19.18
N ALA A 137 -6.63 4.63 -18.17
CA ALA A 137 -7.10 4.98 -16.84
C ALA A 137 -6.26 6.05 -16.17
N LEU A 138 -4.95 5.85 -16.16
CA LEU A 138 -4.03 6.76 -15.51
C LEU A 138 -4.17 8.19 -16.05
N LEU A 139 -4.16 8.35 -17.36
CA LEU A 139 -4.29 9.68 -17.94
C LEU A 139 -5.73 10.19 -17.81
N VAL A 140 -6.68 9.35 -18.23
CA VAL A 140 -8.09 9.73 -18.18
C VAL A 140 -8.62 9.88 -16.75
N SER A 141 -7.88 9.40 -15.76
CA SER A 141 -8.34 9.49 -14.38
C SER A 141 -8.46 10.93 -13.91
N ALA A 142 -7.50 11.78 -14.31
CA ALA A 142 -7.53 13.18 -13.92
C ALA A 142 -6.56 14.02 -14.74
N HIS A 143 -6.81 15.32 -14.77
CA HIS A 143 -5.96 16.24 -15.52
C HIS A 143 -6.33 17.68 -15.21
N ASP A 144 -7.48 18.13 -15.71
CA ASP A 144 -7.95 19.49 -15.48
C ASP A 144 -9.25 19.50 -14.68
N ASP A 145 -9.27 18.70 -13.61
CA ASP A 145 -10.46 18.62 -12.76
C ASP A 145 -10.39 17.37 -11.89
P1 C2E B . 12.75 1.86 -3.43
O2P C2E B . 13.91 0.95 -3.60
O1P C2E B . 12.40 2.35 -2.07
O5' C2E B . 11.45 1.16 -4.07
C5' C2E B . 10.28 0.93 -3.28
C4' C2E B . 9.22 0.13 -4.03
O4' C2E B . 8.47 -0.66 -3.07
C3' C2E B . 8.19 0.98 -4.79
O3' C2E B . 8.48 1.04 -6.20
C2' C2E B . 6.89 0.23 -4.57
O2' C2E B . 6.72 -0.81 -5.54
C1' C2E B . 7.08 -0.33 -3.18
N9 C2E B . 6.78 0.64 -2.11
C8 C2E B . 7.62 1.23 -1.22
N7 C2E B . 7.06 2.07 -0.41
C5 C2E B . 5.73 2.05 -0.78
C6 C2E B . 4.62 2.76 -0.26
O6 C2E B . 4.61 3.58 0.64
N1 C2E B . 3.45 2.43 -0.92
C2 C2E B . 3.35 1.54 -1.97
N2 C2E B . 2.13 1.36 -2.47
N3 C2E B . 4.39 0.87 -2.47
C4 C2E B . 5.54 1.17 -1.82
P11 C2E B . 9.91 0.67 -6.82
O21 C2E B . 10.38 -0.61 -6.22
O11 C2E B . 9.83 0.79 -8.29
O5A C2E B . 10.85 1.86 -6.27
C5A C2E B . 10.48 3.22 -6.50
C4A C2E B . 11.57 4.17 -6.04
O4A C2E B . 11.18 5.53 -6.30
C3A C2E B . 11.91 4.09 -4.56
O3A C2E B . 12.97 3.14 -4.37
C2A C2E B . 12.41 5.48 -4.26
O2A C2E B . 13.81 5.63 -4.55
C1A C2E B . 11.55 6.34 -5.17
N91 C2E B . 10.30 6.82 -4.55
C81 C2E B . 9.01 6.42 -4.82
N71 C2E B . 8.09 7.02 -4.11
C51 C2E B . 8.83 7.88 -3.31
C61 C2E B . 8.39 8.80 -2.31
O61 C2E B . 7.24 9.04 -1.95
N11 C2E B . 9.45 9.48 -1.73
C21 C2E B . 10.79 9.29 -2.05
N21 C2E B . 11.67 10.03 -1.38
N31 C2E B . 11.21 8.43 -2.99
C41 C2E B . 10.18 7.77 -3.57
H5'1 C2E B . 9.87 1.89 -2.98
H5'2 C2E B . 10.58 0.38 -2.39
H4' C2E B . 9.70 -0.56 -4.72
H3' C2E B . 8.11 1.97 -4.34
H2' C2E B . 6.04 0.93 -4.60
HO2' C2E B . 7.38 -0.69 -6.22
H1' C2E B . 6.48 -1.22 -3.05
H8 C2E B . 8.70 1.02 -1.21
HN1 C2E B . 2.61 2.91 -0.60
HN21 C2E B . 1.34 1.87 -2.09
HN22 C2E B . 1.98 0.71 -3.23
H511 C2E B . 9.56 3.43 -5.94
H512 C2E B . 10.29 3.36 -7.56
H4A C2E B . 12.48 3.98 -6.60
H3A C2E B . 11.05 3.86 -3.93
H2A C2E B . 12.21 5.72 -3.20
HO2A C2E B . 14.08 4.84 -5.02
H1A C2E B . 12.13 7.20 -5.52
H81 C2E B . 8.77 5.65 -5.55
HN11 C2E B . 9.21 10.16 -1.02
HN24 C2E B . 12.65 9.94 -1.58
HN23 C2E B . 11.34 10.69 -0.68
P1 C2E C . 2.96 11.65 1.39
O2P C2E C . 2.66 12.24 2.71
O1P C2E C . 2.06 10.61 0.83
O5' C2E C . 4.46 11.08 1.42
C5' C2E C . 4.78 9.96 2.25
C4' C2E C . 6.29 9.87 2.51
O4' C2E C . 6.69 8.49 2.66
C3' C2E C . 7.14 10.43 1.39
O3' C2E C . 7.31 11.84 1.57
C2' C2E C . 8.45 9.70 1.61
O2' C2E C . 9.22 10.30 2.67
C1' C2E C . 7.95 8.32 2.01
N9 C2E C . 7.75 7.41 0.86
C8 C2E C . 6.61 7.09 0.18
N7 C2E C . 6.77 6.24 -0.79
C5 C2E C . 8.12 5.95 -0.75
C6 C2E C . 8.88 5.07 -1.56
O6 C2E C . 8.50 4.36 -2.49
N1 C2E C . 10.22 5.06 -1.19
C2 C2E C . 10.76 5.80 -0.16
N2 C2E C . 12.07 5.64 0.05
N3 C2E C . 10.05 6.64 0.61
C4 C2E C . 8.74 6.66 0.26
P11 C2E C . 8.28 12.70 0.61
O21 C2E C . 9.09 13.61 1.45
O11 C2E C . 8.95 11.76 -0.32
O5A C2E C . 7.23 13.59 -0.23
C5A C2E C . 6.06 14.10 0.41
C4A C2E C . 4.89 14.16 -0.56
O4A C2E C . 5.35 14.45 -1.89
C3A C2E C . 4.09 12.87 -0.67
O3A C2E C . 3.05 12.85 0.31
C2A C2E C . 3.49 12.97 -2.06
O2A C2E C . 2.29 13.75 -2.07
C1A C2E C . 4.60 13.66 -2.83
N91 C2E C . 5.56 12.72 -3.44
C81 C2E C . 6.90 12.60 -3.26
N71 C2E C . 7.46 11.62 -3.90
C51 C2E C . 6.39 11.04 -4.58
C61 C2E C . 6.37 9.93 -5.44
O61 C2E C . 7.31 9.21 -5.77
N11 C2E C . 5.09 9.67 -5.91
C21 C2E C . 3.96 10.38 -5.59
N21 C2E C . 2.81 9.99 -6.14
N31 C2E C . 3.98 11.44 -4.77
C41 C2E C . 5.23 11.71 -4.30
H5'1 C2E C . 4.45 9.04 1.77
H5'2 C2E C . 4.26 10.05 3.20
H4' C2E C . 6.53 10.39 3.43
H3' C2E C . 6.70 10.18 0.43
H2' C2E C . 9.02 9.65 0.70
HO2' C2E C . 9.28 11.23 2.47
H1' C2E C . 8.68 7.86 2.69
H8 C2E C . 5.62 7.48 0.44
HN1 C2E C . 10.82 4.44 -1.71
HN21 C2E C . 12.60 5.02 -0.54
HN22 C2E C . 12.52 6.16 0.78
H511 C2E C . 6.27 15.10 0.78
H512 C2E C . 5.80 13.46 1.24
H4A C2E C . 4.21 14.96 -0.26
H3A C2E C . 4.74 11.99 -0.59
H2A C2E C . 3.31 11.97 -2.47
HO2A C2E C . 2.54 14.67 -2.16
H1A C2E C . 4.19 14.31 -3.60
H81 C2E C . 7.45 13.21 -2.53
HN11 C2E C . 5.00 8.88 -6.55
HN24 C2E C . 2.81 9.18 -6.76
HN23 C2E C . 1.96 10.48 -5.93
N MET A 21 7.78 20.08 1.89
CA MET A 21 8.51 21.37 2.07
C MET A 21 9.91 21.26 1.49
N SER A 22 10.16 22.00 0.40
CA SER A 22 11.47 22.01 -0.28
C SER A 22 11.35 21.38 -1.66
N ASP A 23 12.50 21.08 -2.26
CA ASP A 23 12.53 20.44 -3.58
C ASP A 23 12.78 18.94 -3.43
N GLN A 24 12.10 18.34 -2.45
CA GLN A 24 12.21 16.89 -2.22
C GLN A 24 10.86 16.23 -2.47
N HIS A 25 9.95 16.96 -3.11
CA HIS A 25 8.62 16.42 -3.40
C HIS A 25 8.60 15.77 -4.78
N ASP A 26 9.71 15.87 -5.51
CA ASP A 26 9.77 15.28 -6.84
C ASP A 26 9.25 13.85 -6.79
N GLU A 27 8.71 13.36 -7.91
CA GLU A 27 8.18 12.00 -7.93
C GLU A 27 9.24 11.00 -8.36
N ARG A 28 9.35 9.91 -7.60
CA ARG A 28 10.32 8.86 -7.89
C ARG A 28 9.63 7.51 -8.10
N ARG A 29 8.32 7.47 -7.89
CA ARG A 29 7.57 6.22 -8.09
C ARG A 29 6.76 6.32 -9.38
N ARG A 30 6.83 5.25 -10.19
CA ARG A 30 6.10 5.22 -11.45
C ARG A 30 4.92 6.18 -11.44
N PHE A 31 3.91 5.89 -10.61
CA PHE A 31 2.75 6.76 -10.49
C PHE A 31 2.13 6.66 -9.10
N HIS A 32 1.38 7.68 -8.72
CA HIS A 32 0.72 7.70 -7.41
C HIS A 32 0.13 6.34 -7.10
N ARG A 33 -0.28 6.14 -5.84
CA ARG A 33 -0.87 4.86 -5.44
C ARG A 33 -2.30 5.06 -4.94
N ILE A 34 -3.02 3.96 -4.82
CA ILE A 34 -4.40 4.01 -4.35
C ILE A 34 -4.44 4.35 -2.87
N ALA A 35 -4.66 5.63 -2.56
CA ALA A 35 -4.71 6.05 -1.16
C ALA A 35 -6.12 6.08 -0.62
N PHE A 36 -6.34 5.27 0.41
CA PHE A 36 -7.63 5.22 1.08
C PHE A 36 -7.38 4.86 2.54
N ASP A 37 -8.32 5.18 3.43
CA ASP A 37 -8.13 4.88 4.84
C ASP A 37 -8.78 3.55 5.22
N ALA A 38 -8.15 2.86 6.16
CA ALA A 38 -8.68 1.57 6.62
C ALA A 38 -7.77 1.00 7.70
N ASP A 39 -8.19 -0.12 8.28
CA ASP A 39 -7.42 -0.76 9.34
C ASP A 39 -6.53 -1.86 8.77
N SER A 40 -5.26 -1.88 9.19
CA SER A 40 -4.32 -2.89 8.73
C SER A 40 -3.52 -3.43 9.90
N GLU A 41 -2.98 -4.64 9.75
CA GLU A 41 -2.18 -5.25 10.80
C GLU A 41 -1.03 -6.01 10.15
N ILE A 42 0.12 -6.02 10.82
CA ILE A 42 1.29 -6.68 10.26
C ILE A 42 1.84 -7.76 11.21
N LEU A 43 2.17 -8.91 10.62
CA LEU A 43 2.70 -10.03 11.39
C LEU A 43 4.10 -10.39 10.90
N GLN A 44 5.04 -10.37 11.83
CA GLN A 44 6.42 -10.72 11.49
C GLN A 44 6.95 -11.72 12.50
N GLY A 45 6.99 -13.00 12.10
CA GLY A 45 7.45 -14.04 13.00
C GLY A 45 6.33 -14.44 13.96
N GLU A 46 6.62 -14.41 15.25
CA GLU A 46 5.63 -14.76 16.26
C GLU A 46 5.04 -13.49 16.88
N ARG A 47 5.32 -12.36 16.25
CA ARG A 47 4.86 -11.07 16.76
C ARG A 47 3.86 -10.40 15.83
N ARG A 48 2.80 -9.85 16.41
CA ARG A 48 1.76 -9.16 15.64
C ARG A 48 1.50 -7.79 16.23
N TRP A 49 1.13 -6.87 15.36
CA TRP A 49 0.86 -5.50 15.76
C TRP A 49 -0.25 -4.90 14.91
N GLU A 50 -0.95 -3.92 15.46
CA GLU A 50 -2.03 -3.25 14.75
C GLU A 50 -1.54 -1.93 14.17
N VAL A 51 -1.90 -1.63 12.93
CA VAL A 51 -1.47 -0.39 12.29
C VAL A 51 -2.52 0.14 11.33
N LEU A 52 -2.48 1.45 11.07
CA LEU A 52 -3.41 2.05 10.14
C LEU A 52 -2.75 2.15 8.77
N LEU A 53 -3.44 1.69 7.73
CA LEU A 53 -2.88 1.73 6.39
C LEU A 53 -3.27 3.02 5.70
N HIS A 54 -2.26 3.74 5.21
CA HIS A 54 -2.48 5.01 4.56
C HIS A 54 -2.64 4.85 3.04
N ASP A 55 -2.06 3.81 2.45
CA ASP A 55 -2.25 3.60 1.01
C ASP A 55 -1.62 2.28 0.56
N VAL A 56 -2.06 1.81 -0.61
CA VAL A 56 -1.57 0.56 -1.16
C VAL A 56 -1.48 0.62 -2.68
N SER A 57 -0.82 -0.39 -3.26
CA SER A 57 -0.66 -0.50 -4.70
C SER A 57 -0.78 -1.97 -5.07
N LEU A 58 -0.86 -2.27 -6.36
CA LEU A 58 -0.99 -3.67 -6.76
C LEU A 58 0.29 -4.43 -6.42
N HIS A 59 1.26 -3.72 -5.85
CA HIS A 59 2.52 -4.37 -5.47
C HIS A 59 3.32 -3.51 -4.49
N GLY A 60 2.63 -2.91 -3.51
CA GLY A 60 3.30 -2.07 -2.52
C GLY A 60 2.30 -1.57 -1.47
N ILE A 61 2.79 -1.31 -0.26
CA ILE A 61 1.91 -0.85 0.82
C ILE A 61 2.64 0.12 1.76
N LEU A 62 1.86 1.05 2.32
CA LEU A 62 2.37 2.04 3.27
C LEU A 62 1.59 1.90 4.58
N VAL A 63 2.28 2.03 5.70
CA VAL A 63 1.61 1.90 7.00
C VAL A 63 2.19 2.85 8.04
N GLY A 64 1.57 2.87 9.21
CA GLY A 64 2.05 3.70 10.32
C GLY A 64 2.90 2.85 11.27
N GLN A 65 3.95 3.42 11.86
CA GLN A 65 4.83 2.65 12.75
C GLN A 65 4.31 2.64 14.19
N PRO A 66 3.93 1.51 14.72
CA PRO A 66 3.45 1.44 16.13
C PRO A 66 4.60 1.27 17.11
N GLN A 67 4.35 1.56 18.38
CA GLN A 67 5.38 1.46 19.42
C GLN A 67 5.85 0.02 19.63
N ASP A 68 4.92 -0.92 19.60
CA ASP A 68 5.24 -2.33 19.82
C ASP A 68 5.98 -2.94 18.63
N TRP A 69 6.36 -2.10 17.68
CA TRP A 69 7.06 -2.58 16.49
C TRP A 69 8.40 -3.23 16.85
N ASN A 70 8.35 -4.38 17.50
CA ASN A 70 9.59 -5.08 17.85
C ASN A 70 9.93 -6.09 16.76
N GLY A 71 10.50 -5.59 15.66
CA GLY A 71 10.87 -6.46 14.55
C GLY A 71 12.19 -6.03 13.92
N ASP A 72 12.84 -6.96 13.22
CA ASP A 72 14.12 -6.68 12.57
C ASP A 72 13.90 -6.28 11.11
N PRO A 73 14.16 -5.04 10.77
CA PRO A 73 14.00 -4.53 9.37
C PRO A 73 14.61 -5.47 8.33
N GLN A 74 15.55 -6.29 8.78
CA GLN A 74 16.22 -7.20 7.86
C GLN A 74 15.37 -8.44 7.57
N ARG A 75 14.46 -8.77 8.47
CA ARG A 75 13.60 -9.94 8.27
C ARG A 75 12.28 -9.51 7.63
N PRO A 76 11.66 -10.38 6.87
CA PRO A 76 10.38 -10.07 6.17
C PRO A 76 9.21 -9.81 7.12
N PHE A 77 8.19 -9.15 6.59
CA PHE A 77 6.99 -8.82 7.35
C PHE A 77 5.75 -9.26 6.56
N GLU A 78 4.63 -9.50 7.23
CA GLU A 78 3.41 -9.90 6.52
C GLU A 78 2.30 -8.91 6.83
N ALA A 79 1.57 -8.45 5.83
CA ALA A 79 0.52 -7.46 6.05
C ALA A 79 -0.87 -8.03 5.73
N ARG A 80 -1.81 -7.74 6.61
CA ARG A 80 -3.19 -8.15 6.42
C ARG A 80 -4.07 -6.92 6.42
N LEU A 81 -4.90 -6.76 5.40
CA LEU A 81 -5.76 -5.59 5.31
C LEU A 81 -7.22 -5.97 5.55
N TYR A 82 -7.91 -5.14 6.33
CA TYR A 82 -9.31 -5.41 6.64
C TYR A 82 -10.18 -4.23 6.17
N LEU A 83 -10.98 -4.49 5.13
CA LEU A 83 -11.87 -3.47 4.58
C LEU A 83 -13.31 -3.76 5.01
N GLY A 84 -13.99 -4.63 4.27
CA GLY A 84 -15.35 -5.00 4.62
C GLY A 84 -15.34 -5.98 5.78
N LEU A 85 -16.50 -6.47 6.19
CA LEU A 85 -16.56 -7.41 7.29
C LEU A 85 -16.09 -8.79 6.86
N ASP A 86 -16.35 -9.13 5.59
CA ASP A 86 -15.97 -10.42 5.03
C ASP A 86 -14.75 -10.28 4.12
N VAL A 87 -14.13 -9.09 4.11
CA VAL A 87 -12.97 -8.86 3.25
C VAL A 87 -11.66 -8.90 4.03
N LEU A 88 -11.05 -10.07 4.02
CA LEU A 88 -9.78 -10.28 4.68
C LEU A 88 -8.71 -10.52 3.62
N ILE A 89 -7.73 -9.63 3.55
CA ILE A 89 -6.67 -9.75 2.55
C ILE A 89 -5.33 -10.03 3.22
N ARG A 90 -4.50 -10.85 2.58
CA ARG A 90 -3.19 -11.19 3.09
C ARG A 90 -2.10 -10.96 2.04
N MET A 91 -1.04 -10.27 2.45
CA MET A 91 0.08 -9.98 1.55
C MET A 91 1.40 -10.11 2.29
N GLU A 92 2.45 -10.51 1.57
CA GLU A 92 3.77 -10.64 2.18
C GLU A 92 4.58 -9.43 1.76
N ILE A 93 5.28 -8.79 2.69
CA ILE A 93 6.03 -7.59 2.33
C ILE A 93 7.36 -7.46 3.06
N SER A 94 8.26 -6.69 2.45
CA SER A 94 9.57 -6.42 3.03
C SER A 94 9.74 -4.92 3.23
N LEU A 95 10.53 -4.54 4.24
CA LEU A 95 10.75 -3.12 4.51
C LEU A 95 11.54 -2.48 3.37
N ALA A 96 10.94 -1.43 2.81
CA ALA A 96 11.58 -0.67 1.73
C ALA A 96 12.26 0.59 2.27
N TRP A 97 11.56 1.28 3.17
CA TRP A 97 12.08 2.52 3.77
C TRP A 97 11.19 2.95 4.95
N ALA A 98 11.68 3.90 5.74
CA ALA A 98 10.91 4.41 6.88
C ALA A 98 11.19 5.90 7.07
N ARG A 99 10.14 6.72 7.07
CA ARG A 99 10.36 8.16 7.25
C ARG A 99 9.15 8.86 7.87
N ASP A 100 9.41 9.72 8.87
CA ASP A 100 8.35 10.51 9.51
C ASP A 100 7.22 9.66 10.07
N GLY A 101 7.54 8.61 10.81
CA GLY A 101 6.50 7.79 11.43
C GLY A 101 5.89 6.77 10.48
N LEU A 102 5.92 7.05 9.17
CA LEU A 102 5.33 6.13 8.22
C LEU A 102 6.37 5.12 7.76
N LEU A 103 5.90 3.94 7.34
CA LEU A 103 6.79 2.88 6.89
C LEU A 103 6.40 2.40 5.50
N GLY A 104 7.36 2.21 4.62
CA GLY A 104 7.05 1.73 3.29
C GLY A 104 7.31 0.24 3.21
N PHE A 105 6.59 -0.41 2.32
CA PHE A 105 6.75 -1.85 2.17
C PHE A 105 6.57 -2.27 0.71
N GLU A 106 7.43 -3.16 0.23
CA GLU A 106 7.33 -3.63 -1.15
C GLU A 106 6.73 -5.04 -1.13
N CYS A 107 5.67 -5.25 -1.92
CA CYS A 107 5.01 -6.54 -1.95
C CYS A 107 5.83 -7.58 -2.71
N GLN A 108 6.11 -8.70 -2.03
CA GLN A 108 6.87 -9.79 -2.64
C GLN A 108 5.93 -10.89 -3.13
N HIS A 109 4.81 -11.06 -2.43
CA HIS A 109 3.83 -12.07 -2.81
C HIS A 109 2.48 -11.78 -2.15
N ILE A 110 1.41 -12.01 -2.90
CA ILE A 110 0.06 -11.76 -2.41
C ILE A 110 -0.90 -12.81 -2.97
N ASP A 111 -1.84 -13.24 -2.12
CA ASP A 111 -2.81 -14.26 -2.49
C ASP A 111 -3.57 -13.89 -3.77
N LEU A 112 -3.80 -14.90 -4.59
CA LEU A 112 -4.51 -14.71 -5.86
C LEU A 112 -5.86 -14.03 -5.61
N ASP A 113 -6.54 -14.47 -4.55
CA ASP A 113 -7.83 -13.89 -4.20
C ASP A 113 -7.63 -12.47 -3.68
N SER A 114 -6.58 -12.28 -2.89
CA SER A 114 -6.27 -10.97 -2.33
C SER A 114 -5.92 -10.00 -3.46
N ILE A 115 -5.25 -10.52 -4.49
CA ILE A 115 -4.87 -9.71 -5.62
C ILE A 115 -6.11 -9.09 -6.26
N SER A 116 -7.19 -9.87 -6.29
CA SER A 116 -8.42 -9.39 -6.90
C SER A 116 -9.07 -8.31 -6.03
N HIS A 117 -9.08 -8.49 -4.72
CA HIS A 117 -9.69 -7.47 -3.87
C HIS A 117 -8.94 -6.15 -4.03
N LEU A 118 -7.63 -6.23 -4.20
CA LEU A 118 -6.82 -5.05 -4.42
C LEU A 118 -7.16 -4.44 -5.78
N ARG A 119 -7.50 -5.27 -6.76
CA ARG A 119 -7.87 -4.75 -8.07
C ARG A 119 -9.16 -3.95 -7.94
N ARG A 120 -10.05 -4.41 -7.06
CA ARG A 120 -11.32 -3.73 -6.81
C ARG A 120 -11.08 -2.32 -6.28
N LEU A 121 -10.17 -2.19 -5.32
CA LEU A 121 -9.87 -0.88 -4.75
C LEU A 121 -9.30 0.04 -5.83
N VAL A 122 -8.53 -0.55 -6.73
CA VAL A 122 -7.93 0.22 -7.82
C VAL A 122 -9.00 0.71 -8.79
N GLU A 123 -9.95 -0.17 -9.10
CA GLU A 123 -11.02 0.17 -10.03
C GLU A 123 -11.92 1.27 -9.47
N LEU A 124 -12.30 1.16 -8.20
CA LEU A 124 -13.18 2.16 -7.60
C LEU A 124 -12.46 3.50 -7.42
N ASN A 125 -11.23 3.46 -6.94
CA ASN A 125 -10.48 4.68 -6.71
C ASN A 125 -10.13 5.36 -8.03
N LEU A 126 -10.05 4.58 -9.10
CA LEU A 126 -9.74 5.12 -10.41
C LEU A 126 -10.72 6.23 -10.78
N GLY A 127 -11.95 6.11 -10.26
CA GLY A 127 -12.99 7.10 -10.54
C GLY A 127 -14.00 6.57 -11.55
N ASP A 128 -15.24 7.02 -11.42
CA ASP A 128 -16.30 6.58 -12.33
C ASP A 128 -16.18 7.28 -13.68
N GLU A 129 -15.90 8.58 -13.64
CA GLU A 129 -15.76 9.36 -14.87
C GLU A 129 -14.84 8.65 -15.85
N GLU A 130 -15.29 8.51 -17.09
CA GLU A 130 -14.50 7.84 -18.12
C GLU A 130 -13.59 8.83 -18.84
N LEU A 131 -12.48 9.16 -18.21
CA LEU A 131 -11.53 10.10 -18.80
C LEU A 131 -11.04 9.61 -20.15
N LEU A 132 -11.02 10.51 -21.13
CA LEU A 132 -10.58 10.15 -22.48
C LEU A 132 -9.17 9.56 -22.43
N GLU A 133 -8.43 9.89 -21.38
CA GLU A 133 -7.06 9.39 -21.23
C GLU A 133 -6.83 8.91 -19.80
N ARG A 134 -5.67 8.31 -19.55
CA ARG A 134 -5.35 7.80 -18.22
C ARG A 134 -3.94 7.23 -18.19
N GLU A 135 -3.48 6.87 -16.99
CA GLU A 135 -2.16 6.30 -16.82
C GLU A 135 -2.10 4.86 -17.33
N LEU A 136 -2.75 4.62 -18.47
CA LEU A 136 -2.79 3.27 -19.03
C LEU A 136 -1.42 2.80 -19.53
N ALA A 137 -0.65 3.69 -20.16
CA ALA A 137 0.67 3.34 -20.67
C ALA A 137 1.68 3.13 -19.55
N LEU A 138 1.45 3.77 -18.41
CA LEU A 138 2.40 3.68 -17.30
C LEU A 138 2.62 2.23 -16.88
N LEU A 139 1.58 1.39 -16.92
CA LEU A 139 1.74 0.01 -16.49
C LEU A 139 2.87 -0.66 -17.27
N VAL A 140 3.34 0.03 -18.31
CA VAL A 140 4.43 -0.50 -19.13
C VAL A 140 5.66 -0.81 -18.27
N SER A 141 5.65 -0.30 -17.04
CA SER A 141 6.76 -0.52 -16.12
C SER A 141 6.66 -1.91 -15.50
N ALA A 142 5.45 -2.39 -15.31
CA ALA A 142 5.23 -3.70 -14.72
C ALA A 142 3.80 -4.17 -14.98
N HIS A 143 3.57 -5.48 -14.90
CA HIS A 143 2.24 -6.03 -15.12
C HIS A 143 1.74 -6.73 -13.86
N ASP A 144 2.44 -7.76 -13.43
CA ASP A 144 2.05 -8.49 -12.22
C ASP A 144 0.68 -9.13 -12.43
N ASP A 145 0.26 -9.22 -13.69
CA ASP A 145 -1.04 -9.81 -14.01
C ASP A 145 -0.98 -10.55 -15.35
P1 C2E B . 12.05 1.94 -2.48
O2P C2E B . 13.07 0.87 -2.34
O1P C2E B . 11.81 2.88 -1.36
O5' C2E B . 10.65 1.24 -2.87
C5' C2E B . 10.57 -0.18 -3.07
C4' C2E B . 9.31 -0.56 -3.86
O4' C2E B . 8.31 -1.01 -2.95
C3' C2E B . 8.70 0.59 -4.65
O3' C2E B . 9.17 0.56 -6.01
C2' C2E B . 7.23 0.26 -4.61
O2' C2E B . 6.85 -0.66 -5.64
C1' C2E B . 7.08 -0.34 -3.23
N9 C2E B . 6.86 0.66 -2.18
C8 C2E B . 7.76 1.24 -1.34
N7 C2E B . 7.28 2.15 -0.55
C5 C2E B . 5.92 2.18 -0.88
C6 C2E B . 4.88 2.98 -0.36
O6 C2E B . 4.94 3.84 0.50
N1 C2E B . 3.66 2.68 -0.98
C2 C2E B . 3.49 1.75 -1.97
N2 C2E B . 2.24 1.59 -2.43
N3 C2E B . 4.47 1.00 -2.47
C4 C2E B . 5.66 1.27 -1.88
P11 C2E B . 10.70 0.93 -6.38
O21 C2E B . 11.48 1.06 -5.13
O11 C2E B . 11.15 -0.02 -7.43
O5A C2E B . 10.56 2.38 -7.04
C5A C2E B . 10.26 3.52 -6.24
C4A C2E B . 11.52 4.15 -5.62
O4A C2E B . 11.56 5.55 -5.89
C3A C2E B . 11.66 3.99 -4.11
O3A C2E B . 12.39 2.80 -3.79
C2A C2E B . 12.47 5.22 -3.74
O2A C2E B . 13.86 5.02 -4.00
C1A C2E B . 11.86 6.26 -4.67
N91 C2E B . 10.60 6.84 -4.19
C81 C2E B . 9.32 6.55 -4.58
N71 C2E B . 8.40 7.24 -4.00
C51 C2E B . 9.10 8.07 -3.13
C61 C2E B . 8.63 9.05 -2.22
O61 C2E B . 7.47 9.38 -2.00
N11 C2E B . 9.67 9.64 -1.53
C21 C2E B . 11.01 9.35 -1.70
N21 C2E B . 11.87 10.04 -0.95
N31 C2E B . 11.47 8.43 -2.56
C41 C2E B . 10.46 7.83 -3.24
H5'1 C2E B . 10.55 -0.68 -2.10
H5'2 C2E B . 11.46 -0.51 -3.62
H4' C2E B . 9.55 -1.38 -4.54
H3' C2E B . 8.91 1.54 -4.16
H2' C2E B . 6.64 1.19 -4.69
HO2' C2E B . 6.13 -0.27 -6.13
H1' C2E B . 6.26 -1.06 -3.22
H8 C2E B . 8.82 0.99 -1.36
HN1 C2E B . 2.87 3.21 -0.66
HN21 C2E B . 1.49 2.16 -2.06
HN22 C2E B . 2.04 0.92 -3.14
H511 C2E B . 9.58 3.23 -5.44
H512 C2E B . 9.78 4.28 -6.86
H4A C2E B . 12.40 3.70 -6.07
H3A C2E B . 10.70 4.02 -3.59
H2A C2E B . 12.30 5.49 -2.70
HO2A C2E B . 14.32 5.82 -3.71
H1A C2E B . 12.59 7.05 -4.87
H81 C2E B . 9.10 5.76 -5.30
HN11 C2E B . 9.41 10.37 -0.87
HN24 C2E B . 12.86 9.86 -1.02
HN23 C2E B . 11.53 10.73 -0.30
P1 C2E C . 3.28 12.01 1.21
O2P C2E C . 2.22 12.37 2.19
O1P C2E C . 3.05 10.89 0.27
O5' C2E C . 4.63 11.71 2.02
C5' C2E C . 4.95 10.39 2.47
C4' C2E C . 6.46 10.22 2.71
O4' C2E C . 6.78 8.84 2.88
C3' C2E C . 7.33 10.72 1.56
O3' C2E C . 7.56 12.12 1.70
C2' C2E C . 8.59 9.92 1.81
O2' C2E C . 9.39 10.52 2.84
C1' C2E C . 8.04 8.59 2.25
N9 C2E C . 7.80 7.64 1.14
C8 C2E C . 6.65 7.32 0.46
N7 C2E C . 6.79 6.42 -0.46
C5 C2E C . 8.14 6.11 -0.41
C6 C2E C . 8.89 5.18 -1.18
O6 C2E C . 8.50 4.45 -2.08
N1 C2E C . 10.23 5.17 -0.81
C2 C2E C . 10.78 5.96 0.18
N2 C2E C . 12.09 5.80 0.40
N3 C2E C . 10.08 6.83 0.91
C4 C2E C . 8.77 6.85 0.56
P11 C2E C . 8.45 12.91 0.61
O21 C2E C . 8.99 14.12 1.26
O11 C2E C . 9.37 11.94 -0.04
O5A C2E C . 7.35 13.36 -0.48
C5A C2E C . 6.61 14.58 -0.29
C4A C2E C . 5.26 14.52 -1.00
O4A C2E C . 5.44 14.66 -2.41
C3A C2E C . 4.49 13.21 -0.79
O3A C2E C . 3.65 13.32 0.36
C2A C2E C . 3.66 13.10 -2.05
O2A C2E C . 2.42 13.81 -1.92
C1A C2E C . 4.56 13.76 -3.10
N91 C2E C . 5.39 12.81 -3.85
C81 C2E C . 6.75 12.63 -3.82
N71 C2E C . 7.19 11.74 -4.65
C51 C2E C . 6.04 11.30 -5.29
C61 C2E C . 5.90 10.32 -6.31
O61 C2E C . 6.77 9.69 -6.90
N11 C2E C . 4.56 10.16 -6.69
C21 C2E C . 3.51 10.86 -6.14
N21 C2E C . 2.30 10.57 -6.62
N31 C2E C . 3.65 11.77 -5.17
C41 C2E C . 4.93 11.94 -4.80
H5'1 C2E C . 4.63 9.68 1.71
H5'2 C2E C . 4.42 10.19 3.40
H4' C2E C . 6.73 10.75 3.62
H3' C2E C . 6.87 10.44 0.61
H2' C2E C . 9.17 9.81 0.89
HO2' C2E C . 9.35 11.47 2.72
H1' C2E C . 8.73 8.11 2.93
H8 C2E C . 5.68 7.74 0.71
HN1 C2E C . 10.82 4.53 -1.31
HN21 C2E C . 12.62 5.14 -0.16
HN22 C2E C . 12.55 6.35 1.11
H511 C2E C . 7.19 15.41 -0.69
H512 C2E C . 6.44 14.73 0.78
H4A C2E C . 4.64 15.34 -0.65
H3A C2E C . 5.18 12.36 -0.71
H2A C2E C . 3.50 12.06 -2.30
HO2A C2E C . 1.73 13.21 -2.21
H1A C2E C . 3.95 14.32 -3.81
H81 C2E C . 7.40 13.17 -3.13
HN11 C2E C . 4.39 9.48 -7.41
HN24 C2E C . 2.19 9.88 -7.35
HN23 C2E C . 1.49 11.06 -6.25
N MET A 21 5.40 26.95 -9.60
CA MET A 21 5.81 26.98 -11.03
C MET A 21 7.07 26.14 -11.21
N SER A 22 7.31 25.23 -10.28
CA SER A 22 8.48 24.36 -10.34
C SER A 22 8.38 23.26 -9.31
N ASP A 23 7.17 23.00 -8.83
CA ASP A 23 6.98 21.95 -7.84
C ASP A 23 6.50 20.68 -8.54
N GLN A 24 7.37 19.69 -8.60
CA GLN A 24 7.05 18.41 -9.23
C GLN A 24 6.92 17.32 -8.16
N HIS A 25 6.82 17.75 -6.91
CA HIS A 25 6.71 16.83 -5.79
C HIS A 25 7.66 15.65 -5.98
N ASP A 26 8.65 15.83 -6.86
CA ASP A 26 9.62 14.78 -7.12
C ASP A 26 8.95 13.42 -7.15
N GLU A 27 8.38 13.05 -8.29
CA GLU A 27 7.71 11.76 -8.39
C GLU A 27 8.69 10.67 -8.82
N ARG A 28 8.71 9.58 -8.06
CA ARG A 28 9.62 8.48 -8.35
C ARG A 28 8.86 7.16 -8.47
N ARG A 29 7.57 7.17 -8.15
CA ARG A 29 6.75 5.96 -8.24
C ARG A 29 5.74 6.08 -9.37
N ARG A 30 6.11 5.52 -10.52
CA ARG A 30 5.26 5.57 -11.72
C ARG A 30 4.16 6.64 -11.60
N PHE A 31 3.16 6.36 -10.77
CA PHE A 31 2.06 7.31 -10.56
C PHE A 31 1.49 7.13 -9.15
N HIS A 32 0.64 8.05 -8.74
CA HIS A 32 0.04 7.98 -7.41
C HIS A 32 -0.39 6.55 -7.09
N ARG A 33 -0.59 6.26 -5.80
CA ARG A 33 -0.99 4.93 -5.37
C ARG A 33 -2.42 4.97 -4.83
N ILE A 34 -3.13 3.87 -5.00
CA ILE A 34 -4.52 3.79 -4.53
C ILE A 34 -4.55 4.13 -3.05
N ALA A 35 -4.79 5.40 -2.74
CA ALA A 35 -4.82 5.83 -1.36
C ALA A 35 -6.24 5.87 -0.81
N PHE A 36 -6.45 5.08 0.24
CA PHE A 36 -7.73 5.03 0.93
C PHE A 36 -7.47 4.70 2.39
N ASP A 37 -8.40 5.02 3.27
CA ASP A 37 -8.19 4.74 4.69
C ASP A 37 -8.82 3.42 5.09
N ALA A 38 -8.19 2.72 6.02
CA ALA A 38 -8.69 1.44 6.50
C ALA A 38 -7.77 0.90 7.59
N ASP A 39 -8.17 -0.23 8.17
CA ASP A 39 -7.36 -0.86 9.23
C ASP A 39 -6.47 -1.95 8.66
N SER A 40 -5.20 -1.94 9.06
CA SER A 40 -4.26 -2.97 8.61
C SER A 40 -3.46 -3.51 9.80
N GLU A 41 -3.02 -4.75 9.66
CA GLU A 41 -2.23 -5.40 10.71
C GLU A 41 -1.00 -6.04 10.08
N ILE A 42 0.06 -6.16 10.85
CA ILE A 42 1.28 -6.77 10.31
C ILE A 42 1.85 -7.79 11.27
N LEU A 43 2.27 -8.92 10.70
CA LEU A 43 2.82 -10.02 11.49
C LEU A 43 4.21 -10.38 10.99
N GLN A 44 5.18 -10.33 11.91
CA GLN A 44 6.55 -10.69 11.57
C GLN A 44 7.07 -11.68 12.60
N GLY A 45 7.11 -12.96 12.23
CA GLY A 45 7.57 -13.99 13.14
C GLY A 45 6.46 -14.36 14.10
N GLU A 46 6.75 -14.31 15.40
CA GLU A 46 5.76 -14.64 16.42
C GLU A 46 5.18 -13.36 17.01
N ARG A 47 5.47 -12.23 16.35
CA ARG A 47 5.00 -10.94 16.83
C ARG A 47 3.98 -10.30 15.89
N ARG A 48 2.92 -9.77 16.47
CA ARG A 48 1.86 -9.10 15.69
C ARG A 48 1.57 -7.74 16.27
N TRP A 49 1.15 -6.83 15.40
CA TRP A 49 0.85 -5.47 15.81
C TRP A 49 -0.27 -4.90 14.95
N GLU A 50 -0.97 -3.91 15.49
CA GLU A 50 -2.06 -3.26 14.78
C GLU A 50 -1.55 -1.95 14.18
N VAL A 51 -1.93 -1.66 12.94
CA VAL A 51 -1.48 -0.43 12.31
C VAL A 51 -2.53 0.12 11.35
N LEU A 52 -2.44 1.41 11.08
CA LEU A 52 -3.37 2.07 10.17
C LEU A 52 -2.70 2.17 8.81
N LEU A 53 -3.38 1.75 7.76
CA LEU A 53 -2.81 1.81 6.42
C LEU A 53 -3.23 3.11 5.75
N HIS A 54 -2.24 3.86 5.29
CA HIS A 54 -2.49 5.14 4.65
C HIS A 54 -2.67 4.99 3.13
N ASP A 55 -2.05 3.98 2.53
CA ASP A 55 -2.24 3.77 1.09
C ASP A 55 -1.61 2.46 0.64
N VAL A 56 -2.05 1.99 -0.52
CA VAL A 56 -1.55 0.73 -1.06
C VAL A 56 -1.47 0.78 -2.59
N SER A 57 -0.82 -0.23 -3.16
CA SER A 57 -0.68 -0.34 -4.60
C SER A 57 -0.81 -1.82 -4.96
N LEU A 58 -0.97 -2.12 -6.24
CA LEU A 58 -1.11 -3.50 -6.64
C LEU A 58 0.16 -4.30 -6.35
N HIS A 59 1.17 -3.62 -5.81
CA HIS A 59 2.44 -4.28 -5.49
C HIS A 59 3.24 -3.48 -4.45
N GLY A 60 2.56 -2.97 -3.45
CA GLY A 60 3.23 -2.20 -2.40
C GLY A 60 2.24 -1.65 -1.38
N ILE A 61 2.73 -1.33 -0.17
CA ILE A 61 1.86 -0.83 0.89
C ILE A 61 2.60 0.16 1.80
N LEU A 62 1.84 1.12 2.34
CA LEU A 62 2.38 2.12 3.27
C LEU A 62 1.62 2.03 4.58
N VAL A 63 2.34 2.08 5.70
CA VAL A 63 1.70 1.98 7.00
C VAL A 63 2.33 2.92 8.02
N GLY A 64 1.72 2.96 9.21
CA GLY A 64 2.23 3.79 10.31
C GLY A 64 3.03 2.90 11.26
N GLN A 65 4.11 3.43 11.85
CA GLN A 65 4.94 2.61 12.74
C GLN A 65 4.42 2.64 14.19
N PRO A 66 4.00 1.55 14.74
CA PRO A 66 3.53 1.51 16.14
C PRO A 66 4.70 1.35 17.12
N GLN A 67 4.48 1.66 18.39
CA GLN A 67 5.54 1.55 19.40
C GLN A 67 5.99 0.11 19.58
N ASP A 68 5.03 -0.81 19.58
CA ASP A 68 5.34 -2.23 19.77
C ASP A 68 6.06 -2.83 18.57
N TRP A 69 6.46 -1.98 17.63
CA TRP A 69 7.15 -2.46 16.42
C TRP A 69 8.48 -3.12 16.76
N ASN A 70 8.44 -4.26 17.44
CA ASN A 70 9.67 -4.97 17.78
C ASN A 70 10.00 -6.00 16.70
N GLY A 71 10.56 -5.53 15.59
CA GLY A 71 10.91 -6.42 14.49
C GLY A 71 12.24 -6.02 13.85
N ASP A 72 12.84 -6.97 13.14
CA ASP A 72 14.12 -6.73 12.46
C ASP A 72 13.90 -6.33 11.00
N PRO A 73 14.17 -5.10 10.64
CA PRO A 73 13.99 -4.60 9.24
C PRO A 73 14.57 -5.56 8.21
N GLN A 74 15.51 -6.38 8.62
CA GLN A 74 16.14 -7.33 7.70
C GLN A 74 15.27 -8.56 7.46
N ARG A 75 14.39 -8.87 8.41
CA ARG A 75 13.52 -10.04 8.25
C ARG A 75 12.20 -9.61 7.62
N PRO A 76 11.57 -10.49 6.90
CA PRO A 76 10.28 -10.19 6.20
C PRO A 76 9.13 -9.90 7.15
N PHE A 77 8.11 -9.25 6.61
CA PHE A 77 6.91 -8.90 7.37
C PHE A 77 5.68 -9.35 6.59
N GLU A 78 4.56 -9.61 7.29
CA GLU A 78 3.33 -10.01 6.59
C GLU A 78 2.23 -9.00 6.90
N ALA A 79 1.50 -8.57 5.90
CA ALA A 79 0.44 -7.58 6.09
C ALA A 79 -0.93 -8.12 5.78
N ARG A 80 -1.88 -7.79 6.64
CA ARG A 80 -3.28 -8.19 6.45
C ARG A 80 -4.13 -6.93 6.43
N LEU A 81 -4.96 -6.78 5.40
CA LEU A 81 -5.81 -5.60 5.29
C LEU A 81 -7.28 -5.99 5.49
N TYR A 82 -8.01 -5.16 6.22
CA TYR A 82 -9.41 -5.41 6.48
C TYR A 82 -10.29 -4.28 5.95
N LEU A 83 -11.05 -4.59 4.91
CA LEU A 83 -11.95 -3.59 4.30
C LEU A 83 -13.39 -3.91 4.70
N GLY A 84 -14.03 -4.83 3.98
CA GLY A 84 -15.39 -5.22 4.28
C GLY A 84 -15.39 -6.18 5.47
N LEU A 85 -16.56 -6.62 5.90
CA LEU A 85 -16.63 -7.52 7.04
C LEU A 85 -16.16 -8.92 6.63
N ASP A 86 -16.43 -9.29 5.38
CA ASP A 86 -16.05 -10.59 4.84
C ASP A 86 -14.82 -10.46 3.92
N VAL A 87 -14.20 -9.28 3.91
CA VAL A 87 -13.03 -9.05 3.06
C VAL A 87 -11.74 -9.05 3.85
N LEU A 88 -11.08 -10.20 3.87
CA LEU A 88 -9.81 -10.35 4.56
C LEU A 88 -8.73 -10.59 3.52
N ILE A 89 -7.77 -9.67 3.41
CA ILE A 89 -6.70 -9.81 2.42
C ILE A 89 -5.36 -10.07 3.11
N ARG A 90 -4.53 -10.90 2.48
CA ARG A 90 -3.21 -11.21 3.03
C ARG A 90 -2.12 -11.00 1.99
N MET A 91 -1.08 -10.28 2.38
CA MET A 91 0.05 -10.00 1.48
C MET A 91 1.36 -10.11 2.26
N GLU A 92 2.42 -10.52 1.57
CA GLU A 92 3.73 -10.63 2.20
C GLU A 92 4.55 -9.42 1.77
N ILE A 93 5.16 -8.70 2.72
CA ILE A 93 5.91 -7.51 2.35
C ILE A 93 7.23 -7.39 3.09
N SER A 94 8.14 -6.61 2.49
CA SER A 94 9.45 -6.35 3.08
C SER A 94 9.64 -4.84 3.26
N LEU A 95 10.44 -4.46 4.25
CA LEU A 95 10.67 -3.05 4.53
C LEU A 95 11.45 -2.40 3.38
N ALA A 96 10.86 -1.35 2.81
CA ALA A 96 11.49 -0.61 1.73
C ALA A 96 12.19 0.64 2.26
N TRP A 97 11.50 1.37 3.15
CA TRP A 97 12.03 2.61 3.73
C TRP A 97 11.20 3.02 4.96
N ALA A 98 11.69 4.00 5.72
CA ALA A 98 10.97 4.48 6.90
C ALA A 98 11.27 5.96 7.17
N ARG A 99 10.22 6.79 7.24
CA ARG A 99 10.44 8.23 7.50
C ARG A 99 9.25 8.89 8.22
N ASP A 100 9.55 9.63 9.29
CA ASP A 100 8.52 10.39 10.01
C ASP A 100 7.33 9.54 10.47
N GLY A 101 7.60 8.39 11.07
CA GLY A 101 6.51 7.54 11.57
C GLY A 101 5.76 6.88 10.43
N LEU A 102 6.33 6.93 9.24
CA LEU A 102 5.72 6.30 8.07
C LEU A 102 6.64 5.19 7.57
N LEU A 103 6.07 4.06 7.20
CA LEU A 103 6.88 2.93 6.73
C LEU A 103 6.43 2.46 5.37
N GLY A 104 7.38 2.22 4.47
CA GLY A 104 7.03 1.73 3.16
C GLY A 104 7.23 0.23 3.11
N PHE A 105 6.50 -0.42 2.25
CA PHE A 105 6.60 -1.86 2.13
C PHE A 105 6.41 -2.30 0.69
N GLU A 106 7.30 -3.15 0.21
CA GLU A 106 7.21 -3.63 -1.17
C GLU A 106 6.64 -5.06 -1.16
N CYS A 107 5.61 -5.29 -1.95
CA CYS A 107 4.96 -6.60 -2.00
C CYS A 107 5.80 -7.63 -2.77
N GLN A 108 6.11 -8.75 -2.12
CA GLN A 108 6.88 -9.81 -2.75
C GLN A 108 5.95 -10.94 -3.16
N HIS A 109 4.87 -11.14 -2.42
CA HIS A 109 3.91 -12.19 -2.75
C HIS A 109 2.55 -11.89 -2.12
N ILE A 110 1.50 -12.17 -2.87
CA ILE A 110 0.14 -11.91 -2.40
C ILE A 110 -0.80 -12.98 -2.95
N ASP A 111 -1.74 -13.41 -2.10
CA ASP A 111 -2.70 -14.44 -2.48
C ASP A 111 -3.44 -14.11 -3.77
N LEU A 112 -3.67 -15.15 -4.57
CA LEU A 112 -4.37 -14.97 -5.84
C LEU A 112 -5.71 -14.27 -5.62
N ASP A 113 -6.42 -14.67 -4.58
CA ASP A 113 -7.70 -14.07 -4.26
C ASP A 113 -7.50 -12.64 -3.78
N SER A 114 -6.48 -12.44 -2.95
CA SER A 114 -6.19 -11.11 -2.43
C SER A 114 -5.87 -10.16 -3.59
N ILE A 115 -5.18 -10.67 -4.60
CA ILE A 115 -4.85 -9.87 -5.77
C ILE A 115 -6.10 -9.32 -6.42
N SER A 116 -7.15 -10.15 -6.45
CA SER A 116 -8.40 -9.73 -7.08
C SER A 116 -9.08 -8.66 -6.24
N HIS A 117 -9.08 -8.81 -4.93
CA HIS A 117 -9.72 -7.82 -4.08
C HIS A 117 -9.01 -6.47 -4.23
N LEU A 118 -7.68 -6.50 -4.21
CA LEU A 118 -6.90 -5.29 -4.34
C LEU A 118 -7.04 -4.71 -5.76
N ARG A 119 -7.15 -5.59 -6.75
CA ARG A 119 -7.30 -5.14 -8.14
C ARG A 119 -8.63 -4.41 -8.36
N ARG A 120 -9.71 -4.94 -7.79
CA ARG A 120 -11.00 -4.27 -7.91
C ARG A 120 -10.99 -2.97 -7.12
N LEU A 121 -10.31 -2.95 -5.97
CA LEU A 121 -10.20 -1.72 -5.19
C LEU A 121 -9.57 -0.64 -6.05
N VAL A 122 -8.65 -1.06 -6.91
CA VAL A 122 -7.98 -0.13 -7.81
C VAL A 122 -8.96 0.40 -8.86
N GLU A 123 -9.75 -0.51 -9.43
CA GLU A 123 -10.72 -0.13 -10.44
C GLU A 123 -11.79 0.78 -9.83
N LEU A 124 -12.14 0.53 -8.58
CA LEU A 124 -13.14 1.33 -7.91
C LEU A 124 -12.59 2.71 -7.56
N ASN A 125 -11.36 2.74 -7.08
CA ASN A 125 -10.73 4.01 -6.72
C ASN A 125 -10.68 4.94 -7.92
N LEU A 126 -10.18 4.43 -9.04
CA LEU A 126 -10.08 5.23 -10.25
C LEU A 126 -11.48 5.66 -10.73
N GLY A 127 -12.49 4.87 -10.34
CA GLY A 127 -13.87 5.17 -10.73
C GLY A 127 -14.37 4.14 -11.72
N ASP A 128 -15.36 4.52 -12.51
CA ASP A 128 -15.94 3.61 -13.51
C ASP A 128 -15.31 3.86 -14.87
N GLU A 129 -15.60 2.97 -15.82
CA GLU A 129 -15.05 3.10 -17.16
C GLU A 129 -15.64 4.32 -17.87
N GLU A 130 -15.48 5.48 -17.24
CA GLU A 130 -16.00 6.73 -17.81
C GLU A 130 -15.63 6.83 -19.29
N LEU A 131 -16.13 7.86 -19.96
CA LEU A 131 -15.85 8.05 -21.37
C LEU A 131 -14.35 8.24 -21.60
N LEU A 132 -13.68 8.87 -20.64
CA LEU A 132 -12.25 9.09 -20.74
C LEU A 132 -11.62 9.26 -19.37
N GLU A 133 -10.29 9.21 -19.31
CA GLU A 133 -9.57 9.36 -18.06
C GLU A 133 -8.06 9.35 -18.29
N ARG A 134 -7.44 10.54 -18.21
CA ARG A 134 -6.01 10.65 -18.42
C ARG A 134 -5.27 9.68 -17.50
N GLU A 135 -3.95 9.78 -17.46
CA GLU A 135 -3.13 8.91 -16.62
C GLU A 135 -3.24 7.47 -17.09
N LEU A 136 -4.02 7.25 -18.15
CA LEU A 136 -4.21 5.92 -18.72
C LEU A 136 -2.93 5.37 -19.34
N ALA A 137 -2.20 6.24 -20.06
CA ALA A 137 -0.97 5.82 -20.72
C ALA A 137 0.14 5.53 -19.71
N LEU A 138 0.04 6.11 -18.52
CA LEU A 138 1.08 5.92 -17.51
C LEU A 138 1.32 4.44 -17.21
N LEU A 139 0.29 3.60 -17.30
CA LEU A 139 0.47 2.18 -17.01
C LEU A 139 1.58 1.61 -17.88
N VAL A 140 1.91 2.35 -18.94
CA VAL A 140 2.97 1.94 -19.86
C VAL A 140 4.29 1.77 -19.12
N SER A 141 4.26 2.00 -17.81
CA SER A 141 5.46 1.87 -17.00
C SER A 141 5.90 0.41 -16.86
N ALA A 142 4.98 -0.50 -17.15
CA ALA A 142 5.28 -1.94 -17.05
C ALA A 142 5.29 -2.36 -15.58
N HIS A 143 4.60 -1.58 -14.76
CA HIS A 143 4.50 -1.86 -13.32
C HIS A 143 5.87 -2.19 -12.71
N ASP A 144 6.17 -1.58 -11.57
CA ASP A 144 7.43 -1.80 -10.87
C ASP A 144 8.58 -2.10 -11.83
N ASP A 145 8.46 -1.58 -13.06
CA ASP A 145 9.49 -1.77 -14.08
C ASP A 145 10.85 -2.08 -13.45
P1 C2E B . 12.60 1.75 -3.24
O2P C2E B . 13.73 0.82 -3.43
O1P C2E B . 12.20 2.17 -1.88
O5' C2E B . 11.30 1.11 -3.98
C5' C2E B . 10.10 0.89 -3.23
C4' C2E B . 9.05 0.11 -4.03
O4' C2E B . 8.27 -0.67 -3.11
C3' C2E B . 8.07 0.99 -4.82
O3' C2E B . 8.37 1.00 -6.23
C2' C2E B . 6.73 0.29 -4.62
O2' C2E B . 6.52 -0.73 -5.60
C1' C2E B . 6.89 -0.31 -3.23
N9 C2E B . 6.58 0.64 -2.14
C8 C2E B . 7.42 1.23 -1.23
N7 C2E B . 6.85 2.06 -0.41
C5 C2E B . 5.52 2.02 -0.80
C6 C2E B . 4.40 2.72 -0.27
O6 C2E B . 4.38 3.52 0.66
N1 C2E B . 3.23 2.41 -0.94
C2 C2E B . 3.14 1.53 -2.00
N2 C2E B . 1.93 1.35 -2.52
N3 C2E B . 4.19 0.87 -2.51
C4 C2E B . 5.34 1.16 -1.85
P11 C2E B . 9.82 0.61 -6.82
O21 C2E B . 10.21 -0.70 -6.24
O11 C2E B . 9.77 0.76 -8.30
O5A C2E B . 10.77 1.74 -6.22
C5A C2E B . 10.38 3.11 -6.27
C4A C2E B . 11.51 4.03 -5.84
O4A C2E B . 11.20 5.40 -6.19
C3A C2E B . 11.83 4.01 -4.36
O3A C2E B . 12.88 3.07 -4.11
C2A C2E B . 12.34 5.42 -4.11
O2A C2E B . 13.74 5.53 -4.42
C1A C2E B . 11.49 6.24 -5.06
N91 C2E B . 10.18 6.68 -4.53
C81 C2E B . 8.93 6.25 -4.89
N71 C2E B . 7.95 6.86 -4.30
C51 C2E B . 8.59 7.77 -3.47
C61 C2E B . 8.04 8.71 -2.56
O61 C2E B . 6.86 8.94 -2.31
N11 C2E B . 9.03 9.44 -1.91
C21 C2E B . 10.39 9.28 -2.11
N21 C2E B . 11.18 10.07 -1.40
N31 C2E B . 10.91 8.38 -2.95
C41 C2E B . 9.96 7.67 -3.59
H5'1 C2E B . 9.69 1.87 -2.95
H5'2 C2E B . 10.34 0.33 -2.33
H4' C2E B . 9.56 -0.57 -4.71
H3' C2E B . 8.02 2.00 -4.40
H2' C2E B . 5.92 1.02 -4.62
HO2' C2E B . 6.17 -1.49 -5.15
H1' C2E B . 6.27 -1.19 -3.13
H8 C2E B . 8.49 1.03 -1.22
HN1 C2E B . 2.39 2.87 -0.62
HN21 C2E B . 1.13 1.85 -2.14
HN22 C2E B . 1.80 0.71 -3.29
H511 C2E B . 9.53 3.26 -5.59
H512 C2E B . 10.06 3.36 -7.28
H4A C2E B . 12.42 3.75 -6.37
H3A C2E B . 10.97 3.84 -3.72
H2A C2E B . 12.15 5.70 -3.07
HO2A C2E B . 14.20 4.89 -3.87
H1A C2E B . 12.06 7.10 -5.40
H81 C2E B . 8.77 5.43 -5.59
HN11 C2E B . 8.71 10.14 -1.25
HN24 C2E B . 12.19 10.01 -1.49
HN23 C2E B . 10.78 10.74 -0.76
P1 C2E C . 3.41 12.20 0.95
O2P C2E C . 3.05 12.72 2.29
O1P C2E C . 2.40 11.47 0.16
O5' C2E C . 4.72 11.29 1.08
C5' C2E C . 4.90 10.42 2.21
C4' C2E C . 6.38 10.18 2.50
O4' C2E C . 6.62 8.78 2.70
C3' C2E C . 7.30 10.59 1.35
O3' C2E C . 7.63 11.97 1.46
C2' C2E C . 8.51 9.73 1.62
O2' C2E C . 9.32 10.29 2.66
C1' C2E C . 7.86 8.43 2.07
N9 C2E C . 7.59 7.51 0.96
C8 C2E C . 6.42 7.23 0.30
N7 C2E C . 6.54 6.35 -0.66
C5 C2E C . 7.88 6.00 -0.62
C6 C2E C . 8.59 5.08 -1.43
O6 C2E C . 8.17 4.38 -2.35
N1 C2E C . 9.93 5.02 -1.07
C2 C2E C . 10.51 5.76 -0.07
N2 C2E C . 11.82 5.55 0.13
N3 C2E C . 9.84 6.63 0.70
C4 C2E C . 8.53 6.70 0.36
P11 C2E C . 8.10 12.80 0.17
O21 C2E C . 9.38 13.47 0.48
O11 C2E C . 8.00 11.92 -1.02
O5A C2E C . 6.96 13.94 0.05
C5A C2E C . 6.74 14.64 -1.16
C4A C2E C . 5.29 14.50 -1.64
O4A C2E C . 5.26 14.50 -3.07
C3A C2E C . 4.59 13.22 -1.19
O3A C2E C . 3.93 13.45 0.06
C2A C2E C . 3.58 12.99 -2.29
O2A C2E C . 2.36 13.71 -2.05
C1A C2E C . 4.32 13.52 -3.52
N91 C2E C . 5.06 12.49 -4.27
C81 C2E C . 6.40 12.23 -4.26
N71 C2E C . 6.79 11.32 -5.09
C51 C2E C . 5.61 10.94 -5.72
C61 C2E C . 5.39 9.99 -6.74
O61 C2E C . 6.22 9.32 -7.34
N11 C2E C . 4.05 9.90 -7.09
C21 C2E C . 3.04 10.66 -6.53
N21 C2E C . 1.82 10.44 -7.01
N31 C2E C . 3.24 11.57 -5.57
C41 C2E C . 4.54 11.65 -5.22
H5'1 C2E C . 4.41 9.48 2.03
H5'2 C2E C . 4.44 10.89 3.09
H4' C2E C . 6.68 10.72 3.40
H3' C2E C . 6.82 10.32 0.41
H2' C2E C . 9.08 9.57 0.71
HO2' C2E C . 9.79 11.04 2.28
H1' C2E C . 8.52 7.93 2.78
H8 C2E C . 5.45 7.65 0.57
HN1 C2E C . 10.50 4.37 -1.59
HN21 C2E C . 12.32 4.89 -0.45
HN22 C2E C . 12.30 6.06 0.86
H511 C2E C . 7.41 14.24 -1.93
H512 C2E C . 6.96 15.69 -1.01
H4A C2E C . 4.72 15.36 -1.30
H3A C2E C . 5.29 12.37 -1.13
H2A C2E C . 3.39 11.92 -2.40
HO2A C2E C . 2.02 13.41 -1.21
H1A C2E C . 3.60 13.99 -4.20
H81 C2E C . 7.10 12.75 -3.59
HN11 C2E C . 3.82 9.22 -7.81
HN24 C2E C . 1.67 9.75 -7.73
HN23 C2E C . 1.03 10.97 -6.64
N MET A 21 13.32 27.45 -4.04
CA MET A 21 12.96 26.25 -4.85
C MET A 21 12.93 25.02 -3.94
N SER A 22 11.73 24.57 -3.60
CA SER A 22 11.56 23.40 -2.73
C SER A 22 10.81 22.30 -3.46
N ASP A 23 11.48 21.17 -3.66
CA ASP A 23 10.84 20.01 -4.27
C ASP A 23 10.50 19.00 -3.17
N GLN A 24 9.29 19.10 -2.63
CA GLN A 24 8.88 18.21 -1.55
C GLN A 24 8.01 17.07 -2.07
N HIS A 25 7.20 17.35 -3.09
CA HIS A 25 6.31 16.31 -3.63
C HIS A 25 6.96 15.64 -4.84
N ASP A 26 8.25 15.38 -4.75
CA ASP A 26 8.95 14.72 -5.84
C ASP A 26 8.30 13.38 -6.14
N GLU A 27 7.84 13.22 -7.37
CA GLU A 27 7.18 11.98 -7.77
C GLU A 27 8.20 10.96 -8.25
N ARG A 28 8.31 9.84 -7.52
CA ARG A 28 9.26 8.78 -7.86
C ARG A 28 8.55 7.44 -8.04
N ARG A 29 7.24 7.41 -7.83
CA ARG A 29 6.48 6.17 -7.96
C ARG A 29 5.91 6.03 -9.36
N ARG A 30 6.50 5.11 -10.13
CA ARG A 30 6.07 4.84 -11.50
C ARG A 30 4.68 5.45 -11.77
N PHE A 31 3.71 5.05 -10.96
CA PHE A 31 2.35 5.56 -11.11
C PHE A 31 1.73 5.82 -9.74
N HIS A 32 0.94 6.88 -9.64
CA HIS A 32 0.30 7.25 -8.39
C HIS A 32 -0.48 6.06 -7.82
N ARG A 33 -0.10 5.62 -6.63
CA ARG A 33 -0.78 4.50 -5.99
C ARG A 33 -2.20 4.91 -5.60
N ILE A 34 -2.94 3.96 -5.04
CA ILE A 34 -4.31 4.22 -4.62
C ILE A 34 -4.35 4.50 -3.13
N ALA A 35 -4.70 5.73 -2.77
CA ALA A 35 -4.76 6.12 -1.37
C ALA A 35 -6.19 5.98 -0.83
N PHE A 36 -6.33 5.13 0.17
CA PHE A 36 -7.60 4.90 0.83
C PHE A 36 -7.35 4.53 2.28
N ASP A 37 -8.26 4.89 3.17
CA ASP A 37 -8.06 4.60 4.59
C ASP A 37 -8.72 3.29 5.00
N ALA A 38 -8.12 2.62 5.98
CA ALA A 38 -8.65 1.36 6.49
C ALA A 38 -7.75 0.83 7.58
N ASP A 39 -8.13 -0.31 8.16
CA ASP A 39 -7.34 -0.91 9.23
C ASP A 39 -6.42 -1.98 8.67
N SER A 40 -5.16 -1.96 9.09
CA SER A 40 -4.20 -2.96 8.64
C SER A 40 -3.40 -3.50 9.83
N GLU A 41 -2.90 -4.71 9.69
CA GLU A 41 -2.10 -5.33 10.74
C GLU A 41 -0.90 -6.02 10.11
N ILE A 42 0.22 -6.03 10.82
CA ILE A 42 1.42 -6.64 10.27
C ILE A 42 1.99 -7.69 11.22
N LEU A 43 2.38 -8.82 10.64
CA LEU A 43 2.93 -9.93 11.40
C LEU A 43 4.34 -10.26 10.93
N GLN A 44 5.28 -10.22 11.87
CA GLN A 44 6.66 -10.55 11.55
C GLN A 44 7.20 -11.54 12.58
N GLY A 45 7.28 -12.81 12.20
CA GLY A 45 7.75 -13.84 13.11
C GLY A 45 6.63 -14.23 14.07
N GLU A 46 6.93 -14.21 15.37
CA GLU A 46 5.94 -14.54 16.39
C GLU A 46 5.34 -13.27 16.98
N ARG A 47 5.61 -12.15 16.32
CA ARG A 47 5.11 -10.85 16.80
C ARG A 47 4.08 -10.24 15.87
N ARG A 48 3.01 -9.73 16.45
CA ARG A 48 1.94 -9.09 15.67
C ARG A 48 1.63 -7.71 16.25
N TRP A 49 1.23 -6.80 15.37
CA TRP A 49 0.92 -5.44 15.78
C TRP A 49 -0.21 -4.88 14.92
N GLU A 50 -0.92 -3.89 15.46
CA GLU A 50 -2.01 -3.26 14.75
C GLU A 50 -1.53 -1.93 14.16
N VAL A 51 -1.89 -1.64 12.92
CA VAL A 51 -1.47 -0.39 12.27
C VAL A 51 -2.53 0.13 11.31
N LEU A 52 -2.45 1.43 11.04
CA LEU A 52 -3.38 2.08 10.13
C LEU A 52 -2.72 2.15 8.76
N LEU A 53 -3.41 1.70 7.72
CA LEU A 53 -2.84 1.74 6.38
C LEU A 53 -3.28 3.02 5.69
N HIS A 54 -2.30 3.77 5.21
CA HIS A 54 -2.57 5.03 4.56
C HIS A 54 -2.74 4.86 3.05
N ASP A 55 -2.16 3.82 2.46
CA ASP A 55 -2.34 3.60 1.02
C ASP A 55 -1.70 2.29 0.57
N VAL A 56 -2.10 1.85 -0.61
CA VAL A 56 -1.60 0.59 -1.17
C VAL A 56 -1.50 0.65 -2.69
N SER A 57 -0.84 -0.35 -3.26
CA SER A 57 -0.68 -0.47 -4.70
C SER A 57 -0.78 -1.94 -5.06
N LEU A 58 -0.84 -2.26 -6.34
CA LEU A 58 -0.95 -3.65 -6.73
C LEU A 58 0.35 -4.39 -6.40
N HIS A 59 1.34 -3.67 -5.89
CA HIS A 59 2.62 -4.29 -5.54
C HIS A 59 3.37 -3.48 -4.48
N GLY A 60 2.65 -2.93 -3.51
CA GLY A 60 3.30 -2.15 -2.46
C GLY A 60 2.28 -1.63 -1.44
N ILE A 61 2.75 -1.30 -0.23
CA ILE A 61 1.87 -0.82 0.83
C ILE A 61 2.60 0.14 1.77
N LEU A 62 1.82 1.07 2.34
CA LEU A 62 2.34 2.06 3.29
C LEU A 62 1.57 1.93 4.61
N VAL A 63 2.26 2.08 5.73
CA VAL A 63 1.59 1.95 7.02
C VAL A 63 2.20 2.90 8.06
N GLY A 64 1.59 2.91 9.23
CA GLY A 64 2.06 3.75 10.35
C GLY A 64 2.87 2.89 11.33
N GLN A 65 3.92 3.45 11.93
CA GLN A 65 4.76 2.68 12.85
C GLN A 65 4.22 2.70 14.27
N PRO A 66 3.83 1.58 14.84
CA PRO A 66 3.32 1.54 16.23
C PRO A 66 4.45 1.37 17.24
N GLN A 67 4.26 1.89 18.45
CA GLN A 67 5.26 1.83 19.50
C GLN A 67 5.71 0.39 19.80
N ASP A 68 4.98 -0.60 19.32
CA ASP A 68 5.31 -2.00 19.58
C ASP A 68 6.09 -2.64 18.43
N TRP A 69 6.51 -1.84 17.46
CA TRP A 69 7.25 -2.35 16.32
C TRP A 69 8.56 -3.02 16.73
N ASN A 70 8.48 -4.15 17.42
CA ASN A 70 9.69 -4.86 17.82
C ASN A 70 10.02 -5.91 16.76
N GLY A 71 10.60 -5.48 15.64
CA GLY A 71 10.94 -6.39 14.56
C GLY A 71 12.26 -6.02 13.90
N ASP A 72 12.82 -6.96 13.15
CA ASP A 72 14.08 -6.74 12.45
C ASP A 72 13.83 -6.33 11.00
N PRO A 73 14.32 -5.18 10.59
CA PRO A 73 14.11 -4.68 9.19
C PRO A 73 14.70 -5.62 8.15
N GLN A 74 15.65 -6.45 8.57
CA GLN A 74 16.29 -7.37 7.65
C GLN A 74 15.41 -8.59 7.38
N ARG A 75 14.51 -8.92 8.31
CA ARG A 75 13.63 -10.07 8.12
C ARG A 75 12.31 -9.62 7.49
N PRO A 76 11.67 -10.51 6.78
CA PRO A 76 10.38 -10.19 6.09
C PRO A 76 9.24 -9.86 7.05
N PHE A 77 8.21 -9.21 6.50
CA PHE A 77 7.02 -8.83 7.26
C PHE A 77 5.78 -9.24 6.50
N GLU A 78 4.66 -9.44 7.19
CA GLU A 78 3.41 -9.82 6.50
C GLU A 78 2.32 -8.82 6.83
N ALA A 79 1.53 -8.42 5.85
CA ALA A 79 0.48 -7.42 6.08
C ALA A 79 -0.90 -7.98 5.77
N ARG A 80 -1.84 -7.65 6.64
CA ARG A 80 -3.22 -8.06 6.46
C ARG A 80 -4.11 -6.82 6.48
N LEU A 81 -4.96 -6.67 5.47
CA LEU A 81 -5.83 -5.49 5.41
C LEU A 81 -7.29 -5.90 5.56
N TYR A 82 -8.06 -5.03 6.19
CA TYR A 82 -9.48 -5.29 6.40
C TYR A 82 -10.33 -4.16 5.81
N LEU A 83 -11.01 -4.47 4.71
CA LEU A 83 -11.86 -3.48 4.05
C LEU A 83 -13.32 -3.77 4.38
N GLY A 84 -13.95 -4.65 3.61
CA GLY A 84 -15.34 -5.02 3.86
C GLY A 84 -15.39 -5.93 5.08
N LEU A 85 -16.58 -6.28 5.54
CA LEU A 85 -16.70 -7.14 6.70
C LEU A 85 -16.28 -8.56 6.32
N ASP A 86 -16.56 -8.94 5.08
CA ASP A 86 -16.23 -10.27 4.57
C ASP A 86 -14.99 -10.21 3.67
N VAL A 87 -14.31 -9.07 3.67
CA VAL A 87 -13.13 -8.90 2.83
C VAL A 87 -11.84 -8.90 3.65
N LEU A 88 -11.18 -10.05 3.68
CA LEU A 88 -9.92 -10.19 4.39
C LEU A 88 -8.81 -10.46 3.38
N ILE A 89 -7.83 -9.56 3.32
CA ILE A 89 -6.74 -9.71 2.35
C ILE A 89 -5.41 -9.98 3.08
N ARG A 90 -4.58 -10.81 2.46
CA ARG A 90 -3.27 -11.15 3.03
C ARG A 90 -2.16 -10.93 1.99
N MET A 91 -1.10 -10.24 2.41
CA MET A 91 0.02 -9.97 1.52
C MET A 91 1.34 -10.10 2.29
N GLU A 92 2.39 -10.51 1.59
CA GLU A 92 3.70 -10.63 2.21
C GLU A 92 4.55 -9.47 1.74
N ILE A 93 5.23 -8.79 2.66
CA ILE A 93 6.01 -7.62 2.25
C ILE A 93 7.33 -7.50 3.01
N SER A 94 8.26 -6.76 2.41
CA SER A 94 9.57 -6.51 2.99
C SER A 94 9.75 -5.00 3.21
N LEU A 95 10.50 -4.63 4.24
CA LEU A 95 10.71 -3.22 4.54
C LEU A 95 11.50 -2.56 3.42
N ALA A 96 10.92 -1.50 2.85
CA ALA A 96 11.56 -0.74 1.79
C ALA A 96 12.23 0.52 2.35
N TRP A 97 11.51 1.22 3.23
CA TRP A 97 12.04 2.47 3.82
C TRP A 97 11.18 2.88 5.03
N ALA A 98 11.66 3.87 5.79
CA ALA A 98 10.92 4.37 6.94
C ALA A 98 11.23 5.86 7.13
N ARG A 99 10.19 6.70 7.14
CA ARG A 99 10.44 8.14 7.32
C ARG A 99 9.24 8.87 7.96
N ASP A 100 9.54 9.71 8.96
CA ASP A 100 8.52 10.51 9.62
C ASP A 100 7.37 9.69 10.22
N GLY A 101 7.68 8.64 10.95
CA GLY A 101 6.64 7.85 11.61
C GLY A 101 6.01 6.83 10.68
N LEU A 102 6.02 7.08 9.38
CA LEU A 102 5.41 6.15 8.44
C LEU A 102 6.41 5.11 7.98
N LEU A 103 5.90 4.00 7.44
CA LEU A 103 6.75 2.92 6.96
C LEU A 103 6.30 2.42 5.59
N GLY A 104 7.25 2.20 4.70
CA GLY A 104 6.90 1.69 3.38
C GLY A 104 7.20 0.22 3.29
N PHE A 105 6.50 -0.48 2.43
CA PHE A 105 6.71 -1.91 2.28
C PHE A 105 6.50 -2.33 0.83
N GLU A 106 7.34 -3.23 0.36
CA GLU A 106 7.23 -3.70 -1.02
C GLU A 106 6.63 -5.10 -1.01
N CYS A 107 5.60 -5.31 -1.82
CA CYS A 107 4.94 -6.60 -1.88
C CYS A 107 5.74 -7.63 -2.67
N GLN A 108 6.04 -8.75 -2.02
CA GLN A 108 6.80 -9.81 -2.66
C GLN A 108 5.86 -10.93 -3.13
N HIS A 109 4.75 -11.11 -2.41
CA HIS A 109 3.79 -12.13 -2.77
C HIS A 109 2.44 -11.85 -2.12
N ILE A 110 1.37 -12.11 -2.85
CA ILE A 110 0.02 -11.88 -2.37
C ILE A 110 -0.93 -12.94 -2.92
N ASP A 111 -1.85 -13.38 -2.06
CA ASP A 111 -2.80 -14.42 -2.43
C ASP A 111 -3.56 -14.08 -3.72
N LEU A 112 -3.77 -15.11 -4.54
CA LEU A 112 -4.47 -14.94 -5.81
C LEU A 112 -5.83 -14.26 -5.59
N ASP A 113 -6.53 -14.69 -4.56
CA ASP A 113 -7.83 -14.10 -4.26
C ASP A 113 -7.65 -12.69 -3.75
N SER A 114 -6.59 -12.49 -2.97
CA SER A 114 -6.27 -11.17 -2.43
C SER A 114 -5.96 -10.20 -3.56
N ILE A 115 -5.27 -10.72 -4.58
CA ILE A 115 -4.91 -9.91 -5.74
C ILE A 115 -6.16 -9.35 -6.39
N SER A 116 -7.21 -10.16 -6.43
CA SER A 116 -8.46 -9.72 -7.04
C SER A 116 -9.13 -8.65 -6.20
N HIS A 117 -9.12 -8.82 -4.89
CA HIS A 117 -9.75 -7.83 -4.03
C HIS A 117 -9.02 -6.50 -4.16
N LEU A 118 -7.69 -6.54 -4.15
CA LEU A 118 -6.90 -5.33 -4.30
C LEU A 118 -7.09 -4.74 -5.69
N ARG A 119 -7.20 -5.61 -6.69
CA ARG A 119 -7.40 -5.13 -8.06
C ARG A 119 -8.76 -4.44 -8.20
N ARG A 120 -9.80 -5.03 -7.59
CA ARG A 120 -11.12 -4.42 -7.62
C ARG A 120 -11.12 -3.14 -6.79
N LEU A 121 -10.41 -3.13 -5.67
CA LEU A 121 -10.32 -1.94 -4.83
C LEU A 121 -9.73 -0.80 -5.65
N VAL A 122 -8.72 -1.13 -6.46
CA VAL A 122 -8.06 -0.14 -7.30
C VAL A 122 -9.01 0.37 -8.39
N GLU A 123 -9.84 -0.53 -8.91
CA GLU A 123 -10.77 -0.16 -9.97
C GLU A 123 -11.71 0.94 -9.50
N LEU A 124 -12.17 0.86 -8.26
CA LEU A 124 -13.08 1.86 -7.72
C LEU A 124 -12.39 3.22 -7.61
N ASN A 125 -11.13 3.22 -7.20
CA ASN A 125 -10.37 4.45 -7.06
C ASN A 125 -10.13 5.08 -8.43
N LEU A 126 -9.65 4.28 -9.37
CA LEU A 126 -9.38 4.77 -10.72
C LEU A 126 -10.67 5.28 -11.36
N GLY A 127 -11.77 4.56 -11.13
CA GLY A 127 -13.05 4.94 -11.70
C GLY A 127 -13.85 3.71 -12.13
N ASP A 128 -14.56 3.83 -13.24
CA ASP A 128 -15.36 2.71 -13.74
C ASP A 128 -15.96 3.05 -15.10
N GLU A 129 -15.30 2.58 -16.16
CA GLU A 129 -15.76 2.84 -17.51
C GLU A 129 -16.09 4.32 -17.69
N GLU A 130 -15.09 5.10 -18.08
CA GLU A 130 -15.27 6.53 -18.29
C GLU A 130 -14.47 7.01 -19.50
N LEU A 131 -13.26 6.49 -19.63
CA LEU A 131 -12.39 6.86 -20.75
C LEU A 131 -12.30 8.38 -20.86
N LEU A 132 -11.55 8.99 -19.96
CA LEU A 132 -11.38 10.45 -19.97
C LEU A 132 -10.27 10.83 -20.95
N GLU A 133 -10.65 11.30 -22.13
CA GLU A 133 -9.69 11.71 -23.14
C GLU A 133 -8.77 12.80 -22.60
N ARG A 134 -7.79 12.39 -21.79
CA ARG A 134 -6.84 13.34 -21.21
C ARG A 134 -5.75 12.59 -20.46
N GLU A 135 -6.07 12.11 -19.27
CA GLU A 135 -5.11 11.36 -18.47
C GLU A 135 -5.14 9.89 -18.87
N LEU A 136 -5.82 9.61 -19.97
CA LEU A 136 -5.95 8.25 -20.48
C LEU A 136 -4.60 7.72 -20.97
N ALA A 137 -3.82 8.59 -21.61
CA ALA A 137 -2.51 8.21 -22.12
C ALA A 137 -1.52 7.96 -21.00
N LEU A 138 -1.75 8.56 -19.83
CA LEU A 138 -0.82 8.41 -18.72
C LEU A 138 -0.59 6.93 -18.41
N LEU A 139 -1.63 6.11 -18.53
CA LEU A 139 -1.48 4.69 -18.22
C LEU A 139 -0.35 4.09 -19.05
N VAL A 140 0.06 4.81 -20.08
CA VAL A 140 1.14 4.33 -20.96
C VAL A 140 2.40 4.06 -20.15
N SER A 141 2.31 4.28 -18.84
CA SER A 141 3.44 4.03 -17.95
C SER A 141 3.60 2.53 -17.75
N ALA A 142 2.51 1.81 -17.93
CA ALA A 142 2.51 0.36 -17.77
C ALA A 142 1.27 -0.24 -18.42
N HIS A 143 1.35 -1.53 -18.77
CA HIS A 143 0.23 -2.21 -19.41
C HIS A 143 0.63 -3.64 -19.79
N ASP A 144 -0.33 -4.38 -20.36
CA ASP A 144 -0.07 -5.77 -20.76
C ASP A 144 -0.38 -5.93 -22.25
N ASP A 145 -1.00 -4.92 -22.83
CA ASP A 145 -1.37 -4.97 -24.25
C ASP A 145 -1.57 -3.55 -24.79
P1 C2E B . 12.69 1.84 -3.09
O2P C2E B . 13.85 0.94 -3.26
O1P C2E B . 12.26 2.26 -1.72
O5' C2E B . 11.42 1.17 -3.83
C5' C2E B . 10.22 0.91 -3.08
C4' C2E B . 9.19 0.12 -3.89
O4' C2E B . 8.40 -0.69 -2.99
C3' C2E B . 8.20 0.98 -4.70
O3' C2E B . 8.52 1.01 -6.10
C2' C2E B . 6.87 0.27 -4.51
O2' C2E B . 6.68 -0.74 -5.50
C1' C2E B . 7.03 -0.34 -3.12
N9 C2E B . 6.69 0.60 -2.03
C8 C2E B . 7.50 1.17 -1.10
N7 C2E B . 6.91 1.96 -0.25
C5 C2E B . 5.58 1.91 -0.66
C6 C2E B . 4.44 2.58 -0.13
O6 C2E B . 4.39 3.34 0.83
N1 C2E B . 3.29 2.25 -0.84
C2 C2E B . 3.23 1.41 -1.92
N2 C2E B . 2.03 1.20 -2.45
N3 C2E B . 4.30 0.79 -2.42
C4 C2E B . 5.43 1.09 -1.75
P11 C2E B . 10.01 0.70 -6.67
O21 C2E B . 10.46 -0.59 -6.09
O11 C2E B . 10.00 0.89 -8.13
O5A C2E B . 10.88 1.87 -6.00
C5A C2E B . 10.46 3.22 -6.09
C4A C2E B . 11.56 4.19 -5.65
O4A C2E B . 11.18 5.53 -5.93
C3A C2E B . 11.89 4.12 -4.17
O3A C2E B . 12.95 3.17 -3.96
C2A C2E B . 12.38 5.52 -3.88
O2A C2E B . 13.77 5.67 -4.20
C1A C2E B . 11.50 6.36 -4.80
N91 C2E B . 10.23 6.78 -4.20
C81 C2E B . 8.98 6.29 -4.43
N71 C2E B . 8.02 6.85 -3.76
C51 C2E B . 8.69 7.82 -3.01
C61 C2E B . 8.18 8.76 -2.08
O61 C2E B . 7.01 8.93 -1.73
N11 C2E B . 9.19 9.54 -1.55
C21 C2E B . 10.53 9.44 -1.86
N21 C2E B . 11.35 10.29 -1.25
N31 C2E B . 11.02 8.56 -2.74
C41 C2E B . 10.05 7.78 -3.27
H5'1 C2E B . 9.78 1.86 -2.78
H5'2 C2E B . 10.48 0.33 -2.20
H4' C2E B . 9.71 -0.56 -4.57
H3' C2E B . 8.14 1.99 -4.27
H2' C2E B . 6.05 0.99 -4.51
HO2' C2E B . 7.48 -0.80 -6.02
H1' C2E B . 6.41 -1.23 -3.04
H8 C2E B . 8.58 1.00 -1.07
HN1 C2E B . 2.44 2.69 -0.51
HN21 C2E B . 1.22 1.68 -2.07
HN22 C2E B . 1.92 0.58 -3.24
H511 C2E B . 9.58 3.36 -5.46
H512 C2E B . 10.18 3.45 -7.12
H4A C2E B . 12.47 3.97 -6.20
H3A C2E B . 11.03 3.92 -3.52
H2A C2E B . 12.19 5.78 -2.83
HO2A C2E B . 14.25 4.95 -3.77
H1A C2E B . 12.05 7.24 -5.13
H81 C2E B . 8.79 5.48 -5.14
HN11 C2E B . 8.90 10.25 -0.89
HN24 C2E B . 12.34 10.27 -1.44
HN23 C2E B . 10.97 10.96 -0.59
P1 C2E C . 2.42 11.45 1.27
O2P C2E C . 1.45 11.77 2.34
O1P C2E C . 2.16 10.33 0.34
O5' C2E C . 3.86 11.21 1.97
C5' C2E C . 4.27 9.90 2.38
C4' C2E C . 5.79 9.84 2.59
O4' C2E C . 6.21 8.48 2.76
C3' C2E C . 6.60 10.40 1.45
O3' C2E C . 6.74 11.81 1.61
C2' C2E C . 7.93 9.71 1.66
O2' C2E C . 8.69 10.35 2.69
C1' C2E C . 7.48 8.32 2.11
N9 C2E C . 7.30 7.36 0.99
C8 C2E C . 6.16 7.01 0.32
N7 C2E C . 6.33 6.12 -0.61
C5 C2E C . 7.69 5.84 -0.55
C6 C2E C . 8.47 4.94 -1.33
O6 C2E C . 8.10 4.19 -2.24
N1 C2E C . 9.81 4.96 -0.95
C2 C2E C . 10.33 5.76 0.04
N2 C2E C . 11.65 5.62 0.25
N3 C2E C . 9.61 6.61 0.77
C4 C2E C . 8.30 6.60 0.42
P11 C2E C . 7.55 12.70 0.54
O21 C2E C . 8.03 13.93 1.22
O11 C2E C . 8.52 11.82 -0.15
O5A C2E C . 6.41 13.12 -0.51
C5A C2E C . 5.54 14.21 -0.22
C4A C2E C . 4.20 14.08 -0.97
O4A C2E C . 4.42 14.20 -2.37
C3A C2E C . 3.50 12.75 -0.76
O3A C2E C . 2.67 12.78 0.40
C2A C2E C . 2.64 12.65 -2.01
O2A C2E C . 1.40 13.37 -1.85
C1A C2E C . 3.53 13.31 -3.06
N91 C2E C . 4.37 12.36 -3.81
C81 C2E C . 5.71 12.17 -3.76
N71 C2E C . 6.16 11.24 -4.56
C51 C2E C . 5.00 10.78 -5.19
C61 C2E C . 4.85 9.77 -6.17
O61 C2E C . 5.72 9.07 -6.68
N11 C2E C . 3.52 9.61 -6.54
C21 C2E C . 2.47 10.33 -6.02
N21 C2E C . 1.26 10.05 -6.50
N31 C2E C . 2.61 11.28 -5.10
C41 C2E C . 3.90 11.46 -4.72
H5'1 C2E C . 4.00 9.18 1.60
H5'2 C2E C . 3.76 9.64 3.30
H4' C2E C . 6.03 10.38 3.50
H3' C2E C . 6.14 10.13 0.50
H2' C2E C . 8.49 9.65 0.74
HO2' C2E C . 9.59 10.02 2.63
H1' C2E C . 8.22 7.91 2.79
H8 C2E C . 5.17 7.36 0.58
HN1 C2E C . 10.42 4.33 -1.45
HN21 C2E C . 12.18 4.97 -0.30
HN22 C2E C . 12.09 6.17 0.98
H511 C2E C . 6.01 15.14 -0.51
H512 C2E C . 5.33 14.22 0.85
H4A C2E C . 3.55 14.89 -0.66
H3A C2E C . 4.20 11.91 -0.74
H2A C2E C . 2.45 11.61 -2.28
HO2A C2E C . 0.85 12.86 -1.25
H1A C2E C . 2.92 13.86 -3.78
H81 C2E C . 6.36 12.71 -3.08
HN11 C2E C . 3.33 8.91 -7.24
HN24 C2E C . 1.15 9.32 -7.20
HN23 C2E C . 0.44 10.54 -6.16
N MET A 21 18.28 15.51 -5.65
CA MET A 21 17.36 14.38 -5.95
C MET A 21 17.08 13.60 -4.67
N SER A 22 15.90 13.84 -4.07
CA SER A 22 15.48 13.18 -2.83
C SER A 22 15.23 14.21 -1.75
N ASP A 23 15.95 15.33 -1.81
CA ASP A 23 15.79 16.40 -0.83
C ASP A 23 14.91 17.52 -1.38
N GLN A 24 14.56 17.43 -2.67
CA GLN A 24 13.72 18.45 -3.29
C GLN A 24 12.36 17.89 -3.67
N HIS A 25 12.15 16.60 -3.41
CA HIS A 25 10.89 15.91 -3.71
C HIS A 25 10.98 15.16 -5.03
N ASP A 26 10.51 15.78 -6.11
CA ASP A 26 10.55 15.13 -7.42
C ASP A 26 9.75 13.82 -7.39
N GLU A 27 9.23 13.42 -8.54
CA GLU A 27 8.44 12.20 -8.63
C GLU A 27 9.32 11.02 -9.02
N ARG A 28 9.22 9.93 -8.25
CA ARG A 28 10.03 8.73 -8.49
C ARG A 28 9.15 7.47 -8.61
N ARG A 29 7.88 7.57 -8.21
CA ARG A 29 6.98 6.41 -8.29
C ARG A 29 5.96 6.63 -9.41
N ARG A 30 6.42 6.37 -10.63
CA ARG A 30 5.60 6.52 -11.84
C ARG A 30 4.39 7.43 -11.61
N PHE A 31 3.39 6.94 -10.88
CA PHE A 31 2.19 7.73 -10.61
C PHE A 31 1.65 7.41 -9.22
N HIS A 32 0.70 8.23 -8.75
CA HIS A 32 0.11 8.02 -7.43
C HIS A 32 -0.34 6.58 -7.26
N ARG A 33 -0.68 6.20 -6.02
CA ARG A 33 -1.13 4.84 -5.74
C ARG A 33 -2.55 4.87 -5.18
N ILE A 34 -3.19 3.70 -5.16
CA ILE A 34 -4.54 3.60 -4.63
C ILE A 34 -4.55 3.95 -3.16
N ALA A 35 -4.76 5.22 -2.85
CA ALA A 35 -4.76 5.67 -1.45
C ALA A 35 -6.16 5.70 -0.87
N PHE A 36 -6.34 4.94 0.20
CA PHE A 36 -7.60 4.89 0.92
C PHE A 36 -7.31 4.60 2.38
N ASP A 37 -8.24 4.95 3.27
CA ASP A 37 -8.02 4.70 4.69
C ASP A 37 -8.66 3.39 5.10
N ALA A 38 -8.04 2.70 6.06
CA ALA A 38 -8.56 1.44 6.54
C ALA A 38 -7.64 0.87 7.63
N ASP A 39 -8.05 -0.26 8.20
CA ASP A 39 -7.26 -0.88 9.26
C ASP A 39 -6.36 -1.97 8.69
N SER A 40 -5.10 -1.97 9.10
CA SER A 40 -4.15 -2.98 8.66
C SER A 40 -3.38 -3.53 9.86
N GLU A 41 -2.98 -4.79 9.75
CA GLU A 41 -2.22 -5.45 10.80
C GLU A 41 -1.03 -6.16 10.18
N ILE A 42 0.11 -6.07 10.83
CA ILE A 42 1.32 -6.70 10.30
C ILE A 42 1.86 -7.74 11.26
N LEU A 43 2.23 -8.89 10.71
CA LEU A 43 2.76 -9.99 11.50
C LEU A 43 4.13 -10.42 11.00
N GLN A 44 5.09 -10.38 11.90
CA GLN A 44 6.46 -10.79 11.58
C GLN A 44 6.95 -11.81 12.59
N GLY A 45 6.94 -13.08 12.21
CA GLY A 45 7.37 -14.13 13.13
C GLY A 45 6.24 -14.48 14.08
N GLU A 46 6.53 -14.42 15.37
CA GLU A 46 5.55 -14.72 16.40
C GLU A 46 5.00 -13.42 16.99
N ARG A 47 5.30 -12.31 16.34
CA ARG A 47 4.87 -11.00 16.82
C ARG A 47 3.87 -10.34 15.90
N ARG A 48 2.81 -9.79 16.48
CA ARG A 48 1.78 -9.10 15.71
C ARG A 48 1.52 -7.71 16.28
N TRP A 49 1.15 -6.80 15.41
CA TRP A 49 0.88 -5.43 15.81
C TRP A 49 -0.24 -4.84 14.96
N GLU A 50 -0.91 -3.82 15.50
CA GLU A 50 -1.99 -3.17 14.79
C GLU A 50 -1.48 -1.87 14.18
N VAL A 51 -1.89 -1.56 12.96
CA VAL A 51 -1.44 -0.34 12.31
C VAL A 51 -2.52 0.22 11.39
N LEU A 52 -2.44 1.52 11.14
CA LEU A 52 -3.38 2.18 10.25
C LEU A 52 -2.74 2.29 8.88
N LEU A 53 -3.47 1.88 7.85
CA LEU A 53 -2.93 1.94 6.50
C LEU A 53 -3.31 3.26 5.85
N HIS A 54 -2.31 3.98 5.40
CA HIS A 54 -2.52 5.28 4.77
C HIS A 54 -2.70 5.16 3.26
N ASP A 55 -2.08 4.15 2.64
CA ASP A 55 -2.27 3.96 1.21
C ASP A 55 -1.68 2.64 0.74
N VAL A 56 -2.13 2.17 -0.41
CA VAL A 56 -1.65 0.90 -0.95
C VAL A 56 -1.55 0.95 -2.46
N SER A 57 -0.93 -0.08 -3.02
CA SER A 57 -0.76 -0.21 -4.47
C SER A 57 -0.95 -1.66 -4.85
N LEU A 58 -1.07 -1.94 -6.13
CA LEU A 58 -1.25 -3.31 -6.57
C LEU A 58 0.01 -4.15 -6.30
N HIS A 59 1.04 -3.50 -5.76
CA HIS A 59 2.28 -4.21 -5.46
C HIS A 59 3.11 -3.45 -4.42
N GLY A 60 2.45 -2.82 -3.46
CA GLY A 60 3.15 -2.08 -2.41
C GLY A 60 2.17 -1.56 -1.36
N ILE A 61 2.66 -1.29 -0.15
CA ILE A 61 1.80 -0.81 0.92
C ILE A 61 2.54 0.17 1.85
N LEU A 62 1.77 1.12 2.38
CA LEU A 62 2.30 2.12 3.32
C LEU A 62 1.52 2.03 4.62
N VAL A 63 2.24 2.06 5.75
CA VAL A 63 1.57 1.97 7.05
C VAL A 63 2.19 2.92 8.07
N GLY A 64 1.58 2.97 9.25
CA GLY A 64 2.08 3.81 10.34
C GLY A 64 2.93 2.95 11.28
N GLN A 65 4.01 3.50 11.84
CA GLN A 65 4.87 2.72 12.73
C GLN A 65 4.36 2.74 14.17
N PRO A 66 3.98 1.62 14.72
CA PRO A 66 3.50 1.58 16.13
C PRO A 66 4.67 1.40 17.11
N GLN A 67 4.43 1.73 18.38
CA GLN A 67 5.48 1.63 19.39
C GLN A 67 5.93 0.18 19.63
N ASP A 68 4.98 -0.75 19.65
CA ASP A 68 5.31 -2.16 19.90
C ASP A 68 6.04 -2.80 18.71
N TRP A 69 6.42 -1.98 17.74
CA TRP A 69 7.12 -2.49 16.56
C TRP A 69 8.44 -3.17 16.92
N ASN A 70 8.36 -4.31 17.60
CA ASN A 70 9.59 -5.02 17.95
C ASN A 70 9.90 -6.07 16.89
N GLY A 71 10.47 -5.63 15.78
CA GLY A 71 10.81 -6.54 14.69
C GLY A 71 12.15 -6.17 14.05
N ASP A 72 12.74 -7.13 13.35
CA ASP A 72 14.03 -6.89 12.68
C ASP A 72 13.83 -6.55 11.21
N PRO A 73 14.03 -5.32 10.82
CA PRO A 73 13.86 -4.89 9.39
C PRO A 73 14.53 -5.85 8.43
N GLN A 74 15.52 -6.59 8.92
CA GLN A 74 16.24 -7.52 8.06
C GLN A 74 15.40 -8.76 7.76
N ARG A 75 14.44 -9.05 8.63
CA ARG A 75 13.59 -10.23 8.44
C ARG A 75 12.28 -9.81 7.78
N PRO A 76 11.68 -10.67 7.00
CA PRO A 76 10.41 -10.38 6.28
C PRO A 76 9.24 -10.06 7.21
N PHE A 77 8.23 -9.41 6.63
CA PHE A 77 7.04 -9.04 7.37
C PHE A 77 5.79 -9.47 6.59
N GLU A 78 4.67 -9.68 7.26
CA GLU A 78 3.44 -10.07 6.57
C GLU A 78 2.35 -9.04 6.88
N ALA A 79 1.59 -8.63 5.88
CA ALA A 79 0.56 -7.63 6.09
C ALA A 79 -0.83 -8.17 5.78
N ARG A 80 -1.78 -7.81 6.63
CA ARG A 80 -3.17 -8.21 6.43
C ARG A 80 -4.04 -6.96 6.41
N LEU A 81 -4.85 -6.80 5.38
CA LEU A 81 -5.71 -5.63 5.26
C LEU A 81 -7.17 -5.98 5.47
N TYR A 82 -7.92 -5.01 5.97
CA TYR A 82 -9.35 -5.21 6.22
C TYR A 82 -10.16 -4.05 5.66
N LEU A 83 -10.89 -4.32 4.58
CA LEU A 83 -11.72 -3.30 3.94
C LEU A 83 -13.18 -3.54 4.34
N GLY A 84 -13.85 -4.42 3.59
CA GLY A 84 -15.24 -4.76 3.90
C GLY A 84 -15.26 -5.71 5.10
N LEU A 85 -16.44 -6.12 5.54
CA LEU A 85 -16.51 -7.01 6.68
C LEU A 85 -16.08 -8.42 6.28
N ASP A 86 -16.36 -8.79 5.03
CA ASP A 86 -16.01 -10.10 4.51
C ASP A 86 -14.78 -10.04 3.62
N VAL A 87 -14.11 -8.88 3.61
CA VAL A 87 -12.91 -8.71 2.78
C VAL A 87 -11.64 -8.78 3.60
N LEU A 88 -11.07 -9.98 3.67
CA LEU A 88 -9.84 -10.20 4.38
C LEU A 88 -8.73 -10.48 3.36
N ILE A 89 -7.72 -9.61 3.33
CA ILE A 89 -6.62 -9.77 2.36
C ILE A 89 -5.30 -10.03 3.07
N ARG A 90 -4.47 -10.88 2.44
CA ARG A 90 -3.16 -11.22 3.00
C ARG A 90 -2.06 -11.01 1.95
N MET A 91 -1.01 -10.32 2.36
CA MET A 91 0.12 -10.05 1.48
C MET A 91 1.43 -10.18 2.26
N GLU A 92 2.48 -10.62 1.59
CA GLU A 92 3.79 -10.73 2.23
C GLU A 92 4.61 -9.51 1.80
N ILE A 93 5.26 -8.84 2.74
CA ILE A 93 5.99 -7.63 2.37
C ILE A 93 7.32 -7.47 3.11
N SER A 94 8.21 -6.69 2.50
CA SER A 94 9.51 -6.41 3.08
C SER A 94 9.70 -4.90 3.25
N LEU A 95 10.57 -4.50 4.17
CA LEU A 95 10.82 -3.09 4.43
C LEU A 95 11.45 -2.42 3.21
N ALA A 96 10.78 -1.43 2.66
CA ALA A 96 11.33 -0.68 1.53
C ALA A 96 11.99 0.60 2.02
N TRP A 97 11.35 1.25 3.00
CA TRP A 97 11.89 2.50 3.57
C TRP A 97 11.07 2.90 4.80
N ALA A 98 11.57 3.89 5.54
CA ALA A 98 10.85 4.40 6.72
C ALA A 98 11.19 5.86 6.92
N ARG A 99 10.17 6.73 6.96
CA ARG A 99 10.44 8.15 7.15
C ARG A 99 9.27 8.89 7.82
N ASP A 100 9.58 9.70 8.82
CA ASP A 100 8.56 10.52 9.49
C ASP A 100 7.43 9.70 10.08
N GLY A 101 7.73 8.63 10.81
CA GLY A 101 6.69 7.85 11.46
C GLY A 101 6.04 6.83 10.53
N LEU A 102 6.02 7.10 9.23
CA LEU A 102 5.39 6.17 8.30
C LEU A 102 6.40 5.14 7.81
N LEU A 103 5.89 4.01 7.31
CA LEU A 103 6.74 2.93 6.83
C LEU A 103 6.31 2.44 5.46
N GLY A 104 7.26 2.23 4.56
CA GLY A 104 6.92 1.74 3.24
C GLY A 104 7.19 0.23 3.17
N PHE A 105 6.47 -0.44 2.31
CA PHE A 105 6.64 -1.88 2.17
C PHE A 105 6.44 -2.30 0.72
N GLU A 106 7.31 -3.17 0.23
CA GLU A 106 7.19 -3.66 -1.14
C GLU A 106 6.65 -5.08 -1.12
N CYS A 107 5.59 -5.32 -1.88
CA CYS A 107 4.97 -6.64 -1.90
C CYS A 107 5.81 -7.64 -2.69
N GLN A 108 6.15 -8.76 -2.05
CA GLN A 108 6.95 -9.79 -2.69
C GLN A 108 6.06 -10.95 -3.12
N HIS A 109 4.97 -11.17 -2.39
CA HIS A 109 4.02 -12.23 -2.72
C HIS A 109 2.67 -11.94 -2.10
N ILE A 110 1.61 -12.22 -2.84
CA ILE A 110 0.25 -11.98 -2.37
C ILE A 110 -0.68 -13.05 -2.93
N ASP A 111 -1.61 -13.47 -2.09
CA ASP A 111 -2.57 -14.52 -2.45
C ASP A 111 -3.30 -14.19 -3.75
N LEU A 112 -3.52 -15.23 -4.56
CA LEU A 112 -4.22 -15.07 -5.83
C LEU A 112 -5.56 -14.38 -5.61
N ASP A 113 -6.26 -14.80 -4.57
CA ASP A 113 -7.56 -14.21 -4.25
C ASP A 113 -7.38 -12.77 -3.79
N SER A 114 -6.37 -12.54 -2.97
CA SER A 114 -6.09 -11.20 -2.47
C SER A 114 -5.74 -10.28 -3.63
N ILE A 115 -5.05 -10.83 -4.62
CA ILE A 115 -4.65 -10.06 -5.79
C ILE A 115 -5.88 -9.50 -6.49
N SER A 116 -6.95 -10.30 -6.53
CA SER A 116 -8.16 -9.87 -7.20
C SER A 116 -8.84 -8.75 -6.42
N HIS A 117 -8.86 -8.85 -5.09
CA HIS A 117 -9.50 -7.81 -4.31
C HIS A 117 -8.78 -6.49 -4.55
N LEU A 118 -7.46 -6.57 -4.73
CA LEU A 118 -6.69 -5.36 -5.01
C LEU A 118 -7.07 -4.83 -6.39
N ARG A 119 -7.35 -5.73 -7.32
CA ARG A 119 -7.77 -5.31 -8.66
C ARG A 119 -9.14 -4.63 -8.56
N ARG A 120 -10.02 -5.22 -7.76
CA ARG A 120 -11.35 -4.67 -7.53
C ARG A 120 -11.24 -3.23 -7.04
N LEU A 121 -10.24 -2.99 -6.20
CA LEU A 121 -10.02 -1.67 -5.63
C LEU A 121 -9.55 -0.70 -6.71
N VAL A 122 -8.61 -1.15 -7.54
CA VAL A 122 -8.09 -0.30 -8.61
C VAL A 122 -9.21 0.09 -9.57
N GLU A 123 -10.04 -0.89 -9.92
CA GLU A 123 -11.16 -0.67 -10.84
C GLU A 123 -12.19 0.27 -10.22
N LEU A 124 -12.53 0.05 -8.95
CA LEU A 124 -13.53 0.87 -8.28
C LEU A 124 -12.98 2.25 -7.94
N ASN A 125 -11.66 2.36 -7.85
CA ASN A 125 -11.04 3.64 -7.52
C ASN A 125 -11.45 4.71 -8.53
N LEU A 126 -11.58 4.31 -9.79
CA LEU A 126 -11.97 5.25 -10.84
C LEU A 126 -13.46 5.58 -10.74
N GLY A 127 -14.23 4.67 -10.15
CA GLY A 127 -15.67 4.87 -10.00
C GLY A 127 -16.44 4.16 -11.10
N ASP A 128 -16.56 4.81 -12.26
CA ASP A 128 -17.29 4.24 -13.38
C ASP A 128 -16.56 4.53 -14.70
N GLU A 129 -16.68 5.76 -15.18
CA GLU A 129 -16.02 6.15 -16.44
C GLU A 129 -16.45 7.55 -16.85
N GLU A 130 -16.99 8.31 -15.91
CA GLU A 130 -17.45 9.67 -16.19
C GLU A 130 -16.55 10.70 -15.49
N LEU A 131 -15.57 10.20 -14.75
CA LEU A 131 -14.65 11.08 -14.03
C LEU A 131 -13.25 10.49 -14.01
N LEU A 132 -12.35 11.11 -14.78
CA LEU A 132 -10.98 10.63 -14.86
C LEU A 132 -10.20 11.05 -13.61
N GLU A 133 -9.20 10.25 -13.25
CA GLU A 133 -8.39 10.55 -12.07
C GLU A 133 -7.19 11.41 -12.44
N ARG A 134 -6.23 10.81 -13.16
CA ARG A 134 -5.03 11.53 -13.57
C ARG A 134 -5.35 12.97 -13.94
N GLU A 135 -4.45 13.88 -13.57
CA GLU A 135 -4.63 15.30 -13.88
C GLU A 135 -3.50 15.78 -14.79
N LEU A 136 -3.78 16.79 -15.60
CA LEU A 136 -2.78 17.31 -16.51
C LEU A 136 -1.65 18.01 -15.75
N ALA A 137 -1.97 18.65 -14.65
CA ALA A 137 -0.95 19.36 -13.86
C ALA A 137 0.01 18.35 -13.22
N LEU A 138 -0.50 17.13 -13.03
CA LEU A 138 0.30 16.04 -12.46
C LEU A 138 1.44 15.69 -13.40
N LEU A 139 1.20 15.88 -14.69
CA LEU A 139 2.21 15.57 -15.70
C LEU A 139 3.50 16.32 -15.38
N VAL A 140 3.41 17.24 -14.42
CA VAL A 140 4.56 17.98 -13.94
C VAL A 140 5.62 17.03 -13.38
N SER A 141 5.32 15.74 -13.39
CA SER A 141 6.25 14.75 -12.86
C SER A 141 7.18 14.19 -13.94
N ALA A 142 6.82 14.38 -15.21
CA ALA A 142 7.63 13.88 -16.32
C ALA A 142 8.54 14.98 -16.86
N HIS A 143 8.21 16.23 -16.51
CA HIS A 143 8.96 17.38 -16.98
C HIS A 143 8.35 18.65 -16.40
N ASP A 144 8.91 19.79 -16.78
CA ASP A 144 8.40 21.08 -16.30
C ASP A 144 9.15 22.20 -17.00
N ASP A 145 10.47 22.08 -17.01
CA ASP A 145 11.31 23.08 -17.64
C ASP A 145 10.84 24.49 -17.27
P1 C2E B . 11.65 1.76 -2.92
O2P C2E B . 12.59 0.63 -2.80
O1P C2E B . 11.20 2.49 -1.71
O5' C2E B . 10.34 1.25 -3.70
C5' C2E B . 10.32 -0.06 -4.30
C4' C2E B . 8.90 -0.52 -4.64
O4' C2E B . 8.25 -0.99 -3.45
C3' C2E B . 8.00 0.57 -5.20
O3' C2E B . 8.10 0.63 -6.63
C2' C2E B . 6.63 0.09 -4.79
O2' C2E B . 6.13 -0.90 -5.71
C1' C2E B . 6.90 -0.49 -3.42
N9 C2E B . 6.80 0.50 -2.34
C8 C2E B . 7.79 1.00 -1.53
N7 C2E B . 7.39 1.89 -0.68
C5 C2E B . 6.03 1.99 -0.93
C6 C2E B . 5.04 2.82 -0.31
O6 C2E B . 5.19 3.62 0.59
N1 C2E B . 3.78 2.61 -0.87
C2 C2E B . 3.50 1.72 -1.88
N2 C2E B . 2.23 1.65 -2.27
N3 C2E B . 4.42 0.95 -2.47
C4 C2E B . 5.66 1.14 -1.94
P11 C2E B . 9.52 0.96 -7.34
O21 C2E B . 10.29 -0.29 -7.44
O11 C2E B . 9.24 1.77 -8.55
O5A C2E B . 10.22 1.92 -6.25
C5A C2E B . 10.11 3.34 -6.34
C4A C2E B . 11.36 4.04 -5.84
O4A C2E B . 11.35 5.42 -6.20
C3A C2E B . 11.54 4.00 -4.32
O3A C2E B . 12.27 2.83 -3.95
C2A C2E B . 12.36 5.24 -4.07
O2A C2E B . 13.74 5.02 -4.35
C1A C2E B . 11.74 6.21 -5.07
N91 C2E B . 10.53 6.91 -4.59
C81 C2E B . 9.24 6.75 -5.01
N71 C2E B . 8.37 7.51 -4.42
C51 C2E B . 9.15 8.24 -3.53
C61 C2E B . 8.74 9.25 -2.60
O61 C2E B . 7.62 9.69 -2.39
N11 C2E B . 9.83 9.75 -1.89
C21 C2E B . 11.13 9.32 -2.05
N21 C2E B . 12.05 9.93 -1.28
N31 C2E B . 11.51 8.38 -2.92
C41 C2E B . 10.47 7.88 -3.63
H5'1 C2E B . 10.77 -0.77 -3.62
H5'2 C2E B . 10.90 -0.03 -5.23
H4' C2E B . 8.95 -1.34 -5.35
H3' C2E B . 8.22 1.54 -4.72
H2' C2E B . 5.93 0.94 -4.72
HO2' C2E B . 5.17 -0.83 -5.70
H1' C2E B . 6.21 -1.32 -3.22
H8 C2E B . 8.83 0.71 -1.62
HN1 C2E B . 3.03 3.17 -0.49
HN21 C2E B . 1.53 2.23 -1.83
HN22 C2E B . 1.96 1.01 -3.00
H511 C2E B . 9.25 3.66 -5.75
H512 C2E B . 9.94 3.61 -7.38
H4A C2E B . 12.24 3.57 -6.28
H3A C2E B . 10.58 4.07 -3.80
H2A C2E B . 12.21 5.58 -3.05
HO2A C2E B . 13.90 5.32 -5.25
H1A C2E B . 12.49 6.95 -5.37
H81 C2E B . 8.94 5.96 -5.70
HN11 C2E B . 9.63 10.47 -1.21
HN24 C2E B . 13.02 9.66 -1.35
HN23 C2E B . 11.76 10.63 -0.62
P1 C2E C . 3.91 12.67 0.34
O2P C2E C . 2.73 13.20 1.06
O1P C2E C . 3.72 11.87 -0.89
O5' C2E C . 4.78 11.80 1.38
C5' C2E C . 5.53 10.67 0.94
C4' C2E C . 6.70 10.38 1.90
O4' C2E C . 6.76 8.99 2.15
C3' C2E C . 8.06 10.85 1.41
O3' C2E C . 8.52 11.91 2.26
C2' C2E C . 9.00 9.65 1.59
O2' C2E C . 9.86 9.82 2.71
C1' C2E C . 8.05 8.48 1.80
N9 C2E C . 7.90 7.63 0.60
C8 C2E C . 6.81 7.46 -0.22
N7 C2E C . 7.00 6.61 -1.19
C5 C2E C . 8.29 6.17 -0.99
C6 C2E C . 9.06 5.22 -1.73
O6 C2E C . 8.73 4.59 -2.72
N1 C2E C . 10.33 5.07 -1.19
C2 C2E C . 10.81 5.73 -0.08
N2 C2E C . 12.06 5.44 0.28
N3 C2E C . 10.09 6.63 0.61
C4 C2E C . 8.85 6.79 0.11
P11 C2E C . 9.13 13.25 1.62
O21 C2E C . 9.56 14.15 2.73
O11 C2E C . 10.11 12.86 0.58
O5A C2E C . 7.86 13.91 0.88
C5A C2E C . 8.05 14.86 -0.18
C4A C2E C . 6.79 14.99 -1.05
O4A C2E C . 7.17 15.17 -2.42
C3A C2E C . 5.88 13.76 -1.01
O3A C2E C . 4.89 13.90 0.00
C2A C2E C . 5.22 13.79 -2.37
O2A C2E C . 4.06 14.63 -2.38
C1A C2E C . 6.33 14.35 -3.26
N91 C2E C . 7.15 13.29 -3.84
C81 C2E C . 8.41 12.88 -3.51
N71 C2E C . 8.83 11.82 -4.13
C51 C2E C . 7.75 11.50 -4.95
C61 C2E C . 7.61 10.44 -5.86
O61 C2E C . 8.41 9.53 -6.11
N11 C2E C . 6.37 10.48 -6.51
C21 C2E C . 5.40 11.42 -6.28
N21 C2E C . 4.28 11.30 -6.99
N31 C2E C . 5.53 12.42 -5.41
C41 C2E C . 6.73 12.39 -4.79
H5'1 C2E C . 5.93 10.86 -0.06
H5'2 C2E C . 4.88 9.79 0.90
H4' C2E C . 6.48 10.90 2.83
H3' C2E C . 8.05 11.18 0.37
H2' C2E C . 9.57 9.49 0.68
HO2' C2E C . 9.31 9.88 3.50
H1' C2E C . 8.43 7.85 2.60
H8 C2E C . 5.84 7.92 -0.03
HN1 C2E C . 10.93 4.39 -1.65
HN21 C2E C . 12.59 4.76 -0.25
HN22 C2E C . 12.47 5.90 1.10
H511 C2E C . 8.88 14.53 -0.81
H512 C2E C . 8.28 15.83 0.25
H4A C2E C . 6.22 15.84 -0.72
H3A C2E C . 6.48 12.86 -0.86
H2A C2E C . 4.97 12.76 -2.69
HO2A C2E C . 3.35 14.13 -2.78
H1A C2E C . 5.90 14.97 -4.04
H81 C2E C . 9.05 13.44 -2.84
HN11 C2E C . 6.21 9.78 -7.21
HN24 C2E C . 4.18 10.54 -7.65
HN23 C2E C . 3.53 11.96 -6.87
N MET A 21 17.06 13.48 -5.59
CA MET A 21 16.75 14.09 -4.26
C MET A 21 15.38 14.75 -4.32
N SER A 22 15.10 15.40 -5.45
CA SER A 22 13.81 16.07 -5.63
C SER A 22 13.37 16.76 -4.35
N ASP A 23 13.59 18.08 -4.29
CA ASP A 23 13.19 18.85 -3.11
C ASP A 23 11.87 19.56 -3.37
N GLN A 24 11.18 19.15 -4.43
CA GLN A 24 9.87 19.73 -4.75
C GLN A 24 8.79 18.66 -4.61
N HIS A 25 9.14 17.54 -3.99
CA HIS A 25 8.18 16.45 -3.77
C HIS A 25 7.94 15.68 -5.07
N ASP A 26 8.77 15.96 -6.08
CA ASP A 26 8.66 15.29 -7.38
C ASP A 26 8.08 13.89 -7.24
N GLU A 27 7.37 13.43 -8.27
CA GLU A 27 6.77 12.11 -8.24
C GLU A 27 7.78 11.05 -8.68
N ARG A 28 7.83 9.97 -7.91
CA ARG A 28 8.76 8.88 -8.18
C ARG A 28 8.02 7.53 -8.30
N ARG A 29 6.73 7.53 -7.97
CA ARG A 29 5.94 6.29 -8.04
C ARG A 29 5.19 6.21 -9.36
N ARG A 30 5.79 6.78 -10.39
CA ARG A 30 5.18 6.77 -11.73
C ARG A 30 3.81 7.45 -11.71
N PHE A 31 2.89 6.89 -10.95
CA PHE A 31 1.53 7.45 -10.85
C PHE A 31 1.03 7.36 -9.40
N HIS A 32 -0.08 8.02 -9.12
CA HIS A 32 -0.66 8.01 -7.78
C HIS A 32 -1.04 6.60 -7.37
N ARG A 33 -0.88 6.30 -6.08
CA ARG A 33 -1.21 4.98 -5.55
C ARG A 33 -2.63 4.97 -5.01
N ILE A 34 -3.30 3.82 -5.09
CA ILE A 34 -4.65 3.71 -4.57
C ILE A 34 -4.65 4.04 -3.09
N ALA A 35 -4.83 5.31 -2.77
CA ALA A 35 -4.82 5.75 -1.38
C ALA A 35 -6.23 5.80 -0.80
N PHE A 36 -6.43 5.01 0.25
CA PHE A 36 -7.70 4.97 0.96
C PHE A 36 -7.41 4.64 2.42
N ASP A 37 -8.32 4.98 3.30
CA ASP A 37 -8.11 4.70 4.72
C ASP A 37 -8.76 3.39 5.11
N ALA A 38 -8.13 2.69 6.05
CA ALA A 38 -8.66 1.42 6.52
C ALA A 38 -7.74 0.85 7.60
N ASP A 39 -8.13 -0.28 8.18
CA ASP A 39 -7.34 -0.91 9.23
C ASP A 39 -6.44 -2.00 8.66
N SER A 40 -5.18 -2.00 9.08
CA SER A 40 -4.24 -3.02 8.64
C SER A 40 -3.47 -3.57 9.83
N GLU A 41 -3.00 -4.80 9.71
CA GLU A 41 -2.24 -5.44 10.77
C GLU A 41 -1.02 -6.11 10.19
N ILE A 42 0.10 -6.02 10.89
CA ILE A 42 1.32 -6.63 10.41
C ILE A 42 1.81 -7.68 11.39
N LEU A 43 2.22 -8.82 10.84
CA LEU A 43 2.70 -9.93 11.63
C LEU A 43 4.06 -10.39 11.13
N GLN A 44 5.03 -10.38 12.04
CA GLN A 44 6.38 -10.82 11.69
C GLN A 44 6.85 -11.86 12.70
N GLY A 45 6.81 -13.13 12.31
CA GLY A 45 7.21 -14.19 13.22
C GLY A 45 6.08 -14.52 14.18
N GLU A 46 6.37 -14.44 15.48
CA GLU A 46 5.37 -14.73 16.50
C GLU A 46 4.85 -13.43 17.10
N ARG A 47 5.17 -12.32 16.46
CA ARG A 47 4.76 -11.00 16.95
C ARG A 47 3.78 -10.30 16.03
N ARG A 48 2.75 -9.70 16.61
CA ARG A 48 1.74 -8.98 15.84
C ARG A 48 1.53 -7.58 16.42
N TRP A 49 1.18 -6.65 15.54
CA TRP A 49 0.98 -5.27 15.93
C TRP A 49 -0.06 -4.61 15.03
N GLU A 50 -1.10 -4.02 15.61
CA GLU A 50 -2.12 -3.40 14.78
C GLU A 50 -1.60 -2.08 14.23
N VAL A 51 -1.96 -1.76 13.00
CA VAL A 51 -1.51 -0.53 12.37
C VAL A 51 -2.54 0.02 11.40
N LEU A 52 -2.44 1.31 11.12
CA LEU A 52 -3.35 1.96 10.18
C LEU A 52 -2.66 2.06 8.82
N LEU A 53 -3.35 1.65 7.78
CA LEU A 53 -2.78 1.71 6.44
C LEU A 53 -3.21 2.99 5.77
N HIS A 54 -2.23 3.75 5.31
CA HIS A 54 -2.49 5.03 4.68
C HIS A 54 -2.69 4.89 3.18
N ASP A 55 -2.12 3.85 2.55
CA ASP A 55 -2.32 3.66 1.12
C ASP A 55 -1.71 2.34 0.64
N VAL A 56 -2.13 1.90 -0.54
CA VAL A 56 -1.63 0.65 -1.11
C VAL A 56 -1.56 0.73 -2.63
N SER A 57 -0.90 -0.27 -3.22
CA SER A 57 -0.78 -0.37 -4.66
C SER A 57 -0.89 -1.85 -5.02
N LEU A 58 -1.04 -2.18 -6.29
CA LEU A 58 -1.16 -3.58 -6.66
C LEU A 58 0.12 -4.34 -6.30
N HIS A 59 1.10 -3.64 -5.74
CA HIS A 59 2.35 -4.29 -5.35
C HIS A 59 3.18 -3.40 -4.41
N GLY A 60 2.52 -2.82 -3.41
CA GLY A 60 3.22 -1.96 -2.45
C GLY A 60 2.24 -1.44 -1.38
N ILE A 61 2.74 -1.18 -0.18
CA ILE A 61 1.89 -0.69 0.90
C ILE A 61 2.63 0.28 1.82
N LEU A 62 1.87 1.23 2.36
CA LEU A 62 2.40 2.24 3.28
C LEU A 62 1.64 2.16 4.60
N VAL A 63 2.35 2.02 5.71
CA VAL A 63 1.69 1.92 7.02
C VAL A 63 2.32 2.87 8.04
N GLY A 64 1.71 2.91 9.21
CA GLY A 64 2.20 3.75 10.32
C GLY A 64 3.02 2.89 11.28
N GLN A 65 4.07 3.45 11.88
CA GLN A 65 4.93 2.68 12.79
C GLN A 65 4.41 2.71 14.22
N PRO A 66 3.98 1.61 14.78
CA PRO A 66 3.49 1.56 16.18
C PRO A 66 4.65 1.40 17.17
N GLN A 67 4.39 1.72 18.44
CA GLN A 67 5.43 1.63 19.46
C GLN A 67 5.86 0.18 19.71
N ASP A 68 4.90 -0.74 19.72
CA ASP A 68 5.19 -2.14 19.97
C ASP A 68 5.89 -2.80 18.78
N TRP A 69 6.28 -1.99 17.80
CA TRP A 69 6.96 -2.51 16.61
C TRP A 69 8.27 -3.20 16.96
N ASN A 70 8.19 -4.34 17.64
CA ASN A 70 9.40 -5.07 17.98
C ASN A 70 9.69 -6.12 16.92
N GLY A 71 10.25 -5.69 15.78
CA GLY A 71 10.55 -6.61 14.70
C GLY A 71 11.90 -6.31 14.07
N ASP A 72 12.44 -7.30 13.35
CA ASP A 72 13.72 -7.17 12.68
C ASP A 72 13.51 -6.76 11.22
N PRO A 73 14.03 -5.63 10.80
CA PRO A 73 13.87 -5.16 9.40
C PRO A 73 14.52 -6.08 8.38
N GLN A 74 15.48 -6.87 8.84
CA GLN A 74 16.16 -7.79 7.95
C GLN A 74 15.30 -8.99 7.62
N ARG A 75 14.35 -9.31 8.51
CA ARG A 75 13.47 -10.45 8.29
C ARG A 75 12.15 -9.99 7.67
N PRO A 76 11.55 -10.81 6.83
CA PRO A 76 10.26 -10.46 6.15
C PRO A 76 9.13 -10.14 7.13
N PHE A 77 8.12 -9.47 6.61
CA PHE A 77 6.94 -9.10 7.38
C PHE A 77 5.69 -9.52 6.62
N GLU A 78 4.58 -9.75 7.33
CA GLU A 78 3.34 -10.13 6.65
C GLU A 78 2.25 -9.12 6.99
N ALA A 79 1.46 -8.72 6.02
CA ALA A 79 0.41 -7.73 6.24
C ALA A 79 -0.97 -8.26 5.90
N ARG A 80 -1.93 -7.92 6.73
CA ARG A 80 -3.32 -8.30 6.48
C ARG A 80 -4.17 -7.04 6.44
N LEU A 81 -4.95 -6.87 5.38
CA LEU A 81 -5.79 -5.69 5.25
C LEU A 81 -7.25 -6.05 5.48
N TYR A 82 -8.02 -5.10 5.97
CA TYR A 82 -9.44 -5.33 6.24
C TYR A 82 -10.28 -4.17 5.71
N LEU A 83 -11.04 -4.45 4.65
CA LEU A 83 -11.91 -3.44 4.04
C LEU A 83 -13.36 -3.72 4.44
N GLY A 84 -14.00 -4.64 3.71
CA GLY A 84 -15.37 -5.02 4.01
C GLY A 84 -15.38 -5.98 5.19
N LEU A 85 -16.56 -6.41 5.62
CA LEU A 85 -16.63 -7.32 6.75
C LEU A 85 -16.18 -8.73 6.33
N ASP A 86 -16.48 -9.09 5.09
CA ASP A 86 -16.11 -10.39 4.55
C ASP A 86 -14.86 -10.28 3.68
N VAL A 87 -14.22 -9.12 3.70
CA VAL A 87 -13.03 -8.91 2.88
C VAL A 87 -11.75 -8.91 3.71
N LEU A 88 -11.10 -10.07 3.76
CA LEU A 88 -9.84 -10.23 4.48
C LEU A 88 -8.75 -10.54 3.47
N ILE A 89 -7.75 -9.66 3.38
CA ILE A 89 -6.67 -9.85 2.42
C ILE A 89 -5.34 -10.13 3.10
N ARG A 90 -4.51 -10.95 2.45
CA ARG A 90 -3.20 -11.30 2.99
C ARG A 90 -2.10 -11.06 1.95
N MET A 91 -1.04 -10.40 2.40
CA MET A 91 0.10 -10.09 1.53
C MET A 91 1.40 -10.18 2.31
N GLU A 92 2.48 -10.53 1.62
CA GLU A 92 3.79 -10.61 2.26
C GLU A 92 4.62 -9.41 1.79
N ILE A 93 5.17 -8.65 2.71
CA ILE A 93 5.93 -7.46 2.32
C ILE A 93 7.25 -7.31 3.05
N SER A 94 8.15 -6.54 2.44
CA SER A 94 9.47 -6.29 3.03
C SER A 94 9.69 -4.78 3.21
N LEU A 95 10.57 -4.42 4.13
CA LEU A 95 10.85 -3.01 4.40
C LEU A 95 11.53 -2.38 3.19
N ALA A 96 10.88 -1.36 2.62
CA ALA A 96 11.46 -0.64 1.49
C ALA A 96 12.16 0.62 1.99
N TRP A 97 11.53 1.29 2.95
CA TRP A 97 12.08 2.52 3.53
C TRP A 97 11.25 2.94 4.74
N ALA A 98 11.75 3.90 5.50
CA ALA A 98 11.02 4.40 6.67
C ALA A 98 11.36 5.88 6.90
N ARG A 99 10.33 6.73 6.93
CA ARG A 99 10.60 8.15 7.15
C ARG A 99 9.43 8.88 7.81
N ASP A 100 9.74 9.70 8.82
CA ASP A 100 8.73 10.51 9.50
C ASP A 100 7.58 9.69 10.08
N GLY A 101 7.88 8.62 10.81
CA GLY A 101 6.84 7.83 11.45
C GLY A 101 6.18 6.83 10.51
N LEU A 102 6.16 7.11 9.22
CA LEU A 102 5.52 6.20 8.28
C LEU A 102 6.53 5.16 7.78
N LEU A 103 6.03 4.02 7.32
CA LEU A 103 6.89 2.96 6.83
C LEU A 103 6.46 2.50 5.45
N GLY A 104 7.42 2.31 4.55
CA GLY A 104 7.09 1.86 3.22
C GLY A 104 7.32 0.37 3.11
N PHE A 105 6.58 -0.28 2.24
CA PHE A 105 6.70 -1.71 2.08
C PHE A 105 6.50 -2.11 0.62
N GLU A 106 7.35 -2.99 0.12
CA GLU A 106 7.23 -3.47 -1.24
C GLU A 106 6.66 -4.87 -1.23
N CYS A 107 5.57 -5.08 -1.96
CA CYS A 107 4.92 -6.39 -1.98
C CYS A 107 5.79 -7.44 -2.70
N GLN A 108 6.11 -8.52 -1.97
CA GLN A 108 6.92 -9.59 -2.53
C GLN A 108 6.02 -10.71 -3.05
N HIS A 109 4.89 -10.91 -2.38
CA HIS A 109 3.96 -11.95 -2.77
C HIS A 109 2.59 -11.72 -2.12
N ILE A 110 1.54 -12.01 -2.88
CA ILE A 110 0.17 -11.84 -2.39
C ILE A 110 -0.71 -12.93 -2.97
N ASP A 111 -1.64 -13.42 -2.13
CA ASP A 111 -2.54 -14.50 -2.54
C ASP A 111 -3.32 -14.14 -3.80
N LEU A 112 -3.59 -15.16 -4.62
CA LEU A 112 -4.32 -14.96 -5.87
C LEU A 112 -5.65 -14.27 -5.60
N ASP A 113 -6.33 -14.70 -4.54
CA ASP A 113 -7.61 -14.10 -4.19
C ASP A 113 -7.40 -12.69 -3.67
N SER A 114 -6.27 -12.48 -3.00
CA SER A 114 -5.93 -11.17 -2.47
C SER A 114 -5.64 -10.21 -3.60
N ILE A 115 -4.98 -10.72 -4.64
CA ILE A 115 -4.64 -9.92 -5.80
C ILE A 115 -5.89 -9.34 -6.43
N SER A 116 -6.96 -10.14 -6.45
CA SER A 116 -8.20 -9.70 -7.05
C SER A 116 -8.88 -8.61 -6.21
N HIS A 117 -8.89 -8.78 -4.90
CA HIS A 117 -9.51 -7.76 -4.07
C HIS A 117 -8.76 -6.44 -4.25
N LEU A 118 -7.45 -6.52 -4.43
CA LEU A 118 -6.65 -5.32 -4.68
C LEU A 118 -7.02 -4.74 -6.05
N ARG A 119 -7.33 -5.61 -7.00
CA ARG A 119 -7.73 -5.14 -8.32
C ARG A 119 -9.07 -4.42 -8.18
N ARG A 120 -9.94 -4.97 -7.35
CA ARG A 120 -11.25 -4.40 -7.08
C ARG A 120 -11.13 -3.00 -6.50
N LEU A 121 -10.18 -2.84 -5.58
CA LEU A 121 -9.98 -1.53 -4.94
C LEU A 121 -9.59 -0.52 -6.02
N VAL A 122 -8.80 -0.97 -6.99
CA VAL A 122 -8.36 -0.11 -8.07
C VAL A 122 -9.52 0.30 -8.98
N GLU A 123 -10.36 -0.68 -9.33
CA GLU A 123 -11.48 -0.42 -10.23
C GLU A 123 -12.52 0.52 -9.60
N LEU A 124 -12.86 0.28 -8.35
CA LEU A 124 -13.85 1.11 -7.67
C LEU A 124 -13.29 2.48 -7.32
N ASN A 125 -12.04 2.52 -6.87
CA ASN A 125 -11.42 3.80 -6.52
C ASN A 125 -11.43 4.73 -7.72
N LEU A 126 -11.46 4.15 -8.92
CA LEU A 126 -11.46 4.95 -10.13
C LEU A 126 -12.64 5.92 -10.14
N GLY A 127 -13.63 5.65 -9.30
CA GLY A 127 -14.81 6.51 -9.23
C GLY A 127 -15.41 6.54 -7.83
N ASP A 128 -15.53 5.36 -7.23
CA ASP A 128 -16.10 5.27 -5.88
C ASP A 128 -15.25 6.06 -4.90
N GLU A 129 -15.33 7.38 -4.99
CA GLU A 129 -14.56 8.25 -4.10
C GLU A 129 -14.98 9.71 -4.30
N GLU A 130 -14.87 10.50 -3.23
CA GLU A 130 -15.24 11.91 -3.30
C GLU A 130 -14.35 12.64 -4.31
N LEU A 131 -13.58 13.61 -3.85
CA LEU A 131 -12.70 14.36 -4.72
C LEU A 131 -11.58 13.45 -5.25
N LEU A 132 -10.37 13.98 -5.32
CA LEU A 132 -9.23 13.19 -5.80
C LEU A 132 -9.50 12.63 -7.19
N GLU A 133 -10.12 13.44 -8.05
CA GLU A 133 -10.43 13.01 -9.41
C GLU A 133 -10.30 14.18 -10.38
N ARG A 134 -9.11 14.32 -10.96
CA ARG A 134 -8.87 15.41 -11.91
C ARG A 134 -7.50 15.26 -12.57
N GLU A 135 -7.50 15.18 -13.90
CA GLU A 135 -6.25 15.04 -14.64
C GLU A 135 -5.23 16.06 -14.16
N LEU A 136 -5.71 17.26 -13.82
CA LEU A 136 -4.84 18.33 -13.34
C LEU A 136 -4.00 17.83 -12.16
N ALA A 137 -4.65 17.13 -11.22
CA ALA A 137 -3.95 16.62 -10.06
C ALA A 137 -2.93 15.55 -10.44
N LEU A 138 -3.40 14.56 -11.20
CA LEU A 138 -2.54 13.45 -11.61
C LEU A 138 -1.31 13.92 -12.39
N LEU A 139 -1.51 14.77 -13.39
CA LEU A 139 -0.37 15.23 -14.19
C LEU A 139 0.50 16.22 -13.42
N VAL A 140 -0.13 17.22 -12.82
CA VAL A 140 0.65 18.26 -12.13
C VAL A 140 1.54 17.65 -11.06
N SER A 141 1.31 16.38 -10.73
CA SER A 141 2.14 15.69 -9.76
C SER A 141 3.34 15.05 -10.47
N ALA A 142 3.61 15.54 -11.67
CA ALA A 142 4.72 15.05 -12.48
C ALA A 142 4.64 15.64 -13.89
N HIS A 143 5.47 15.14 -14.80
CA HIS A 143 5.46 15.63 -16.17
C HIS A 143 6.42 14.83 -17.05
N ASP A 144 6.58 15.30 -18.29
CA ASP A 144 7.47 14.65 -19.26
C ASP A 144 8.66 13.95 -18.62
N ASP A 145 8.98 14.28 -17.36
CA ASP A 145 10.10 13.66 -16.65
C ASP A 145 10.99 14.75 -16.04
P1 C2E B . 12.55 2.05 -3.42
O2P C2E B . 13.70 1.12 -3.59
O1P C2E B . 12.17 2.51 -2.07
O5' C2E B . 11.26 1.36 -4.10
C5' C2E B . 10.09 1.11 -3.34
C4' C2E B . 9.03 0.31 -4.11
O4' C2E B . 8.25 -0.46 -3.17
C3' C2E B . 8.03 1.17 -4.91
O3' C2E B . 8.36 1.20 -6.31
C2' C2E B . 6.71 0.46 -4.71
O2' C2E B . 6.54 -0.58 -5.67
C1' C2E B . 6.87 -0.10 -3.30
N9 C2E B . 6.56 0.87 -2.24
C8 C2E B . 7.40 1.45 -1.32
N7 C2E B . 6.84 2.30 -0.53
C5 C2E B . 5.51 2.31 -0.94
C6 C2E B . 4.41 3.05 -0.45
O6 C2E B . 4.39 3.89 0.45
N1 C2E B . 3.24 2.76 -1.15
C2 C2E B . 3.14 1.87 -2.19
N2 C2E B . 1.94 1.73 -2.74
N3 C2E B . 4.18 1.17 -2.66
C4 C2E B . 5.32 1.44 -1.99
P11 C2E B . 9.81 0.80 -6.88
O21 C2E B . 10.24 -0.45 -6.22
O11 C2E B . 9.77 0.88 -8.36
O5A C2E B . 10.73 2.01 -6.35
C5A C2E B . 10.29 3.35 -6.43
C4A C2E B . 11.38 4.32 -6.02
O4A C2E B . 11.00 5.67 -6.31
C3A C2E B . 11.74 4.28 -4.55
O3A C2E B . 12.80 3.34 -4.33
C2A C2E B . 12.25 5.69 -4.29
O2A C2E B . 13.63 5.81 -4.63
C1A C2E B . 11.36 6.51 -5.21
N91 C2E B . 10.11 6.99 -4.59
C81 C2E B . 8.82 6.57 -4.83
N71 C2E B . 7.91 7.18 -4.15
C51 C2E B . 8.64 8.08 -3.37
C61 C2E B . 8.18 9.03 -2.41
O61 C2E B . 7.02 9.26 -2.07
N11 C2E B . 9.23 9.74 -1.87
C21 C2E B . 10.56 9.57 -2.20
N21 C2E B . 11.43 10.36 -1.55
N31 C2E B . 11.00 8.68 -3.09
C41 C2E B . 9.98 7.97 -3.64
H5'1 C2E B . 9.66 2.07 -3.03
H5'2 C2E B . 10.36 0.56 -2.44
H4' C2E B . 9.53 -0.37 -4.78
H3' C2E B . 7.97 2.18 -4.48
H2' C2E B . 5.89 1.17 -4.75
HO2' C2E B . 6.56 -1.43 -5.20
H1' C2E B . 6.25 -0.98 -3.19
H8 C2E B . 8.46 1.24 -1.31
HN1 C2E B . 2.42 3.25 -0.85
HN21 C2E B . 1.16 2.26 -2.38
HN22 C2E B . 1.81 1.09 -3.50
H511 C2E B . 9.43 3.48 -5.76
H512 C2E B . 9.98 3.58 -7.45
H4A C2E B . 12.28 4.10 -6.59
H3A C2E B . 10.89 4.08 -3.89
H2A C2E B . 12.08 5.95 -3.24
HO2A C2E B . 13.90 6.71 -4.39
H1A C2E B . 11.92 7.37 -5.58
H81 C2E B . 8.58 5.77 -5.54
HN11 C2E B . 8.97 10.45 -1.19
HN24 C2E B . 12.42 10.27 -1.75
HN23 C2E B . 11.10 11.02 -0.87
P1 C2E C . 2.82 11.93 1.28
O2P C2E C . 2.12 12.38 2.50
O1P C2E C . 2.28 10.80 0.48
O5' C2E C . 4.35 11.58 1.67
C5' C2E C . 4.68 10.32 2.25
C4' C2E C . 6.19 10.20 2.47
O4' C2E C . 6.58 8.83 2.62
C3' C2E C . 7.03 10.74 1.32
O3' C2E C . 7.22 12.15 1.47
C2' C2E C . 8.33 10.00 1.52
O2' C2E C . 9.12 10.62 2.55
C1' C2E C . 7.83 8.63 1.96
N9 C2E C . 7.61 7.69 0.84
C8 C2E C . 6.45 7.36 0.19
N7 C2E C . 6.59 6.48 -0.75
C5 C2E C . 7.94 6.19 -0.74
C6 C2E C . 8.68 5.28 -1.53
O6 C2E C . 8.27 4.54 -2.44
N1 C2E C . 10.03 5.28 -1.19
C2 C2E C . 10.59 6.04 -0.21
N2 C2E C . 11.90 5.90 -0.04
N3 C2E C . 9.90 6.90 0.55
C4 C2E C . 8.58 6.91 0.23
P11 C2E C . 8.13 12.98 0.44
O21 C2E C . 8.83 14.04 1.19
O11 C2E C . 8.91 12.03 -0.38
O5A C2E C . 7.04 13.69 -0.51
C5A C2E C . 5.99 14.47 0.07
C4A C2E C . 4.74 14.47 -0.79
O4A C2E C . 5.09 14.68 -2.16
C3A C2E C . 3.95 13.17 -0.76
O3A C2E C . 2.99 13.20 0.30
C2A C2E C . 3.24 13.19 -2.10
O2A C2E C . 2.04 13.97 -2.04
C1A C2E C . 4.28 13.84 -2.99
N91 C2E C . 5.17 12.87 -3.65
C81 C2E C . 6.51 12.69 -3.47
N71 C2E C . 7.01 11.69 -4.13
C51 C2E C . 5.90 11.16 -4.79
C61 C2E C . 5.81 10.04 -5.67
O61 C2E C . 6.72 9.28 -6.01
N11 C2E C . 4.52 9.87 -6.13
C21 C2E C . 3.44 10.65 -5.78
N21 C2E C . 2.27 10.30 -6.33
N31 C2E C . 3.52 11.69 -4.96
C41 C2E C . 4.78 11.88 -4.51
H5'1 C2E C . 4.36 9.52 1.58
H5'2 C2E C . 4.18 10.22 3.21
H4' C2E C . 6.47 10.74 3.37
H3' C2E C . 6.56 10.48 0.37
H2' C2E C . 8.89 9.93 0.60
HO2' C2E C . 9.50 9.91 3.07
H1' C2E C . 8.57 8.19 2.63
H8 C2E C . 5.47 7.75 0.46
HN1 C2E C . 10.62 4.65 -1.73
HN21 C2E C . 12.42 5.23 -0.61
HN22 C2E C . 12.39 6.43 0.67
H511 C2E C . 6.34 15.49 0.19
H512 C2E C . 5.74 14.06 1.05
H4A C2E C . 4.10 15.29 -0.48
H3A C2E C . 4.61 12.30 -0.69
H2A C2E C . 3.03 12.17 -2.44
HO2A C2E C . 1.67 14.01 -2.93
H1A C2E C . 3.79 14.45 -3.75
H81 C2E C . 7.10 13.29 -2.79
HN11 C2E C . 4.38 9.10 -6.76
HN24 C2E C . 2.21 9.52 -6.95
HN23 C2E C . 1.44 10.84 -6.11
N MET A 21 13.79 20.44 -9.57
CA MET A 21 14.11 19.17 -8.88
C MET A 21 13.12 18.96 -7.73
N SER A 22 12.12 19.82 -7.65
CA SER A 22 11.11 19.73 -6.60
C SER A 22 9.76 20.23 -7.09
N ASP A 23 9.58 20.25 -8.41
CA ASP A 23 8.33 20.70 -9.01
C ASP A 23 7.46 19.50 -9.38
N GLN A 24 8.03 18.31 -9.23
CA GLN A 24 7.33 17.07 -9.57
C GLN A 24 7.07 16.24 -8.32
N HIS A 25 7.21 16.86 -7.14
CA HIS A 25 7.03 16.13 -5.90
C HIS A 25 7.88 14.87 -5.96
N ASP A 26 8.84 14.90 -6.88
CA ASP A 26 9.75 13.78 -7.08
C ASP A 26 8.97 12.48 -7.18
N GLU A 27 8.44 12.20 -8.37
CA GLU A 27 7.69 10.98 -8.59
C GLU A 27 8.67 9.84 -8.90
N ARG A 28 8.65 8.81 -8.06
CA ARG A 28 9.55 7.68 -8.22
C ARG A 28 8.79 6.35 -8.28
N ARG A 29 7.50 6.40 -8.61
CA ARG A 29 6.71 5.18 -8.66
C ARG A 29 6.05 5.00 -10.01
N ARG A 30 6.48 3.96 -10.73
CA ARG A 30 5.93 3.65 -12.05
C ARG A 30 4.48 4.10 -12.16
N PHE A 31 3.60 3.47 -11.38
CA PHE A 31 2.17 3.81 -11.39
C PHE A 31 1.75 4.47 -10.08
N HIS A 32 0.52 4.99 -10.07
CA HIS A 32 -0.01 5.65 -8.88
C HIS A 32 -0.54 4.62 -7.88
N ARG A 33 -0.60 5.01 -6.61
CA ARG A 33 -1.09 4.11 -5.56
C ARG A 33 -2.51 4.47 -5.15
N ILE A 34 -3.29 3.44 -4.82
CA ILE A 34 -4.67 3.64 -4.40
C ILE A 34 -4.70 4.01 -2.93
N ALA A 35 -4.88 5.29 -2.64
CA ALA A 35 -4.89 5.74 -1.25
C ALA A 35 -6.30 5.82 -0.69
N PHE A 36 -6.53 5.04 0.36
CA PHE A 36 -7.80 5.03 1.06
C PHE A 36 -7.53 4.69 2.52
N ASP A 37 -8.45 5.04 3.42
CA ASP A 37 -8.22 4.77 4.83
C ASP A 37 -8.88 3.45 5.23
N ALA A 38 -8.26 2.75 6.17
CA ALA A 38 -8.78 1.48 6.66
C ALA A 38 -7.86 0.93 7.74
N ASP A 39 -8.23 -0.23 8.29
CA ASP A 39 -7.42 -0.84 9.34
C ASP A 39 -6.49 -1.89 8.77
N SER A 40 -5.23 -1.86 9.19
CA SER A 40 -4.25 -2.84 8.73
C SER A 40 -3.41 -3.34 9.90
N GLU A 41 -2.83 -4.51 9.75
CA GLU A 41 -1.98 -5.07 10.79
C GLU A 41 -0.84 -5.84 10.15
N ILE A 42 0.33 -5.79 10.78
CA ILE A 42 1.50 -6.46 10.22
C ILE A 42 2.04 -7.52 11.16
N LEU A 43 2.39 -8.67 10.60
CA LEU A 43 2.92 -9.79 11.37
C LEU A 43 4.31 -10.18 10.88
N GLN A 44 5.26 -10.15 11.79
CA GLN A 44 6.64 -10.53 11.46
C GLN A 44 7.17 -11.53 12.49
N GLY A 45 7.20 -12.81 12.10
CA GLY A 45 7.67 -13.85 13.01
C GLY A 45 6.55 -14.22 13.97
N GLU A 46 6.84 -14.17 15.26
CA GLU A 46 5.85 -14.49 16.28
C GLU A 46 5.26 -13.21 16.85
N ARG A 47 5.55 -12.09 16.19
CA ARG A 47 5.10 -10.79 16.67
C ARG A 47 4.07 -10.16 15.74
N ARG A 48 2.97 -9.69 16.33
CA ARG A 48 1.90 -9.04 15.58
C ARG A 48 1.61 -7.67 16.17
N TRP A 49 1.21 -6.75 15.32
CA TRP A 49 0.92 -5.39 15.73
C TRP A 49 -0.20 -4.80 14.88
N GLU A 50 -0.89 -3.81 15.43
CA GLU A 50 -1.97 -3.17 14.70
C GLU A 50 -1.50 -1.82 14.16
N VAL A 51 -1.92 -1.48 12.95
CA VAL A 51 -1.51 -0.21 12.33
C VAL A 51 -2.58 0.31 11.39
N LEU A 52 -2.55 1.61 11.15
CA LEU A 52 -3.49 2.23 10.23
C LEU A 52 -2.82 2.31 8.87
N LEU A 53 -3.50 1.83 7.83
CA LEU A 53 -2.93 1.85 6.50
C LEU A 53 -3.32 3.14 5.80
N HIS A 54 -2.31 3.86 5.32
CA HIS A 54 -2.53 5.13 4.66
C HIS A 54 -2.68 4.98 3.15
N ASP A 55 -2.06 3.97 2.55
CA ASP A 55 -2.24 3.77 1.10
C ASP A 55 -1.59 2.46 0.66
N VAL A 56 -2.05 1.97 -0.49
CA VAL A 56 -1.54 0.71 -1.02
C VAL A 56 -1.46 0.77 -2.55
N SER A 57 -0.80 -0.22 -3.12
CA SER A 57 -0.66 -0.33 -4.58
C SER A 57 -0.80 -1.80 -4.96
N LEU A 58 -0.89 -2.07 -6.25
CA LEU A 58 -1.05 -3.46 -6.69
C LEU A 58 0.21 -4.27 -6.39
N HIS A 59 1.22 -3.62 -5.81
CA HIS A 59 2.46 -4.32 -5.48
C HIS A 59 3.29 -3.55 -4.45
N GLY A 60 2.60 -2.88 -3.52
CA GLY A 60 3.28 -2.10 -2.49
C GLY A 60 2.29 -1.61 -1.44
N ILE A 61 2.79 -1.34 -0.22
CA ILE A 61 1.89 -0.89 0.86
C ILE A 61 2.59 0.08 1.83
N LEU A 62 1.77 0.98 2.40
CA LEU A 62 2.24 1.96 3.37
C LEU A 62 1.45 1.81 4.68
N VAL A 63 2.13 1.94 5.81
CA VAL A 63 1.46 1.80 7.10
C VAL A 63 2.06 2.73 8.14
N GLY A 64 1.46 2.76 9.31
CA GLY A 64 1.96 3.59 10.42
C GLY A 64 2.82 2.74 11.35
N GLN A 65 3.87 3.32 11.92
CA GLN A 65 4.76 2.57 12.80
C GLN A 65 4.25 2.55 14.24
N PRO A 66 3.90 1.41 14.78
CA PRO A 66 3.43 1.33 16.18
C PRO A 66 4.60 1.21 17.16
N GLN A 67 4.35 1.52 18.43
CA GLN A 67 5.41 1.46 19.44
C GLN A 67 5.92 0.03 19.66
N ASP A 68 5.02 -0.94 19.66
CA ASP A 68 5.39 -2.34 19.90
C ASP A 68 6.12 -2.93 18.69
N TRP A 69 6.47 -2.10 17.73
CA TRP A 69 7.17 -2.56 16.52
C TRP A 69 8.50 -3.21 16.87
N ASN A 70 8.46 -4.35 17.54
CA ASN A 70 9.69 -5.06 17.86
C ASN A 70 10.01 -6.09 16.78
N GLY A 71 10.54 -5.62 15.66
CA GLY A 71 10.87 -6.49 14.54
C GLY A 71 12.14 -6.04 13.82
N ASP A 72 12.92 -7.00 13.37
CA ASP A 72 14.17 -6.70 12.67
C ASP A 72 13.90 -6.27 11.22
N PRO A 73 14.17 -5.04 10.87
CA PRO A 73 13.95 -4.53 9.48
C PRO A 73 14.56 -5.43 8.43
N GLN A 74 15.54 -6.22 8.82
CA GLN A 74 16.22 -7.10 7.88
C GLN A 74 15.38 -8.34 7.57
N ARG A 75 14.48 -8.70 8.49
CA ARG A 75 13.63 -9.88 8.26
C ARG A 75 12.31 -9.46 7.62
N PRO A 76 11.70 -10.33 6.86
CA PRO A 76 10.42 -10.03 6.15
C PRO A 76 9.26 -9.75 7.09
N PHE A 77 8.23 -9.11 6.53
CA PHE A 77 7.02 -8.76 7.28
C PHE A 77 5.80 -9.21 6.47
N GLU A 78 4.67 -9.45 7.15
CA GLU A 78 3.45 -9.85 6.43
C GLU A 78 2.33 -8.87 6.76
N ALA A 79 1.52 -8.50 5.77
CA ALA A 79 0.46 -7.53 5.99
C ALA A 79 -0.92 -8.10 5.71
N ARG A 80 -1.85 -7.81 6.60
CA ARG A 80 -3.24 -8.24 6.43
C ARG A 80 -4.13 -7.01 6.46
N LEU A 81 -4.98 -6.85 5.45
CA LEU A 81 -5.85 -5.67 5.38
C LEU A 81 -7.31 -6.04 5.60
N TYR A 82 -8.08 -5.11 6.13
CA TYR A 82 -9.50 -5.35 6.38
C TYR A 82 -10.34 -4.19 5.85
N LEU A 83 -11.08 -4.43 4.78
CA LEU A 83 -11.94 -3.42 4.19
C LEU A 83 -13.40 -3.71 4.58
N GLY A 84 -14.05 -4.56 3.81
CA GLY A 84 -15.43 -4.93 4.10
C GLY A 84 -15.43 -5.90 5.27
N LEU A 85 -16.61 -6.36 5.69
CA LEU A 85 -16.67 -7.27 6.83
C LEU A 85 -16.21 -8.66 6.40
N ASP A 86 -16.48 -9.01 5.15
CA ASP A 86 -16.10 -10.31 4.60
C ASP A 86 -14.86 -10.19 3.71
N VAL A 87 -14.22 -9.03 3.73
CA VAL A 87 -13.04 -8.81 2.90
C VAL A 87 -11.75 -8.88 3.71
N LEU A 88 -11.17 -10.07 3.74
CA LEU A 88 -9.91 -10.30 4.44
C LEU A 88 -8.83 -10.53 3.40
N ILE A 89 -7.82 -9.66 3.37
CA ILE A 89 -6.73 -9.78 2.40
C ILE A 89 -5.40 -10.05 3.07
N ARG A 90 -4.57 -10.87 2.43
CA ARG A 90 -3.25 -11.20 2.96
C ARG A 90 -2.16 -10.97 1.92
N MET A 91 -1.11 -10.26 2.31
CA MET A 91 0.01 -9.97 1.42
C MET A 91 1.32 -10.10 2.18
N GLU A 92 2.37 -10.51 1.48
CA GLU A 92 3.69 -10.64 2.10
C GLU A 92 4.52 -9.43 1.69
N ILE A 93 5.18 -8.77 2.63
CA ILE A 93 5.95 -7.58 2.28
C ILE A 93 7.27 -7.47 3.05
N SER A 94 8.20 -6.71 2.47
CA SER A 94 9.51 -6.48 3.10
C SER A 94 9.73 -4.99 3.29
N LEU A 95 10.57 -4.63 4.26
CA LEU A 95 10.84 -3.21 4.55
C LEU A 95 11.52 -2.54 3.37
N ALA A 96 10.85 -1.53 2.82
CA ALA A 96 11.41 -0.76 1.72
C ALA A 96 12.05 0.52 2.25
N TRP A 97 11.39 1.16 3.22
CA TRP A 97 11.89 2.41 3.81
C TRP A 97 11.07 2.80 5.04
N ALA A 98 11.56 3.80 5.78
CA ALA A 98 10.85 4.29 6.97
C ALA A 98 11.18 5.76 7.19
N ARG A 99 10.16 6.62 7.25
CA ARG A 99 10.40 8.04 7.48
C ARG A 99 9.22 8.73 8.18
N ASP A 100 9.53 9.51 9.23
CA ASP A 100 8.51 10.28 9.93
C ASP A 100 7.35 9.41 10.45
N GLY A 101 7.66 8.29 11.10
CA GLY A 101 6.61 7.44 11.64
C GLY A 101 5.79 6.78 10.54
N LEU A 102 6.29 6.84 9.31
CA LEU A 102 5.60 6.22 8.18
C LEU A 102 6.50 5.11 7.64
N LEU A 103 5.91 3.96 7.34
CA LEU A 103 6.67 2.83 6.83
C LEU A 103 6.12 2.34 5.52
N GLY A 104 7.00 2.05 4.57
CA GLY A 104 6.58 1.53 3.28
C GLY A 104 7.28 0.21 3.01
N PHE A 105 6.51 -0.76 2.54
CA PHE A 105 7.06 -2.08 2.25
C PHE A 105 6.81 -2.44 0.80
N GLU A 106 7.60 -3.36 0.29
CA GLU A 106 7.45 -3.82 -1.08
C GLU A 106 6.82 -5.21 -1.07
N CYS A 107 5.77 -5.39 -1.86
CA CYS A 107 5.08 -6.67 -1.90
C CYS A 107 5.89 -7.72 -2.66
N GLN A 108 6.17 -8.84 -2.01
CA GLN A 108 6.93 -9.93 -2.63
C GLN A 108 5.99 -11.03 -3.11
N HIS A 109 4.87 -11.22 -2.40
CA HIS A 109 3.91 -12.24 -2.78
C HIS A 109 2.55 -11.92 -2.17
N ILE A 110 1.50 -12.16 -2.94
CA ILE A 110 0.13 -11.88 -2.50
C ILE A 110 -0.83 -12.93 -3.05
N ASP A 111 -1.78 -13.33 -2.22
CA ASP A 111 -2.75 -14.36 -2.58
C ASP A 111 -3.50 -14.01 -3.87
N LEU A 112 -3.73 -15.04 -4.68
CA LEU A 112 -4.42 -14.87 -5.96
C LEU A 112 -5.77 -14.19 -5.74
N ASP A 113 -6.49 -14.61 -4.69
CA ASP A 113 -7.79 -14.02 -4.39
C ASP A 113 -7.59 -12.62 -3.83
N SER A 114 -6.52 -12.44 -3.07
CA SER A 114 -6.21 -11.14 -2.50
C SER A 114 -5.90 -10.15 -3.62
N ILE A 115 -5.21 -10.65 -4.65
CA ILE A 115 -4.86 -9.83 -5.79
C ILE A 115 -6.11 -9.27 -6.46
N SER A 116 -7.17 -10.08 -6.49
CA SER A 116 -8.40 -9.65 -7.12
C SER A 116 -9.08 -8.57 -6.29
N HIS A 117 -9.06 -8.71 -4.97
CA HIS A 117 -9.68 -7.70 -4.13
C HIS A 117 -8.94 -6.38 -4.32
N LEU A 118 -7.62 -6.46 -4.48
CA LEU A 118 -6.82 -5.26 -4.70
C LEU A 118 -7.16 -4.67 -6.06
N ARG A 119 -7.40 -5.52 -7.06
CA ARG A 119 -7.76 -5.03 -8.38
C ARG A 119 -9.14 -4.35 -8.30
N ARG A 120 -10.02 -4.93 -7.51
CA ARG A 120 -11.35 -4.38 -7.29
C ARG A 120 -11.27 -2.96 -6.76
N LEU A 121 -10.31 -2.74 -5.87
CA LEU A 121 -10.10 -1.43 -5.27
C LEU A 121 -9.54 -0.46 -6.31
N VAL A 122 -8.69 -0.96 -7.20
CA VAL A 122 -8.10 -0.13 -8.24
C VAL A 122 -9.16 0.28 -9.26
N GLU A 123 -9.97 -0.68 -9.70
CA GLU A 123 -11.01 -0.40 -10.67
C GLU A 123 -12.08 0.54 -10.08
N LEU A 124 -12.45 0.29 -8.84
CA LEU A 124 -13.46 1.13 -8.19
C LEU A 124 -12.92 2.53 -7.92
N ASN A 125 -11.66 2.61 -7.49
CA ASN A 125 -11.06 3.91 -7.21
C ASN A 125 -11.11 4.79 -8.46
N LEU A 126 -10.66 4.22 -9.58
CA LEU A 126 -10.66 4.97 -10.84
C LEU A 126 -12.06 5.50 -11.15
N GLY A 127 -13.07 4.68 -10.88
CA GLY A 127 -14.45 5.08 -11.14
C GLY A 127 -14.68 5.28 -12.63
N ASP A 128 -15.00 4.19 -13.32
CA ASP A 128 -15.24 4.25 -14.76
C ASP A 128 -16.48 5.09 -15.05
N GLU A 129 -16.47 6.34 -14.58
CA GLU A 129 -17.61 7.22 -14.80
C GLU A 129 -17.67 7.65 -16.26
N GLU A 130 -18.19 6.78 -17.11
CA GLU A 130 -18.32 7.07 -18.53
C GLU A 130 -16.94 7.31 -19.16
N LEU A 131 -16.93 8.05 -20.26
CA LEU A 131 -15.68 8.34 -20.97
C LEU A 131 -14.56 8.66 -19.98
N LEU A 132 -13.38 8.14 -20.26
CA LEU A 132 -12.22 8.36 -19.40
C LEU A 132 -10.93 8.03 -20.14
N GLU A 133 -10.62 8.84 -21.16
CA GLU A 133 -9.40 8.63 -21.95
C GLU A 133 -8.39 9.73 -21.71
N ARG A 134 -7.16 9.34 -21.34
CA ARG A 134 -6.10 10.31 -21.09
C ARG A 134 -4.79 9.58 -20.79
N GLU A 135 -4.61 9.17 -19.54
CA GLU A 135 -3.40 8.47 -19.15
C GLU A 135 -3.40 7.05 -19.72
N LEU A 136 -4.23 6.85 -20.74
CA LEU A 136 -4.36 5.54 -21.38
C LEU A 136 -3.07 5.13 -22.12
N ALA A 137 -2.44 6.09 -22.79
CA ALA A 137 -1.21 5.79 -23.53
C ALA A 137 -0.05 5.47 -22.59
N LEU A 138 -0.12 5.91 -21.35
CA LEU A 138 0.97 5.67 -20.41
C LEU A 138 1.30 4.18 -20.35
N LEU A 139 0.31 3.32 -20.56
CA LEU A 139 0.57 1.88 -20.56
C LEU A 139 1.61 1.56 -21.63
N VAL A 140 1.62 2.40 -22.68
CA VAL A 140 2.55 2.25 -23.79
C VAL A 140 4.00 2.30 -23.33
N SER A 141 4.31 3.28 -22.50
CA SER A 141 5.68 3.46 -22.00
C SER A 141 5.93 2.67 -20.72
N ALA A 142 4.89 2.49 -19.91
CA ALA A 142 5.05 1.76 -18.66
C ALA A 142 5.21 0.27 -18.93
N HIS A 143 5.57 -0.07 -20.16
CA HIS A 143 5.76 -1.47 -20.54
C HIS A 143 7.25 -1.79 -20.68
N ASP A 144 7.99 -0.89 -21.34
CA ASP A 144 9.42 -1.08 -21.55
C ASP A 144 10.21 0.08 -20.94
N ASP A 145 9.59 1.25 -20.86
CA ASP A 145 10.24 2.43 -20.32
C ASP A 145 9.50 2.95 -19.09
P1 C2E B . 12.67 0.86 -3.10
O2P C2E B . 13.74 -0.15 -3.23
O1P C2E B . 12.36 1.47 -1.79
O5' C2E B . 11.31 0.25 -3.72
C5' C2E B . 10.11 0.27 -2.95
C4' C2E B . 8.94 -0.41 -3.67
O4' C2E B . 8.08 -1.03 -2.68
C3' C2E B . 8.05 0.54 -4.48
O3' C2E B . 8.41 0.58 -5.87
C2' C2E B . 6.68 -0.10 -4.32
O2' C2E B . 6.50 -1.20 -5.23
C1' C2E B . 6.75 -0.57 -2.89
N9 C2E B . 6.48 0.49 -1.89
C8 C2E B . 7.36 1.12 -1.05
N7 C2E B . 6.85 2.04 -0.31
C5 C2E B . 5.51 2.04 -0.67
C6 C2E B . 4.44 2.85 -0.20
O6 C2E B . 4.48 3.75 0.64
N1 C2E B . 3.25 2.54 -0.84
C2 C2E B . 3.10 1.57 -1.81
N2 C2E B . 1.87 1.41 -2.29
N3 C2E B . 4.10 0.81 -2.25
C4 C2E B . 5.28 1.10 -1.65
P11 C2E B . 9.67 -0.22 -6.50
O21 C2E B . 10.00 -1.37 -5.62
O11 C2E B . 9.41 -0.45 -7.94
O5A C2E B . 10.86 0.86 -6.38
C5A C2E B . 10.55 2.25 -6.35
C4A C2E B . 11.74 3.09 -5.91
O4A C2E B . 11.54 4.46 -6.26
C3A C2E B . 12.02 3.06 -4.40
O3A C2E B . 12.99 2.06 -4.12
C2A C2E B . 12.59 4.44 -4.16
O2A C2E B . 13.99 4.48 -4.47
C1A C2E B . 11.79 5.29 -5.12
N91 C2E B . 10.47 5.73 -4.62
C81 C2E B . 9.23 5.26 -4.95
N71 C2E B . 8.23 5.86 -4.38
C51 C2E B . 8.86 6.81 -3.58
C61 C2E B . 8.29 7.78 -2.71
O61 C2E B . 7.10 7.99 -2.48
N11 C2E B . 9.26 8.55 -2.10
C21 C2E B . 10.62 8.41 -2.28
N21 C2E B . 11.40 9.24 -1.59
N31 C2E B . 11.17 7.50 -3.10
C41 C2E B . 10.23 6.74 -3.72
H5'1 C2E B . 9.85 1.30 -2.73
H5'2 C2E B . 10.28 -0.25 -2.01
H4' C2E B . 9.32 -1.19 -4.31
H3' C2E B . 8.04 1.53 -4.02
H2' C2E B . 5.89 0.65 -4.45
HO2' C2E B . 5.57 -1.40 -5.24
H1' C2E B . 6.04 -1.39 -2.72
H8 C2E B . 8.43 0.91 -1.06
HN1 C2E B . 2.44 3.08 -0.55
HN21 C2E B . 1.11 1.99 -1.95
HN22 C2E B . 1.69 0.71 -2.99
H511 C2E B . 9.73 2.41 -5.65
H512 C2E B . 10.24 2.57 -7.34
H4A C2E B . 12.65 2.74 -6.40
H3A C2E B . 11.12 2.93 -3.80
H2A C2E B . 12.42 4.74 -3.11
HO2A C2E B . 14.19 3.71 -5.01
H1A C2E B . 12.37 6.16 -5.41
H81 C2E B . 9.08 4.45 -5.67
HN11 C2E B . 8.92 9.28 -1.47
HN24 C2E B . 12.41 9.19 -1.69
HN23 C2E B . 11.00 9.92 -0.98
P1 C2E C . 3.31 11.16 0.56
O2P C2E C . 2.26 11.61 1.50
O1P C2E C . 3.06 10.00 -0.32
O5' C2E C . 4.65 10.88 1.40
C5' C2E C . 4.92 9.57 1.92
C4' C2E C . 6.41 9.38 2.19
O4' C2E C . 6.72 7.99 2.39
C3' C2E C . 7.31 9.83 1.05
O3' C2E C . 7.58 11.24 1.14
C2' C2E C . 8.57 9.03 1.32
O2' C2E C . 9.35 9.63 2.36
C1' C2E C . 7.98 7.71 1.76
N9 C2E C . 7.75 6.76 0.65
C8 C2E C . 6.60 6.41 0.01
N7 C2E C . 6.75 5.51 -0.91
C5 C2E C . 8.11 5.22 -0.88
C6 C2E C . 8.87 4.30 -1.64
O6 C2E C . 8.48 3.54 -2.53
N1 C2E C . 10.21 4.33 -1.29
C2 C2E C . 10.75 5.14 -0.31
N2 C2E C . 12.07 5.01 -0.12
N3 C2E C . 10.04 6.00 0.41
C4 C2E C . 8.74 5.99 0.08
P11 C2E C . 8.36 11.98 -0.05
O21 C2E C . 8.81 13.30 0.45
O11 C2E C . 9.33 11.03 -0.63
O5A C2E C . 7.19 12.23 -1.14
C5A C2E C . 6.66 13.54 -1.34
C4A C2E C . 5.24 13.49 -1.91
O4A C2E C . 5.29 13.56 -3.34
C3A C2E C . 4.47 12.22 -1.56
O3A C2E C . 3.72 12.42 -0.35
C2A C2E C . 3.52 12.07 -2.74
O2A C2E C . 2.32 12.82 -2.54
C1A C2E C . 4.34 12.64 -3.90
N91 C2E C . 5.09 11.61 -4.63
C81 C2E C . 6.42 11.31 -4.57
N71 C2E C . 6.80 10.33 -5.34
C51 C2E C . 5.61 9.94 -5.96
C61 C2E C . 5.38 8.91 -6.92
O61 C2E C . 6.19 8.13 -7.41
N11 C2E C . 4.05 8.85 -7.29
C21 C2E C . 3.05 9.68 -6.81
N21 C2E C . 1.82 9.47 -7.29
N31 C2E C . 3.27 10.64 -5.91
C41 C2E C . 4.56 10.72 -5.54
H5'1 C2E C . 4.60 8.82 1.21
H5'2 C2E C . 4.38 9.44 2.86
H4' C2E C . 6.69 9.91 3.10
H3' C2E C . 6.86 9.54 0.10
H2' C2E C . 9.14 8.90 0.41
HO2' C2E C . 10.27 9.39 2.19
H1' C2E C . 8.66 7.21 2.46
H8 C2E C . 5.61 6.80 0.27
HN1 C2E C . 10.81 3.69 -1.77
HN21 C2E C . 12.60 4.35 -0.68
HN22 C2E C . 12.54 5.57 0.57
H511 C2E C . 7.30 14.08 -2.03
H512 C2E C . 6.63 14.06 -0.39
H4A C2E C . 4.69 14.34 -1.54
H3A C2E C . 5.15 11.35 -1.48
H2A C2E C . 3.29 11.02 -2.92
HO2A C2E C . 1.98 13.07 -3.41
H1A C2E C . 3.69 13.16 -4.60
H81 C2E C . 7.10 11.82 -3.90
HN11 C2E C . 3.80 8.14 -7.97
HN24 C2E C . 1.66 8.73 -7.96
HN23 C2E C . 1.06 10.04 -6.97
N MET A 21 10.26 26.52 -6.71
CA MET A 21 8.90 26.55 -7.33
C MET A 21 8.41 25.13 -7.54
N SER A 22 9.13 24.16 -6.97
CA SER A 22 8.75 22.76 -7.09
C SER A 22 8.48 22.16 -5.71
N ASP A 23 7.44 22.66 -5.04
CA ASP A 23 7.09 22.16 -3.71
C ASP A 23 5.95 21.16 -3.80
N GLN A 24 5.88 20.45 -4.93
CA GLN A 24 4.82 19.45 -5.13
C GLN A 24 5.40 18.05 -5.15
N HIS A 25 6.66 17.92 -4.73
CA HIS A 25 7.33 16.63 -4.70
C HIS A 25 7.11 15.87 -6.00
N ASP A 26 8.13 15.86 -6.86
CA ASP A 26 8.03 15.15 -8.12
C ASP A 26 7.61 13.71 -7.89
N GLU A 27 7.06 13.08 -8.93
CA GLU A 27 6.61 11.69 -8.82
C GLU A 27 7.72 10.73 -9.22
N ARG A 28 7.90 9.68 -8.41
CA ARG A 28 8.94 8.68 -8.65
C ARG A 28 8.34 7.28 -8.78
N ARG A 29 7.04 7.15 -8.50
CA ARG A 29 6.37 5.85 -8.59
C ARG A 29 5.37 5.85 -9.74
N ARG A 30 5.83 5.40 -10.90
CA ARG A 30 5.00 5.35 -12.11
C ARG A 30 3.76 6.22 -11.99
N PHE A 31 2.72 5.70 -11.34
CA PHE A 31 1.48 6.44 -11.17
C PHE A 31 1.07 6.45 -9.69
N HIS A 32 0.27 7.45 -9.31
CA HIS A 32 -0.19 7.56 -7.92
C HIS A 32 -0.78 6.24 -7.44
N ARG A 33 -0.41 5.84 -6.24
CA ARG A 33 -0.91 4.59 -5.68
C ARG A 33 -2.34 4.74 -5.17
N ILE A 34 -3.04 3.63 -5.02
CA ILE A 34 -4.42 3.64 -4.54
C ILE A 34 -4.45 3.97 -3.05
N ALA A 35 -4.66 5.25 -2.74
CA ALA A 35 -4.68 5.68 -1.35
C ALA A 35 -6.10 5.74 -0.78
N PHE A 36 -6.31 4.97 0.26
CA PHE A 36 -7.59 4.95 0.97
C PHE A 36 -7.32 4.63 2.44
N ASP A 37 -8.24 4.98 3.32
CA ASP A 37 -8.03 4.71 4.75
C ASP A 37 -8.69 3.40 5.15
N ALA A 38 -8.09 2.71 6.11
CA ALA A 38 -8.61 1.44 6.59
C ALA A 38 -7.71 0.88 7.69
N ASP A 39 -8.12 -0.25 8.26
CA ASP A 39 -7.34 -0.88 9.31
C ASP A 39 -6.45 -1.98 8.74
N SER A 40 -5.18 -1.99 9.16
CA SER A 40 -4.24 -3.01 8.71
C SER A 40 -3.45 -3.57 9.88
N GLU A 41 -2.99 -4.81 9.74
CA GLU A 41 -2.20 -5.46 10.78
C GLU A 41 -1.00 -6.12 10.15
N ILE A 42 0.15 -6.03 10.81
CA ILE A 42 1.36 -6.63 10.27
C ILE A 42 1.91 -7.69 11.23
N LEU A 43 2.31 -8.82 10.65
CA LEU A 43 2.84 -9.93 11.43
C LEU A 43 4.21 -10.33 10.95
N GLN A 44 5.18 -10.30 11.86
CA GLN A 44 6.55 -10.68 11.53
C GLN A 44 7.06 -11.70 12.55
N GLY A 45 7.09 -12.97 12.16
CA GLY A 45 7.54 -14.02 13.05
C GLY A 45 6.41 -14.41 14.00
N GLU A 46 6.70 -14.37 15.30
CA GLU A 46 5.71 -14.71 16.31
C GLU A 46 5.13 -13.44 16.89
N ARG A 47 5.42 -12.31 16.24
CA ARG A 47 4.99 -11.02 16.73
C ARG A 47 3.99 -10.34 15.81
N ARG A 48 2.91 -9.82 16.39
CA ARG A 48 1.88 -9.13 15.63
C ARG A 48 1.59 -7.76 16.23
N TRP A 49 1.13 -6.86 15.38
CA TRP A 49 0.83 -5.51 15.80
C TRP A 49 -0.29 -4.92 14.95
N GLU A 50 -0.98 -3.93 15.50
CA GLU A 50 -2.06 -3.28 14.77
C GLU A 50 -1.57 -1.95 14.20
N VAL A 51 -1.96 -1.64 12.96
CA VAL A 51 -1.53 -0.40 12.34
C VAL A 51 -2.58 0.14 11.39
N LEU A 52 -2.49 1.43 11.11
CA LEU A 52 -3.41 2.10 10.19
C LEU A 52 -2.74 2.16 8.82
N LEU A 53 -3.44 1.70 7.80
CA LEU A 53 -2.88 1.74 6.44
C LEU A 53 -3.26 3.03 5.75
N HIS A 54 -2.24 3.72 5.27
CA HIS A 54 -2.45 5.00 4.60
C HIS A 54 -2.61 4.83 3.09
N ASP A 55 -2.02 3.79 2.50
CA ASP A 55 -2.21 3.58 1.06
C ASP A 55 -1.58 2.27 0.61
N VAL A 56 -1.99 1.81 -0.58
CA VAL A 56 -1.50 0.56 -1.13
C VAL A 56 -1.38 0.63 -2.64
N SER A 57 -0.73 -0.38 -3.22
CA SER A 57 -0.55 -0.48 -4.66
C SER A 57 -0.69 -1.94 -5.04
N LEU A 58 -0.78 -2.24 -6.33
CA LEU A 58 -0.93 -3.62 -6.74
C LEU A 58 0.31 -4.43 -6.36
N HIS A 59 1.28 -3.76 -5.74
CA HIS A 59 2.50 -4.45 -5.33
C HIS A 59 3.29 -3.63 -4.30
N GLY A 60 2.60 -3.07 -3.32
CA GLY A 60 3.26 -2.27 -2.28
C GLY A 60 2.26 -1.70 -1.28
N ILE A 61 2.76 -1.36 -0.09
CA ILE A 61 1.89 -0.82 0.97
C ILE A 61 2.64 0.16 1.89
N LEU A 62 1.88 1.13 2.40
CA LEU A 62 2.42 2.13 3.33
C LEU A 62 1.63 2.05 4.63
N VAL A 63 2.33 1.93 5.76
CA VAL A 63 1.63 1.84 7.04
C VAL A 63 2.22 2.81 8.06
N GLY A 64 1.58 2.85 9.23
CA GLY A 64 2.05 3.70 10.33
C GLY A 64 2.88 2.86 11.30
N GLN A 65 3.94 3.44 11.88
CA GLN A 65 4.80 2.68 12.79
C GLN A 65 4.25 2.68 14.21
N PRO A 66 3.86 1.55 14.75
CA PRO A 66 3.33 1.48 16.14
C PRO A 66 4.48 1.34 17.16
N GLN A 67 4.19 1.68 18.41
CA GLN A 67 5.20 1.60 19.47
C GLN A 67 5.66 0.17 19.73
N ASP A 68 4.77 -0.80 19.52
CA ASP A 68 5.09 -2.21 19.76
C ASP A 68 5.89 -2.83 18.61
N TRP A 69 6.30 -1.98 17.67
CA TRP A 69 7.06 -2.47 16.51
C TRP A 69 8.36 -3.15 16.91
N ASN A 70 8.28 -4.29 17.58
CA ASN A 70 9.49 -5.01 17.98
C ASN A 70 9.83 -6.05 16.90
N GLY A 71 10.43 -5.58 15.81
CA GLY A 71 10.81 -6.46 14.71
C GLY A 71 12.12 -6.03 14.08
N ASP A 72 12.75 -6.95 13.36
CA ASP A 72 14.02 -6.68 12.70
C ASP A 72 13.80 -6.28 11.24
N PRO A 73 14.01 -5.02 10.90
CA PRO A 73 13.83 -4.53 9.51
C PRO A 73 14.50 -5.41 8.48
N GLN A 74 15.50 -6.17 8.91
CA GLN A 74 16.21 -7.04 8.00
C GLN A 74 15.40 -8.29 7.65
N ARG A 75 14.47 -8.66 8.52
CA ARG A 75 13.63 -9.83 8.28
C ARG A 75 12.32 -9.40 7.62
N PRO A 76 11.69 -10.29 6.90
CA PRO A 76 10.40 -10.00 6.19
C PRO A 76 9.24 -9.74 7.14
N PHE A 77 8.21 -9.09 6.61
CA PHE A 77 7.01 -8.77 7.38
C PHE A 77 5.78 -9.21 6.58
N GLU A 78 4.65 -9.47 7.25
CA GLU A 78 3.44 -9.87 6.54
C GLU A 78 2.33 -8.88 6.87
N ALA A 79 1.53 -8.49 5.88
CA ALA A 79 0.47 -7.51 6.10
C ALA A 79 -0.91 -8.07 5.78
N ARG A 80 -1.87 -7.74 6.63
CA ARG A 80 -3.24 -8.17 6.43
C ARG A 80 -4.13 -6.92 6.43
N LEU A 81 -4.95 -6.78 5.40
CA LEU A 81 -5.81 -5.60 5.30
C LEU A 81 -7.27 -5.97 5.53
N TYR A 82 -8.03 -5.02 6.04
CA TYR A 82 -9.45 -5.25 6.31
C TYR A 82 -10.28 -4.08 5.78
N LEU A 83 -11.01 -4.34 4.71
CA LEU A 83 -11.86 -3.32 4.10
C LEU A 83 -13.32 -3.61 4.46
N GLY A 84 -13.99 -4.39 3.62
CA GLY A 84 -15.38 -4.76 3.89
C GLY A 84 -15.42 -5.72 5.08
N LEU A 85 -16.61 -6.12 5.49
CA LEU A 85 -16.71 -7.03 6.63
C LEU A 85 -16.27 -8.43 6.23
N ASP A 86 -16.53 -8.79 4.97
CA ASP A 86 -16.18 -10.10 4.44
C ASP A 86 -14.93 -10.02 3.56
N VAL A 87 -14.25 -8.88 3.58
CA VAL A 87 -13.05 -8.70 2.76
C VAL A 87 -11.77 -8.74 3.59
N LEU A 88 -11.16 -9.91 3.63
CA LEU A 88 -9.92 -10.12 4.36
C LEU A 88 -8.81 -10.41 3.35
N ILE A 89 -7.81 -9.54 3.29
CA ILE A 89 -6.71 -9.71 2.33
C ILE A 89 -5.38 -9.99 3.05
N ARG A 90 -4.55 -10.82 2.42
CA ARG A 90 -3.23 -11.17 2.97
C ARG A 90 -2.14 -10.93 1.93
N MET A 91 -1.05 -10.32 2.37
CA MET A 91 0.08 -10.03 1.49
C MET A 91 1.40 -10.13 2.26
N GLU A 92 2.47 -10.51 1.57
CA GLU A 92 3.78 -10.59 2.20
C GLU A 92 4.59 -9.38 1.77
N ILE A 93 5.29 -8.73 2.70
CA ILE A 93 6.02 -7.52 2.34
C ILE A 93 7.34 -7.38 3.09
N SER A 94 8.26 -6.60 2.51
CA SER A 94 9.56 -6.34 3.12
C SER A 94 9.76 -4.83 3.29
N LEU A 95 10.62 -4.45 4.24
CA LEU A 95 10.89 -3.03 4.50
C LEU A 95 11.57 -2.40 3.29
N ALA A 96 10.90 -1.40 2.72
CA ALA A 96 11.47 -0.67 1.59
C ALA A 96 12.13 0.62 2.08
N TRP A 97 11.48 1.28 3.03
CA TRP A 97 11.99 2.54 3.60
C TRP A 97 11.14 2.96 4.80
N ALA A 98 11.63 3.95 5.54
CA ALA A 98 10.90 4.46 6.71
C ALA A 98 11.23 5.93 6.93
N ARG A 99 10.22 6.79 6.97
CA ARG A 99 10.48 8.21 7.19
C ARG A 99 9.31 8.94 7.86
N ASP A 100 9.62 9.76 8.87
CA ASP A 100 8.61 10.56 9.54
C ASP A 100 7.44 9.75 10.12
N GLY A 101 7.74 8.67 10.83
CA GLY A 101 6.66 7.89 11.45
C GLY A 101 6.02 6.88 10.51
N LEU A 102 6.04 7.14 9.21
CA LEU A 102 5.42 6.23 8.26
C LEU A 102 6.44 5.19 7.80
N LEU A 103 5.94 4.03 7.36
CA LEU A 103 6.80 2.95 6.90
C LEU A 103 6.38 2.44 5.53
N GLY A 104 7.35 2.23 4.65
CA GLY A 104 7.04 1.72 3.32
C GLY A 104 7.29 0.23 3.27
N PHE A 105 6.56 -0.46 2.42
CA PHE A 105 6.72 -1.90 2.30
C PHE A 105 6.50 -2.34 0.87
N GLU A 106 7.35 -3.24 0.39
CA GLU A 106 7.23 -3.74 -0.97
C GLU A 106 6.64 -5.14 -0.94
N CYS A 107 5.58 -5.35 -1.70
CA CYS A 107 4.93 -6.67 -1.73
C CYS A 107 5.72 -7.65 -2.59
N GLN A 108 6.01 -8.82 -2.01
CA GLN A 108 6.76 -9.85 -2.72
C GLN A 108 5.82 -10.96 -3.16
N HIS A 109 4.72 -11.14 -2.43
CA HIS A 109 3.75 -12.16 -2.78
C HIS A 109 2.39 -11.85 -2.13
N ILE A 110 1.33 -12.10 -2.88
CA ILE A 110 -0.02 -11.86 -2.40
C ILE A 110 -0.97 -12.91 -2.97
N ASP A 111 -1.91 -13.33 -2.13
CA ASP A 111 -2.87 -14.36 -2.50
C ASP A 111 -3.61 -14.03 -3.80
N LEU A 112 -3.83 -15.06 -4.61
CA LEU A 112 -4.52 -14.89 -5.89
C LEU A 112 -5.89 -14.23 -5.65
N ASP A 113 -6.56 -14.68 -4.60
CA ASP A 113 -7.86 -14.12 -4.26
C ASP A 113 -7.69 -12.69 -3.78
N SER A 114 -6.60 -12.46 -3.06
CA SER A 114 -6.30 -11.13 -2.56
C SER A 114 -5.97 -10.20 -3.71
N ILE A 115 -5.30 -10.75 -4.71
CA ILE A 115 -4.94 -9.96 -5.89
C ILE A 115 -6.19 -9.41 -6.56
N SER A 116 -7.25 -10.20 -6.57
CA SER A 116 -8.49 -9.76 -7.20
C SER A 116 -9.17 -8.68 -6.39
N HIS A 117 -9.14 -8.77 -5.07
CA HIS A 117 -9.77 -7.74 -4.27
C HIS A 117 -9.05 -6.42 -4.51
N LEU A 118 -7.71 -6.47 -4.55
CA LEU A 118 -6.92 -5.28 -4.81
C LEU A 118 -7.28 -4.70 -6.18
N ARG A 119 -7.60 -5.56 -7.14
CA ARG A 119 -7.98 -5.07 -8.47
C ARG A 119 -9.24 -4.21 -8.36
N ARG A 120 -10.15 -4.62 -7.48
CA ARG A 120 -11.40 -3.88 -7.26
C ARG A 120 -11.13 -2.45 -6.82
N LEU A 121 -10.30 -2.31 -5.80
CA LEU A 121 -9.96 -0.98 -5.28
C LEU A 121 -9.32 -0.15 -6.39
N VAL A 122 -8.56 -0.82 -7.25
CA VAL A 122 -7.90 -0.14 -8.35
C VAL A 122 -8.93 0.32 -9.38
N GLU A 123 -9.87 -0.55 -9.71
CA GLU A 123 -10.91 -0.24 -10.70
C GLU A 123 -11.78 0.93 -10.24
N LEU A 124 -12.25 0.88 -8.99
CA LEU A 124 -13.10 1.94 -8.47
C LEU A 124 -12.33 3.26 -8.42
N ASN A 125 -11.07 3.22 -8.02
CA ASN A 125 -10.26 4.42 -7.94
C ASN A 125 -10.21 5.14 -9.28
N LEU A 126 -9.94 4.38 -10.34
CA LEU A 126 -9.87 4.96 -11.68
C LEU A 126 -11.25 5.45 -12.12
N GLY A 127 -12.30 4.83 -11.59
CA GLY A 127 -13.66 5.21 -11.93
C GLY A 127 -14.27 4.24 -12.94
N ASP A 128 -13.81 4.33 -14.18
CA ASP A 128 -14.31 3.45 -15.23
C ASP A 128 -13.32 3.38 -16.39
N GLU A 129 -12.18 2.73 -16.14
CA GLU A 129 -11.14 2.60 -17.18
C GLU A 129 -10.85 1.12 -17.44
N GLU A 130 -9.86 0.86 -18.27
CA GLU A 130 -9.49 -0.52 -18.60
C GLU A 130 -8.69 -1.14 -17.45
N LEU A 131 -7.58 -1.79 -17.79
CA LEU A 131 -6.74 -2.44 -16.77
C LEU A 131 -5.28 -2.04 -16.97
N LEU A 132 -4.41 -2.64 -16.18
CA LEU A 132 -2.97 -2.34 -16.26
C LEU A 132 -2.69 -0.89 -15.87
N GLU A 133 -3.75 -0.17 -15.49
CA GLU A 133 -3.60 1.23 -15.10
C GLU A 133 -2.63 1.95 -16.05
N ARG A 134 -1.65 2.63 -15.48
CA ARG A 134 -0.64 3.37 -16.26
C ARG A 134 -1.07 3.54 -17.71
N GLU A 135 -1.51 4.73 -18.07
CA GLU A 135 -1.94 5.00 -19.43
C GLU A 135 -2.05 6.50 -19.71
N LEU A 136 -1.68 6.88 -20.92
CA LEU A 136 -1.72 8.28 -21.34
C LEU A 136 -3.12 8.86 -21.13
N ALA A 137 -4.13 8.04 -21.32
CA ALA A 137 -5.53 8.46 -21.15
C ALA A 137 -5.87 8.73 -19.69
N LEU A 138 -5.13 8.15 -18.75
CA LEU A 138 -5.45 8.35 -17.34
C LEU A 138 -5.52 9.84 -17.01
N LEU A 139 -4.59 10.63 -17.50
CA LEU A 139 -4.58 12.06 -17.17
C LEU A 139 -5.93 12.68 -17.55
N VAL A 140 -6.70 11.99 -18.38
CA VAL A 140 -8.01 12.47 -18.81
C VAL A 140 -8.90 12.74 -17.60
N SER A 141 -8.38 12.44 -16.41
CA SER A 141 -9.14 12.64 -15.18
C SER A 141 -8.72 13.91 -14.44
N ALA A 142 -7.43 14.24 -14.51
CA ALA A 142 -6.93 15.43 -13.81
C ALA A 142 -6.23 16.38 -14.78
N HIS A 143 -4.95 16.12 -15.04
CA HIS A 143 -4.16 16.95 -15.94
C HIS A 143 -4.50 18.43 -15.82
N ASP A 144 -3.66 19.28 -16.39
CA ASP A 144 -3.88 20.71 -16.35
C ASP A 144 -3.04 21.41 -17.41
N ASP A 145 -1.83 20.88 -17.65
CA ASP A 145 -0.92 21.45 -18.64
C ASP A 145 -1.22 22.93 -18.89
P1 C2E B . 12.48 1.86 -3.60
O2P C2E B . 13.63 0.97 -3.81
O1P C2E B . 12.14 2.33 -2.23
O5' C2E B . 11.16 1.16 -4.22
C5' C2E B . 10.03 0.90 -3.40
C4' C2E B . 8.97 0.05 -4.11
O4' C2E B . 8.28 -0.74 -3.15
C3' C2E B . 7.91 0.87 -4.87
O3' C2E B . 8.15 0.91 -6.29
C2' C2E B . 6.63 0.09 -4.61
O2' C2E B . 6.45 -0.97 -5.56
C1' C2E B . 6.88 -0.45 -3.22
N9 C2E B . 6.57 0.52 -2.15
C8 C2E B . 7.42 1.16 -1.29
N7 C2E B . 6.86 2.00 -0.48
C5 C2E B . 5.52 1.92 -0.82
C6 C2E B . 4.40 2.61 -0.28
O6 C2E B . 4.38 3.44 0.62
N1 C2E B . 3.22 2.23 -0.90
C2 C2E B . 3.12 1.33 -1.92
N2 C2E B . 1.88 1.08 -2.39
N3 C2E B . 4.17 0.68 -2.44
C4 C2E B . 5.33 1.02 -1.84
P11 C2E B . 9.58 0.53 -6.95
O21 C2E B . 10.07 -0.73 -6.33
O11 C2E B . 9.45 0.61 -8.43
O5A C2E B . 10.53 1.73 -6.46
C5A C2E B . 10.12 3.08 -6.65
C4A C2E B . 11.23 4.06 -6.25
O4A C2E B . 10.86 5.40 -6.60
C3A C2E B . 11.57 4.05 -4.77
O3A C2E B . 12.66 3.16 -4.53
C2A C2E B . 12.01 5.48 -4.52
O2A C2E B . 13.39 5.65 -4.83
C1A C2E B . 11.13 6.26 -5.48
N91 C2E B . 9.81 6.67 -4.94
C81 C2E B . 8.58 6.25 -5.31
N71 C2E B . 7.59 6.83 -4.69
C51 C2E B . 8.23 7.71 -3.83
C61 C2E B . 7.67 8.62 -2.88
O61 C2E B . 6.48 8.82 -2.63
N11 C2E B . 8.66 9.31 -2.21
C21 C2E B . 10.01 9.17 -2.41
N21 C2E B . 10.81 9.93 -1.67
N31 C2E B . 10.54 8.32 -3.30
C41 C2E B . 9.60 7.62 -3.97
H5'1 C2E B . 9.58 1.85 -3.11
H5'2 C2E B . 10.35 0.38 -2.51
H4' C2E B . 9.47 -0.62 -4.81
H3' C2E B . 7.82 1.87 -4.44
H2' C2E B . 5.77 0.76 -4.61
HO2' C2E B . 5.72 -1.50 -5.26
H1' C2E B . 6.30 -1.36 -3.05
H8 C2E B . 8.50 0.97 -1.27
HN1 C2E B . 2.38 2.68 -0.56
HN21 C2E B . 1.10 1.57 -2.00
HN22 C2E B . 1.75 0.42 -3.13
H511 C2E B . 9.24 3.28 -6.03
H512 C2E B . 9.87 3.24 -7.70
H4A C2E B . 12.14 3.81 -6.79
H3A C2E B . 10.72 3.83 -4.12
H2A C2E B . 11.82 5.75 -3.47
HO2A C2E B . 13.65 4.92 -5.41
H1A C2E B . 11.66 7.15 -5.82
H81 C2E B . 8.42 5.44 -6.02
HN11 C2E B . 8.34 9.99 -1.54
HN24 C2E B . 11.82 9.87 -1.76
HN23 C2E B . 10.41 10.57 -0.99
P1 C2E C . 2.66 11.40 1.11
O2P C2E C . 2.20 11.99 2.38
O1P C2E C . 1.94 10.25 0.53
O5' C2E C . 4.21 10.99 1.26
C5' C2E C . 4.59 9.82 2.00
C4' C2E C . 6.10 9.79 2.25
O4' C2E C . 6.54 8.42 2.42
C3' C2E C . 6.92 10.34 1.11
O3' C2E C . 7.06 11.76 1.25
C2' C2E C . 8.25 9.66 1.33
O2' C2E C . 9.00 10.30 2.37
C1' C2E C . 7.80 8.27 1.76
N9 C2E C . 7.62 7.33 0.63
C8 C2E C . 6.49 7.00 -0.07
N7 C2E C . 6.66 6.14 -1.01
C5 C2E C . 8.01 5.84 -0.95
C6 C2E C . 8.80 4.96 -1.74
O6 C2E C . 8.43 4.24 -2.67
N1 C2E C . 10.13 4.96 -1.35
C2 C2E C . 10.65 5.71 -0.32
N2 C2E C . 11.95 5.57 -0.08
N3 C2E C . 9.92 6.55 0.43
C4 C2E C . 8.62 6.57 0.06
P11 C2E C . 8.00 12.60 0.24
O21 C2E C . 8.94 13.43 1.05
O11 C2E C . 8.53 11.67 -0.78
O5A C2E C . 6.94 13.58 -0.46
C5A C2E C . 5.70 13.88 0.18
C4A C2E C . 4.54 13.92 -0.82
O4A C2E C . 5.04 14.23 -2.12
C3A C2E C . 3.78 12.61 -0.95
O3A C2E C . 2.71 12.57 0.00
C2A C2E C . 3.22 12.71 -2.37
O2A C2E C . 2.02 13.48 -2.41
C1A C2E C . 4.36 13.41 -3.09
N91 C2E C . 5.34 12.49 -3.67
C81 C2E C . 6.64 12.25 -3.31
N71 C2E C . 7.23 11.31 -3.99
C51 C2E C . 6.25 10.92 -4.89
C61 C2E C . 6.31 9.92 -5.89
O61 C2E C . 7.26 9.19 -6.17
N11 C2E C . 5.12 9.83 -6.59
C21 C2E C . 3.99 10.59 -6.34
N21 C2E C . 2.93 10.36 -7.12
N31 C2E C . 3.94 11.52 -5.38
C41 C2E C . 5.09 11.62 -4.70
H5'1 C2E C . 4.30 8.93 1.45
H5'2 C2E C . 4.07 9.83 2.96
H4' C2E C . 6.33 10.32 3.16
H3' C2E C . 6.48 10.06 0.15
H2' C2E C . 8.82 9.60 0.40
HO2' C2E C . 8.64 10.00 3.21
H1' C2E C . 8.53 7.85 2.44
H8 C2E C . 5.50 7.39 0.19
HN1 C2E C . 10.75 4.34 -1.86
HN21 C2E C . 12.50 4.94 -0.64
HN22 C2E C . 12.40 6.09 0.66
H511 C2E C . 5.78 14.85 0.67
H512 C2E C . 5.49 13.12 0.94
H4A C2E C . 3.85 14.71 -0.52
H3A C2E C . 4.45 11.75 -0.86
H2A C2E C . 3.08 11.71 -2.78
HO2A C2E C . 2.26 14.40 -2.44
H1A C2E C . 3.96 14.05 -3.89
H81 C2E C . 7.16 12.87 -2.61
HN11 C2E C . 5.10 9.19 -7.36
HN24 C2E C . 2.98 9.66 -7.84
HN23 C2E C . 2.08 10.88 -6.98
N MET A 21 5.20 19.35 -17.10
CA MET A 21 6.11 20.43 -16.64
C MET A 21 7.44 19.81 -16.19
N SER A 22 7.71 19.90 -14.90
CA SER A 22 8.94 19.35 -14.34
C SER A 22 8.84 19.20 -12.83
N ASP A 23 8.19 20.16 -12.18
CA ASP A 23 8.03 20.13 -10.73
C ASP A 23 6.68 19.51 -10.35
N GLN A 24 6.49 18.25 -10.72
CA GLN A 24 5.23 17.57 -10.45
C GLN A 24 5.06 17.31 -8.95
N HIS A 25 6.20 17.03 -8.32
CA HIS A 25 6.28 16.70 -6.89
C HIS A 25 7.44 15.73 -6.70
N ASP A 26 8.33 15.72 -7.69
CA ASP A 26 9.47 14.81 -7.66
C ASP A 26 8.96 13.39 -7.53
N GLU A 27 8.25 12.94 -8.56
CA GLU A 27 7.68 11.60 -8.55
C GLU A 27 8.71 10.56 -8.96
N ARG A 28 8.79 9.48 -8.18
CA ARG A 28 9.73 8.41 -8.44
C ARG A 28 9.01 7.07 -8.61
N ARG A 29 7.71 7.05 -8.33
CA ARG A 29 6.93 5.82 -8.45
C ARG A 29 6.10 5.85 -9.73
N ARG A 30 6.55 5.08 -10.73
CA ARG A 30 5.88 5.01 -12.04
C ARG A 30 4.61 5.87 -12.08
N PHE A 31 3.61 5.50 -11.28
CA PHE A 31 2.35 6.24 -11.25
C PHE A 31 1.80 6.31 -9.82
N HIS A 32 0.78 7.13 -9.63
CA HIS A 32 0.17 7.29 -8.30
C HIS A 32 -0.33 5.93 -7.79
N ARG A 33 -0.57 5.85 -6.48
CA ARG A 33 -1.04 4.60 -5.86
C ARG A 33 -2.46 4.78 -5.32
N ILE A 34 -3.15 3.66 -5.09
CA ILE A 34 -4.51 3.68 -4.56
C ILE A 34 -4.49 4.07 -3.09
N ALA A 35 -4.66 5.35 -2.80
CA ALA A 35 -4.65 5.80 -1.41
C ALA A 35 -6.06 5.90 -0.85
N PHE A 36 -6.30 5.12 0.19
CA PHE A 36 -7.58 5.14 0.90
C PHE A 36 -7.32 4.78 2.36
N ASP A 37 -8.23 5.13 3.25
CA ASP A 37 -8.02 4.84 4.67
C ASP A 37 -8.69 3.53 5.06
N ALA A 38 -8.07 2.81 6.00
CA ALA A 38 -8.60 1.55 6.48
C ALA A 38 -7.70 0.98 7.57
N ASP A 39 -8.12 -0.14 8.16
CA ASP A 39 -7.35 -0.77 9.23
C ASP A 39 -6.46 -1.89 8.68
N SER A 40 -5.20 -1.92 9.11
CA SER A 40 -4.28 -2.96 8.66
C SER A 40 -3.50 -3.52 9.86
N GLU A 41 -3.06 -4.75 9.72
CA GLU A 41 -2.28 -5.41 10.78
C GLU A 41 -1.08 -6.09 10.15
N ILE A 42 0.06 -6.07 10.84
CA ILE A 42 1.27 -6.68 10.30
C ILE A 42 1.81 -7.74 11.25
N LEU A 43 2.20 -8.87 10.68
CA LEU A 43 2.72 -9.97 11.45
C LEU A 43 4.13 -10.35 10.99
N GLN A 44 5.04 -10.33 11.94
CA GLN A 44 6.44 -10.68 11.66
C GLN A 44 6.84 -11.75 12.67
N GLY A 45 7.44 -12.83 12.20
CA GLY A 45 7.84 -13.91 13.09
C GLY A 45 6.70 -14.26 14.04
N GLU A 46 6.95 -14.14 15.34
CA GLU A 46 5.94 -14.46 16.36
C GLU A 46 5.34 -13.19 16.97
N ARG A 47 5.58 -12.04 16.34
CA ARG A 47 5.06 -10.77 16.86
C ARG A 47 4.00 -10.18 15.95
N ARG A 48 2.90 -9.74 16.55
CA ARG A 48 1.81 -9.13 15.79
C ARG A 48 1.49 -7.76 16.37
N TRP A 49 1.11 -6.84 15.48
CA TRP A 49 0.80 -5.49 15.87
C TRP A 49 -0.32 -4.92 15.01
N GLU A 50 -1.01 -3.93 15.54
CA GLU A 50 -2.09 -3.28 14.81
C GLU A 50 -1.59 -1.96 14.23
N VAL A 51 -1.95 -1.67 12.98
CA VAL A 51 -1.50 -0.43 12.35
C VAL A 51 -2.54 0.11 11.38
N LEU A 52 -2.44 1.40 11.09
CA LEU A 52 -3.36 2.03 10.15
C LEU A 52 -2.68 2.12 8.79
N LEU A 53 -3.37 1.67 7.75
CA LEU A 53 -2.79 1.72 6.41
C LEU A 53 -3.21 3.01 5.72
N HIS A 54 -2.21 3.73 5.24
CA HIS A 54 -2.46 5.01 4.58
C HIS A 54 -2.63 4.85 3.07
N ASP A 55 -2.05 3.81 2.48
CA ASP A 55 -2.25 3.60 1.03
C ASP A 55 -1.63 2.28 0.58
N VAL A 56 -2.08 1.81 -0.59
CA VAL A 56 -1.59 0.56 -1.15
C VAL A 56 -1.50 0.63 -2.66
N SER A 57 -0.85 -0.37 -3.24
CA SER A 57 -0.69 -0.50 -4.68
C SER A 57 -0.81 -1.97 -5.03
N LEU A 58 -0.92 -2.30 -6.32
CA LEU A 58 -1.05 -3.70 -6.69
C LEU A 58 0.22 -4.48 -6.30
N HIS A 59 1.18 -3.78 -5.70
CA HIS A 59 2.42 -4.43 -5.28
C HIS A 59 3.23 -3.54 -4.33
N GLY A 60 2.54 -2.93 -3.36
CA GLY A 60 3.22 -2.05 -2.40
C GLY A 60 2.23 -1.54 -1.35
N ILE A 61 2.73 -1.24 -0.15
CA ILE A 61 1.86 -0.75 0.93
C ILE A 61 2.61 0.21 1.85
N LEU A 62 1.85 1.16 2.40
CA LEU A 62 2.38 2.16 3.33
C LEU A 62 1.62 2.02 4.64
N VAL A 63 2.33 2.04 5.77
CA VAL A 63 1.67 1.90 7.06
C VAL A 63 2.28 2.81 8.10
N GLY A 64 1.67 2.82 9.29
CA GLY A 64 2.16 3.62 10.41
C GLY A 64 2.99 2.74 11.34
N GLN A 65 4.06 3.28 11.92
CA GLN A 65 4.92 2.48 12.79
C GLN A 65 4.41 2.47 14.24
N PRO A 66 4.01 1.34 14.77
CA PRO A 66 3.52 1.27 16.17
C PRO A 66 4.69 1.12 17.15
N GLN A 67 4.44 1.43 18.42
CA GLN A 67 5.48 1.35 19.45
C GLN A 67 5.96 -0.09 19.68
N ASP A 68 5.04 -1.04 19.65
CA ASP A 68 5.38 -2.44 19.89
C ASP A 68 6.11 -3.07 18.69
N TRP A 69 6.47 -2.24 17.72
CA TRP A 69 7.16 -2.72 16.53
C TRP A 69 8.47 -3.41 16.87
N ASN A 70 8.40 -4.58 17.51
CA ASN A 70 9.62 -5.31 17.84
C ASN A 70 9.92 -6.32 16.74
N GLY A 71 10.48 -5.83 15.64
CA GLY A 71 10.80 -6.70 14.51
C GLY A 71 12.07 -6.22 13.80
N ASP A 72 12.86 -7.18 13.33
CA ASP A 72 14.11 -6.88 12.63
C ASP A 72 13.83 -6.43 11.19
N PRO A 73 14.26 -5.24 10.80
CA PRO A 73 14.04 -4.70 9.43
C PRO A 73 14.62 -5.61 8.35
N GLN A 74 15.59 -6.43 8.73
CA GLN A 74 16.23 -7.31 7.75
C GLN A 74 15.37 -8.54 7.47
N ARG A 75 14.50 -8.90 8.41
CA ARG A 75 13.62 -10.07 8.21
C ARG A 75 12.31 -9.64 7.57
N PRO A 76 11.65 -10.53 6.88
CA PRO A 76 10.37 -10.23 6.18
C PRO A 76 9.22 -9.94 7.14
N PHE A 77 8.19 -9.29 6.60
CA PHE A 77 6.99 -8.94 7.35
C PHE A 77 5.76 -9.37 6.56
N GLU A 78 4.63 -9.59 7.24
CA GLU A 78 3.41 -9.98 6.54
C GLU A 78 2.33 -8.95 6.84
N ALA A 79 1.59 -8.51 5.83
CA ALA A 79 0.56 -7.51 6.02
C ALA A 79 -0.82 -8.05 5.70
N ARG A 80 -1.78 -7.73 6.55
CA ARG A 80 -3.15 -8.15 6.34
C ARG A 80 -4.04 -6.91 6.33
N LEU A 81 -4.86 -6.76 5.29
CA LEU A 81 -5.72 -5.59 5.19
C LEU A 81 -7.17 -5.98 5.46
N TYR A 82 -7.91 -5.07 6.10
CA TYR A 82 -9.32 -5.33 6.42
C TYR A 82 -10.20 -4.18 5.94
N LEU A 83 -10.99 -4.45 4.91
CA LEU A 83 -11.90 -3.46 4.34
C LEU A 83 -13.32 -3.79 4.77
N GLY A 84 -14.02 -4.56 3.96
CA GLY A 84 -15.38 -4.96 4.28
C GLY A 84 -15.36 -5.91 5.45
N LEU A 85 -16.54 -6.36 5.90
CA LEU A 85 -16.59 -7.27 7.03
C LEU A 85 -16.14 -8.67 6.60
N ASP A 86 -16.39 -9.01 5.35
CA ASP A 86 -16.02 -10.31 4.80
C ASP A 86 -14.79 -10.21 3.90
N VAL A 87 -14.14 -9.04 3.90
CA VAL A 87 -12.96 -8.85 3.06
C VAL A 87 -11.66 -8.90 3.87
N LEU A 88 -11.06 -10.08 3.89
CA LEU A 88 -9.81 -10.29 4.59
C LEU A 88 -8.73 -10.55 3.54
N ILE A 89 -7.74 -9.66 3.47
CA ILE A 89 -6.68 -9.80 2.48
C ILE A 89 -5.33 -10.07 3.16
N ARG A 90 -4.51 -10.89 2.51
CA ARG A 90 -3.19 -11.23 3.04
C ARG A 90 -2.11 -11.00 1.98
N MET A 91 -1.06 -10.29 2.37
CA MET A 91 0.05 -10.00 1.47
C MET A 91 1.37 -10.12 2.23
N GLU A 92 2.41 -10.54 1.54
CA GLU A 92 3.73 -10.66 2.15
C GLU A 92 4.52 -9.42 1.76
N ILE A 93 5.18 -8.77 2.72
CA ILE A 93 5.92 -7.56 2.36
C ILE A 93 7.24 -7.42 3.10
N SER A 94 8.14 -6.63 2.51
CA SER A 94 9.46 -6.39 3.10
C SER A 94 9.67 -4.88 3.27
N LEU A 95 10.53 -4.50 4.21
CA LEU A 95 10.81 -3.09 4.47
C LEU A 95 11.50 -2.45 3.27
N ALA A 96 10.86 -1.43 2.70
CA ALA A 96 11.43 -0.70 1.58
C ALA A 96 12.12 0.58 2.07
N TRP A 97 11.48 1.25 3.02
CA TRP A 97 12.01 2.49 3.60
C TRP A 97 11.18 2.92 4.81
N ALA A 98 11.65 3.92 5.54
CA ALA A 98 10.92 4.42 6.71
C ALA A 98 11.22 5.90 6.94
N ARG A 99 10.18 6.74 6.98
CA ARG A 99 10.42 8.17 7.20
C ARG A 99 9.25 8.88 7.87
N ASP A 100 9.55 9.69 8.88
CA ASP A 100 8.52 10.49 9.56
C ASP A 100 7.38 9.67 10.15
N GLY A 101 7.70 8.59 10.87
CA GLY A 101 6.66 7.80 11.51
C GLY A 101 6.03 6.76 10.58
N LEU A 102 6.02 7.03 9.28
CA LEU A 102 5.42 6.09 8.35
C LEU A 102 6.45 5.08 7.86
N LEU A 103 5.97 3.94 7.39
CA LEU A 103 6.85 2.88 6.92
C LEU A 103 6.44 2.42 5.53
N GLY A 104 7.40 2.25 4.64
CA GLY A 104 7.09 1.78 3.30
C GLY A 104 7.27 0.27 3.25
N PHE A 105 6.53 -0.37 2.36
CA PHE A 105 6.62 -1.81 2.24
C PHE A 105 6.42 -2.24 0.80
N GLU A 106 7.29 -3.11 0.30
CA GLU A 106 7.18 -3.58 -1.06
C GLU A 106 6.63 -5.00 -1.06
N CYS A 107 5.57 -5.22 -1.83
CA CYS A 107 4.94 -6.55 -1.87
C CYS A 107 5.78 -7.54 -2.67
N GLN A 108 6.10 -8.67 -2.04
CA GLN A 108 6.87 -9.72 -2.68
C GLN A 108 5.96 -10.84 -3.15
N HIS A 109 4.84 -11.02 -2.45
CA HIS A 109 3.89 -12.06 -2.82
C HIS A 109 2.52 -11.77 -2.20
N ILE A 110 1.47 -12.04 -2.95
CA ILE A 110 0.11 -11.79 -2.49
C ILE A 110 -0.83 -12.85 -3.05
N ASP A 111 -1.78 -13.29 -2.20
CA ASP A 111 -2.73 -14.33 -2.57
C ASP A 111 -3.51 -13.99 -3.84
N LEU A 112 -3.71 -15.01 -4.68
CA LEU A 112 -4.45 -14.83 -5.93
C LEU A 112 -5.81 -14.22 -5.67
N ASP A 113 -6.48 -14.70 -4.62
CA ASP A 113 -7.80 -14.18 -4.26
C ASP A 113 -7.65 -12.75 -3.74
N SER A 114 -6.58 -12.51 -3.00
CA SER A 114 -6.30 -11.19 -2.46
C SER A 114 -5.96 -10.23 -3.60
N ILE A 115 -5.27 -10.76 -4.59
CA ILE A 115 -4.88 -9.97 -5.75
C ILE A 115 -6.12 -9.39 -6.42
N SER A 116 -7.19 -10.18 -6.45
CA SER A 116 -8.42 -9.72 -7.08
C SER A 116 -9.07 -8.61 -6.26
N HIS A 117 -9.06 -8.75 -4.94
CA HIS A 117 -9.67 -7.71 -4.11
C HIS A 117 -8.92 -6.40 -4.33
N LEU A 118 -7.61 -6.50 -4.52
CA LEU A 118 -6.78 -5.32 -4.78
C LEU A 118 -7.14 -4.73 -6.15
N ARG A 119 -7.48 -5.59 -7.10
CA ARG A 119 -7.85 -5.11 -8.42
C ARG A 119 -9.15 -4.32 -8.34
N ARG A 120 -10.06 -4.80 -7.48
CA ARG A 120 -11.34 -4.12 -7.27
C ARG A 120 -11.10 -2.68 -6.83
N LEU A 121 -10.07 -2.49 -6.01
CA LEU A 121 -9.75 -1.15 -5.52
C LEU A 121 -9.21 -0.28 -6.65
N VAL A 122 -8.27 -0.82 -7.41
CA VAL A 122 -7.68 -0.10 -8.51
C VAL A 122 -8.73 0.28 -9.55
N GLU A 123 -9.64 -0.64 -9.82
CA GLU A 123 -10.70 -0.38 -10.79
C GLU A 123 -11.60 0.76 -10.33
N LEU A 124 -12.05 0.68 -9.08
CA LEU A 124 -12.93 1.71 -8.53
C LEU A 124 -12.21 3.05 -8.44
N ASN A 125 -10.96 3.02 -8.01
CA ASN A 125 -10.18 4.25 -7.89
C ASN A 125 -10.04 4.93 -9.24
N LEU A 126 -10.00 4.12 -10.30
CA LEU A 126 -9.89 4.67 -11.66
C LEU A 126 -11.02 5.66 -11.92
N GLY A 127 -12.07 5.57 -11.11
CA GLY A 127 -13.22 6.46 -11.26
C GLY A 127 -13.35 7.40 -10.06
N ASP A 128 -13.13 6.85 -8.87
CA ASP A 128 -13.23 7.65 -7.65
C ASP A 128 -12.26 8.82 -7.70
N GLU A 129 -11.66 9.14 -6.55
CA GLU A 129 -10.71 10.24 -6.48
C GLU A 129 -11.35 11.54 -6.99
N GLU A 130 -11.69 12.42 -6.06
CA GLU A 130 -12.32 13.69 -6.43
C GLU A 130 -11.26 14.75 -6.72
N LEU A 131 -10.21 14.36 -7.45
CA LEU A 131 -9.15 15.29 -7.80
C LEU A 131 -8.65 15.05 -9.23
N LEU A 132 -9.57 14.59 -10.08
CA LEU A 132 -9.21 14.31 -11.47
C LEU A 132 -8.44 15.49 -12.06
N GLU A 133 -7.12 15.35 -12.14
CA GLU A 133 -6.27 16.40 -12.69
C GLU A 133 -5.16 15.80 -13.54
N ARG A 134 -4.52 14.76 -13.02
CA ARG A 134 -3.43 14.11 -13.75
C ARG A 134 -3.81 13.96 -15.23
N GLU A 135 -2.83 14.12 -16.11
CA GLU A 135 -3.07 14.01 -17.54
C GLU A 135 -3.18 12.56 -17.97
N LEU A 136 -4.00 12.32 -18.99
CA LEU A 136 -4.21 10.99 -19.53
C LEU A 136 -2.93 10.46 -20.21
N ALA A 137 -2.23 11.35 -20.90
CA ALA A 137 -1.01 10.98 -21.61
C ALA A 137 0.13 10.62 -20.65
N LEU A 138 0.05 11.09 -19.41
CA LEU A 138 1.12 10.82 -18.44
C LEU A 138 1.39 9.31 -18.36
N LEU A 139 0.37 8.50 -18.55
CA LEU A 139 0.57 7.05 -18.50
C LEU A 139 1.62 6.65 -19.54
N VAL A 140 1.71 7.46 -20.60
CA VAL A 140 2.67 7.22 -21.68
C VAL A 140 4.11 7.20 -21.18
N SER A 141 4.44 8.18 -20.34
CA SER A 141 5.81 8.30 -19.82
C SER A 141 6.15 7.23 -18.78
N ALA A 142 5.15 6.50 -18.29
CA ALA A 142 5.43 5.47 -17.28
C ALA A 142 5.36 4.05 -17.86
N HIS A 143 5.00 3.94 -19.13
CA HIS A 143 4.92 2.63 -19.77
C HIS A 143 4.64 2.76 -21.27
N ASP A 144 5.07 3.88 -21.86
CA ASP A 144 4.84 4.13 -23.28
C ASP A 144 4.66 2.84 -24.07
N ASP A 145 3.43 2.31 -24.06
CA ASP A 145 3.13 1.08 -24.79
C ASP A 145 1.88 1.25 -25.64
P1 C2E B . 11.77 1.89 -2.77
O2P C2E B . 12.84 0.90 -2.63
O1P C2E B . 11.52 2.86 -1.68
O5' C2E B . 10.39 1.11 -3.08
C5' C2E B . 10.38 -0.31 -3.29
C4' C2E B . 9.10 -0.75 -4.01
O4' C2E B . 8.15 -1.23 -3.05
C3' C2E B . 8.41 0.37 -4.77
O3' C2E B . 8.80 0.36 -6.15
C2' C2E B . 6.95 0.03 -4.64
O2' C2E B . 6.55 -0.94 -5.62
C1' C2E B . 6.91 -0.55 -3.24
N9 C2E B . 6.81 0.48 -2.19
C8 C2E B . 7.80 1.05 -1.43
N7 C2E B . 7.41 1.98 -0.62
C5 C2E B . 6.04 2.05 -0.85
C6 C2E B . 5.07 2.89 -0.25
O6 C2E B . 5.23 3.76 0.60
N1 C2E B . 3.80 2.64 -0.76
C2 C2E B . 3.50 1.70 -1.72
N2 C2E B . 2.22 1.60 -2.07
N3 C2E B . 4.42 0.91 -2.28
C4 C2E B . 5.66 1.14 -1.80
P11 C2E B . 10.32 0.70 -6.60
O21 C2E B . 11.14 0.89 -5.38
O11 C2E B . 10.73 -0.30 -7.61
O5A C2E B . 10.17 2.12 -7.32
C5A C2E B . 9.82 3.28 -6.56
C4A C2E B . 11.05 3.97 -5.98
O4A C2E B . 11.03 5.37 -6.30
C3A C2E B . 11.21 3.87 -4.46
O3A C2E B . 12.02 2.73 -4.13
C2A C2E B . 11.96 5.14 -4.15
O2A C2E B . 13.37 5.01 -4.44
C1A C2E B . 11.29 6.11 -5.10
N91 C2E B . 9.98 6.63 -4.63
C81 C2E B . 8.74 6.24 -5.01
N71 C2E B . 7.76 6.88 -4.44
C51 C2E B . 8.41 7.77 -3.60
C61 C2E B . 7.86 8.74 -2.72
O61 C2E B . 6.68 8.99 -2.50
N11 C2E B . 8.85 9.45 -2.05
C21 C2E B . 10.21 9.24 -2.22
N21 C2E B . 11.00 10.03 -1.49
N31 C2E B . 10.73 8.33 -3.04
C41 C2E B . 9.78 7.63 -3.70
H5'1 C2E B . 10.44 -0.81 -2.32
H5'2 C2E B . 11.25 -0.59 -3.89
H4' C2E B . 9.35 -1.56 -4.70
H3' C2E B . 8.63 1.34 -4.29
H2' C2E B . 6.33 0.93 -4.70
HO2' C2E B . 5.76 -1.39 -5.27
H1' C2E B . 6.08 -1.24 -3.14
H8 C2E B . 8.85 0.76 -1.53
HN1 C2E B . 3.05 3.21 -0.38
HN21 C2E B . 1.53 2.20 -1.64
HN22 C2E B . 1.94 0.92 -2.77
H511 C2E B . 9.15 2.99 -5.74
H512 C2E B . 9.29 3.98 -7.21
H4A C2E B . 11.94 3.53 -6.44
H3A C2E B . 10.27 3.88 -3.92
H2A C2E B . 11.80 5.45 -3.12
HO2A C2E B . 13.50 4.14 -4.81
H1A C2E B . 11.96 6.95 -5.32
H81 C2E B . 8.57 5.42 -5.70
HN11 C2E B . 8.53 10.16 -1.42
HN24 C2E B . 12.01 9.93 -1.57
HN23 C2E B . 10.60 10.72 -0.87
P1 C2E C . 3.28 12.22 0.72
O2P C2E C . 2.87 12.70 2.06
O1P C2E C . 2.34 11.41 -0.09
O5' C2E C . 4.66 11.39 0.89
C5' C2E C . 4.86 10.53 2.01
C4' C2E C . 6.36 10.36 2.31
O4' C2E C . 6.67 8.97 2.52
C3' C2E C . 7.25 10.81 1.17
O3' C2E C . 7.53 12.22 1.28
C2' C2E C . 8.51 10.01 1.42
O2' C2E C . 9.30 10.61 2.46
C1' C2E C . 7.91 8.68 1.88
N9 C2E C . 7.67 7.74 0.78
C8 C2E C . 6.51 7.42 0.12
N7 C2E C . 6.64 6.49 -0.80
C5 C2E C . 7.99 6.16 -0.73
C6 C2E C . 8.72 5.20 -1.48
O6 C2E C . 8.33 4.45 -2.36
N1 C2E C . 10.06 5.17 -1.09
C2 C2E C . 10.62 5.96 -0.11
N2 C2E C . 11.92 5.79 0.11
N3 C2E C . 9.93 6.86 0.59
C4 C2E C . 8.62 6.91 0.23
P11 C2E C . 7.95 13.07 -0.01
O21 C2E C . 9.18 13.83 0.33
O11 C2E C . 7.94 12.18 -1.19
O5A C2E C . 6.73 14.11 -0.13
C5A C2E C . 6.50 14.81 -1.36
C4A C2E C . 5.06 14.63 -1.84
O4A C2E C . 5.04 14.65 -3.27
C3A C2E C . 4.41 13.32 -1.41
O3A C2E C . 3.73 13.49 -0.16
C2A C2E C . 3.41 13.07 -2.52
O2A C2E C . 2.16 13.74 -2.27
C1A C2E C . 4.12 13.66 -3.74
N91 C2E C . 4.89 12.68 -4.51
C81 C2E C . 6.24 12.49 -4.52
N71 C2E C . 6.65 11.56 -5.33
C51 C2E C . 5.47 11.09 -5.90
C61 C2E C . 5.28 10.08 -6.86
O61 C2E C . 6.12 9.39 -7.43
N11 C2E C . 3.94 9.91 -7.17
C21 C2E C . 2.90 10.65 -6.61
N21 C2E C . 1.67 10.35 -7.04
N31 C2E C . 3.09 11.60 -5.70
C41 C2E C . 4.39 11.77 -5.40
H5'1 C2E C . 4.43 9.55 1.80
H5'2 C2E C . 4.37 10.96 2.88
H4' C2E C . 6.60 10.91 3.21
H3' C2E C . 6.79 10.54 0.23
H2' C2E C . 9.07 9.88 0.51
HO2' C2E C . 9.29 10.01 3.21
H1' C2E C . 8.62 8.20 2.57
H8 C2E C . 5.55 7.84 0.36
HN1 C2E C . 10.65 4.50 -1.57
HN21 C2E C . 12.45 5.12 -0.42
HN22 C2E C . 12.39 6.36 0.81
H511 C2E C . 7.18 14.45 -2.12
H512 C2E C . 6.69 15.88 -1.18
H4A C2E C . 4.46 15.47 -1.48
H3A C2E C . 5.14 12.50 -1.37
H2A C2E C . 3.25 12.00 -2.66
HO2A C2E C . 1.46 13.09 -2.38
H1A C2E C . 3.39 14.11 -4.42
H81 C2E C . 6.91 13.03 -3.85
HN11 C2E C . 3.71 9.19 -7.85
HN24 C2E C . 1.53 9.62 -7.72
HN23 C2E C . 0.87 10.85 -6.67
N MET A 21 14.37 22.26 -5.92
CA MET A 21 15.17 21.01 -5.71
C MET A 21 14.97 20.51 -4.29
N SER A 22 15.77 19.52 -3.90
CA SER A 22 15.67 18.94 -2.56
C SER A 22 14.46 18.02 -2.45
N ASP A 23 13.68 18.19 -1.37
CA ASP A 23 12.47 17.39 -1.20
C ASP A 23 11.24 18.21 -1.60
N GLN A 24 11.20 18.58 -2.88
CA GLN A 24 10.10 19.38 -3.41
C GLN A 24 8.88 18.53 -3.73
N HIS A 25 8.88 17.28 -3.27
CA HIS A 25 7.76 16.38 -3.50
C HIS A 25 7.79 15.78 -4.91
N ASP A 26 8.92 15.90 -5.59
CA ASP A 26 9.02 15.34 -6.94
C ASP A 26 8.53 13.89 -6.92
N GLU A 27 7.77 13.49 -7.93
CA GLU A 27 7.23 12.14 -7.94
C GLU A 27 8.29 11.14 -8.41
N ARG A 28 8.41 10.03 -7.67
CA ARG A 28 9.39 9.01 -7.99
C ARG A 28 8.71 7.64 -8.19
N ARG A 29 7.41 7.57 -7.91
CA ARG A 29 6.67 6.32 -8.07
C ARG A 29 5.70 6.43 -9.24
N ARG A 30 6.15 5.98 -10.41
CA ARG A 30 5.34 6.02 -11.64
C ARG A 30 4.19 7.01 -11.51
N PHE A 31 3.08 6.56 -10.93
CA PHE A 31 1.90 7.43 -10.76
C PHE A 31 1.29 7.21 -9.38
N HIS A 32 0.49 8.16 -8.92
CA HIS A 32 -0.16 8.06 -7.62
C HIS A 32 -0.62 6.64 -7.35
N ARG A 33 -0.71 6.28 -6.07
CA ARG A 33 -1.14 4.95 -5.68
C ARG A 33 -2.54 5.00 -5.07
N ILE A 34 -3.30 3.93 -5.24
CA ILE A 34 -4.65 3.88 -4.69
C ILE A 34 -4.62 4.17 -3.20
N ALA A 35 -4.87 5.42 -2.85
CA ALA A 35 -4.88 5.82 -1.45
C ALA A 35 -6.28 5.78 -0.88
N PHE A 36 -6.44 4.98 0.15
CA PHE A 36 -7.72 4.85 0.85
C PHE A 36 -7.45 4.52 2.31
N ASP A 37 -8.35 4.87 3.19
CA ASP A 37 -8.14 4.61 4.62
C ASP A 37 -8.80 3.31 5.05
N ALA A 38 -8.20 2.66 6.04
CA ALA A 38 -8.74 1.40 6.55
C ALA A 38 -7.83 0.87 7.66
N ASP A 39 -8.21 -0.26 8.24
CA ASP A 39 -7.42 -0.87 9.31
C ASP A 39 -6.49 -1.94 8.75
N SER A 40 -5.23 -1.92 9.20
CA SER A 40 -4.27 -2.92 8.76
C SER A 40 -3.44 -3.41 9.94
N GLU A 41 -2.84 -4.58 9.79
CA GLU A 41 -2.00 -5.15 10.86
C GLU A 41 -0.87 -5.92 10.22
N ILE A 42 0.29 -5.92 10.85
CA ILE A 42 1.45 -6.61 10.30
C ILE A 42 1.97 -7.68 11.25
N LEU A 43 2.29 -8.85 10.68
CA LEU A 43 2.80 -9.97 11.45
C LEU A 43 4.17 -10.40 10.95
N GLN A 44 5.13 -10.39 11.86
CA GLN A 44 6.50 -10.80 11.53
C GLN A 44 7.00 -11.80 12.55
N GLY A 45 7.00 -13.08 12.18
CA GLY A 45 7.45 -14.13 13.09
C GLY A 45 6.33 -14.47 14.06
N GLU A 46 6.64 -14.42 15.35
CA GLU A 46 5.66 -14.72 16.38
C GLU A 46 5.11 -13.42 16.98
N ARG A 47 5.43 -12.30 16.34
CA ARG A 47 4.99 -11.00 16.83
C ARG A 47 3.98 -10.34 15.90
N ARG A 48 2.91 -9.82 16.47
CA ARG A 48 1.87 -9.14 15.70
C ARG A 48 1.59 -7.78 16.28
N TRP A 49 1.20 -6.86 15.41
CA TRP A 49 0.92 -5.49 15.81
C TRP A 49 -0.19 -4.91 14.95
N GLU A 50 -0.89 -3.92 15.48
CA GLU A 50 -1.97 -3.27 14.75
C GLU A 50 -1.49 -1.94 14.18
N VAL A 51 -1.85 -1.64 12.93
CA VAL A 51 -1.43 -0.39 12.31
C VAL A 51 -2.50 0.14 11.36
N LEU A 52 -2.45 1.43 11.09
CA LEU A 52 -3.39 2.06 10.18
C LEU A 52 -2.74 2.15 8.81
N LEU A 53 -3.44 1.71 7.78
CA LEU A 53 -2.89 1.75 6.44
C LEU A 53 -3.27 3.05 5.74
N HIS A 54 -2.26 3.74 5.26
CA HIS A 54 -2.47 5.03 4.61
C HIS A 54 -2.66 4.87 3.10
N ASP A 55 -2.07 3.85 2.49
CA ASP A 55 -2.27 3.65 1.06
C ASP A 55 -1.66 2.34 0.57
N VAL A 56 -2.08 1.90 -0.61
CA VAL A 56 -1.58 0.65 -1.18
C VAL A 56 -1.48 0.76 -2.70
N SER A 57 -0.81 -0.23 -3.29
CA SER A 57 -0.63 -0.31 -4.72
C SER A 57 -0.74 -1.77 -5.14
N LEU A 58 -0.80 -2.05 -6.43
CA LEU A 58 -0.93 -3.45 -6.86
C LEU A 58 0.33 -4.24 -6.51
N HIS A 59 1.31 -3.57 -5.90
CA HIS A 59 2.54 -4.26 -5.52
C HIS A 59 3.33 -3.44 -4.49
N GLY A 60 2.62 -2.82 -3.55
CA GLY A 60 3.28 -2.02 -2.52
C GLY A 60 2.28 -1.54 -1.47
N ILE A 61 2.76 -1.24 -0.27
CA ILE A 61 1.88 -0.78 0.81
C ILE A 61 2.61 0.18 1.75
N LEU A 62 1.85 1.11 2.31
CA LEU A 62 2.37 2.09 3.25
C LEU A 62 1.60 1.97 4.57
N VAL A 63 2.30 2.03 5.68
CA VAL A 63 1.64 1.90 6.99
C VAL A 63 2.24 2.84 8.03
N GLY A 64 1.63 2.85 9.20
CA GLY A 64 2.12 3.68 10.31
C GLY A 64 2.98 2.82 11.24
N GLN A 65 4.03 3.41 11.84
CA GLN A 65 4.92 2.65 12.72
C GLN A 65 4.42 2.64 14.16
N PRO A 66 4.04 1.50 14.69
CA PRO A 66 3.56 1.41 16.10
C PRO A 66 4.72 1.26 17.08
N GLN A 67 4.47 1.54 18.35
CA GLN A 67 5.50 1.45 19.39
C GLN A 67 5.97 0.00 19.61
N ASP A 68 5.04 -0.93 19.59
CA ASP A 68 5.38 -2.34 19.84
C ASP A 68 6.11 -2.96 18.64
N TRP A 69 6.47 -2.12 17.68
CA TRP A 69 7.16 -2.61 16.48
C TRP A 69 8.50 -3.26 16.83
N ASN A 70 8.45 -4.41 17.49
CA ASN A 70 9.69 -5.10 17.83
C ASN A 70 10.03 -6.12 16.75
N GLY A 71 10.58 -5.63 15.64
CA GLY A 71 10.93 -6.50 14.52
C GLY A 71 12.24 -6.07 13.88
N ASP A 72 12.87 -7.01 13.16
CA ASP A 72 14.14 -6.74 12.49
C ASP A 72 13.90 -6.31 11.04
N PRO A 73 14.15 -5.06 10.71
CA PRO A 73 13.95 -4.53 9.32
C PRO A 73 14.54 -5.46 8.26
N GLN A 74 15.50 -6.29 8.67
CA GLN A 74 16.14 -7.19 7.73
C GLN A 74 15.28 -8.43 7.45
N ARG A 75 14.40 -8.77 8.39
CA ARG A 75 13.55 -9.94 8.21
C ARG A 75 12.20 -9.53 7.59
N PRO A 76 11.59 -10.40 6.84
CA PRO A 76 10.29 -10.11 6.15
C PRO A 76 9.14 -9.86 7.12
N PHE A 77 8.10 -9.22 6.59
CA PHE A 77 6.91 -8.90 7.36
C PHE A 77 5.67 -9.33 6.57
N GLU A 78 4.54 -9.57 7.25
CA GLU A 78 3.32 -9.95 6.54
C GLU A 78 2.22 -8.95 6.87
N ALA A 79 1.45 -8.54 5.88
CA ALA A 79 0.39 -7.56 6.10
C ALA A 79 -1.00 -8.14 5.82
N ARG A 80 -1.92 -7.86 6.74
CA ARG A 80 -3.30 -8.29 6.57
C ARG A 80 -4.18 -7.05 6.59
N LEU A 81 -5.02 -6.90 5.57
CA LEU A 81 -5.88 -5.73 5.49
C LEU A 81 -7.34 -6.10 5.67
N TYR A 82 -8.13 -5.16 6.20
CA TYR A 82 -9.54 -5.39 6.43
C TYR A 82 -10.36 -4.23 5.87
N LEU A 83 -11.07 -4.49 4.77
CA LEU A 83 -11.90 -3.47 4.14
C LEU A 83 -13.36 -3.76 4.46
N GLY A 84 -13.98 -4.63 3.67
CA GLY A 84 -15.37 -5.00 3.92
C GLY A 84 -15.41 -5.96 5.10
N LEU A 85 -16.61 -6.35 5.53
CA LEU A 85 -16.70 -7.26 6.66
C LEU A 85 -16.26 -8.66 6.25
N ASP A 86 -16.52 -9.01 5.00
CA ASP A 86 -16.17 -10.32 4.44
C ASP A 86 -14.92 -10.22 3.56
N VAL A 87 -14.26 -9.07 3.58
CA VAL A 87 -13.07 -8.87 2.75
C VAL A 87 -11.80 -8.88 3.58
N LEU A 88 -11.16 -10.05 3.62
CA LEU A 88 -9.91 -10.22 4.34
C LEU A 88 -8.81 -10.47 3.31
N ILE A 89 -7.83 -9.57 3.26
CA ILE A 89 -6.75 -9.70 2.29
C ILE A 89 -5.41 -9.99 2.99
N ARG A 90 -4.58 -10.81 2.35
CA ARG A 90 -3.28 -11.17 2.91
C ARG A 90 -2.17 -10.95 1.89
N MET A 91 -1.11 -10.25 2.32
CA MET A 91 0.03 -9.97 1.47
C MET A 91 1.32 -10.09 2.27
N GLU A 92 2.40 -10.50 1.60
CA GLU A 92 3.70 -10.63 2.25
C GLU A 92 4.57 -9.48 1.77
N ILE A 93 5.12 -8.70 2.69
CA ILE A 93 5.91 -7.54 2.29
C ILE A 93 7.24 -7.43 3.03
N SER A 94 8.14 -6.67 2.42
CA SER A 94 9.46 -6.42 3.00
C SER A 94 9.66 -4.92 3.19
N LEU A 95 10.48 -4.54 4.16
CA LEU A 95 10.72 -3.13 4.43
C LEU A 95 11.49 -2.49 3.28
N ALA A 96 10.89 -1.44 2.71
CA ALA A 96 11.51 -0.70 1.62
C ALA A 96 12.21 0.56 2.14
N TRP A 97 11.54 1.23 3.08
CA TRP A 97 12.09 2.47 3.67
C TRP A 97 11.23 2.90 4.87
N ALA A 98 11.73 3.86 5.65
CA ALA A 98 10.99 4.37 6.80
C ALA A 98 11.30 5.85 7.01
N ARG A 99 10.26 6.69 7.03
CA ARG A 99 10.50 8.13 7.22
C ARG A 99 9.31 8.84 7.87
N ASP A 100 9.60 9.68 8.87
CA ASP A 100 8.56 10.47 9.53
C ASP A 100 7.42 9.65 10.11
N GLY A 101 7.74 8.58 10.84
CA GLY A 101 6.69 7.78 11.47
C GLY A 101 6.05 6.76 10.53
N LEU A 102 6.05 7.05 9.23
CA LEU A 102 5.45 6.13 8.29
C LEU A 102 6.46 5.11 7.80
N LEU A 103 5.97 3.96 7.34
CA LEU A 103 6.84 2.91 6.85
C LEU A 103 6.42 2.43 5.47
N GLY A 104 7.38 2.25 4.58
CA GLY A 104 7.06 1.78 3.24
C GLY A 104 7.26 0.28 3.19
N PHE A 105 6.53 -0.37 2.29
CA PHE A 105 6.62 -1.81 2.16
C PHE A 105 6.44 -2.22 0.71
N GLU A 106 7.33 -3.09 0.23
CA GLU A 106 7.21 -3.55 -1.15
C GLU A 106 6.66 -4.97 -1.13
N CYS A 107 5.58 -5.20 -1.88
CA CYS A 107 4.94 -6.51 -1.90
C CYS A 107 5.85 -7.58 -2.48
N GLN A 108 6.16 -8.60 -1.68
CA GLN A 108 7.00 -9.71 -2.12
C GLN A 108 6.14 -10.79 -2.75
N HIS A 109 4.96 -11.00 -2.16
CA HIS A 109 4.04 -12.02 -2.66
C HIS A 109 2.65 -11.79 -2.06
N ILE A 110 1.63 -12.06 -2.84
CA ILE A 110 0.25 -11.88 -2.38
C ILE A 110 -0.64 -12.98 -2.94
N ASP A 111 -1.55 -13.46 -2.11
CA ASP A 111 -2.46 -14.54 -2.48
C ASP A 111 -3.28 -14.21 -3.72
N LEU A 112 -3.47 -15.21 -4.57
CA LEU A 112 -4.23 -15.03 -5.82
C LEU A 112 -5.61 -14.46 -5.51
N ASP A 113 -6.24 -14.97 -4.45
CA ASP A 113 -7.56 -14.49 -4.06
C ASP A 113 -7.46 -13.04 -3.62
N SER A 114 -6.41 -12.75 -2.85
CA SER A 114 -6.18 -11.39 -2.36
C SER A 114 -5.84 -10.48 -3.53
N ILE A 115 -5.13 -11.03 -4.51
CA ILE A 115 -4.74 -10.27 -5.68
C ILE A 115 -5.97 -9.74 -6.40
N SER A 116 -7.02 -10.55 -6.45
CA SER A 116 -8.22 -10.14 -7.15
C SER A 116 -8.95 -9.02 -6.42
N HIS A 117 -8.96 -9.06 -5.09
CA HIS A 117 -9.62 -8.00 -4.34
C HIS A 117 -8.95 -6.66 -4.63
N LEU A 118 -7.63 -6.70 -4.80
CA LEU A 118 -6.89 -5.47 -5.12
C LEU A 118 -7.37 -4.92 -6.46
N ARG A 119 -7.71 -5.80 -7.40
CA ARG A 119 -8.20 -5.32 -8.69
C ARG A 119 -9.56 -4.65 -8.48
N ARG A 120 -10.37 -5.24 -7.60
CA ARG A 120 -11.68 -4.70 -7.29
C ARG A 120 -11.58 -3.30 -6.67
N LEU A 121 -10.69 -3.16 -5.70
CA LEU A 121 -10.50 -1.88 -5.04
C LEU A 121 -10.02 -0.84 -6.05
N VAL A 122 -9.12 -1.26 -6.92
CA VAL A 122 -8.56 -0.37 -7.94
C VAL A 122 -9.60 0.03 -8.97
N GLU A 123 -10.35 -0.94 -9.47
CA GLU A 123 -11.38 -0.68 -10.48
C GLU A 123 -12.49 0.21 -9.92
N LEU A 124 -12.92 -0.09 -8.71
CA LEU A 124 -14.00 0.69 -8.10
C LEU A 124 -13.56 2.13 -7.83
N ASN A 125 -12.26 2.32 -7.63
CA ASN A 125 -11.75 3.67 -7.36
C ASN A 125 -12.08 4.61 -8.51
N LEU A 126 -12.13 4.07 -9.72
CA LEU A 126 -12.44 4.89 -10.90
C LEU A 126 -13.81 5.53 -10.77
N GLY A 127 -14.63 4.99 -9.87
CA GLY A 127 -15.97 5.52 -9.65
C GLY A 127 -15.88 6.89 -8.97
N ASP A 128 -14.67 7.34 -8.72
CA ASP A 128 -14.45 8.62 -8.06
C ASP A 128 -14.54 9.76 -9.08
N GLU A 129 -15.03 9.44 -10.27
CA GLU A 129 -15.16 10.45 -11.32
C GLU A 129 -16.34 11.38 -11.03
N GLU A 130 -16.71 11.47 -9.76
CA GLU A 130 -17.82 12.33 -9.36
C GLU A 130 -17.45 13.80 -9.57
N LEU A 131 -17.05 14.46 -8.49
CA LEU A 131 -16.67 15.87 -8.56
C LEU A 131 -15.45 16.14 -7.68
N LEU A 132 -14.28 15.77 -8.17
CA LEU A 132 -13.05 15.98 -7.40
C LEU A 132 -11.82 15.66 -8.24
N GLU A 133 -11.44 14.37 -8.27
CA GLU A 133 -10.27 13.95 -9.03
C GLU A 133 -10.34 14.47 -10.47
N ARG A 134 -9.17 14.66 -11.07
CA ARG A 134 -9.11 15.14 -12.45
C ARG A 134 -7.69 14.97 -13.00
N GLU A 135 -7.47 15.43 -14.22
CA GLU A 135 -6.16 15.32 -14.86
C GLU A 135 -5.22 16.39 -14.33
N LEU A 136 -5.77 17.54 -13.96
CA LEU A 136 -4.95 18.64 -13.46
C LEU A 136 -4.10 18.16 -12.28
N ALA A 137 -4.74 17.46 -11.34
CA ALA A 137 -4.03 16.95 -10.17
C ALA A 137 -3.04 15.86 -10.55
N LEU A 138 -3.52 14.87 -11.28
CA LEU A 138 -2.69 13.73 -11.67
C LEU A 138 -1.45 14.15 -12.46
N LEU A 139 -1.62 14.97 -13.48
CA LEU A 139 -0.47 15.39 -14.28
C LEU A 139 0.42 16.37 -13.53
N VAL A 140 -0.17 17.41 -12.96
CA VAL A 140 0.62 18.42 -12.27
C VAL A 140 1.46 17.79 -11.15
N SER A 141 1.11 16.57 -10.77
CA SER A 141 1.85 15.87 -9.73
C SER A 141 3.24 15.46 -10.24
N ALA A 142 3.70 16.13 -11.29
CA ALA A 142 5.01 15.85 -11.87
C ALA A 142 5.08 16.25 -13.34
N HIS A 143 4.01 16.87 -13.84
CA HIS A 143 3.94 17.27 -15.24
C HIS A 143 5.27 17.88 -15.72
N ASP A 144 5.18 19.03 -16.38
CA ASP A 144 6.38 19.71 -16.90
C ASP A 144 7.08 18.84 -17.94
N ASP A 145 6.91 17.52 -17.82
CA ASP A 145 7.54 16.59 -18.76
C ASP A 145 7.55 17.16 -20.17
P1 C2E B . 11.98 2.11 -2.78
O2P C2E B . 13.09 1.13 -2.72
O1P C2E B . 11.72 3.00 -1.62
O5' C2E B . 10.62 1.32 -3.11
C5' C2E B . 10.63 -0.11 -3.31
C4' C2E B . 9.37 -0.57 -4.05
O4' C2E B . 8.43 -1.09 -3.10
C3' C2E B . 8.65 0.55 -4.80
O3' C2E B . 9.04 0.55 -6.18
C2' C2E B . 7.20 0.15 -4.68
O2' C2E B . 6.82 -0.81 -5.68
C1' C2E B . 7.16 -0.45 -3.29
N9 C2E B . 7.01 0.56 -2.23
C8 C2E B . 7.96 1.14 -1.44
N7 C2E B . 7.53 2.06 -0.64
C5 C2E B . 6.17 2.10 -0.89
C6 C2E B . 5.15 2.90 -0.31
O6 C2E B . 5.27 3.76 0.55
N1 C2E B . 3.91 2.62 -0.85
C2 C2E B . 3.66 1.67 -1.83
N2 C2E B . 2.39 1.54 -2.22
N3 C2E B . 4.61 0.92 -2.38
C4 C2E B . 5.83 1.18 -1.86
P11 C2E B . 10.51 1.03 -6.63
O21 C2E B . 11.35 1.21 -5.42
O11 C2E B . 10.98 0.15 -7.72
O5A C2E B . 10.24 2.49 -7.25
C5A C2E B . 9.88 3.59 -6.41
C4A C2E B . 11.11 4.29 -5.85
O4A C2E B . 11.04 5.70 -6.13
C3A C2E B . 11.33 4.16 -4.35
O3A C2E B . 12.19 3.03 -4.09
C2A C2E B . 12.04 5.45 -4.01
O2A C2E B . 13.45 5.36 -4.29
C1A C2E B . 11.35 6.43 -4.93
N91 C2E B . 10.06 6.95 -4.40
C81 C2E B . 8.79 6.58 -4.73
N71 C2E B . 7.85 7.21 -4.10
C51 C2E B . 8.55 8.07 -3.27
C61 C2E B . 8.05 9.02 -2.34
O61 C2E B . 6.88 9.27 -2.06
N11 C2E B . 9.08 9.69 -1.70
C21 C2E B . 10.43 9.49 -1.93
N21 C2E B . 11.27 10.25 -1.23
N31 C2E B . 10.90 8.60 -2.81
C41 C2E B . 9.91 7.93 -3.44
H5'1 C2E B . 10.68 -0.60 -2.35
H5'2 C2E B . 11.50 -0.37 -3.90
H4' C2E B . 9.64 -1.36 -4.75
H3' C2E B . 8.82 1.50 -4.31
H2' C2E B . 6.56 1.04 -4.73
HO2' C2E B . 5.95 -0.57 -6.00
H1' C2E B . 6.36 -1.18 -3.21
H8 C2E B . 9.02 0.87 -1.51
HN1 C2E B . 3.13 3.16 -0.49
HN21 C2E B . 1.67 2.11 -1.80
HN22 C2E B . 2.15 0.85 -2.93
H511 C2E B . 9.27 3.23 -5.59
H512 C2E B . 9.30 4.30 -7.00
H4A C2E B . 12.01 3.91 -6.34
H3A C2E B . 10.40 4.10 -3.77
H2A C2E B . 11.87 5.72 -2.97
HO2A C2E B . 13.56 4.75 -5.02
H1A C2E B . 12.01 7.26 -5.15
H81 C2E B . 8.58 5.77 -5.45
HN11 C2E B . 8.80 10.40 -1.03
HN24 C2E B . 12.27 10.15 -1.36
HN23 C2E B . 10.91 10.92 -0.57
P1 C2E C . 3.13 12.11 1.75
O2P C2E C . 3.06 12.66 3.12
O1P C2E C . 2.04 11.24 1.25
O5' C2E C . 4.52 11.32 1.59
C5' C2E C . 4.86 10.26 2.48
C4' C2E C . 6.37 10.19 2.73
O4' C2E C . 6.79 8.83 2.91
C3' C2E C . 7.20 10.73 1.58
O3' C2E C . 7.37 12.14 1.70
C2' C2E C . 8.52 10.01 1.80
O2' C2E C . 9.29 10.65 2.83
C1' C2E C . 8.04 8.65 2.25
N9 C2E C . 7.83 7.69 1.14
C8 C2E C . 6.68 7.35 0.48
N7 C2E C . 6.83 6.44 -0.44
C5 C2E C . 8.19 6.16 -0.40
C6 C2E C . 8.95 5.25 -1.18
O6 C2E C . 8.56 4.49 -2.07
N1 C2E C . 10.29 5.26 -0.81
C2 C2E C . 10.83 6.06 0.18
N2 C2E C . 12.15 5.94 0.38
N3 C2E C . 10.12 6.92 0.90
C4 C2E C . 8.82 6.92 0.57
P11 C2E C . 8.19 12.97 0.58
O21 C2E C . 8.76 14.17 1.21
O11 C2E C . 9.06 12.02 -0.15
O5A C2E C . 7.01 13.44 -0.41
C5A C2E C . 6.23 14.60 -0.11
C4A C2E C . 4.84 14.51 -0.74
O4A C2E C . 4.94 14.63 -2.15
C3A C2E C . 4.10 13.20 -0.46
O3A C2E C . 3.30 13.35 0.72
C2A C2E C . 3.21 13.06 -1.67
O2A C2E C . 1.96 13.74 -1.49
C1A C2E C . 4.04 13.70 -2.77
N91 C2E C . 4.84 12.76 -3.55
C81 C2E C . 6.19 12.58 -3.58
N71 C2E C . 6.61 11.71 -4.44
C51 C2E C . 5.43 11.27 -5.05
C61 C2E C . 5.23 10.31 -6.08
O61 C2E C . 6.09 9.69 -6.70
N11 C2E C . 3.89 10.16 -6.40
C21 C2E C . 2.86 10.84 -5.79
N21 C2E C . 1.63 10.56 -6.23
N31 C2E C . 3.04 11.75 -4.82
C41 C2E C . 4.34 11.90 -4.50
H5'1 C2E C . 4.54 9.31 2.04
H5'2 C2E C . 4.35 10.40 3.43
H4' C2E C . 6.61 10.74 3.64
H3' C2E C . 6.76 10.44 0.63
H2' C2E C . 9.08 9.94 0.88
HO2' C2E C . 8.68 10.94 3.51
H1' C2E C . 8.78 8.21 2.92
H8 C2E C . 5.70 7.74 0.73
HN1 C2E C . 10.89 4.62 -1.31
HN21 C2E C . 12.69 5.28 -0.17
HN22 C2E C . 12.60 6.49 1.09
H511 C2E C . 6.74 15.48 -0.50
H512 C2E C . 6.13 14.69 0.97
H4A C2E C . 4.23 15.35 -0.37
H3A C2E C . 4.80 12.37 -0.39
H2A C2E C . 3.05 12.00 -1.90
HO2A C2E C . 2.14 14.53 -0.98
H1A C2E C . 3.38 14.23 -3.48
H81 C2E C . 6.86 13.11 -2.90
HN11 C2E C . 3.69 9.49 -7.12
HN24 C2E C . 1.50 9.89 -6.97
HN23 C2E C . 0.83 11.03 -5.83
#